data_1I43
#
_entry.id   1I43
#
_cell.length_a   309.600
_cell.length_b   170.100
_cell.length_c   162.100
_cell.angle_alpha   90.00
_cell.angle_beta   90.03
_cell.angle_gamma   90.00
#
_symmetry.space_group_name_H-M   'C 1 2 1'
#
loop_
_entity.id
_entity.type
_entity.pdbx_description
1 polymer 'CYSTATHIONINE GAMMA-SYNTHASE'
2 non-polymer "PYRIDOXAL-5'-PHOSPHATE"
3 non-polymer '3-(PHOSPHONOMETHYL)PYRIDINE-2-CARBOXYLIC ACID'
#
_entity_poly.entity_id   1
_entity_poly.type   'polypeptide(L)'
_entity_poly.pdbx_seq_one_letter_code
;MAKAVDAAAAAAAAIAPVDTTVVNEDVALVENETCNDQNVQFDSLPSMKYASFLNSDGSVAIHAGERLGRGIVTDAITTP
VVNTSAYFFNKTSELIDFKEKRRASFEYGRYGNPTTVVLEEKISALEGAESTLLMASGMCASTVMLLALVPAGGHIVTTT
DCYRKTRIFIETILPKMGITATVIDPADVGALELALNQKKVNLFFTESPTNPFLRCVDIELVSKLCHEKGALVCIDGTFA
TPLNQKALALGADLVLHSATKFLGGHNDVLAGCISGPLKLVSEIRNLHHILGGALNPNAAYLIIRGMKTLHLRVQQQNST
ALRMAEILEAHPKVRHVYYPGLQSHPEHHIAKKQMTGFGGAVSFEVDGDLLTTAKFVDALKIPYIAPSFGGCESIVDQPA
IMSYWDLSQSDRAKYGIMDNLVRFSFGVEDFDDLKADILQALDSI
;
_entity_poly.pdbx_strand_id   A,B,C,D,E,F,G,H,I,J,K,L
#
# COMPACT_ATOMS: atom_id res chain seq x y z
N TYR A 50 26.52 54.09 -11.35
CA TYR A 50 26.18 53.95 -9.91
C TYR A 50 27.11 52.94 -9.25
N ALA A 51 26.73 51.67 -9.33
CA ALA A 51 27.52 50.61 -8.74
C ALA A 51 28.28 49.86 -9.82
N SER A 52 29.37 49.21 -9.41
CA SER A 52 30.20 48.44 -10.31
C SER A 52 29.54 47.08 -10.47
N PHE A 53 29.16 46.48 -9.35
CA PHE A 53 28.54 45.17 -9.34
C PHE A 53 27.21 45.19 -10.08
N LEU A 54 26.70 46.38 -10.39
CA LEU A 54 25.45 46.51 -11.11
C LEU A 54 25.76 46.95 -12.54
N ASN A 55 25.79 45.99 -13.46
CA ASN A 55 26.11 46.27 -14.85
C ASN A 55 24.93 46.29 -15.81
N SER A 56 23.85 45.59 -15.46
CA SER A 56 22.68 45.57 -16.33
C SER A 56 21.72 46.71 -15.96
N ASP A 57 20.97 47.20 -16.94
CA ASP A 57 20.03 48.29 -16.72
C ASP A 57 18.92 47.88 -15.77
N GLY A 58 18.54 46.60 -15.82
CA GLY A 58 17.49 46.11 -14.95
C GLY A 58 17.90 46.20 -13.50
N SER A 59 19.13 45.81 -13.20
CA SER A 59 19.64 45.84 -11.83
C SER A 59 19.74 47.28 -11.34
N VAL A 60 20.03 48.19 -12.27
CA VAL A 60 20.14 49.59 -11.95
C VAL A 60 18.75 50.16 -11.63
N ALA A 61 17.82 49.95 -12.55
CA ALA A 61 16.45 50.43 -12.37
C ALA A 61 15.87 49.99 -11.03
N ILE A 62 16.51 49.02 -10.39
CA ILE A 62 16.01 48.53 -9.11
C ILE A 62 16.75 49.11 -7.92
N HIS A 63 18.07 49.06 -7.93
CA HIS A 63 18.88 49.55 -6.82
C HIS A 63 19.52 50.91 -7.01
N ALA A 64 19.34 51.53 -8.18
CA ALA A 64 19.93 52.84 -8.43
C ALA A 64 19.35 53.91 -7.51
N GLY A 65 20.22 54.48 -6.68
CA GLY A 65 19.79 55.51 -5.75
C GLY A 65 19.18 54.96 -4.47
N GLU A 66 19.44 53.69 -4.18
CA GLU A 66 18.88 53.06 -2.98
C GLU A 66 19.80 52.07 -2.27
N ARG A 67 20.32 51.11 -3.03
CA ARG A 67 21.18 50.08 -2.46
C ARG A 67 22.43 50.56 -1.71
N LEU A 68 23.02 51.66 -2.16
CA LEU A 68 24.22 52.18 -1.51
C LEU A 68 23.97 53.29 -0.50
N GLY A 69 22.76 53.83 -0.47
CA GLY A 69 22.44 54.90 0.47
C GLY A 69 21.29 55.75 -0.05
N ARG A 70 20.63 56.47 0.85
CA ARG A 70 19.50 57.30 0.44
C ARG A 70 19.55 58.76 0.88
N GLY A 71 20.38 59.07 1.87
CA GLY A 71 20.45 60.44 2.35
C GLY A 71 19.45 60.60 3.49
N ILE A 72 18.47 59.70 3.52
CA ILE A 72 17.46 59.68 4.56
C ILE A 72 17.55 58.27 5.15
N VAL A 73 18.56 58.10 6.01
CA VAL A 73 18.87 56.83 6.66
C VAL A 73 17.74 56.01 7.27
N THR A 74 17.77 54.70 6.97
CA THR A 74 16.80 53.73 7.48
C THR A 74 17.36 52.33 7.27
N ASP A 75 16.85 51.37 8.04
CA ASP A 75 17.28 49.99 7.90
C ASP A 75 16.19 49.28 7.11
N ALA A 76 15.35 50.09 6.46
CA ALA A 76 14.25 49.60 5.65
C ALA A 76 14.77 49.34 4.24
N ILE A 77 14.16 48.40 3.54
CA ILE A 77 14.58 48.07 2.19
C ILE A 77 14.11 49.10 1.17
N THR A 78 12.90 49.60 1.38
CA THR A 78 12.33 50.59 0.47
C THR A 78 12.56 52.02 0.90
N THR A 79 12.23 52.95 0.01
CA THR A 79 12.39 54.37 0.27
C THR A 79 11.20 54.90 1.06
N PRO A 80 11.46 55.71 2.11
CA PRO A 80 10.35 56.24 2.90
C PRO A 80 9.71 57.46 2.25
N VAL A 81 8.38 57.53 2.33
CA VAL A 81 7.65 58.66 1.76
C VAL A 81 7.62 59.79 2.76
N VAL A 82 8.19 60.93 2.39
CA VAL A 82 8.23 62.08 3.29
C VAL A 82 7.19 63.13 2.89
N ASN A 83 6.10 63.17 3.64
CA ASN A 83 5.03 64.13 3.39
C ASN A 83 5.26 65.39 4.22
N THR A 84 6.15 66.25 3.75
CA THR A 84 6.48 67.49 4.45
C THR A 84 6.42 68.66 3.49
N SER A 85 6.07 69.83 4.00
CA SER A 85 5.98 71.02 3.17
C SER A 85 7.21 71.89 3.39
N ALA A 86 7.88 71.69 4.53
CA ALA A 86 9.07 72.45 4.87
C ALA A 86 10.05 71.60 5.65
N TYR A 87 11.27 72.12 5.82
CA TYR A 87 12.32 71.42 6.55
C TYR A 87 12.91 72.37 7.58
N PHE A 88 12.99 71.92 8.82
CA PHE A 88 13.51 72.75 9.89
C PHE A 88 15.02 72.69 10.07
N PHE A 89 15.53 73.63 10.88
CA PHE A 89 16.94 73.72 11.19
C PHE A 89 17.04 73.77 12.71
N ASN A 90 18.08 73.16 13.26
CA ASN A 90 18.25 73.13 14.70
C ASN A 90 18.51 74.50 15.33
N LYS A 91 19.29 75.34 14.65
CA LYS A 91 19.59 76.66 15.17
C LYS A 91 19.99 77.64 14.07
N THR A 92 19.68 78.92 14.29
CA THR A 92 19.98 79.97 13.31
C THR A 92 21.38 79.83 12.73
N SER A 93 22.31 79.35 13.54
CA SER A 93 23.68 79.17 13.11
C SER A 93 23.72 78.26 11.87
N GLU A 94 23.06 77.11 11.98
CA GLU A 94 23.00 76.14 10.90
C GLU A 94 22.24 76.68 9.68
N LEU A 95 21.19 77.47 9.94
CA LEU A 95 20.42 78.04 8.85
C LEU A 95 21.35 78.86 7.97
N ILE A 96 22.16 79.69 8.61
CA ILE A 96 23.12 80.52 7.91
C ILE A 96 24.06 79.62 7.13
N ASP A 97 24.56 78.57 7.80
CA ASP A 97 25.46 77.63 7.17
C ASP A 97 24.86 77.15 5.84
N PHE A 98 23.63 76.69 5.87
CA PHE A 98 22.97 76.22 4.67
C PHE A 98 22.86 77.35 3.63
N LYS A 99 22.52 78.55 4.10
CA LYS A 99 22.38 79.69 3.23
C LYS A 99 23.71 80.09 2.63
N GLU A 100 24.80 79.65 3.26
CA GLU A 100 26.15 79.97 2.79
C GLU A 100 26.81 78.75 2.15
N LYS A 101 25.99 77.86 1.60
CA LYS A 101 26.47 76.66 0.91
C LYS A 101 27.44 75.79 1.72
N ARG A 102 27.32 75.82 3.04
CA ARG A 102 28.20 75.00 3.87
C ARG A 102 27.46 73.78 4.39
N ARG A 103 26.14 73.81 4.28
CA ARG A 103 25.30 72.69 4.73
C ARG A 103 24.32 72.34 3.63
N ALA A 104 23.69 71.17 3.75
CA ALA A 104 22.72 70.73 2.76
C ALA A 104 21.32 70.67 3.34
N SER A 105 20.35 71.16 2.56
CA SER A 105 18.95 71.15 2.98
C SER A 105 18.07 71.57 1.81
N PHE A 106 16.85 71.06 1.79
CA PHE A 106 15.91 71.41 0.74
C PHE A 106 15.21 72.71 1.12
N GLU A 107 15.25 73.02 2.42
CA GLU A 107 14.64 74.22 2.97
C GLU A 107 13.11 74.20 2.86
N TYR A 108 12.61 74.21 1.62
CA TYR A 108 11.17 74.20 1.35
C TYR A 108 10.83 73.07 0.38
N GLY A 109 9.62 72.54 0.50
CA GLY A 109 9.19 71.44 -0.35
C GLY A 109 9.10 71.71 -1.85
N ARG A 110 9.18 72.98 -2.25
CA ARG A 110 9.11 73.33 -3.68
C ARG A 110 10.49 73.25 -4.32
N TYR A 111 11.51 73.11 -3.47
CA TYR A 111 12.88 73.04 -3.95
C TYR A 111 13.43 71.62 -3.93
N GLY A 112 12.62 70.69 -3.43
CA GLY A 112 13.06 69.30 -3.37
C GLY A 112 12.39 68.45 -2.32
N ASN A 113 12.78 67.17 -2.27
CA ASN A 113 12.21 66.22 -1.32
C ASN A 113 13.05 64.93 -1.29
N PRO A 114 13.36 64.42 -0.08
CA PRO A 114 14.15 63.20 0.08
C PRO A 114 13.67 61.98 -0.72
N THR A 115 12.36 61.75 -0.72
CA THR A 115 11.79 60.62 -1.43
C THR A 115 11.73 60.89 -2.93
N THR A 116 11.96 62.14 -3.32
CA THR A 116 11.92 62.50 -4.72
C THR A 116 13.29 62.40 -5.37
N VAL A 117 14.33 62.82 -4.66
CA VAL A 117 15.69 62.77 -5.19
C VAL A 117 16.12 61.34 -5.51
N VAL A 118 15.56 60.37 -4.78
CA VAL A 118 15.91 58.99 -5.01
C VAL A 118 15.54 58.62 -6.45
N LEU A 119 14.36 59.05 -6.87
CA LEU A 119 13.91 58.77 -8.22
C LEU A 119 14.73 59.60 -9.21
N GLU A 120 15.19 60.75 -8.77
CA GLU A 120 16.00 61.63 -9.60
C GLU A 120 17.34 60.97 -9.90
N GLU A 121 17.92 60.35 -8.88
CA GLU A 121 19.21 59.66 -9.02
C GLU A 121 19.04 58.38 -9.80
N LYS A 122 17.95 57.67 -9.52
CA LYS A 122 17.65 56.41 -10.19
C LYS A 122 17.63 56.62 -11.70
N ILE A 123 16.75 57.49 -12.16
CA ILE A 123 16.62 57.77 -13.58
C ILE A 123 17.93 58.31 -14.15
N SER A 124 18.66 59.05 -13.33
CA SER A 124 19.93 59.62 -13.77
C SER A 124 20.93 58.51 -14.07
N ALA A 125 20.93 57.48 -13.23
CA ALA A 125 21.82 56.36 -13.42
C ALA A 125 21.46 55.63 -14.70
N LEU A 126 20.16 55.35 -14.87
CA LEU A 126 19.69 54.67 -16.05
C LEU A 126 20.15 55.37 -17.32
N GLU A 127 19.86 56.66 -17.41
CA GLU A 127 20.25 57.45 -18.57
C GLU A 127 21.73 57.81 -18.54
N GLY A 128 22.39 57.46 -17.45
CA GLY A 128 23.82 57.75 -17.31
C GLY A 128 24.05 59.24 -17.40
N ALA A 129 23.10 60.00 -16.88
CA ALA A 129 23.18 61.46 -16.90
C ALA A 129 23.90 61.99 -15.67
N GLU A 130 24.17 63.29 -15.70
CA GLU A 130 24.84 63.99 -14.61
C GLU A 130 23.80 64.34 -13.56
N SER A 131 22.61 64.72 -14.01
CA SER A 131 21.53 65.10 -13.11
C SER A 131 20.17 64.94 -13.80
N THR A 132 19.13 64.75 -13.00
CA THR A 132 17.78 64.58 -13.52
C THR A 132 16.79 65.41 -12.71
N LEU A 133 15.84 66.04 -13.40
CA LEU A 133 14.83 66.86 -12.74
C LEU A 133 13.45 66.26 -12.94
N LEU A 134 12.66 66.21 -11.88
CA LEU A 134 11.32 65.65 -11.95
C LEU A 134 10.22 66.69 -11.71
N MET A 135 9.23 66.69 -12.58
CA MET A 135 8.12 67.64 -12.47
C MET A 135 6.77 66.96 -12.30
N ALA A 136 5.73 67.78 -12.23
CA ALA A 136 4.37 67.27 -12.06
C ALA A 136 3.93 66.41 -13.23
N SER A 137 4.41 66.73 -14.43
CA SER A 137 4.04 65.97 -15.61
C SER A 137 5.02 66.14 -16.76
N GLY A 138 4.84 65.35 -17.81
CA GLY A 138 5.71 65.43 -18.96
C GLY A 138 5.63 66.80 -19.62
N MET A 139 4.40 67.31 -19.76
CA MET A 139 4.15 68.61 -20.37
C MET A 139 4.89 69.69 -19.60
N CYS A 140 4.82 69.60 -18.28
CA CYS A 140 5.47 70.56 -17.42
C CYS A 140 6.97 70.57 -17.71
N ALA A 141 7.52 69.38 -17.94
CA ALA A 141 8.93 69.23 -18.23
C ALA A 141 9.31 69.97 -19.51
N SER A 142 8.66 69.64 -20.61
CA SER A 142 8.94 70.28 -21.88
C SER A 142 8.72 71.79 -21.78
N THR A 143 7.58 72.16 -21.23
CA THR A 143 7.22 73.56 -21.07
C THR A 143 8.31 74.35 -20.35
N VAL A 144 8.65 73.93 -19.13
CA VAL A 144 9.67 74.62 -18.35
C VAL A 144 11.01 74.64 -19.08
N MET A 145 11.41 73.50 -19.60
CA MET A 145 12.68 73.38 -20.32
C MET A 145 12.77 74.42 -21.43
N LEU A 146 11.72 74.53 -22.22
CA LEU A 146 11.70 75.50 -23.30
C LEU A 146 11.80 76.91 -22.76
N LEU A 147 10.92 77.25 -21.82
CA LEU A 147 10.93 78.59 -21.25
C LEU A 147 12.26 78.93 -20.57
N ALA A 148 13.01 77.91 -20.18
CA ALA A 148 14.28 78.14 -19.49
C ALA A 148 15.51 78.20 -20.37
N LEU A 149 15.54 77.44 -21.46
CA LEU A 149 16.72 77.41 -22.33
C LEU A 149 16.67 78.33 -23.54
N VAL A 150 15.49 78.46 -24.14
CA VAL A 150 15.36 79.33 -25.29
C VAL A 150 15.06 80.75 -24.82
N PRO A 151 15.91 81.71 -25.24
CA PRO A 151 15.75 83.11 -24.85
C PRO A 151 14.71 83.80 -25.72
N ALA A 152 14.33 85.03 -25.35
CA ALA A 152 13.34 85.78 -26.10
C ALA A 152 13.90 86.14 -27.46
N GLY A 153 13.07 86.01 -28.49
CA GLY A 153 13.49 86.32 -29.84
C GLY A 153 14.26 85.19 -30.49
N GLY A 154 14.67 84.21 -29.69
CA GLY A 154 15.42 83.09 -30.19
C GLY A 154 14.66 82.23 -31.20
N HIS A 155 15.36 81.25 -31.77
CA HIS A 155 14.77 80.36 -32.76
C HIS A 155 14.86 78.90 -32.32
N ILE A 156 13.82 78.14 -32.64
CA ILE A 156 13.77 76.73 -32.28
C ILE A 156 13.45 75.88 -33.51
N VAL A 157 13.93 74.63 -33.48
CA VAL A 157 13.70 73.71 -34.58
C VAL A 157 13.11 72.40 -34.08
N THR A 158 12.04 71.96 -34.73
CA THR A 158 11.39 70.71 -34.36
C THR A 158 10.86 69.99 -35.58
N THR A 159 10.26 68.83 -35.35
CA THR A 159 9.69 68.02 -36.41
C THR A 159 8.21 68.26 -36.60
N THR A 160 7.67 67.81 -37.72
CA THR A 160 6.25 67.97 -38.02
C THR A 160 5.39 67.00 -37.22
N ASP A 161 6.02 65.95 -36.69
CA ASP A 161 5.33 64.93 -35.92
C ASP A 161 5.34 65.20 -34.41
N CYS A 162 5.71 66.43 -34.05
CA CYS A 162 5.76 66.85 -32.65
C CYS A 162 4.44 66.59 -31.94
N TYR A 163 4.52 66.28 -30.66
CA TYR A 163 3.33 66.03 -29.86
C TYR A 163 2.41 67.24 -29.98
N ARG A 164 1.14 67.00 -30.28
CA ARG A 164 0.18 68.08 -30.46
C ARG A 164 0.26 69.20 -29.44
N LYS A 165 -0.01 68.90 -28.17
CA LYS A 165 0.02 69.89 -27.12
C LYS A 165 1.31 70.70 -27.12
N THR A 166 2.44 70.03 -27.32
CA THR A 166 3.72 70.72 -27.35
C THR A 166 3.79 71.66 -28.55
N ARG A 167 3.16 71.24 -29.65
CA ARG A 167 3.14 72.07 -30.86
C ARG A 167 2.41 73.36 -30.51
N ILE A 168 1.25 73.23 -29.88
CA ILE A 168 0.45 74.38 -29.49
C ILE A 168 1.23 75.37 -28.61
N PHE A 169 1.98 74.85 -27.66
CA PHE A 169 2.76 75.69 -26.75
C PHE A 169 3.81 76.51 -27.52
N ILE A 170 4.42 75.88 -28.52
CA ILE A 170 5.46 76.52 -29.33
C ILE A 170 4.90 77.49 -30.38
N GLU A 171 3.67 77.24 -30.82
CA GLU A 171 3.04 78.08 -31.85
C GLU A 171 2.12 79.16 -31.28
N THR A 172 1.91 79.16 -29.97
CA THR A 172 1.02 80.15 -29.37
C THR A 172 1.57 80.90 -28.16
N ILE A 173 2.43 80.25 -27.39
CA ILE A 173 3.00 80.89 -26.21
C ILE A 173 4.40 81.46 -26.44
N LEU A 174 5.30 80.65 -26.97
CA LEU A 174 6.68 81.10 -27.21
C LEU A 174 6.76 82.37 -28.08
N PRO A 175 5.91 82.47 -29.11
CA PRO A 175 5.99 83.68 -29.96
C PRO A 175 5.80 84.97 -29.17
N LYS A 176 5.13 84.86 -28.02
CA LYS A 176 4.89 86.02 -27.17
C LYS A 176 6.22 86.58 -26.66
N MET A 177 7.21 85.72 -26.54
CA MET A 177 8.53 86.16 -26.10
C MET A 177 9.39 86.38 -27.34
N GLY A 178 8.72 86.41 -28.50
CA GLY A 178 9.41 86.61 -29.76
C GLY A 178 10.14 85.39 -30.29
N ILE A 179 9.88 84.22 -29.68
CA ILE A 179 10.54 83.00 -30.11
C ILE A 179 9.94 82.44 -31.38
N THR A 180 10.77 82.33 -32.42
CA THR A 180 10.34 81.81 -33.71
C THR A 180 10.82 80.36 -33.85
N ALA A 181 10.10 79.57 -34.63
CA ALA A 181 10.45 78.16 -34.81
C ALA A 181 10.42 77.71 -36.26
N THR A 182 11.17 76.64 -36.53
CA THR A 182 11.23 76.07 -37.86
C THR A 182 10.79 74.61 -37.74
N VAL A 183 9.75 74.26 -38.49
CA VAL A 183 9.24 72.90 -38.46
C VAL A 183 9.67 72.11 -39.69
N ILE A 184 10.45 71.06 -39.45
CA ILE A 184 10.95 70.21 -40.52
C ILE A 184 10.41 68.79 -40.38
N ASP A 185 10.63 67.98 -41.40
CA ASP A 185 10.20 66.60 -41.40
C ASP A 185 11.23 65.82 -40.60
N PRO A 186 10.79 64.80 -39.85
CA PRO A 186 11.68 63.98 -39.03
C PRO A 186 12.91 63.44 -39.76
N ALA A 187 12.71 63.03 -41.01
CA ALA A 187 13.80 62.48 -41.81
C ALA A 187 14.62 63.53 -42.56
N ASP A 188 13.97 64.62 -42.95
CA ASP A 188 14.64 65.68 -43.69
C ASP A 188 15.82 66.27 -42.91
N VAL A 189 17.01 65.71 -43.16
CA VAL A 189 18.23 66.17 -42.49
C VAL A 189 18.76 67.44 -43.19
N GLY A 190 18.49 67.54 -44.48
CA GLY A 190 18.93 68.71 -45.22
C GLY A 190 18.26 69.93 -44.66
N ALA A 191 16.95 69.85 -44.47
CA ALA A 191 16.17 70.96 -43.93
C ALA A 191 16.78 71.46 -42.62
N LEU A 192 17.18 70.51 -41.78
CA LEU A 192 17.79 70.86 -40.51
C LEU A 192 19.11 71.59 -40.73
N GLU A 193 19.94 71.04 -41.61
CA GLU A 193 21.23 71.66 -41.92
C GLU A 193 21.05 73.05 -42.50
N LEU A 194 20.02 73.20 -43.32
CA LEU A 194 19.73 74.49 -43.94
C LEU A 194 19.37 75.51 -42.86
N ALA A 195 18.29 75.22 -42.14
CA ALA A 195 17.84 76.09 -41.06
C ALA A 195 19.01 76.38 -40.12
N LEU A 196 19.87 75.39 -39.92
CA LEU A 196 21.03 75.53 -39.06
C LEU A 196 21.97 76.63 -39.54
N ASN A 197 21.87 76.97 -40.82
CA ASN A 197 22.72 77.99 -41.39
C ASN A 197 22.02 79.33 -41.60
N GLN A 198 20.78 79.29 -42.10
CA GLN A 198 20.02 80.51 -42.34
C GLN A 198 19.85 81.33 -41.06
N LYS A 199 18.99 80.85 -40.17
CA LYS A 199 18.77 81.52 -38.90
C LYS A 199 19.70 80.89 -37.87
N LYS A 200 19.83 81.53 -36.71
CA LYS A 200 20.68 81.01 -35.65
C LYS A 200 19.85 80.13 -34.72
N VAL A 201 19.92 78.81 -34.90
CA VAL A 201 19.15 77.88 -34.08
C VAL A 201 19.64 77.82 -32.63
N ASN A 202 18.70 77.91 -31.70
CA ASN A 202 19.03 77.87 -30.27
C ASN A 202 18.98 76.45 -29.74
N LEU A 203 17.97 75.70 -30.18
CA LEU A 203 17.82 74.32 -29.73
C LEU A 203 16.91 73.53 -30.67
N PHE A 204 17.33 72.29 -30.94
CA PHE A 204 16.56 71.39 -31.78
C PHE A 204 15.85 70.42 -30.88
N PHE A 205 14.53 70.48 -30.88
CA PHE A 205 13.73 69.62 -30.02
C PHE A 205 12.90 68.66 -30.84
N THR A 206 12.85 67.41 -30.39
CA THR A 206 12.07 66.37 -31.06
C THR A 206 12.03 65.10 -30.25
N GLU A 207 11.06 64.25 -30.54
CA GLU A 207 10.93 62.97 -29.86
C GLU A 207 11.27 61.88 -30.85
N SER A 208 11.77 60.75 -30.35
CA SER A 208 12.13 59.64 -31.20
C SER A 208 12.15 58.34 -30.40
N PRO A 209 11.25 57.41 -30.72
CA PRO A 209 10.22 57.47 -31.77
C PRO A 209 9.22 58.62 -31.64
N THR A 210 8.58 58.93 -32.75
CA THR A 210 7.59 60.00 -32.82
C THR A 210 6.18 59.46 -32.58
N ASN A 211 5.23 60.37 -32.39
CA ASN A 211 3.84 59.98 -32.18
C ASN A 211 3.01 60.60 -33.31
N PRO A 212 2.11 59.80 -33.92
CA PRO A 212 1.83 58.40 -33.62
C PRO A 212 2.48 57.44 -34.61
N PHE A 213 3.25 57.98 -35.55
CA PHE A 213 3.89 57.18 -36.57
C PHE A 213 5.28 56.64 -36.22
N LEU A 214 5.64 56.75 -34.95
CA LEU A 214 6.94 56.26 -34.48
C LEU A 214 8.12 56.53 -35.40
N ARG A 215 8.22 57.75 -35.91
CA ARG A 215 9.32 58.12 -36.78
C ARG A 215 10.55 58.34 -35.92
N CYS A 216 11.70 57.83 -36.38
CA CYS A 216 12.92 57.98 -35.61
C CYS A 216 13.89 58.98 -36.21
N VAL A 217 14.72 59.57 -35.36
CA VAL A 217 15.69 60.56 -35.79
C VAL A 217 17.09 60.07 -35.45
N ASP A 218 18.01 60.18 -36.41
CA ASP A 218 19.38 59.76 -36.17
C ASP A 218 19.99 60.72 -35.17
N ILE A 219 19.80 60.42 -33.89
CA ILE A 219 20.31 61.26 -32.81
C ILE A 219 21.79 61.60 -32.97
N GLU A 220 22.62 60.59 -33.20
CA GLU A 220 24.07 60.82 -33.38
C GLU A 220 24.32 61.88 -34.43
N LEU A 221 23.77 61.67 -35.62
CA LEU A 221 23.95 62.61 -36.72
C LEU A 221 23.41 63.99 -36.35
N VAL A 222 22.10 64.07 -36.18
CA VAL A 222 21.41 65.30 -35.82
C VAL A 222 22.20 66.13 -34.79
N SER A 223 22.66 65.47 -33.74
CA SER A 223 23.42 66.13 -32.69
C SER A 223 24.66 66.80 -33.26
N LYS A 224 25.43 66.04 -34.04
CA LYS A 224 26.66 66.54 -34.66
C LYS A 224 26.44 67.83 -35.44
N LEU A 225 25.41 67.84 -36.28
CA LEU A 225 25.09 69.01 -37.10
C LEU A 225 24.78 70.20 -36.21
N CYS A 226 23.93 69.99 -35.21
CA CYS A 226 23.54 71.04 -34.28
C CYS A 226 24.72 71.61 -33.53
N HIS A 227 25.42 70.76 -32.79
CA HIS A 227 26.56 71.21 -32.02
C HIS A 227 27.58 71.95 -32.87
N GLU A 228 27.59 71.66 -34.17
CA GLU A 228 28.52 72.32 -35.08
C GLU A 228 28.16 73.79 -35.21
N LYS A 229 26.87 74.10 -35.08
CA LYS A 229 26.39 75.47 -35.18
C LYS A 229 25.97 76.05 -33.82
N GLY A 230 26.36 75.38 -32.75
CA GLY A 230 26.04 75.84 -31.41
C GLY A 230 24.62 75.58 -30.92
N ALA A 231 23.86 74.82 -31.69
CA ALA A 231 22.48 74.52 -31.31
C ALA A 231 22.46 73.44 -30.24
N LEU A 232 21.38 73.39 -29.48
CA LEU A 232 21.23 72.39 -28.44
C LEU A 232 20.31 71.30 -28.97
N VAL A 233 20.43 70.10 -28.43
CA VAL A 233 19.61 69.00 -28.87
C VAL A 233 18.87 68.34 -27.72
N CYS A 234 17.55 68.28 -27.83
CA CYS A 234 16.75 67.65 -26.80
C CYS A 234 15.92 66.56 -27.47
N ILE A 235 15.93 65.37 -26.86
CA ILE A 235 15.19 64.23 -27.37
C ILE A 235 14.16 63.76 -26.35
N ASP A 236 12.94 63.53 -26.84
CA ASP A 236 11.86 63.06 -25.98
C ASP A 236 11.76 61.54 -26.17
N GLY A 237 12.51 60.80 -25.37
CA GLY A 237 12.52 59.35 -25.49
C GLY A 237 11.39 58.64 -24.77
N THR A 238 10.23 59.27 -24.70
CA THR A 238 9.08 58.70 -24.03
C THR A 238 8.74 57.29 -24.55
N PHE A 239 8.53 57.20 -25.85
CA PHE A 239 8.20 55.93 -26.50
C PHE A 239 9.35 54.92 -26.39
N ALA A 240 10.57 55.44 -26.42
CA ALA A 240 11.76 54.60 -26.35
C ALA A 240 12.03 53.99 -24.98
N THR A 241 12.14 54.83 -23.96
CA THR A 241 12.43 54.37 -22.61
C THR A 241 13.95 54.35 -22.50
N PRO A 242 14.49 54.76 -21.35
CA PRO A 242 15.95 54.77 -21.20
C PRO A 242 16.57 53.39 -21.33
N LEU A 243 15.75 52.38 -21.58
CA LEU A 243 16.24 51.01 -21.72
C LEU A 243 16.46 50.63 -23.19
N ASN A 244 15.60 51.14 -24.06
CA ASN A 244 15.68 50.84 -25.48
C ASN A 244 16.62 51.77 -26.25
N GLN A 245 17.13 52.81 -25.57
CA GLN A 245 18.03 53.75 -26.22
C GLN A 245 18.59 54.78 -25.25
N LYS A 246 19.86 55.15 -25.46
CA LYS A 246 20.52 56.13 -24.61
C LYS A 246 20.79 57.40 -25.40
N ALA A 247 19.74 58.21 -25.58
CA ALA A 247 19.82 59.46 -26.32
C ALA A 247 21.01 60.31 -25.86
N LEU A 248 21.30 60.26 -24.57
CA LEU A 248 22.41 61.01 -24.01
C LEU A 248 23.75 60.48 -24.51
N ALA A 249 23.84 59.17 -24.64
CA ALA A 249 25.07 58.53 -25.11
C ALA A 249 25.29 58.73 -26.61
N LEU A 250 24.20 59.00 -27.33
CA LEU A 250 24.27 59.21 -28.77
C LEU A 250 24.57 60.65 -29.16
N GLY A 251 24.71 61.54 -28.17
CA GLY A 251 25.02 62.92 -28.48
C GLY A 251 24.05 63.99 -28.01
N ALA A 252 22.82 63.61 -27.69
CA ALA A 252 21.85 64.59 -27.24
C ALA A 252 22.34 65.26 -25.96
N ASP A 253 21.98 66.53 -25.79
CA ASP A 253 22.37 67.29 -24.62
C ASP A 253 21.40 66.99 -23.48
N LEU A 254 20.12 66.87 -23.83
CA LEU A 254 19.08 66.57 -22.84
C LEU A 254 18.10 65.55 -23.36
N VAL A 255 17.60 64.72 -22.44
CA VAL A 255 16.64 63.70 -22.79
C VAL A 255 15.52 63.81 -21.77
N LEU A 256 14.30 64.04 -22.24
CA LEU A 256 13.18 64.14 -21.33
C LEU A 256 12.18 63.04 -21.60
N HIS A 257 11.50 62.61 -20.55
CA HIS A 257 10.52 61.54 -20.64
C HIS A 257 9.20 61.96 -20.01
N SER A 258 8.24 61.04 -20.05
CA SER A 258 6.93 61.24 -19.47
C SER A 258 6.69 60.02 -18.61
N ALA A 259 7.14 60.09 -17.36
CA ALA A 259 7.01 58.99 -16.42
C ALA A 259 5.59 58.45 -16.38
N THR A 260 4.65 59.27 -16.83
CA THR A 260 3.24 58.91 -16.86
C THR A 260 3.00 57.65 -17.68
N LYS A 261 3.89 57.41 -18.63
CA LYS A 261 3.79 56.27 -19.54
C LYS A 261 4.45 54.97 -19.08
N PHE A 262 5.66 54.74 -19.58
CA PHE A 262 6.41 53.52 -19.28
C PHE A 262 7.12 53.51 -17.94
N LEU A 263 7.77 54.60 -17.58
CA LEU A 263 8.49 54.67 -16.30
C LEU A 263 7.61 54.28 -15.12
N GLY A 264 6.40 54.82 -15.07
CA GLY A 264 5.48 54.49 -14.01
C GLY A 264 4.90 53.12 -14.34
N GLY A 265 4.50 52.99 -15.61
CA GLY A 265 3.97 51.75 -16.13
C GLY A 265 2.71 51.14 -15.52
N HIS A 266 2.02 51.86 -14.66
CA HIS A 266 0.82 51.29 -14.06
C HIS A 266 -0.42 52.11 -14.28
N ASN A 267 -0.32 53.16 -15.07
CA ASN A 267 -1.45 54.03 -15.37
C ASN A 267 -2.12 54.55 -14.10
N ASP A 268 -1.34 55.11 -13.19
CA ASP A 268 -1.90 55.62 -11.95
C ASP A 268 -1.17 56.82 -11.36
N VAL A 269 -0.34 57.48 -12.16
CA VAL A 269 0.40 58.65 -11.69
C VAL A 269 1.00 59.43 -12.86
N LEU A 270 1.10 60.75 -12.71
CA LEU A 270 1.67 61.62 -13.74
C LEU A 270 3.01 62.17 -13.26
N ALA A 271 3.97 62.31 -14.18
CA ALA A 271 5.28 62.85 -13.81
C ALA A 271 6.12 63.29 -15.02
N GLY A 272 7.01 64.24 -14.77
CA GLY A 272 7.87 64.75 -15.83
C GLY A 272 9.31 64.35 -15.59
N CYS A 273 10.07 64.18 -16.66
CA CYS A 273 11.45 63.76 -16.53
C CYS A 273 12.38 64.53 -17.46
N ILE A 274 13.52 64.95 -16.94
CA ILE A 274 14.49 65.67 -17.75
C ILE A 274 15.86 65.34 -17.19
N SER A 275 16.66 64.68 -18.00
CA SER A 275 18.00 64.30 -17.60
C SER A 275 19.02 64.88 -18.57
N GLY A 276 20.20 65.19 -18.04
CA GLY A 276 21.26 65.75 -18.86
C GLY A 276 22.39 66.24 -17.98
N PRO A 277 23.25 67.14 -18.49
CA PRO A 277 24.37 67.68 -17.71
C PRO A 277 23.90 68.64 -16.63
N LEU A 278 24.66 68.77 -15.55
CA LEU A 278 24.29 69.66 -14.46
C LEU A 278 24.15 71.10 -14.96
N LYS A 279 25.22 71.61 -15.56
CA LYS A 279 25.21 72.97 -16.08
C LYS A 279 23.87 73.32 -16.72
N LEU A 280 23.32 72.38 -17.47
CA LEU A 280 22.05 72.59 -18.15
C LEU A 280 20.83 72.33 -17.27
N VAL A 281 20.65 71.08 -16.85
CA VAL A 281 19.49 70.71 -16.02
C VAL A 281 19.27 71.68 -14.85
N SER A 282 20.35 72.20 -14.29
CA SER A 282 20.26 73.12 -13.16
C SER A 282 19.59 74.43 -13.56
N GLU A 283 19.85 74.87 -14.78
CA GLU A 283 19.25 76.12 -15.27
C GLU A 283 17.74 75.98 -15.29
N ILE A 284 17.26 74.80 -15.67
CA ILE A 284 15.83 74.52 -15.72
C ILE A 284 15.29 74.42 -14.30
N ARG A 285 16.03 73.70 -13.45
CA ARG A 285 15.64 73.51 -12.07
C ARG A 285 15.35 74.84 -11.41
N ASN A 286 16.11 75.86 -11.79
CA ASN A 286 15.94 77.18 -11.23
C ASN A 286 14.59 77.77 -11.60
N LEU A 287 14.26 77.75 -12.89
CA LEU A 287 12.98 78.29 -13.33
C LEU A 287 11.86 77.45 -12.75
N HIS A 288 12.16 76.18 -12.50
CA HIS A 288 11.19 75.26 -11.96
C HIS A 288 10.81 75.68 -10.54
N HIS A 289 11.81 76.12 -9.77
CA HIS A 289 11.58 76.54 -8.40
C HIS A 289 10.68 77.76 -8.35
N ILE A 290 10.45 78.37 -9.50
CA ILE A 290 9.60 79.56 -9.57
C ILE A 290 8.21 79.20 -10.08
N LEU A 291 8.15 78.53 -11.23
CA LEU A 291 6.88 78.14 -11.81
C LEU A 291 6.13 77.18 -10.89
N GLY A 292 6.88 76.53 -9.99
CA GLY A 292 6.30 75.61 -9.04
C GLY A 292 5.47 74.44 -9.54
N GLY A 293 6.09 73.55 -10.31
CA GLY A 293 5.41 72.38 -10.83
C GLY A 293 5.98 71.17 -10.13
N ALA A 294 6.09 71.26 -8.81
CA ALA A 294 6.64 70.19 -7.99
C ALA A 294 5.85 68.89 -8.01
N LEU A 295 6.57 67.79 -7.89
CA LEU A 295 5.98 66.46 -7.90
C LEU A 295 5.77 66.01 -6.47
N ASN A 296 4.58 65.48 -6.20
CA ASN A 296 4.23 65.00 -4.88
C ASN A 296 5.01 63.75 -4.50
N PRO A 297 5.51 63.69 -3.27
CA PRO A 297 6.27 62.54 -2.77
C PRO A 297 5.56 61.22 -3.00
N ASN A 298 4.26 61.19 -2.77
CA ASN A 298 3.49 59.95 -2.97
C ASN A 298 3.64 59.49 -4.40
N ALA A 299 3.56 60.42 -5.34
CA ALA A 299 3.70 60.10 -6.76
C ALA A 299 5.11 59.58 -7.00
N ALA A 300 6.09 60.27 -6.46
CA ALA A 300 7.49 59.88 -6.61
C ALA A 300 7.73 58.43 -6.22
N TYR A 301 7.07 57.97 -5.16
CA TYR A 301 7.25 56.60 -4.71
C TYR A 301 6.55 55.64 -5.65
N LEU A 302 5.39 56.07 -6.16
CA LEU A 302 4.62 55.24 -7.07
C LEU A 302 5.43 54.92 -8.32
N ILE A 303 6.34 55.83 -8.67
CA ILE A 303 7.18 55.63 -9.84
C ILE A 303 8.40 54.79 -9.48
N ILE A 304 8.98 55.06 -8.32
CA ILE A 304 10.14 54.31 -7.87
C ILE A 304 9.73 52.83 -7.83
N ARG A 305 8.54 52.59 -7.29
CA ARG A 305 7.99 51.25 -7.19
C ARG A 305 7.80 50.65 -8.56
N GLY A 306 7.14 51.39 -9.44
CA GLY A 306 6.87 50.91 -10.78
C GLY A 306 8.12 50.63 -11.59
N MET A 307 9.21 51.32 -11.28
CA MET A 307 10.46 51.13 -12.01
C MET A 307 11.20 49.86 -11.58
N LYS A 308 10.84 49.34 -10.41
CA LYS A 308 11.47 48.13 -9.92
C LYS A 308 11.26 47.02 -10.93
N THR A 309 10.25 47.16 -11.78
CA THR A 309 9.96 46.16 -12.78
C THR A 309 9.94 46.78 -14.17
N LEU A 310 10.73 47.82 -14.38
CA LEU A 310 10.78 48.45 -15.68
C LEU A 310 11.26 47.48 -16.75
N HIS A 311 12.50 47.02 -16.61
CA HIS A 311 13.09 46.09 -17.57
C HIS A 311 12.18 44.90 -17.87
N LEU A 312 11.56 44.35 -16.82
CA LEU A 312 10.67 43.21 -16.99
C LEU A 312 9.48 43.53 -17.88
N ARG A 313 8.87 44.68 -17.64
CA ARG A 313 7.72 45.11 -18.41
C ARG A 313 8.14 45.44 -19.85
N VAL A 314 9.14 46.31 -19.99
CA VAL A 314 9.64 46.70 -21.29
C VAL A 314 9.99 45.49 -22.16
N GLN A 315 10.68 44.53 -21.58
CA GLN A 315 11.08 43.31 -22.29
C GLN A 315 9.88 42.62 -22.93
N GLN A 316 8.81 42.47 -22.15
CA GLN A 316 7.59 41.82 -22.62
C GLN A 316 6.86 42.67 -23.64
N GLN A 317 6.79 43.98 -23.38
CA GLN A 317 6.09 44.88 -24.28
C GLN A 317 6.82 44.97 -25.62
N ASN A 318 8.14 44.85 -25.59
CA ASN A 318 8.93 44.91 -26.80
C ASN A 318 8.61 43.75 -27.74
N SER A 319 8.50 42.55 -27.18
CA SER A 319 8.18 41.35 -27.96
C SER A 319 6.77 41.43 -28.55
N THR A 320 5.78 41.38 -27.67
CA THR A 320 4.37 41.45 -28.06
C THR A 320 4.13 42.50 -29.15
N ALA A 321 4.78 43.65 -29.01
CA ALA A 321 4.64 44.72 -29.99
C ALA A 321 5.18 44.29 -31.34
N LEU A 322 6.43 43.85 -31.35
CA LEU A 322 7.09 43.41 -32.58
C LEU A 322 6.39 42.23 -33.22
N ARG A 323 6.10 41.21 -32.43
CA ARG A 323 5.42 40.03 -32.94
C ARG A 323 4.06 40.35 -33.54
N MET A 324 3.29 41.18 -32.84
CA MET A 324 1.96 41.55 -33.30
C MET A 324 2.01 42.48 -34.52
N ALA A 325 3.08 43.24 -34.64
CA ALA A 325 3.22 44.16 -35.77
C ALA A 325 3.26 43.35 -37.06
N GLU A 326 4.16 42.38 -37.11
CA GLU A 326 4.32 41.51 -38.29
C GLU A 326 2.99 40.86 -38.63
N ILE A 327 2.35 40.28 -37.63
CA ILE A 327 1.06 39.64 -37.81
C ILE A 327 0.09 40.62 -38.44
N LEU A 328 0.09 41.85 -37.94
CA LEU A 328 -0.82 42.88 -38.44
C LEU A 328 -0.43 43.29 -39.85
N GLU A 329 0.87 43.38 -40.10
CA GLU A 329 1.36 43.78 -41.42
C GLU A 329 0.92 42.78 -42.47
N ALA A 330 0.98 41.50 -42.12
CA ALA A 330 0.60 40.44 -43.03
C ALA A 330 -0.92 40.26 -43.14
N HIS A 331 -1.66 40.87 -42.23
CA HIS A 331 -3.12 40.73 -42.26
C HIS A 331 -3.76 41.45 -43.45
N PRO A 332 -4.68 40.77 -44.15
CA PRO A 332 -5.36 41.35 -45.31
C PRO A 332 -6.26 42.55 -45.01
N LYS A 333 -6.75 42.63 -43.77
CA LYS A 333 -7.63 43.75 -43.38
C LYS A 333 -6.83 44.96 -42.88
N VAL A 334 -5.53 44.79 -42.70
CA VAL A 334 -4.67 45.87 -42.26
C VAL A 334 -3.93 46.47 -43.45
N ARG A 335 -4.23 47.73 -43.74
CA ARG A 335 -3.62 48.43 -44.85
C ARG A 335 -2.15 48.76 -44.64
N HIS A 336 -1.83 49.42 -43.53
CA HIS A 336 -0.44 49.81 -43.24
C HIS A 336 -0.14 49.67 -41.76
N VAL A 337 1.10 49.34 -41.42
CA VAL A 337 1.49 49.20 -40.04
C VAL A 337 2.78 49.94 -39.77
N TYR A 338 2.78 50.72 -38.69
CA TYR A 338 3.95 51.51 -38.34
C TYR A 338 4.65 50.94 -37.11
N TYR A 339 5.94 50.64 -37.24
CA TYR A 339 6.74 50.13 -36.14
C TYR A 339 8.22 50.10 -36.52
N PRO A 340 9.05 50.77 -35.72
CA PRO A 340 10.50 50.83 -35.99
C PRO A 340 11.12 49.46 -36.22
N GLY A 341 10.56 48.44 -35.58
CA GLY A 341 11.09 47.09 -35.72
C GLY A 341 10.87 46.48 -37.08
N LEU A 342 9.85 46.95 -37.80
CA LEU A 342 9.54 46.43 -39.11
C LEU A 342 10.53 46.90 -40.18
N GLN A 343 10.68 46.10 -41.22
CA GLN A 343 11.58 46.42 -42.32
C GLN A 343 10.94 47.47 -43.21
N SER A 344 9.62 47.59 -43.12
CA SER A 344 8.85 48.54 -43.91
C SER A 344 8.89 49.96 -43.35
N HIS A 345 9.48 50.12 -42.17
CA HIS A 345 9.56 51.43 -41.54
C HIS A 345 10.64 52.31 -42.16
N PRO A 346 10.29 53.55 -42.51
CA PRO A 346 11.21 54.53 -43.12
C PRO A 346 12.58 54.59 -42.46
N GLU A 347 12.62 54.71 -41.13
CA GLU A 347 13.90 54.78 -40.44
C GLU A 347 14.25 53.49 -39.75
N HIS A 348 13.85 52.36 -40.34
CA HIS A 348 14.15 51.07 -39.75
C HIS A 348 15.65 50.85 -39.60
N HIS A 349 16.43 51.37 -40.54
CA HIS A 349 17.88 51.22 -40.48
C HIS A 349 18.43 52.06 -39.34
N ILE A 350 17.80 53.21 -39.09
CA ILE A 350 18.20 54.10 -38.01
C ILE A 350 17.87 53.46 -36.68
N ALA A 351 16.60 53.09 -36.51
CA ALA A 351 16.14 52.46 -35.29
C ALA A 351 17.00 51.25 -34.93
N LYS A 352 17.37 50.47 -35.94
CA LYS A 352 18.18 49.28 -35.74
C LYS A 352 19.59 49.61 -35.30
N LYS A 353 20.05 50.81 -35.66
CA LYS A 353 21.39 51.24 -35.32
C LYS A 353 21.49 51.91 -33.95
N GLN A 354 20.43 52.59 -33.54
CA GLN A 354 20.45 53.29 -32.25
C GLN A 354 19.51 52.75 -31.18
N MET A 355 18.83 51.65 -31.47
CA MET A 355 17.92 51.07 -30.48
C MET A 355 18.17 49.59 -30.23
N THR A 356 17.82 49.13 -29.03
CA THR A 356 17.97 47.73 -28.67
C THR A 356 16.58 47.09 -28.67
N GLY A 357 15.56 47.93 -28.59
CA GLY A 357 14.18 47.47 -28.59
C GLY A 357 13.41 48.47 -29.44
N PHE A 358 12.12 48.25 -29.65
CA PHE A 358 11.35 49.18 -30.49
C PHE A 358 10.05 49.67 -29.85
N GLY A 359 9.98 49.58 -28.52
CA GLY A 359 8.80 50.04 -27.81
C GLY A 359 7.63 49.09 -27.89
N GLY A 360 6.62 49.35 -27.07
CA GLY A 360 5.43 48.50 -27.06
C GLY A 360 4.27 49.13 -27.77
N ALA A 361 4.49 50.32 -28.35
CA ALA A 361 3.43 51.01 -29.06
C ALA A 361 3.48 50.65 -30.53
N VAL A 362 2.33 50.32 -31.10
CA VAL A 362 2.23 49.98 -32.52
C VAL A 362 1.04 50.67 -33.15
N SER A 363 1.28 51.35 -34.26
CA SER A 363 0.21 52.04 -34.98
C SER A 363 -0.01 51.35 -36.31
N PHE A 364 -1.26 51.36 -36.77
CA PHE A 364 -1.61 50.75 -38.04
C PHE A 364 -2.93 51.31 -38.54
N GLU A 365 -3.12 51.28 -39.85
CA GLU A 365 -4.34 51.76 -40.48
C GLU A 365 -5.18 50.60 -40.95
N VAL A 366 -6.44 50.57 -40.53
CA VAL A 366 -7.34 49.50 -40.92
C VAL A 366 -7.89 49.77 -42.33
N ASP A 367 -8.28 48.72 -43.03
CA ASP A 367 -8.82 48.83 -44.38
C ASP A 367 -10.31 49.18 -44.33
N GLY A 368 -10.62 50.41 -43.94
CA GLY A 368 -12.00 50.85 -43.86
C GLY A 368 -12.10 52.36 -43.73
N ASP A 369 -13.10 52.82 -42.98
CA ASP A 369 -13.32 54.24 -42.77
C ASP A 369 -13.49 54.54 -41.29
N LEU A 370 -13.70 55.82 -40.97
CA LEU A 370 -13.88 56.26 -39.60
C LEU A 370 -14.83 55.33 -38.84
N LEU A 371 -15.95 55.01 -39.46
CA LEU A 371 -16.96 54.15 -38.85
C LEU A 371 -16.52 52.69 -38.72
N THR A 372 -16.03 52.11 -39.81
CA THR A 372 -15.59 50.72 -39.79
C THR A 372 -14.46 50.57 -38.78
N THR A 373 -13.43 51.40 -38.88
CA THR A 373 -12.31 51.33 -37.97
C THR A 373 -12.79 51.37 -36.53
N ALA A 374 -13.79 52.20 -36.26
CA ALA A 374 -14.33 52.31 -34.92
C ALA A 374 -14.90 50.95 -34.54
N LYS A 375 -15.62 50.34 -35.47
CA LYS A 375 -16.22 49.03 -35.25
C LYS A 375 -15.19 48.03 -34.77
N PHE A 376 -13.97 48.14 -35.30
CA PHE A 376 -12.89 47.26 -34.93
C PHE A 376 -12.49 47.47 -33.48
N VAL A 377 -12.18 48.70 -33.11
CA VAL A 377 -11.78 48.98 -31.74
C VAL A 377 -12.88 48.63 -30.75
N ASP A 378 -14.12 48.82 -31.16
CA ASP A 378 -15.25 48.53 -30.29
C ASP A 378 -15.36 47.04 -30.05
N ALA A 379 -14.79 46.27 -30.96
CA ALA A 379 -14.83 44.81 -30.89
C ALA A 379 -13.83 44.22 -29.90
N LEU A 380 -12.70 44.91 -29.72
CA LEU A 380 -11.68 44.42 -28.79
C LEU A 380 -12.29 44.25 -27.40
N LYS A 381 -11.68 43.41 -26.57
CA LYS A 381 -12.21 43.18 -25.25
C LYS A 381 -11.20 43.33 -24.12
N ILE A 382 -9.92 43.32 -24.45
CA ILE A 382 -8.88 43.43 -23.44
C ILE A 382 -8.40 44.87 -23.25
N PRO A 383 -7.98 45.54 -24.32
CA PRO A 383 -7.50 46.91 -24.15
C PRO A 383 -8.62 47.91 -23.86
N TYR A 384 -8.25 48.97 -23.16
CA TYR A 384 -9.18 50.03 -22.81
C TYR A 384 -9.14 51.07 -23.91
N ILE A 385 -10.27 51.71 -24.16
CA ILE A 385 -10.32 52.76 -25.17
C ILE A 385 -10.04 54.06 -24.43
N ALA A 386 -8.75 54.42 -24.34
CA ALA A 386 -8.38 55.64 -23.63
C ALA A 386 -7.08 56.21 -24.15
N PRO A 387 -6.68 57.40 -23.67
CA PRO A 387 -5.43 57.96 -24.14
C PRO A 387 -4.28 57.35 -23.34
N SER A 388 -3.08 57.89 -23.52
CA SER A 388 -1.90 57.40 -22.81
C SER A 388 -1.47 56.04 -23.33
N PHE A 389 -0.41 55.50 -22.74
CA PHE A 389 0.12 54.22 -23.16
C PHE A 389 1.32 53.82 -22.31
N GLY A 390 1.70 52.55 -22.37
CA GLY A 390 2.86 52.11 -21.61
C GLY A 390 2.59 51.39 -20.30
N GLY A 391 1.32 51.25 -19.93
CA GLY A 391 1.00 50.58 -18.70
C GLY A 391 0.74 49.10 -18.88
N CYS A 392 0.65 48.36 -17.79
CA CYS A 392 0.41 46.92 -17.85
C CYS A 392 -0.87 46.61 -18.60
N GLU A 393 -1.82 47.53 -18.52
CA GLU A 393 -3.09 47.34 -19.21
C GLU A 393 -2.97 47.85 -20.63
N SER A 394 -3.48 47.07 -21.58
CA SER A 394 -3.41 47.46 -22.97
C SER A 394 -4.43 48.54 -23.28
N ILE A 395 -4.08 49.45 -24.18
CA ILE A 395 -4.97 50.56 -24.54
C ILE A 395 -5.03 50.79 -26.06
N VAL A 396 -6.20 51.20 -26.54
CA VAL A 396 -6.40 51.47 -27.96
C VAL A 396 -7.12 52.79 -28.14
N ASP A 397 -6.96 53.40 -29.31
CA ASP A 397 -7.62 54.66 -29.61
C ASP A 397 -7.40 55.07 -31.06
N GLN A 398 -8.29 55.94 -31.56
CA GLN A 398 -8.20 56.44 -32.93
C GLN A 398 -7.77 57.89 -32.82
N PRO A 399 -6.45 58.15 -32.90
CA PRO A 399 -5.92 59.50 -32.81
C PRO A 399 -6.77 60.56 -33.51
N ALA A 400 -7.46 60.15 -34.58
CA ALA A 400 -8.31 61.06 -35.33
C ALA A 400 -9.44 61.59 -34.45
N ILE A 401 -10.04 60.68 -33.69
CA ILE A 401 -11.13 61.02 -32.78
C ILE A 401 -10.60 61.48 -31.43
N MET A 402 -9.67 60.70 -30.89
CA MET A 402 -9.09 60.99 -29.58
C MET A 402 -8.37 62.32 -29.41
N SER A 403 -7.62 62.75 -30.42
CA SER A 403 -6.86 63.98 -30.29
C SER A 403 -6.92 65.00 -31.44
N TYR A 404 -7.84 64.82 -32.37
CA TYR A 404 -7.94 65.74 -33.50
C TYR A 404 -9.37 65.92 -33.97
N TRP A 405 -10.32 65.57 -33.12
CA TRP A 405 -11.73 65.69 -33.49
C TRP A 405 -12.17 67.14 -33.65
N ASP A 406 -11.41 68.07 -33.05
CA ASP A 406 -11.72 69.48 -33.12
C ASP A 406 -11.40 70.06 -34.50
N LEU A 407 -10.60 69.35 -35.27
CA LEU A 407 -10.23 69.79 -36.60
C LEU A 407 -11.12 69.16 -37.65
N SER A 408 -11.10 69.74 -38.84
CA SER A 408 -11.88 69.24 -39.96
C SER A 408 -11.11 68.11 -40.62
N GLN A 409 -11.84 67.20 -41.26
CA GLN A 409 -11.23 66.06 -41.93
C GLN A 409 -10.06 66.50 -42.81
N SER A 410 -10.20 67.64 -43.47
CA SER A 410 -9.16 68.16 -44.34
C SER A 410 -7.96 68.69 -43.56
N ASP A 411 -8.24 69.35 -42.44
CA ASP A 411 -7.16 69.89 -41.60
C ASP A 411 -6.43 68.75 -40.91
N ARG A 412 -7.17 67.68 -40.64
CA ARG A 412 -6.61 66.50 -39.99
C ARG A 412 -5.65 65.83 -40.95
N ALA A 413 -6.15 65.56 -42.16
CA ALA A 413 -5.34 64.92 -43.20
C ALA A 413 -4.15 65.81 -43.51
N LYS A 414 -4.27 67.09 -43.24
CA LYS A 414 -3.19 68.04 -43.47
C LYS A 414 -1.94 67.61 -42.70
N TYR A 415 -2.11 66.71 -41.73
CA TYR A 415 -0.96 66.26 -40.95
C TYR A 415 -0.88 64.77 -40.65
N GLY A 416 -1.10 63.96 -41.68
CA GLY A 416 -1.02 62.52 -41.56
C GLY A 416 -2.12 61.77 -40.85
N ILE A 417 -2.79 62.40 -39.89
CA ILE A 417 -3.84 61.70 -39.16
C ILE A 417 -5.04 61.35 -40.03
N MET A 418 -5.28 60.06 -40.16
CA MET A 418 -6.39 59.55 -40.96
C MET A 418 -7.41 58.87 -40.06
N ASP A 419 -8.66 58.83 -40.51
CA ASP A 419 -9.72 58.19 -39.75
C ASP A 419 -9.42 56.69 -39.68
N ASN A 420 -8.40 56.26 -40.41
CA ASN A 420 -7.98 54.86 -40.49
C ASN A 420 -7.02 54.49 -39.38
N LEU A 421 -6.17 55.46 -39.00
CA LEU A 421 -5.15 55.27 -37.97
C LEU A 421 -5.63 54.79 -36.62
N VAL A 422 -5.00 53.72 -36.14
CA VAL A 422 -5.30 53.14 -34.84
C VAL A 422 -4.00 52.97 -34.09
N ARG A 423 -3.94 53.49 -32.86
CA ARG A 423 -2.74 53.38 -32.05
C ARG A 423 -2.95 52.35 -30.95
N PHE A 424 -2.20 51.26 -31.02
CA PHE A 424 -2.30 50.20 -30.03
C PHE A 424 -1.11 50.22 -29.08
N SER A 425 -1.40 50.31 -27.80
CA SER A 425 -0.37 50.31 -26.78
C SER A 425 -0.50 48.97 -26.09
N PHE A 426 0.34 48.02 -26.46
CA PHE A 426 0.30 46.70 -25.87
C PHE A 426 0.66 46.70 -24.39
N GLY A 427 -0.21 46.12 -23.59
CA GLY A 427 0.02 46.06 -22.16
C GLY A 427 1.08 45.02 -21.81
N VAL A 428 0.83 44.24 -20.78
CA VAL A 428 1.77 43.22 -20.36
C VAL A 428 1.06 41.86 -20.30
N GLU A 429 -0.20 41.86 -20.73
CA GLU A 429 -0.99 40.63 -20.76
C GLU A 429 -0.30 39.60 -21.63
N ASP A 430 -0.72 38.34 -21.50
CA ASP A 430 -0.13 37.26 -22.29
C ASP A 430 -0.35 37.48 -23.79
N PHE A 431 0.71 37.30 -24.56
CA PHE A 431 0.65 37.48 -26.02
C PHE A 431 -0.58 36.81 -26.61
N ASP A 432 -0.64 35.49 -26.49
CA ASP A 432 -1.73 34.71 -27.04
C ASP A 432 -3.10 35.34 -26.82
N ASP A 433 -3.37 35.76 -25.58
CA ASP A 433 -4.64 36.39 -25.25
C ASP A 433 -4.83 37.65 -26.08
N LEU A 434 -3.77 38.45 -26.18
CA LEU A 434 -3.81 39.69 -26.94
C LEU A 434 -3.98 39.44 -28.43
N LYS A 435 -3.18 38.54 -28.97
CA LYS A 435 -3.23 38.20 -30.39
C LYS A 435 -4.62 37.73 -30.78
N ALA A 436 -5.15 36.77 -30.02
CA ALA A 436 -6.46 36.22 -30.28
C ALA A 436 -7.53 37.30 -30.28
N ASP A 437 -7.41 38.25 -29.36
CA ASP A 437 -8.37 39.35 -29.25
C ASP A 437 -8.30 40.22 -30.51
N ILE A 438 -7.10 40.66 -30.86
CA ILE A 438 -6.91 41.50 -32.04
C ILE A 438 -7.44 40.85 -33.32
N LEU A 439 -7.20 39.55 -33.45
CA LEU A 439 -7.65 38.81 -34.62
C LEU A 439 -9.16 38.68 -34.63
N GLN A 440 -9.70 38.24 -33.50
CA GLN A 440 -11.15 38.06 -33.36
C GLN A 440 -11.87 39.35 -33.73
N ALA A 441 -11.25 40.49 -33.40
CA ALA A 441 -11.83 41.80 -33.71
C ALA A 441 -11.82 42.09 -35.20
N LEU A 442 -10.66 41.94 -35.82
CA LEU A 442 -10.51 42.19 -37.26
C LEU A 442 -11.49 41.38 -38.11
N ASP A 443 -11.86 40.20 -37.62
CA ASP A 443 -12.79 39.34 -38.37
C ASP A 443 -14.13 40.04 -38.61
N SER A 444 -14.64 40.69 -37.57
CA SER A 444 -15.93 41.38 -37.65
C SER A 444 -15.93 42.51 -38.68
N ILE A 445 -14.75 42.96 -39.07
CA ILE A 445 -14.63 44.03 -40.04
C ILE A 445 -15.14 43.58 -41.40
N TYR B 50 6.63 63.54 28.61
CA TYR B 50 7.39 63.73 27.35
C TYR B 50 8.20 65.02 27.41
N ALA B 51 7.53 66.16 27.32
CA ALA B 51 8.20 67.44 27.36
C ALA B 51 7.86 68.28 28.60
N SER B 52 8.82 69.08 29.03
CA SER B 52 8.66 69.94 30.20
C SER B 52 8.00 71.25 29.78
N PHE B 53 8.38 71.74 28.61
CA PHE B 53 7.83 72.98 28.11
C PHE B 53 6.40 72.72 27.64
N LEU B 54 6.01 71.44 27.63
CA LEU B 54 4.66 71.05 27.23
C LEU B 54 3.90 70.67 28.48
N ASN B 55 2.80 71.39 28.75
CA ASN B 55 2.00 71.11 29.93
C ASN B 55 0.53 70.89 29.61
N SER B 56 0.18 71.02 28.34
CA SER B 56 -1.20 70.83 27.93
C SER B 56 -1.36 69.68 26.94
N ASP B 57 -2.38 68.86 27.15
CA ASP B 57 -2.65 67.73 26.28
C ASP B 57 -2.65 68.18 24.83
N GLY B 58 -3.31 69.30 24.56
CA GLY B 58 -3.38 69.79 23.20
C GLY B 58 -2.01 69.86 22.57
N SER B 59 -1.06 70.42 23.29
CA SER B 59 0.32 70.56 22.81
C SER B 59 0.99 69.20 22.68
N VAL B 60 0.68 68.30 23.61
CA VAL B 60 1.24 66.97 23.61
C VAL B 60 0.74 66.18 22.40
N ALA B 61 -0.57 66.15 22.22
CA ALA B 61 -1.17 65.43 21.10
C ALA B 61 -0.58 65.86 19.77
N ILE B 62 0.07 67.02 19.76
CA ILE B 62 0.67 67.54 18.54
C ILE B 62 2.14 67.18 18.38
N HIS B 63 2.92 67.43 19.42
CA HIS B 63 4.36 67.18 19.37
C HIS B 63 4.86 65.91 20.06
N ALA B 64 4.03 65.29 20.88
CA ALA B 64 4.45 64.08 21.59
C ALA B 64 4.95 63.02 20.62
N GLY B 65 6.19 62.61 20.79
CA GLY B 65 6.78 61.59 19.93
C GLY B 65 7.28 62.10 18.59
N GLU B 66 7.51 63.41 18.47
CA GLU B 66 8.00 63.99 17.23
C GLU B 66 8.96 65.15 17.45
N ARG B 67 8.48 66.19 18.13
CA ARG B 67 9.27 67.39 18.39
C ARG B 67 10.70 67.17 18.90
N LEU B 68 10.86 66.23 19.81
CA LEU B 68 12.18 65.96 20.40
C LEU B 68 13.03 64.95 19.64
N GLY B 69 12.39 64.08 18.87
CA GLY B 69 13.13 63.09 18.12
C GLY B 69 12.20 62.02 17.59
N ARG B 70 12.64 61.28 16.58
CA ARG B 70 11.77 60.26 16.00
C ARG B 70 12.40 58.86 15.86
N GLY B 71 13.72 58.78 15.92
CA GLY B 71 14.36 57.49 15.77
C GLY B 71 14.66 57.27 14.30
N ILE B 72 13.90 57.98 13.46
CA ILE B 72 14.08 57.93 12.01
C ILE B 72 14.35 59.39 11.67
N VAL B 73 15.64 59.73 11.70
CA VAL B 73 16.12 61.10 11.45
C VAL B 73 15.75 61.78 10.13
N THR B 74 15.29 63.02 10.26
CA THR B 74 14.90 63.87 9.14
C THR B 74 14.87 65.31 9.60
N ASP B 75 15.05 66.22 8.65
CA ASP B 75 15.00 67.64 8.95
C ASP B 75 13.60 68.06 8.54
N ALA B 76 12.73 67.07 8.42
CA ALA B 76 11.34 67.27 8.04
C ALA B 76 10.48 67.53 9.26
N ILE B 77 9.40 68.28 9.08
CA ILE B 77 8.51 68.61 10.18
C ILE B 77 7.62 67.43 10.56
N THR B 78 7.11 66.71 9.55
CA THR B 78 6.22 65.58 9.79
C THR B 78 6.94 64.25 9.86
N THR B 79 6.20 63.23 10.27
CA THR B 79 6.72 61.88 10.37
C THR B 79 6.67 61.25 8.98
N PRO B 80 7.77 60.60 8.56
CA PRO B 80 7.80 59.97 7.24
C PRO B 80 7.08 58.61 7.27
N VAL B 81 6.45 58.26 6.16
CA VAL B 81 5.76 56.98 6.09
C VAL B 81 6.73 55.95 5.55
N VAL B 82 6.93 54.88 6.31
CA VAL B 82 7.85 53.83 5.89
C VAL B 82 7.11 52.59 5.41
N ASN B 83 7.06 52.42 4.10
CA ASN B 83 6.39 51.29 3.49
C ASN B 83 7.35 50.14 3.27
N THR B 84 7.61 49.38 4.32
CA THR B 84 8.53 48.26 4.22
C THR B 84 8.00 47.01 4.92
N SER B 85 8.34 45.86 4.36
CA SER B 85 7.91 44.59 4.91
C SER B 85 9.00 43.99 5.80
N ALA B 86 10.24 44.39 5.56
CA ALA B 86 11.34 43.88 6.36
C ALA B 86 12.40 44.98 6.52
N TYR B 87 13.37 44.71 7.37
CA TYR B 87 14.46 45.65 7.63
C TYR B 87 15.75 44.86 7.54
N PHE B 88 16.73 45.42 6.83
CA PHE B 88 18.02 44.76 6.64
C PHE B 88 19.06 45.08 7.69
N PHE B 89 20.17 44.35 7.63
CA PHE B 89 21.31 44.52 8.54
C PHE B 89 22.55 44.70 7.67
N ASN B 90 23.55 45.40 8.18
CA ASN B 90 24.78 45.64 7.42
C ASN B 90 25.72 44.45 7.32
N LYS B 91 25.78 43.67 8.39
CA LYS B 91 26.63 42.48 8.40
C LYS B 91 26.17 41.50 9.46
N THR B 92 26.38 40.21 9.20
CA THR B 92 25.97 39.15 10.13
C THR B 92 26.30 39.49 11.57
N SER B 93 27.42 40.18 11.76
CA SER B 93 27.85 40.57 13.10
C SER B 93 26.75 41.38 13.80
N GLU B 94 26.28 42.42 13.13
CA GLU B 94 25.24 43.29 13.66
C GLU B 94 23.94 42.54 13.89
N LEU B 95 23.59 41.65 12.96
CA LEU B 95 22.36 40.87 13.09
C LEU B 95 22.41 40.11 14.41
N ILE B 96 23.58 39.56 14.73
CA ILE B 96 23.77 38.80 15.96
C ILE B 96 23.62 39.73 17.15
N ASP B 97 24.19 40.93 17.03
CA ASP B 97 24.10 41.92 18.09
C ASP B 97 22.65 42.16 18.44
N PHE B 98 21.84 42.43 17.41
CA PHE B 98 20.42 42.67 17.61
C PHE B 98 19.75 41.48 18.29
N LYS B 99 20.09 40.28 17.83
CA LYS B 99 19.53 39.07 18.40
C LYS B 99 19.96 38.88 19.85
N GLU B 100 21.12 39.42 20.19
CA GLU B 100 21.64 39.30 21.55
C GLU B 100 21.29 40.54 22.39
N LYS B 101 20.32 41.32 21.91
CA LYS B 101 19.84 42.52 22.59
C LYS B 101 20.88 43.61 22.81
N ARG B 102 21.81 43.74 21.88
CA ARG B 102 22.85 44.77 21.97
C ARG B 102 22.58 45.88 20.97
N ARG B 103 21.68 45.63 20.02
CA ARG B 103 21.30 46.60 18.99
C ARG B 103 19.78 46.62 18.86
N ALA B 104 19.24 47.70 18.30
CA ALA B 104 17.80 47.83 18.13
C ALA B 104 17.36 47.69 16.69
N SER B 105 16.20 47.08 16.48
CA SER B 105 15.65 46.87 15.14
C SER B 105 14.32 46.15 15.20
N PHE B 106 13.47 46.39 14.21
CA PHE B 106 12.17 45.77 14.15
C PHE B 106 12.28 44.43 13.45
N GLU B 107 13.39 44.23 12.74
CA GLU B 107 13.63 43.00 11.99
C GLU B 107 12.59 42.80 10.90
N TYR B 108 11.38 42.45 11.33
CA TYR B 108 10.29 42.20 10.41
C TYR B 108 9.16 43.20 10.64
N GLY B 109 8.45 43.55 9.56
CA GLY B 109 7.36 44.51 9.68
C GLY B 109 6.28 44.15 10.67
N ARG B 110 6.03 42.86 10.85
CA ARG B 110 5.00 42.41 11.78
C ARG B 110 5.37 42.71 13.23
N TYR B 111 6.63 43.02 13.46
CA TYR B 111 7.13 43.31 14.80
C TYR B 111 7.30 44.77 15.14
N GLY B 112 7.00 45.64 14.18
CA GLY B 112 7.15 47.06 14.44
C GLY B 112 7.42 47.85 13.20
N ASN B 113 7.43 49.17 13.34
CA ASN B 113 7.66 50.07 12.23
C ASN B 113 7.94 51.49 12.73
N PRO B 114 8.92 52.18 12.12
CA PRO B 114 9.27 53.54 12.55
C PRO B 114 8.11 54.54 12.55
N THR B 115 7.29 54.54 11.51
CA THR B 115 6.18 55.49 11.44
C THR B 115 5.02 55.10 12.35
N THR B 116 5.11 53.93 12.98
CA THR B 116 4.06 53.47 13.88
C THR B 116 4.40 53.77 15.33
N VAL B 117 5.64 53.50 15.71
CA VAL B 117 6.06 53.75 17.08
C VAL B 117 5.78 55.19 17.46
N VAL B 118 5.93 56.09 16.49
CA VAL B 118 5.67 57.49 16.75
C VAL B 118 4.29 57.62 17.36
N LEU B 119 3.31 56.99 16.73
CA LEU B 119 1.93 57.03 17.22
C LEU B 119 1.83 56.33 18.56
N GLU B 120 2.60 55.26 18.73
CA GLU B 120 2.60 54.50 19.98
C GLU B 120 3.08 55.39 21.13
N GLU B 121 4.16 56.11 20.89
CA GLU B 121 4.73 57.01 21.90
C GLU B 121 3.83 58.23 22.10
N LYS B 122 3.21 58.68 21.02
CA LYS B 122 2.32 59.84 21.09
C LYS B 122 1.17 59.57 22.05
N ILE B 123 0.46 58.49 21.82
CA ILE B 123 -0.67 58.10 22.66
C ILE B 123 -0.20 57.75 24.07
N SER B 124 1.02 57.24 24.17
CA SER B 124 1.56 56.88 25.47
C SER B 124 1.68 58.11 26.35
N ALA B 125 2.04 59.22 25.74
CA ALA B 125 2.20 60.47 26.46
C ALA B 125 0.85 61.03 26.92
N LEU B 126 -0.14 60.97 26.04
CA LEU B 126 -1.46 61.47 26.36
C LEU B 126 -2.08 60.75 27.55
N GLU B 127 -1.98 59.43 27.54
CA GLU B 127 -2.53 58.61 28.62
C GLU B 127 -1.53 58.52 29.76
N GLY B 128 -0.35 59.10 29.55
CA GLY B 128 0.68 59.05 30.57
C GLY B 128 1.00 57.60 30.90
N ALA B 129 1.03 56.78 29.85
CA ALA B 129 1.31 55.36 30.00
C ALA B 129 2.78 55.05 29.81
N GLU B 130 3.17 53.86 30.23
CA GLU B 130 4.54 53.38 30.13
C GLU B 130 4.82 52.88 28.73
N SER B 131 3.78 52.41 28.06
CA SER B 131 3.90 51.89 26.70
C SER B 131 2.53 51.67 26.06
N THR B 132 2.46 51.86 24.74
CA THR B 132 1.20 51.67 24.01
C THR B 132 1.40 50.76 22.81
N LEU B 133 0.41 49.93 22.54
CA LEU B 133 0.46 49.01 21.42
C LEU B 133 -0.63 49.36 20.43
N LEU B 134 -0.31 49.30 19.14
CA LEU B 134 -1.29 49.63 18.11
C LEU B 134 -1.60 48.44 17.21
N MET B 135 -2.89 48.17 17.03
CA MET B 135 -3.34 47.05 16.20
C MET B 135 -4.17 47.46 15.01
N ALA B 136 -4.68 46.47 14.30
CA ALA B 136 -5.49 46.67 13.10
C ALA B 136 -6.81 47.35 13.41
N SER B 137 -7.40 47.00 14.54
CA SER B 137 -8.68 47.59 14.92
C SER B 137 -8.94 47.44 16.41
N GLY B 138 -9.91 48.22 16.90
CA GLY B 138 -10.27 48.16 18.31
C GLY B 138 -10.62 46.76 18.73
N MET B 139 -11.38 46.06 17.89
CA MET B 139 -11.77 44.69 18.18
C MET B 139 -10.53 43.83 18.32
N CYS B 140 -9.54 44.11 17.48
CA CYS B 140 -8.27 43.39 17.49
C CYS B 140 -7.60 43.56 18.85
N ALA B 141 -7.62 44.79 19.36
CA ALA B 141 -7.00 45.10 20.64
C ALA B 141 -7.66 44.35 21.81
N SER B 142 -8.97 44.49 21.96
CA SER B 142 -9.68 43.83 23.04
C SER B 142 -9.48 42.33 22.94
N THR B 143 -9.69 41.79 21.75
CA THR B 143 -9.53 40.38 21.48
C THR B 143 -8.17 39.86 21.90
N VAL B 144 -7.11 40.42 21.32
CA VAL B 144 -5.75 40.01 21.65
C VAL B 144 -5.45 40.18 23.12
N MET B 145 -5.90 41.29 23.70
CA MET B 145 -5.65 41.55 25.11
C MET B 145 -6.28 40.48 26.01
N LEU B 146 -7.50 40.08 25.69
CA LEU B 146 -8.19 39.06 26.48
C LEU B 146 -7.47 37.73 26.36
N LEU B 147 -7.24 37.30 25.13
CA LEU B 147 -6.57 36.04 24.85
C LEU B 147 -5.19 35.97 25.51
N ALA B 148 -4.57 37.13 25.69
CA ALA B 148 -3.24 37.22 26.25
C ALA B 148 -3.14 37.29 27.78
N LEU B 149 -4.05 38.02 28.42
CA LEU B 149 -4.00 38.17 29.87
C LEU B 149 -4.80 37.14 30.66
N VAL B 150 -5.95 36.75 30.13
CA VAL B 150 -6.79 35.77 30.81
C VAL B 150 -6.35 34.36 30.49
N PRO B 151 -6.01 33.57 31.52
CA PRO B 151 -5.57 32.19 31.29
C PRO B 151 -6.76 31.25 31.09
N ALA B 152 -6.48 30.07 30.57
CA ALA B 152 -7.53 29.09 30.34
C ALA B 152 -8.18 28.75 31.67
N GLY B 153 -9.50 28.52 31.66
CA GLY B 153 -10.21 28.19 32.87
C GLY B 153 -10.34 29.35 33.83
N GLY B 154 -9.78 30.50 33.45
CA GLY B 154 -9.85 31.67 34.28
C GLY B 154 -11.22 32.31 34.25
N HIS B 155 -11.45 33.28 35.14
CA HIS B 155 -12.74 33.96 35.19
C HIS B 155 -12.62 35.44 34.86
N ILE B 156 -13.66 35.98 34.23
CA ILE B 156 -13.69 37.38 33.85
C ILE B 156 -14.97 38.05 34.36
N VAL B 157 -14.92 39.37 34.49
CA VAL B 157 -16.07 40.13 34.96
C VAL B 157 -16.27 41.35 34.09
N THR B 158 -17.48 41.53 33.57
CA THR B 158 -17.78 42.67 32.72
C THR B 158 -19.19 43.15 32.98
N THR B 159 -19.56 44.26 32.35
CA THR B 159 -20.88 44.84 32.52
C THR B 159 -21.87 44.31 31.48
N THR B 160 -23.13 44.67 31.66
CA THR B 160 -24.21 44.25 30.77
C THR B 160 -24.30 45.12 29.52
N ASP B 161 -23.71 46.31 29.60
CA ASP B 161 -23.74 47.25 28.49
C ASP B 161 -22.52 47.10 27.58
N CYS B 162 -21.74 46.04 27.82
CA CYS B 162 -20.55 45.76 27.03
C CYS B 162 -20.86 45.87 25.54
N TYR B 163 -19.84 46.21 24.75
CA TYR B 163 -20.01 46.32 23.30
C TYR B 163 -20.46 44.96 22.77
N ARG B 164 -21.49 44.95 21.92
CA ARG B 164 -22.03 43.71 21.38
C ARG B 164 -20.96 42.71 20.94
N LYS B 165 -20.29 43.00 19.84
CA LYS B 165 -19.25 42.12 19.32
C LYS B 165 -18.34 41.57 20.40
N THR B 166 -17.90 42.44 21.30
CA THR B 166 -17.01 42.02 22.38
C THR B 166 -17.72 41.00 23.26
N ARG B 167 -19.02 41.22 23.47
CA ARG B 167 -19.82 40.32 24.29
C ARG B 167 -19.84 38.94 23.67
N ILE B 168 -20.01 38.89 22.35
CA ILE B 168 -20.05 37.64 21.60
C ILE B 168 -18.73 36.88 21.72
N PHE B 169 -17.62 37.60 21.64
CA PHE B 169 -16.31 36.97 21.74
C PHE B 169 -16.18 36.29 23.09
N ILE B 170 -16.55 37.01 24.14
CA ILE B 170 -16.46 36.50 25.51
C ILE B 170 -17.46 35.38 25.79
N GLU B 171 -18.59 35.38 25.09
CA GLU B 171 -19.62 34.38 25.29
C GLU B 171 -19.62 33.20 24.32
N THR B 172 -18.71 33.20 23.36
CA THR B 172 -18.65 32.11 22.38
C THR B 172 -17.25 31.58 22.08
N ILE B 173 -16.23 32.40 22.26
CA ILE B 173 -14.86 31.98 21.99
C ILE B 173 -14.09 31.61 23.24
N LEU B 174 -14.01 32.55 24.17
CA LEU B 174 -13.29 32.34 25.42
C LEU B 174 -13.69 31.05 26.14
N PRO B 175 -14.99 30.70 26.14
CA PRO B 175 -15.40 29.48 26.81
C PRO B 175 -14.70 28.22 26.28
N LYS B 176 -14.20 28.31 25.05
CA LYS B 176 -13.48 27.20 24.43
C LYS B 176 -12.18 26.95 25.21
N MET B 177 -11.67 28.00 25.84
CA MET B 177 -10.45 27.89 26.64
C MET B 177 -10.85 27.72 28.11
N GLY B 178 -12.14 27.47 28.34
CA GLY B 178 -12.64 27.27 29.69
C GLY B 178 -12.78 28.55 30.49
N ILE B 179 -12.68 29.69 29.82
CA ILE B 179 -12.79 30.98 30.50
C ILE B 179 -14.26 31.34 30.76
N THR B 180 -14.61 31.41 32.03
CA THR B 180 -15.97 31.76 32.42
C THR B 180 -16.04 33.25 32.74
N ALA B 181 -17.24 33.82 32.71
CA ALA B 181 -17.41 35.24 32.96
C ALA B 181 -18.67 35.63 33.73
N THR B 182 -18.55 36.65 34.56
CA THR B 182 -19.66 37.16 35.36
C THR B 182 -20.07 38.52 34.79
N VAL B 183 -21.34 38.66 34.43
CA VAL B 183 -21.83 39.93 33.88
C VAL B 183 -22.65 40.69 34.90
N ILE B 184 -22.17 41.87 35.28
CA ILE B 184 -22.85 42.70 36.26
C ILE B 184 -23.31 44.03 35.67
N ASP B 185 -24.08 44.78 36.44
CA ASP B 185 -24.55 46.09 35.98
C ASP B 185 -23.44 47.10 36.22
N PRO B 186 -23.24 48.04 35.28
CA PRO B 186 -22.20 49.06 35.39
C PRO B 186 -22.11 49.73 36.76
N ALA B 187 -23.26 49.98 37.36
CA ALA B 187 -23.30 50.64 38.66
C ALA B 187 -23.21 49.69 39.84
N ASP B 188 -23.80 48.51 39.70
CA ASP B 188 -23.80 47.51 40.76
C ASP B 188 -22.40 47.18 41.29
N VAL B 189 -21.95 47.95 42.27
CA VAL B 189 -20.64 47.73 42.85
C VAL B 189 -20.66 46.54 43.80
N GLY B 190 -21.82 46.27 44.38
CA GLY B 190 -21.93 45.15 45.28
C GLY B 190 -21.68 43.85 44.52
N ALA B 191 -22.27 43.76 43.33
CA ALA B 191 -22.12 42.56 42.49
C ALA B 191 -20.65 42.31 42.18
N LEU B 192 -19.93 43.38 41.87
CA LEU B 192 -18.52 43.27 41.56
C LEU B 192 -17.77 42.75 42.79
N GLU B 193 -18.06 43.34 43.94
CA GLU B 193 -17.43 42.94 45.19
C GLU B 193 -17.77 41.50 45.54
N LEU B 194 -19.01 41.10 45.26
CA LEU B 194 -19.43 39.75 45.56
C LEU B 194 -18.68 38.77 44.67
N ALA B 195 -18.76 39.00 43.36
CA ALA B 195 -18.10 38.16 42.38
C ALA B 195 -16.62 38.10 42.71
N LEU B 196 -16.08 39.22 43.17
CA LEU B 196 -14.67 39.35 43.53
C LEU B 196 -14.27 38.37 44.63
N ASN B 197 -15.24 37.96 45.43
CA ASN B 197 -14.99 37.05 46.55
C ASN B 197 -15.37 35.60 46.25
N GLN B 198 -16.47 35.40 45.54
CA GLN B 198 -16.92 34.06 45.19
C GLN B 198 -15.87 33.36 44.33
N LYS B 199 -15.81 33.75 43.06
CA LYS B 199 -14.85 33.18 42.13
C LYS B 199 -13.56 33.99 42.15
N LYS B 200 -12.50 33.44 41.57
CA LYS B 200 -11.23 34.12 41.51
C LYS B 200 -11.17 34.90 40.20
N VAL B 201 -11.59 36.16 40.24
CA VAL B 201 -11.59 37.01 39.06
C VAL B 201 -10.16 37.28 38.60
N ASN B 202 -9.94 37.16 37.30
CA ASN B 202 -8.64 37.39 36.69
C ASN B 202 -8.51 38.82 36.21
N LEU B 203 -9.57 39.32 35.60
CA LEU B 203 -9.57 40.68 35.09
C LEU B 203 -10.99 41.20 34.94
N PHE B 204 -11.17 42.47 35.30
CA PHE B 204 -12.46 43.13 35.19
C PHE B 204 -12.32 44.04 33.98
N PHE B 205 -13.18 43.85 32.99
CA PHE B 205 -13.13 44.65 31.77
C PHE B 205 -14.44 45.38 31.54
N THR B 206 -14.33 46.66 31.16
CA THR B 206 -15.52 47.46 30.89
C THR B 206 -15.15 48.76 30.20
N GLU B 207 -16.15 49.40 29.63
CA GLU B 207 -15.96 50.68 28.95
C GLU B 207 -16.66 51.75 29.78
N SER B 208 -16.21 52.99 29.65
CA SER B 208 -16.81 54.11 30.38
C SER B 208 -16.42 55.46 29.78
N PRO B 209 -17.39 56.19 29.23
CA PRO B 209 -18.82 55.87 29.13
C PRO B 209 -19.11 54.57 28.38
N THR B 210 -20.33 54.07 28.59
CA THR B 210 -20.81 52.83 27.98
C THR B 210 -21.59 53.07 26.68
N ASN B 211 -21.80 52.02 25.90
CA ASN B 211 -22.55 52.13 24.65
C ASN B 211 -23.86 51.36 24.78
N PRO B 212 -24.98 51.98 24.41
CA PRO B 212 -25.13 53.34 23.90
C PRO B 212 -25.68 54.26 24.98
N PHE B 213 -25.86 53.72 26.18
CA PHE B 213 -26.40 54.49 27.30
C PHE B 213 -25.36 55.27 28.09
N LEU B 214 -24.16 55.38 27.52
CA LEU B 214 -23.07 56.11 28.14
C LEU B 214 -22.99 56.00 29.66
N ARG B 215 -23.13 54.76 30.17
CA ARG B 215 -23.04 54.53 31.60
C ARG B 215 -21.58 54.67 32.02
N CYS B 216 -21.34 55.24 33.19
CA CYS B 216 -19.97 55.41 33.67
C CYS B 216 -19.68 54.55 34.88
N VAL B 217 -18.40 54.22 35.06
CA VAL B 217 -17.96 53.40 36.17
C VAL B 217 -16.93 54.16 37.00
N ASP B 218 -17.10 54.17 38.32
CA ASP B 218 -16.15 54.84 39.19
C ASP B 218 -14.85 54.08 39.09
N ILE B 219 -14.04 54.44 38.11
CA ILE B 219 -12.75 53.78 37.89
C ILE B 219 -11.93 53.68 39.16
N GLU B 220 -11.75 54.80 39.86
CA GLU B 220 -10.97 54.82 41.08
C GLU B 220 -11.39 53.76 42.08
N LEU B 221 -12.69 53.70 42.35
CA LEU B 221 -13.25 52.73 43.28
C LEU B 221 -13.05 51.30 42.77
N VAL B 222 -13.67 51.01 41.62
CA VAL B 222 -13.60 49.70 40.99
C VAL B 222 -12.17 49.17 40.97
N SER B 223 -11.23 50.01 40.58
CA SER B 223 -9.83 49.60 40.54
C SER B 223 -9.40 49.14 41.93
N LYS B 224 -9.75 49.91 42.94
CA LYS B 224 -9.40 49.60 44.32
C LYS B 224 -9.91 48.23 44.77
N LEU B 225 -11.18 47.97 44.50
CA LEU B 225 -11.79 46.70 44.89
C LEU B 225 -11.12 45.51 44.21
N CYS B 226 -10.89 45.64 42.91
CA CYS B 226 -10.28 44.57 42.13
C CYS B 226 -8.85 44.27 42.57
N HIS B 227 -8.02 45.30 42.65
CA HIS B 227 -6.63 45.13 43.06
C HIS B 227 -6.53 44.51 44.45
N GLU B 228 -7.59 44.64 45.24
CA GLU B 228 -7.61 44.10 46.58
C GLU B 228 -7.65 42.57 46.50
N LYS B 229 -8.29 42.06 45.46
CA LYS B 229 -8.42 40.64 45.25
C LYS B 229 -7.54 40.12 44.11
N GLY B 230 -6.60 40.94 43.67
CA GLY B 230 -5.69 40.55 42.61
C GLY B 230 -6.20 40.57 41.18
N ALA B 231 -7.40 41.11 40.97
CA ALA B 231 -7.97 41.17 39.62
C ALA B 231 -7.40 42.37 38.88
N LEU B 232 -7.31 42.24 37.56
CA LEU B 232 -6.78 43.31 36.72
C LEU B 232 -7.94 44.17 36.25
N VAL B 233 -7.66 45.41 35.91
CA VAL B 233 -8.72 46.31 35.46
C VAL B 233 -8.37 46.97 34.15
N CYS B 234 -9.25 46.83 33.17
CA CYS B 234 -9.05 47.43 31.87
C CYS B 234 -10.27 48.23 31.46
N ILE B 235 -10.05 49.51 31.18
CA ILE B 235 -11.13 50.40 30.80
C ILE B 235 -11.07 50.75 29.32
N ASP B 236 -12.23 50.75 28.69
CA ASP B 236 -12.32 51.08 27.27
C ASP B 236 -12.79 52.52 27.20
N GLY B 237 -11.84 53.44 27.18
CA GLY B 237 -12.18 54.86 27.13
C GLY B 237 -12.43 55.41 25.75
N THR B 238 -12.97 54.59 24.85
CA THR B 238 -13.24 55.03 23.49
C THR B 238 -14.08 56.31 23.49
N PHE B 239 -15.29 56.21 24.04
CA PHE B 239 -16.21 57.34 24.10
C PHE B 239 -15.61 58.56 24.81
N ALA B 240 -14.82 58.30 25.84
CA ALA B 240 -14.21 59.38 26.63
C ALA B 240 -13.08 60.11 25.94
N THR B 241 -12.10 59.38 25.42
CA THR B 241 -10.95 59.98 24.75
C THR B 241 -9.93 60.32 25.82
N PRO B 242 -8.63 60.11 25.55
CA PRO B 242 -7.60 60.41 26.55
C PRO B 242 -7.59 61.85 27.05
N LEU B 243 -8.40 62.69 26.44
CA LEU B 243 -8.47 64.09 26.83
C LEU B 243 -9.50 64.32 27.94
N ASN B 244 -10.63 63.66 27.82
CA ASN B 244 -11.71 63.80 28.79
C ASN B 244 -11.55 63.01 30.08
N GLN B 245 -10.60 62.08 30.11
CA GLN B 245 -10.40 61.30 31.31
C GLN B 245 -9.13 60.46 31.23
N LYS B 246 -8.46 60.31 32.37
CA LYS B 246 -7.23 59.54 32.45
C LYS B 246 -7.46 58.28 33.28
N ALA B 247 -8.00 57.25 32.65
CA ALA B 247 -8.28 55.99 33.32
C ALA B 247 -7.05 55.42 34.02
N LEU B 248 -5.88 55.64 33.43
CA LEU B 248 -4.63 55.14 34.00
C LEU B 248 -4.28 55.82 35.31
N ALA B 249 -4.56 57.11 35.38
CA ALA B 249 -4.28 57.91 36.57
C ALA B 249 -5.29 57.60 37.66
N LEU B 250 -6.48 57.17 37.25
CA LEU B 250 -7.54 56.84 38.19
C LEU B 250 -7.33 55.49 38.85
N GLY B 251 -6.43 54.68 38.31
CA GLY B 251 -6.16 53.38 38.90
C GLY B 251 -6.20 52.18 37.97
N ALA B 252 -6.78 52.34 36.79
CA ALA B 252 -6.86 51.24 35.85
C ALA B 252 -5.46 50.73 35.48
N ASP B 253 -5.39 49.46 35.10
CA ASP B 253 -4.12 48.86 34.70
C ASP B 253 -3.87 49.12 33.23
N LEU B 254 -4.89 48.88 32.41
CA LEU B 254 -4.79 49.09 30.98
C LEU B 254 -5.99 49.89 30.47
N VAL B 255 -5.73 50.76 29.51
CA VAL B 255 -6.78 51.56 28.91
C VAL B 255 -6.67 51.36 27.40
N LEU B 256 -7.77 50.97 26.78
CA LEU B 256 -7.76 50.75 25.35
C LEU B 256 -8.80 51.62 24.67
N HIS B 257 -8.49 52.00 23.43
CA HIS B 257 -9.36 52.83 22.63
C HIS B 257 -9.58 52.21 21.26
N SER B 258 -10.33 52.93 20.44
CA SER B 258 -10.61 52.51 19.09
C SER B 258 -10.31 53.74 18.25
N ALA B 259 -9.04 53.93 17.91
CA ALA B 259 -8.60 55.07 17.11
C ALA B 259 -9.54 55.33 15.94
N THR B 260 -10.27 54.29 15.55
CA THR B 260 -11.22 54.38 14.46
C THR B 260 -12.20 55.52 14.68
N LYS B 261 -12.49 55.78 15.95
CA LYS B 261 -13.44 56.80 16.34
C LYS B 261 -12.92 58.22 16.45
N PHE B 262 -12.62 58.64 17.67
CA PHE B 262 -12.16 59.99 17.94
C PHE B 262 -10.71 60.23 17.61
N LEU B 263 -9.84 59.31 18.00
CA LEU B 263 -8.43 59.50 17.73
C LEU B 263 -8.17 59.80 16.26
N GLY B 264 -8.75 59.00 15.37
CA GLY B 264 -8.57 59.25 13.95
C GLY B 264 -9.35 60.51 13.61
N GLY B 265 -10.59 60.55 14.08
CA GLY B 265 -11.45 61.70 13.88
C GLY B 265 -11.89 62.12 12.49
N HIS B 266 -11.57 61.35 11.45
CA HIS B 266 -12.00 61.75 10.12
C HIS B 266 -12.75 60.66 9.39
N ASN B 267 -13.09 59.59 10.10
CA ASN B 267 -13.83 58.48 9.51
C ASN B 267 -13.18 57.96 8.25
N ASP B 268 -11.91 57.61 8.31
CA ASP B 268 -11.21 57.10 7.13
C ASP B 268 -10.12 56.08 7.44
N VAL B 269 -10.15 55.53 8.65
CA VAL B 269 -9.14 54.54 9.02
C VAL B 269 -9.51 53.81 10.31
N LEU B 270 -9.16 52.53 10.37
CA LEU B 270 -9.43 51.69 11.55
C LEU B 270 -8.11 51.39 12.26
N ALA B 271 -8.17 51.30 13.59
CA ALA B 271 -6.98 51.01 14.37
C ALA B 271 -7.32 50.64 15.82
N GLY B 272 -6.44 49.87 16.43
CA GLY B 272 -6.65 49.46 17.81
C GLY B 272 -5.71 50.21 18.72
N CYS B 273 -6.03 50.28 20.00
CA CYS B 273 -5.21 51.01 20.94
C CYS B 273 -5.17 50.34 22.31
N ILE B 274 -3.98 50.18 22.87
CA ILE B 274 -3.83 49.58 24.19
C ILE B 274 -2.65 50.24 24.88
N SER B 275 -2.92 50.90 26.00
CA SER B 275 -1.88 51.59 26.74
C SER B 275 -1.86 51.18 28.20
N GLY B 276 -0.65 50.99 28.73
CA GLY B 276 -0.52 50.60 30.12
C GLY B 276 0.93 50.36 30.50
N PRO B 277 1.18 49.65 31.61
CA PRO B 277 2.55 49.39 32.03
C PRO B 277 3.26 48.47 31.03
N LEU B 278 4.58 48.52 31.01
CA LEU B 278 5.37 47.69 30.09
C LEU B 278 5.18 46.21 30.38
N LYS B 279 5.33 45.85 31.66
CA LYS B 279 5.17 44.47 32.07
C LYS B 279 3.90 43.86 31.51
N LEU B 280 2.84 44.65 31.49
CA LEU B 280 1.55 44.18 30.99
C LEU B 280 1.40 44.27 29.47
N VAL B 281 1.50 45.48 28.93
CA VAL B 281 1.36 45.67 27.50
C VAL B 281 2.33 44.85 26.66
N SER B 282 3.51 44.56 27.20
CA SER B 282 4.48 43.78 26.47
C SER B 282 3.98 42.35 26.29
N GLU B 283 3.29 41.84 27.30
CA GLU B 283 2.74 40.49 27.26
C GLU B 283 1.76 40.35 26.11
N ILE B 284 1.00 41.40 25.87
CA ILE B 284 0.02 41.42 24.79
C ILE B 284 0.77 41.49 23.46
N ARG B 285 1.73 42.42 23.38
CA ARG B 285 2.54 42.61 22.18
C ARG B 285 3.08 41.27 21.68
N ASN B 286 3.46 40.40 22.60
CA ASN B 286 4.01 39.10 22.24
C ASN B 286 3.01 38.24 21.49
N LEU B 287 1.78 38.17 21.99
CA LEU B 287 0.75 37.38 21.34
C LEU B 287 0.39 38.06 20.02
N HIS B 288 0.48 39.38 20.02
CA HIS B 288 0.18 40.18 18.84
C HIS B 288 1.11 39.77 17.69
N HIS B 289 2.40 39.64 18.00
CA HIS B 289 3.41 39.26 17.01
C HIS B 289 3.13 37.92 16.37
N ILE B 290 2.28 37.12 17.00
CA ILE B 290 1.93 35.80 16.46
C ILE B 290 0.61 35.86 15.70
N LEU B 291 -0.41 36.45 16.30
CA LEU B 291 -1.71 36.55 15.65
C LEU B 291 -1.65 37.48 14.45
N GLY B 292 -0.62 38.32 14.43
CA GLY B 292 -0.41 39.23 13.32
C GLY B 292 -1.53 40.17 12.89
N GLY B 293 -1.92 41.08 13.78
CA GLY B 293 -2.95 42.05 13.44
C GLY B 293 -2.30 43.40 13.26
N ALA B 294 -1.12 43.40 12.64
CA ALA B 294 -0.36 44.61 12.43
C ALA B 294 -1.14 45.75 11.77
N LEU B 295 -0.71 46.96 12.07
CA LEU B 295 -1.34 48.17 11.55
C LEU B 295 -0.46 48.74 10.44
N ASN B 296 -1.08 49.06 9.31
CA ASN B 296 -0.35 49.61 8.17
C ASN B 296 0.18 51.01 8.42
N PRO B 297 1.43 51.27 8.03
CA PRO B 297 2.08 52.57 8.20
C PRO B 297 1.26 53.73 7.65
N ASN B 298 0.59 53.50 6.54
CA ASN B 298 -0.23 54.52 5.93
C ASN B 298 -1.36 54.88 6.89
N ALA B 299 -1.87 53.88 7.58
CA ALA B 299 -2.94 54.08 8.55
C ALA B 299 -2.40 54.85 9.75
N ALA B 300 -1.26 54.41 10.26
CA ALA B 300 -0.64 55.05 11.41
C ALA B 300 -0.47 56.54 11.21
N TYR B 301 -0.12 56.95 9.99
CA TYR B 301 0.07 58.36 9.69
C TYR B 301 -1.25 59.12 9.64
N LEU B 302 -2.27 58.48 9.12
CA LEU B 302 -3.58 59.09 9.02
C LEU B 302 -4.09 59.43 10.41
N ILE B 303 -3.64 58.65 11.40
CA ILE B 303 -4.04 58.87 12.78
C ILE B 303 -3.15 59.91 13.43
N ILE B 304 -1.85 59.85 13.12
CA ILE B 304 -0.90 60.81 13.66
C ILE B 304 -1.34 62.21 13.23
N ARG B 305 -1.81 62.29 11.99
CA ARG B 305 -2.26 63.53 11.40
C ARG B 305 -3.58 63.97 12.04
N GLY B 306 -4.51 63.03 12.16
CA GLY B 306 -5.80 63.32 12.76
C GLY B 306 -5.73 63.76 14.21
N MET B 307 -4.68 63.34 14.90
CA MET B 307 -4.52 63.68 16.30
C MET B 307 -3.95 65.09 16.48
N LYS B 308 -3.40 65.66 15.43
CA LYS B 308 -2.83 67.00 15.52
C LYS B 308 -3.93 68.01 15.87
N THR B 309 -5.18 67.60 15.71
CA THR B 309 -6.31 68.48 16.02
C THR B 309 -7.30 67.78 16.95
N LEU B 310 -6.81 66.84 17.76
CA LEU B 310 -7.67 66.12 18.67
C LEU B 310 -8.32 67.07 19.66
N HIS B 311 -7.52 67.77 20.44
CA HIS B 311 -8.05 68.70 21.43
C HIS B 311 -9.06 69.65 20.82
N LEU B 312 -8.73 70.23 19.67
CA LEU B 312 -9.63 71.15 19.00
C LEU B 312 -10.97 70.50 18.68
N ARG B 313 -10.90 69.30 18.11
CA ARG B 313 -12.10 68.56 17.75
C ARG B 313 -12.91 68.16 18.98
N VAL B 314 -12.25 67.51 19.92
CA VAL B 314 -12.91 67.07 21.14
C VAL B 314 -13.58 68.25 21.84
N GLN B 315 -12.86 69.36 21.93
CA GLN B 315 -13.38 70.56 22.57
C GLN B 315 -14.73 70.93 21.99
N GLN B 316 -14.79 71.03 20.66
CA GLN B 316 -16.01 71.39 19.95
C GLN B 316 -17.14 70.40 20.13
N GLN B 317 -16.84 69.12 19.95
CA GLN B 317 -17.86 68.08 20.09
C GLN B 317 -18.42 68.05 21.51
N ASN B 318 -17.54 68.26 22.50
CA ASN B 318 -17.92 68.26 23.91
C ASN B 318 -19.00 69.29 24.21
N SER B 319 -18.90 70.45 23.58
CA SER B 319 -19.87 71.54 23.76
C SER B 319 -21.16 71.18 23.04
N THR B 320 -21.10 71.11 21.72
CA THR B 320 -22.27 70.78 20.91
C THR B 320 -23.10 69.68 21.57
N ALA B 321 -22.42 68.60 21.94
CA ALA B 321 -23.08 67.46 22.56
C ALA B 321 -23.82 67.88 23.82
N LEU B 322 -23.11 68.52 24.74
CA LEU B 322 -23.71 68.96 26.00
C LEU B 322 -24.93 69.85 25.76
N ARG B 323 -24.71 70.97 25.07
CA ARG B 323 -25.77 71.92 24.75
C ARG B 323 -26.97 71.24 24.09
N MET B 324 -26.70 70.48 23.03
CA MET B 324 -27.76 69.78 22.32
C MET B 324 -28.48 68.77 23.20
N ALA B 325 -27.78 68.26 24.20
CA ALA B 325 -28.35 67.28 25.11
C ALA B 325 -29.50 67.93 25.90
N GLU B 326 -29.20 69.07 26.52
CA GLU B 326 -30.19 69.80 27.29
C GLU B 326 -31.38 70.16 26.42
N ILE B 327 -31.12 70.82 25.31
CA ILE B 327 -32.19 71.21 24.39
C ILE B 327 -33.08 70.01 24.11
N LEU B 328 -32.45 68.88 23.81
CA LEU B 328 -33.18 67.66 23.52
C LEU B 328 -34.00 67.20 24.72
N GLU B 329 -33.41 67.24 25.90
CA GLU B 329 -34.10 66.82 27.11
C GLU B 329 -35.38 67.64 27.33
N ALA B 330 -35.27 68.96 27.18
CA ALA B 330 -36.40 69.86 27.36
C ALA B 330 -37.45 69.74 26.26
N HIS B 331 -37.09 69.17 25.13
CA HIS B 331 -38.03 69.01 24.02
C HIS B 331 -39.18 68.07 24.40
N PRO B 332 -40.42 68.44 23.99
CA PRO B 332 -41.61 67.64 24.27
C PRO B 332 -41.68 66.31 23.52
N LYS B 333 -41.03 66.26 22.35
CA LYS B 333 -41.03 65.06 21.54
C LYS B 333 -39.94 64.06 21.94
N VAL B 334 -39.08 64.45 22.87
CA VAL B 334 -38.02 63.57 23.33
C VAL B 334 -38.37 63.00 24.70
N ARG B 335 -38.61 61.69 24.75
CA ARG B 335 -38.96 61.01 25.98
C ARG B 335 -37.82 60.96 26.99
N HIS B 336 -36.63 60.56 26.54
CA HIS B 336 -35.48 60.46 27.41
C HIS B 336 -34.18 60.81 26.69
N VAL B 337 -33.19 61.29 27.44
CA VAL B 337 -31.90 61.66 26.87
C VAL B 337 -30.76 61.14 27.77
N TYR B 338 -29.83 60.43 27.15
CA TYR B 338 -28.69 59.87 27.85
C TYR B 338 -27.41 60.66 27.59
N TYR B 339 -26.80 61.17 28.65
CA TYR B 339 -25.56 61.95 28.54
C TYR B 339 -24.99 62.23 29.93
N PRO B 340 -23.74 61.81 30.18
CA PRO B 340 -23.10 62.02 31.48
C PRO B 340 -23.09 63.48 31.92
N GLY B 341 -23.15 64.39 30.95
CA GLY B 341 -23.14 65.81 31.26
C GLY B 341 -24.42 66.29 31.91
N LEU B 342 -25.52 65.61 31.62
CA LEU B 342 -26.81 65.98 32.19
C LEU B 342 -26.91 65.55 33.64
N GLN B 343 -27.77 66.22 34.40
CA GLN B 343 -27.96 65.91 35.81
C GLN B 343 -28.84 64.69 35.98
N SER B 344 -29.62 64.39 34.94
CA SER B 344 -30.53 63.26 34.95
C SER B 344 -29.84 61.93 34.70
N HIS B 345 -28.53 61.95 34.47
CA HIS B 345 -27.79 60.73 34.22
C HIS B 345 -27.44 60.02 35.54
N PRO B 346 -27.72 58.70 35.61
CA PRO B 346 -27.46 57.85 36.79
C PRO B 346 -26.12 58.07 37.49
N GLU B 347 -25.04 58.14 36.71
CA GLU B 347 -23.72 58.33 37.29
C GLU B 347 -23.14 59.71 37.01
N HIS B 348 -24.02 60.70 36.89
CA HIS B 348 -23.58 62.07 36.62
C HIS B 348 -22.56 62.52 37.66
N HIS B 349 -22.74 62.09 38.91
CA HIS B 349 -21.81 62.47 39.96
C HIS B 349 -20.44 61.88 39.74
N ILE B 350 -20.40 60.67 39.19
CA ILE B 350 -19.14 60.00 38.92
C ILE B 350 -18.46 60.64 37.73
N ALA B 351 -19.23 60.83 36.66
CA ALA B 351 -18.72 61.46 35.45
C ALA B 351 -18.12 62.80 35.82
N LYS B 352 -18.88 63.56 36.60
CA LYS B 352 -18.47 64.88 37.06
C LYS B 352 -17.21 64.85 37.92
N LYS B 353 -16.90 63.69 38.49
CA LYS B 353 -15.74 63.54 39.36
C LYS B 353 -14.49 62.99 38.68
N GLN B 354 -14.66 62.21 37.61
CA GLN B 354 -13.51 61.63 36.92
C GLN B 354 -13.34 62.07 35.48
N MET B 355 -14.20 62.98 35.01
CA MET B 355 -14.12 63.47 33.64
C MET B 355 -14.06 64.99 33.62
N THR B 356 -13.51 65.52 32.53
CA THR B 356 -13.40 66.96 32.33
C THR B 356 -14.32 67.35 31.18
N GLY B 357 -14.76 66.32 30.45
CA GLY B 357 -15.66 66.51 29.32
C GLY B 357 -16.63 65.34 29.35
N PHE B 358 -17.61 65.31 28.47
CA PHE B 358 -18.57 64.22 28.48
C PHE B 358 -18.78 63.57 27.12
N GLY B 359 -17.79 63.72 26.23
CA GLY B 359 -17.87 63.14 24.90
C GLY B 359 -18.77 63.90 23.95
N GLY B 360 -18.78 63.46 22.70
CA GLY B 360 -19.61 64.10 21.69
C GLY B 360 -20.76 63.22 21.28
N ALA B 361 -20.89 62.08 21.95
CA ALA B 361 -21.96 61.15 21.64
C ALA B 361 -23.13 61.40 22.58
N VAL B 362 -24.33 61.43 22.02
CA VAL B 362 -25.55 61.64 22.79
C VAL B 362 -26.61 60.66 22.34
N SER B 363 -27.24 59.99 23.31
CA SER B 363 -28.29 59.02 23.02
C SER B 363 -29.61 59.52 23.61
N PHE B 364 -30.69 59.35 22.86
CA PHE B 364 -32.00 59.78 23.34
C PHE B 364 -33.12 58.99 22.69
N GLU B 365 -34.24 58.88 23.40
CA GLU B 365 -35.40 58.15 22.89
C GLU B 365 -36.49 59.11 22.41
N VAL B 366 -36.94 58.92 21.18
CA VAL B 366 -37.99 59.76 20.60
C VAL B 366 -39.35 59.29 21.08
N ASP B 367 -40.31 60.21 21.18
CA ASP B 367 -41.65 59.88 21.62
C ASP B 367 -42.48 59.24 20.50
N GLY B 368 -42.12 58.02 20.13
CA GLY B 368 -42.84 57.32 19.07
C GLY B 368 -42.54 55.83 19.03
N ASP B 369 -42.46 55.28 17.82
CA ASP B 369 -42.18 53.86 17.63
C ASP B 369 -41.09 53.65 16.59
N LEU B 370 -40.80 52.39 16.30
CA LEU B 370 -39.79 52.04 15.31
C LEU B 370 -39.97 52.87 14.04
N LEU B 371 -41.19 52.87 13.52
CA LEU B 371 -41.50 53.61 12.29
C LEU B 371 -41.42 55.13 12.43
N THR B 372 -41.90 55.65 13.55
CA THR B 372 -41.88 57.09 13.78
C THR B 372 -40.43 57.57 13.95
N THR B 373 -39.74 56.98 14.92
CA THR B 373 -38.34 57.34 15.19
C THR B 373 -37.52 57.35 13.91
N ALA B 374 -37.79 56.40 13.03
CA ALA B 374 -37.08 56.30 11.77
C ALA B 374 -37.39 57.53 10.93
N LYS B 375 -38.66 57.92 10.93
CA LYS B 375 -39.10 59.09 10.19
C LYS B 375 -38.31 60.33 10.62
N PHE B 376 -37.92 60.37 11.89
CA PHE B 376 -37.15 61.48 12.42
C PHE B 376 -35.74 61.51 11.84
N VAL B 377 -35.05 60.38 11.93
CA VAL B 377 -33.68 60.29 11.43
C VAL B 377 -33.63 60.48 9.92
N ASP B 378 -34.69 60.05 9.24
CA ASP B 378 -34.76 60.18 7.80
C ASP B 378 -34.93 61.63 7.39
N ALA B 379 -35.37 62.45 8.35
CA ALA B 379 -35.60 63.87 8.10
C ALA B 379 -34.32 64.68 8.24
N LEU B 380 -33.36 64.15 8.98
CA LEU B 380 -32.09 64.85 9.17
C LEU B 380 -31.41 65.03 7.83
N LYS B 381 -30.62 66.10 7.72
CA LYS B 381 -29.94 66.42 6.48
C LYS B 381 -28.42 66.51 6.62
N ILE B 382 -27.94 66.87 7.80
CA ILE B 382 -26.51 67.01 8.02
C ILE B 382 -25.79 65.71 8.33
N PRO B 383 -26.26 64.96 9.34
CA PRO B 383 -25.61 63.70 9.69
C PRO B 383 -25.85 62.54 8.72
N TYR B 384 -24.90 61.62 8.68
CA TYR B 384 -24.99 60.44 7.82
C TYR B 384 -25.62 59.30 8.62
N ILE B 385 -26.48 58.52 7.98
CA ILE B 385 -27.11 57.38 8.65
C ILE B 385 -26.12 56.22 8.50
N ALA B 386 -25.29 56.01 9.52
CA ALA B 386 -24.31 54.95 9.47
C ALA B 386 -23.78 54.63 10.85
N PRO B 387 -22.93 53.59 10.96
CA PRO B 387 -22.39 53.24 12.26
C PRO B 387 -21.18 54.10 12.58
N SER B 388 -20.46 53.73 13.62
CA SER B 388 -19.28 54.48 14.04
C SER B 388 -19.67 55.85 14.57
N PHE B 389 -18.68 56.60 15.05
CA PHE B 389 -18.89 57.93 15.59
C PHE B 389 -17.53 58.52 15.97
N GLY B 390 -17.48 59.83 16.19
CA GLY B 390 -16.23 60.47 16.56
C GLY B 390 -15.58 61.31 15.48
N GLY B 391 -16.07 61.19 14.25
CA GLY B 391 -15.49 61.93 13.15
C GLY B 391 -16.03 63.35 13.01
N CYS B 392 -15.40 64.12 12.15
CA CYS B 392 -15.82 65.50 11.90
C CYS B 392 -17.25 65.54 11.36
N GLU B 393 -17.62 64.54 10.58
CA GLU B 393 -18.95 64.46 10.02
C GLU B 393 -19.90 63.89 11.07
N SER B 394 -21.10 64.43 11.14
CA SER B 394 -22.08 63.95 12.11
C SER B 394 -22.70 62.65 11.65
N ILE B 395 -23.09 61.79 12.60
CA ILE B 395 -23.70 60.50 12.27
C ILE B 395 -24.83 60.14 13.23
N VAL B 396 -25.86 59.50 12.68
CA VAL B 396 -27.03 59.06 13.46
C VAL B 396 -27.36 57.63 13.07
N ASP B 397 -28.07 56.95 13.96
CA ASP B 397 -28.46 55.59 13.70
C ASP B 397 -29.39 55.11 14.79
N GLN B 398 -30.10 54.02 14.50
CA GLN B 398 -31.02 53.43 15.46
C GLN B 398 -30.44 52.08 15.86
N PRO B 399 -29.71 52.04 16.98
CA PRO B 399 -29.10 50.80 17.47
C PRO B 399 -29.99 49.58 17.25
N ALA B 400 -31.29 49.78 17.46
CA ALA B 400 -32.26 48.72 17.29
C ALA B 400 -32.10 48.08 15.92
N ILE B 401 -32.11 48.91 14.90
CA ILE B 401 -31.97 48.44 13.52
C ILE B 401 -30.53 48.22 13.14
N MET B 402 -29.69 49.18 13.49
CA MET B 402 -28.28 49.16 13.17
C MET B 402 -27.46 47.98 13.68
N SER B 403 -27.66 47.59 14.93
CA SER B 403 -26.89 46.48 15.49
C SER B 403 -27.65 45.40 16.24
N TYR B 404 -28.98 45.40 16.19
CA TYR B 404 -29.76 44.40 16.90
C TYR B 404 -30.97 43.92 16.12
N TRP B 405 -30.95 44.12 14.81
CA TRP B 405 -32.07 43.71 13.98
C TRP B 405 -32.19 42.18 13.88
N ASP B 406 -31.09 41.48 14.14
CA ASP B 406 -31.09 40.03 14.08
C ASP B 406 -31.85 39.40 15.24
N LEU B 407 -32.08 40.18 16.30
CA LEU B 407 -32.80 39.71 17.48
C LEU B 407 -34.29 40.05 17.43
N SER B 408 -35.08 39.32 18.21
CA SER B 408 -36.51 39.55 18.28
C SER B 408 -36.78 40.76 19.17
N GLN B 409 -37.85 41.49 18.86
CA GLN B 409 -38.21 42.66 19.64
C GLN B 409 -38.07 42.37 21.13
N SER B 410 -38.52 41.19 21.53
CA SER B 410 -38.46 40.76 22.93
C SER B 410 -37.03 40.56 23.38
N ASP B 411 -36.22 39.94 22.52
CA ASP B 411 -34.82 39.69 22.85
C ASP B 411 -34.03 41.00 22.89
N ARG B 412 -34.48 41.96 22.10
CA ARG B 412 -33.83 43.26 22.05
C ARG B 412 -34.07 44.00 23.35
N ALA B 413 -35.34 44.13 23.71
CA ALA B 413 -35.72 44.83 24.94
C ALA B 413 -35.13 44.13 26.14
N LYS B 414 -34.73 42.88 25.94
CA LYS B 414 -34.13 42.06 26.99
C LYS B 414 -32.86 42.75 27.48
N TYR B 415 -32.36 43.71 26.70
CA TYR B 415 -31.15 44.42 27.07
C TYR B 415 -31.14 45.92 26.81
N GLY B 416 -32.26 46.57 27.09
CA GLY B 416 -32.36 48.01 26.93
C GLY B 416 -32.62 48.61 25.57
N ILE B 417 -32.16 47.95 24.51
CA ILE B 417 -32.34 48.51 23.17
C ILE B 417 -33.82 48.61 22.77
N MET B 418 -34.29 49.85 22.61
CA MET B 418 -35.67 50.12 22.22
C MET B 418 -35.73 50.69 20.81
N ASP B 419 -36.80 50.36 20.08
CA ASP B 419 -36.97 50.88 18.72
C ASP B 419 -37.03 52.41 18.78
N ASN B 420 -37.05 52.92 20.00
CA ASN B 420 -37.11 54.36 20.26
C ASN B 420 -35.73 54.98 20.24
N LEU B 421 -34.78 54.28 20.85
CA LEU B 421 -33.40 54.74 20.98
C LEU B 421 -32.72 55.24 19.72
N VAL B 422 -32.09 56.41 19.85
CA VAL B 422 -31.36 57.03 18.75
C VAL B 422 -30.01 57.51 19.24
N ARG B 423 -28.95 57.07 18.59
CA ARG B 423 -27.60 57.46 18.98
C ARG B 423 -27.07 58.53 18.04
N PHE B 424 -26.89 59.73 18.56
CA PHE B 424 -26.40 60.83 17.75
C PHE B 424 -24.94 61.12 18.03
N SER B 425 -24.13 61.03 16.99
CA SER B 425 -22.70 61.31 17.11
C SER B 425 -22.50 62.69 16.51
N PHE B 426 -22.34 63.69 17.37
CA PHE B 426 -22.17 65.05 16.91
C PHE B 426 -20.84 65.32 16.25
N GLY B 427 -20.90 65.72 15.00
CA GLY B 427 -19.69 66.02 14.26
C GLY B 427 -18.96 67.24 14.81
N VAL B 428 -18.45 68.05 13.90
CA VAL B 428 -17.71 69.23 14.28
C VAL B 428 -18.30 70.45 13.58
N GLU B 429 -19.40 70.22 12.86
CA GLU B 429 -20.10 71.28 12.14
C GLU B 429 -20.57 72.34 13.13
N ASP B 430 -20.91 73.52 12.61
CA ASP B 430 -21.38 74.61 13.45
C ASP B 430 -22.63 74.22 14.23
N PHE B 431 -22.61 74.52 15.52
CA PHE B 431 -23.73 74.20 16.42
C PHE B 431 -25.08 74.63 15.85
N ASP B 432 -25.19 75.90 15.48
CA ASP B 432 -26.44 76.41 14.94
C ASP B 432 -26.97 75.54 13.80
N ASP B 433 -26.10 75.25 12.83
CA ASP B 433 -26.48 74.43 11.69
C ASP B 433 -27.02 73.08 12.15
N LEU B 434 -26.36 72.49 13.14
CA LEU B 434 -26.77 71.20 13.67
C LEU B 434 -28.08 71.32 14.42
N LYS B 435 -28.12 72.24 15.39
CA LYS B 435 -29.31 72.47 16.18
C LYS B 435 -30.54 72.63 15.28
N ALA B 436 -30.47 73.58 14.36
CA ALA B 436 -31.57 73.84 13.44
C ALA B 436 -32.02 72.56 12.74
N ASP B 437 -31.04 71.76 12.34
CA ASP B 437 -31.33 70.52 11.64
C ASP B 437 -32.14 69.58 12.53
N ILE B 438 -31.61 69.28 13.71
CA ILE B 438 -32.29 68.40 14.65
C ILE B 438 -33.70 68.89 14.96
N LEU B 439 -33.81 70.15 15.37
CA LEU B 439 -35.12 70.72 15.69
C LEU B 439 -36.09 70.61 14.53
N GLN B 440 -35.64 70.95 13.34
CA GLN B 440 -36.47 70.90 12.14
C GLN B 440 -37.04 69.49 11.89
N ALA B 441 -36.19 68.48 11.93
CA ALA B 441 -36.62 67.10 11.71
C ALA B 441 -37.53 66.61 12.83
N LEU B 442 -37.51 67.33 13.94
CA LEU B 442 -38.32 66.98 15.11
C LEU B 442 -39.73 67.56 15.01
N ASP B 443 -39.98 68.36 13.97
CA ASP B 443 -41.29 68.97 13.78
C ASP B 443 -42.05 68.18 12.71
N SER B 444 -41.65 66.94 12.52
CA SER B 444 -42.28 66.06 11.54
C SER B 444 -42.65 64.76 12.24
N ILE B 445 -42.77 64.83 13.56
CA ILE B 445 -43.13 63.65 14.34
C ILE B 445 -44.51 63.83 14.96
N TYR C 50 -24.13 76.28 -1.42
CA TYR C 50 -24.09 74.80 -1.58
C TYR C 50 -25.38 74.18 -1.06
N ALA C 51 -25.44 74.07 0.27
CA ALA C 51 -26.60 73.50 0.93
C ALA C 51 -27.35 74.58 1.70
N SER C 52 -28.64 74.36 1.89
CA SER C 52 -29.49 75.30 2.61
C SER C 52 -29.42 75.05 4.12
N PHE C 53 -29.27 73.78 4.50
CA PHE C 53 -29.18 73.41 5.89
C PHE C 53 -27.79 73.73 6.41
N LEU C 54 -26.92 74.20 5.52
CA LEU C 54 -25.56 74.56 5.88
C LEU C 54 -25.40 76.06 5.68
N ASN C 55 -25.50 76.81 6.78
CA ASN C 55 -25.39 78.26 6.72
C ASN C 55 -24.09 78.82 7.31
N SER C 56 -23.21 77.92 7.75
CA SER C 56 -21.94 78.35 8.33
C SER C 56 -20.78 77.82 7.50
N ASP C 57 -19.70 78.58 7.47
CA ASP C 57 -18.51 78.20 6.71
C ASP C 57 -17.91 76.90 7.23
N GLY C 58 -17.92 76.74 8.55
CA GLY C 58 -17.38 75.53 9.15
C GLY C 58 -18.10 74.31 8.63
N SER C 59 -19.42 74.38 8.60
CA SER C 59 -20.24 73.28 8.11
C SER C 59 -19.95 73.06 6.64
N VAL C 60 -19.72 74.15 5.92
CA VAL C 60 -19.44 74.09 4.50
C VAL C 60 -18.09 73.41 4.25
N ALA C 61 -17.04 73.93 4.87
CA ALA C 61 -15.70 73.40 4.72
C ALA C 61 -15.65 71.89 4.95
N ILE C 62 -16.68 71.36 5.59
CA ILE C 62 -16.76 69.94 5.89
C ILE C 62 -17.53 69.13 4.86
N HIS C 63 -18.72 69.57 4.52
CA HIS C 63 -19.55 68.85 3.58
C HIS C 63 -19.63 69.41 2.18
N ALA C 64 -19.16 70.63 1.97
CA ALA C 64 -19.22 71.22 0.64
C ALA C 64 -18.53 70.30 -0.36
N GLY C 65 -19.28 69.86 -1.37
CA GLY C 65 -18.73 68.98 -2.39
C GLY C 65 -18.69 67.50 -2.02
N GLU C 66 -19.45 67.10 -1.02
CA GLU C 66 -19.46 65.70 -0.60
C GLU C 66 -20.82 65.22 -0.10
N ARG C 67 -21.38 65.93 0.88
CA ARG C 67 -22.66 65.57 1.46
C ARG C 67 -23.80 65.35 0.48
N LEU C 68 -23.88 66.18 -0.55
CA LEU C 68 -24.94 66.06 -1.54
C LEU C 68 -24.65 65.10 -2.68
N GLY C 69 -23.38 64.98 -3.06
CA GLY C 69 -23.00 64.09 -4.14
C GLY C 69 -21.51 64.18 -4.42
N ARG C 70 -21.00 63.36 -5.33
CA ARG C 70 -19.58 63.40 -5.62
C ARG C 70 -19.21 63.17 -7.09
N GLY C 71 -20.15 62.69 -7.88
CA GLY C 71 -19.84 62.44 -9.28
C GLY C 71 -19.22 61.06 -9.37
N ILE C 72 -18.63 60.64 -8.27
CA ILE C 72 -18.02 59.32 -8.17
C ILE C 72 -18.77 58.66 -7.01
N VAL C 73 -19.89 58.04 -7.37
CA VAL C 73 -20.78 57.36 -6.43
C VAL C 73 -20.16 56.36 -5.46
N THR C 74 -20.62 56.41 -4.21
CA THR C 74 -20.17 55.52 -3.15
C THR C 74 -21.05 55.66 -1.92
N ASP C 75 -21.14 54.59 -1.15
CA ASP C 75 -21.92 54.63 0.08
C ASP C 75 -20.92 54.89 1.20
N ALA C 76 -19.79 55.48 0.82
CA ALA C 76 -18.72 55.81 1.76
C ALA C 76 -18.88 57.24 2.23
N ILE C 77 -18.47 57.51 3.46
CA ILE C 77 -18.59 58.84 4.04
C ILE C 77 -17.56 59.80 3.47
N THR C 78 -16.38 59.26 3.14
CA THR C 78 -15.29 60.06 2.61
C THR C 78 -15.10 59.91 1.09
N THR C 79 -14.33 60.82 0.53
CA THR C 79 -14.05 60.83 -0.89
C THR C 79 -12.96 59.82 -1.25
N PRO C 80 -13.22 58.99 -2.26
CA PRO C 80 -12.25 57.99 -2.71
C PRO C 80 -11.13 58.59 -3.55
N VAL C 81 -9.91 58.16 -3.26
CA VAL C 81 -8.74 58.64 -3.99
C VAL C 81 -8.60 57.85 -5.27
N VAL C 82 -8.66 58.54 -6.41
CA VAL C 82 -8.54 57.88 -7.69
C VAL C 82 -7.16 58.05 -8.30
N ASN C 83 -6.36 57.00 -8.21
CA ASN C 83 -4.99 57.02 -8.75
C ASN C 83 -5.02 56.48 -10.18
N THR C 84 -5.31 57.34 -11.14
CA THR C 84 -5.37 56.93 -12.53
C THR C 84 -4.70 58.00 -13.37
N SER C 85 -4.16 57.60 -14.51
CA SER C 85 -3.51 58.54 -15.40
C SER C 85 -4.44 58.89 -16.55
N ALA C 86 -5.40 58.02 -16.81
CA ALA C 86 -6.34 58.25 -17.90
C ALA C 86 -7.71 57.68 -17.56
N TYR C 87 -8.68 57.97 -18.44
CA TYR C 87 -10.04 57.49 -18.26
C TYR C 87 -10.50 56.86 -19.56
N PHE C 88 -11.13 55.69 -19.45
CA PHE C 88 -11.58 54.96 -20.62
C PHE C 88 -13.02 55.24 -21.04
N PHE C 89 -13.36 54.77 -22.24
CA PHE C 89 -14.69 54.92 -22.81
C PHE C 89 -15.16 53.53 -23.24
N ASN C 90 -16.46 53.27 -23.09
CA ASN C 90 -17.03 51.98 -23.44
C ASN C 90 -17.02 51.68 -24.93
N LYS C 91 -17.25 52.70 -25.75
CA LYS C 91 -17.26 52.51 -27.20
C LYS C 91 -17.01 53.81 -27.95
N THR C 92 -16.35 53.69 -29.10
CA THR C 92 -16.02 54.85 -29.93
C THR C 92 -17.17 55.84 -30.00
N SER C 93 -18.39 55.31 -30.04
CA SER C 93 -19.57 56.16 -30.11
C SER C 93 -19.56 57.17 -28.99
N GLU C 94 -19.45 56.67 -27.75
CA GLU C 94 -19.44 57.52 -26.57
C GLU C 94 -18.28 58.51 -26.59
N LEU C 95 -17.11 58.03 -27.00
CA LEU C 95 -15.92 58.87 -27.07
C LEU C 95 -16.22 60.09 -27.90
N ILE C 96 -16.94 59.88 -29.01
CA ILE C 96 -17.31 60.97 -29.91
C ILE C 96 -18.25 61.91 -29.17
N ASP C 97 -19.23 61.33 -28.48
CA ASP C 97 -20.19 62.11 -27.72
C ASP C 97 -19.47 63.08 -26.79
N PHE C 98 -18.49 62.57 -26.05
CA PHE C 98 -17.72 63.39 -25.13
C PHE C 98 -17.03 64.51 -25.90
N LYS C 99 -16.40 64.15 -27.02
CA LYS C 99 -15.69 65.13 -27.84
C LYS C 99 -16.63 66.18 -28.41
N GLU C 100 -17.91 65.82 -28.54
CA GLU C 100 -18.91 66.73 -29.09
C GLU C 100 -19.72 67.37 -27.96
N LYS C 101 -19.13 67.40 -26.77
CA LYS C 101 -19.74 68.00 -25.59
C LYS C 101 -21.13 67.47 -25.24
N ARG C 102 -21.37 66.18 -25.47
CA ARG C 102 -22.66 65.59 -25.14
C ARG C 102 -22.53 64.70 -23.90
N ARG C 103 -21.30 64.35 -23.55
CA ARG C 103 -21.02 63.51 -22.40
C ARG C 103 -19.88 64.12 -21.60
N ALA C 104 -19.75 63.73 -20.34
CA ALA C 104 -18.70 64.27 -19.49
C ALA C 104 -17.59 63.24 -19.24
N SER C 105 -16.37 63.74 -19.11
CA SER C 105 -15.21 62.91 -18.85
C SER C 105 -13.95 63.77 -18.77
N PHE C 106 -12.99 63.33 -17.96
CA PHE C 106 -11.75 64.07 -17.83
C PHE C 106 -10.80 63.66 -18.94
N GLU C 107 -11.04 62.48 -19.51
CA GLU C 107 -10.23 61.93 -20.61
C GLU C 107 -8.83 61.55 -20.16
N TYR C 108 -8.05 62.55 -19.79
CA TYR C 108 -6.68 62.36 -19.34
C TYR C 108 -6.50 62.95 -17.95
N GLY C 109 -5.56 62.39 -17.19
CA GLY C 109 -5.32 62.85 -15.83
C GLY C 109 -4.87 64.30 -15.71
N ARG C 110 -4.30 64.85 -16.78
CA ARG C 110 -3.82 66.23 -16.77
C ARG C 110 -5.00 67.20 -16.88
N TYR C 111 -6.15 66.68 -17.28
CA TYR C 111 -7.31 67.51 -17.47
C TYR C 111 -8.32 67.44 -16.33
N GLY C 112 -8.00 66.67 -15.29
CA GLY C 112 -8.91 66.56 -14.18
C GLY C 112 -8.84 65.25 -13.43
N ASN C 113 -9.69 65.13 -12.42
CA ASN C 113 -9.74 63.93 -11.60
C ASN C 113 -10.91 64.02 -10.63
N PRO C 114 -11.65 62.91 -10.44
CA PRO C 114 -12.79 62.88 -9.53
C PRO C 114 -12.47 63.36 -8.11
N THR C 115 -11.42 62.81 -7.52
CA THR C 115 -11.05 63.18 -6.17
C THR C 115 -10.48 64.59 -6.05
N THR C 116 -10.23 65.25 -7.18
CA THR C 116 -9.69 66.61 -7.15
C THR C 116 -10.80 67.65 -7.31
N VAL C 117 -11.80 67.34 -8.12
CA VAL C 117 -12.90 68.28 -8.32
C VAL C 117 -13.66 68.49 -7.02
N VAL C 118 -13.65 67.47 -6.17
CA VAL C 118 -14.34 67.58 -4.89
C VAL C 118 -13.76 68.77 -4.14
N LEU C 119 -12.45 68.82 -4.05
CA LEU C 119 -11.77 69.91 -3.37
C LEU C 119 -12.04 71.21 -4.10
N GLU C 120 -12.12 71.14 -5.43
CA GLU C 120 -12.37 72.30 -6.26
C GLU C 120 -13.71 72.93 -5.92
N GLU C 121 -14.74 72.08 -5.81
CA GLU C 121 -16.08 72.56 -5.48
C GLU C 121 -16.14 72.98 -4.02
N LYS C 122 -15.40 72.27 -3.19
CA LYS C 122 -15.35 72.57 -1.76
C LYS C 122 -14.92 74.01 -1.56
N ILE C 123 -13.74 74.32 -2.09
CA ILE C 123 -13.17 75.67 -1.96
C ILE C 123 -14.03 76.71 -2.67
N SER C 124 -14.71 76.29 -3.74
CA SER C 124 -15.57 77.19 -4.50
C SER C 124 -16.74 77.65 -3.64
N ALA C 125 -17.22 76.75 -2.79
CA ALA C 125 -18.34 77.06 -1.92
C ALA C 125 -17.92 78.03 -0.83
N LEU C 126 -16.74 77.83 -0.26
CA LEU C 126 -16.26 78.72 0.79
C LEU C 126 -16.11 80.14 0.29
N GLU C 127 -15.38 80.31 -0.80
CA GLU C 127 -15.16 81.63 -1.38
C GLU C 127 -16.43 82.13 -2.06
N GLY C 128 -17.40 81.24 -2.23
CA GLY C 128 -18.63 81.63 -2.90
C GLY C 128 -18.30 81.98 -4.33
N ALA C 129 -17.36 81.23 -4.91
CA ALA C 129 -16.92 81.44 -6.27
C ALA C 129 -17.76 80.62 -7.25
N GLU C 130 -17.55 80.87 -8.55
CA GLU C 130 -18.27 80.16 -9.59
C GLU C 130 -17.51 78.88 -9.93
N SER C 131 -16.19 78.94 -9.79
CA SER C 131 -15.34 77.81 -10.08
C SER C 131 -13.97 77.98 -9.45
N THR C 132 -13.32 76.86 -9.16
CA THR C 132 -12.00 76.89 -8.56
C THR C 132 -11.06 75.92 -9.29
N LEU C 133 -9.80 76.32 -9.42
CA LEU C 133 -8.80 75.51 -10.09
C LEU C 133 -7.71 75.18 -9.09
N LEU C 134 -7.23 73.94 -9.12
CA LEU C 134 -6.19 73.52 -8.20
C LEU C 134 -4.92 73.15 -8.94
N MET C 135 -3.79 73.59 -8.41
CA MET C 135 -2.50 73.31 -9.02
C MET C 135 -1.52 72.64 -8.08
N ALA C 136 -0.32 72.38 -8.58
CA ALA C 136 0.71 71.72 -7.81
C ALA C 136 1.21 72.57 -6.65
N SER C 137 1.11 73.88 -6.79
CA SER C 137 1.55 74.78 -5.73
C SER C 137 1.07 76.21 -5.91
N GLY C 138 1.15 76.99 -4.84
CA GLY C 138 0.72 78.37 -4.91
C GLY C 138 1.40 79.10 -6.06
N MET C 139 2.74 78.99 -6.10
CA MET C 139 3.54 79.62 -7.14
C MET C 139 3.03 79.27 -8.53
N CYS C 140 2.61 78.02 -8.71
CA CYS C 140 2.09 77.59 -10.00
C CYS C 140 0.82 78.38 -10.29
N ALA C 141 0.00 78.55 -9.26
CA ALA C 141 -1.24 79.28 -9.39
C ALA C 141 -0.99 80.69 -9.93
N SER C 142 -0.27 81.49 -9.16
CA SER C 142 0.06 82.85 -9.56
C SER C 142 0.67 82.86 -10.95
N THR C 143 1.77 82.12 -11.09
CA THR C 143 2.49 82.00 -12.34
C THR C 143 1.58 81.80 -13.55
N VAL C 144 0.86 80.68 -13.57
CA VAL C 144 -0.04 80.37 -14.68
C VAL C 144 -1.07 81.45 -14.88
N MET C 145 -1.68 81.91 -13.79
CA MET C 145 -2.70 82.93 -13.85
C MET C 145 -2.21 84.19 -14.57
N LEU C 146 -0.98 84.59 -14.26
CA LEU C 146 -0.39 85.76 -14.87
C LEU C 146 -0.10 85.55 -16.35
N LEU C 147 0.50 84.42 -16.68
CA LEU C 147 0.83 84.11 -18.06
C LEU C 147 -0.41 83.96 -18.91
N ALA C 148 -1.51 83.63 -18.26
CA ALA C 148 -2.77 83.41 -18.96
C ALA C 148 -3.65 84.65 -19.14
N LEU C 149 -3.68 85.50 -18.11
CA LEU C 149 -4.52 86.70 -18.17
C LEU C 149 -3.86 87.96 -18.72
N VAL C 150 -2.58 88.15 -18.42
CA VAL C 150 -1.87 89.32 -18.89
C VAL C 150 -1.30 89.08 -20.29
N PRO C 151 -1.72 89.90 -21.27
CA PRO C 151 -1.23 89.76 -22.65
C PRO C 151 0.17 90.33 -22.82
N ALA C 152 0.83 89.97 -23.92
CA ALA C 152 2.17 90.45 -24.22
C ALA C 152 2.17 91.97 -24.41
N GLY C 153 3.16 92.63 -23.82
CA GLY C 153 3.27 94.08 -23.93
C GLY C 153 2.35 94.78 -22.95
N GLY C 154 1.49 93.99 -22.30
CA GLY C 154 0.55 94.57 -21.34
C GLY C 154 1.19 95.12 -20.08
N HIS C 155 0.40 95.82 -19.29
CA HIS C 155 0.90 96.40 -18.04
C HIS C 155 0.24 95.79 -16.81
N ILE C 156 1.01 95.70 -15.75
CA ILE C 156 0.53 95.12 -14.50
C ILE C 156 0.84 96.07 -13.35
N VAL C 157 0.06 95.96 -12.28
CA VAL C 157 0.27 96.80 -11.10
C VAL C 157 0.27 95.92 -9.85
N THR C 158 1.23 96.16 -8.96
CA THR C 158 1.32 95.40 -7.73
C THR C 158 1.94 96.24 -6.64
N THR C 159 2.06 95.65 -5.45
CA THR C 159 2.61 96.34 -4.30
C THR C 159 4.09 96.06 -4.08
N THR C 160 4.68 96.80 -3.15
CA THR C 160 6.08 96.66 -2.83
C THR C 160 6.33 95.49 -1.88
N ASP C 161 5.29 95.03 -1.20
CA ASP C 161 5.39 93.93 -0.25
C ASP C 161 5.13 92.58 -0.89
N CYS C 162 5.00 92.59 -2.21
CA CYS C 162 4.76 91.38 -2.99
C CYS C 162 5.66 90.23 -2.56
N TYR C 163 5.15 89.01 -2.60
CA TYR C 163 5.93 87.84 -2.22
C TYR C 163 7.18 87.78 -3.09
N ARG C 164 8.34 87.73 -2.44
CA ARG C 164 9.62 87.71 -3.13
C ARG C 164 9.67 86.91 -4.44
N LYS C 165 9.40 85.61 -4.38
CA LYS C 165 9.44 84.78 -5.58
C LYS C 165 8.49 85.30 -6.65
N THR C 166 7.34 85.79 -6.24
CA THR C 166 6.37 86.30 -7.20
C THR C 166 6.92 87.57 -7.84
N ARG C 167 7.68 88.33 -7.07
CA ARG C 167 8.29 89.56 -7.55
C ARG C 167 9.30 89.23 -8.63
N ILE C 168 10.14 88.22 -8.37
CA ILE C 168 11.15 87.80 -9.32
C ILE C 168 10.53 87.39 -10.65
N PHE C 169 9.45 86.63 -10.59
CA PHE C 169 8.78 86.18 -11.81
C PHE C 169 8.35 87.37 -12.65
N ILE C 170 7.77 88.37 -11.99
CA ILE C 170 7.29 89.58 -12.66
C ILE C 170 8.40 90.49 -13.19
N GLU C 171 9.53 90.51 -12.50
CA GLU C 171 10.64 91.36 -12.90
C GLU C 171 11.67 90.73 -13.83
N THR C 172 11.59 89.42 -14.02
CA THR C 172 12.56 88.73 -14.86
C THR C 172 12.00 87.87 -15.98
N ILE C 173 10.76 87.39 -15.83
CA ILE C 173 10.16 86.54 -16.84
C ILE C 173 9.17 87.30 -17.71
N LEU C 174 8.17 87.90 -17.08
CA LEU C 174 7.13 88.63 -17.78
C LEU C 174 7.67 89.65 -18.78
N PRO C 175 8.75 90.38 -18.41
CA PRO C 175 9.32 91.37 -19.33
C PRO C 175 9.72 90.78 -20.69
N LYS C 176 9.94 89.47 -20.70
CA LYS C 176 10.30 88.77 -21.92
C LYS C 176 9.13 88.85 -22.89
N MET C 177 7.91 88.92 -22.34
CA MET C 177 6.71 89.02 -23.15
C MET C 177 6.32 90.48 -23.30
N GLY C 178 7.26 91.36 -23.00
CA GLY C 178 7.02 92.78 -23.11
C GLY C 178 6.07 93.32 -22.06
N ILE C 179 5.76 92.51 -21.04
CA ILE C 179 4.86 92.96 -19.99
C ILE C 179 5.57 93.83 -18.96
N THR C 180 5.13 95.08 -18.86
CA THR C 180 5.72 96.03 -17.92
C THR C 180 4.86 96.08 -16.65
N ALA C 181 5.46 96.53 -15.54
CA ALA C 181 4.73 96.60 -14.28
C ALA C 181 5.01 97.85 -13.47
N THR C 182 4.03 98.23 -12.64
CA THR C 182 4.13 99.39 -11.78
C THR C 182 4.00 98.94 -10.34
N VAL C 183 5.05 99.17 -9.56
CA VAL C 183 5.06 98.77 -8.16
C VAL C 183 4.75 99.94 -7.25
N ILE C 184 3.65 99.83 -6.51
CA ILE C 184 3.22 100.88 -5.59
C ILE C 184 3.21 100.37 -4.15
N ASP C 185 2.93 101.26 -3.20
CA ASP C 185 2.87 100.88 -1.80
C ASP C 185 1.46 100.36 -1.54
N PRO C 186 1.32 99.34 -0.69
CA PRO C 186 0.01 98.75 -0.37
C PRO C 186 -1.08 99.75 0.01
N ALA C 187 -0.69 100.82 0.69
CA ALA C 187 -1.65 101.85 1.12
C ALA C 187 -1.84 102.99 0.12
N ASP C 188 -0.79 103.34 -0.60
CA ASP C 188 -0.83 104.43 -1.58
C ASP C 188 -1.89 104.25 -2.67
N VAL C 189 -3.14 104.61 -2.36
CA VAL C 189 -4.23 104.48 -3.30
C VAL C 189 -4.11 105.48 -4.45
N GLY C 190 -3.50 106.62 -4.18
CA GLY C 190 -3.33 107.63 -5.22
C GLY C 190 -2.44 107.10 -6.32
N ALA C 191 -1.37 106.42 -5.94
CA ALA C 191 -0.43 105.84 -6.91
C ALA C 191 -1.18 104.89 -7.84
N LEU C 192 -2.07 104.10 -7.26
CA LEU C 192 -2.86 103.15 -8.03
C LEU C 192 -3.76 103.87 -9.01
N GLU C 193 -4.43 104.92 -8.52
CA GLU C 193 -5.33 105.71 -9.34
C GLU C 193 -4.55 106.41 -10.46
N LEU C 194 -3.34 106.86 -10.15
CA LEU C 194 -2.49 107.54 -11.11
C LEU C 194 -2.09 106.56 -12.20
N ALA C 195 -1.51 105.44 -11.80
CA ALA C 195 -1.09 104.42 -12.73
C ALA C 195 -2.27 104.00 -13.59
N LEU C 196 -3.42 103.84 -12.95
CA LEU C 196 -4.64 103.43 -13.65
C LEU C 196 -4.91 104.33 -14.84
N ASN C 197 -4.55 105.60 -14.71
CA ASN C 197 -4.78 106.57 -15.78
C ASN C 197 -3.62 106.72 -16.75
N GLN C 198 -2.40 106.75 -16.24
CA GLN C 198 -1.22 106.88 -17.08
C GLN C 198 -1.17 105.75 -18.10
N LYS C 199 -0.72 104.57 -17.65
CA LYS C 199 -0.65 103.42 -18.53
C LYS C 199 -1.96 102.65 -18.47
N LYS C 200 -2.15 101.75 -19.42
CA LYS C 200 -3.37 100.95 -19.45
C LYS C 200 -3.13 99.70 -18.63
N VAL C 201 -3.62 99.72 -17.38
CA VAL C 201 -3.45 98.59 -16.47
C VAL C 201 -4.36 97.42 -16.85
N ASN C 202 -3.74 96.25 -17.01
CA ASN C 202 -4.44 95.03 -17.38
C ASN C 202 -5.00 94.36 -16.15
N LEU C 203 -4.20 94.27 -15.10
CA LEU C 203 -4.62 93.62 -13.88
C LEU C 203 -3.80 94.06 -12.67
N PHE C 204 -4.50 94.27 -11.56
CA PHE C 204 -3.87 94.67 -10.31
C PHE C 204 -3.77 93.43 -9.44
N PHE C 205 -2.55 93.05 -9.08
CA PHE C 205 -2.34 91.88 -8.26
C PHE C 205 -1.72 92.23 -6.93
N THR C 206 -2.21 91.59 -5.88
CA THR C 206 -1.68 91.82 -4.54
C THR C 206 -2.28 90.87 -3.54
N GLU C 207 -1.57 90.68 -2.44
CA GLU C 207 -2.03 89.81 -1.37
C GLU C 207 -2.49 90.70 -0.22
N SER C 208 -3.36 90.17 0.62
CA SER C 208 -3.86 90.93 1.75
C SER C 208 -4.46 89.97 2.75
N PRO C 209 -3.87 89.86 3.95
CA PRO C 209 -2.68 90.59 4.41
C PRO C 209 -1.43 90.33 3.57
N THR C 210 -0.42 91.15 3.78
CA THR C 210 0.84 91.06 3.06
C THR C 210 1.92 90.37 3.87
N ASN C 211 2.99 89.96 3.20
CA ASN C 211 4.10 89.29 3.89
C ASN C 211 5.33 90.21 3.84
N PRO C 212 6.02 90.37 4.98
CA PRO C 212 5.75 89.78 6.28
C PRO C 212 5.10 90.78 7.24
N PHE C 213 4.94 92.01 6.76
CA PHE C 213 4.35 93.06 7.57
C PHE C 213 2.84 93.07 7.57
N LEU C 214 2.24 92.01 7.06
CA LEU C 214 0.79 91.86 7.02
C LEU C 214 0.01 93.13 6.69
N ARG C 215 0.44 93.85 5.65
CA ARG C 215 -0.23 95.06 5.24
C ARG C 215 -1.51 94.65 4.54
N CYS C 216 -2.56 95.46 4.69
CA CYS C 216 -3.84 95.15 4.06
C CYS C 216 -4.29 96.19 3.06
N VAL C 217 -5.03 95.73 2.06
CA VAL C 217 -5.53 96.58 1.01
C VAL C 217 -7.05 96.64 1.06
N ASP C 218 -7.59 97.85 0.96
CA ASP C 218 -9.03 98.00 0.97
C ASP C 218 -9.54 97.38 -0.33
N ILE C 219 -9.80 96.08 -0.29
CA ILE C 219 -10.25 95.36 -1.48
C ILE C 219 -11.43 96.04 -2.16
N GLU C 220 -12.44 96.41 -1.38
CA GLU C 220 -13.62 97.05 -1.94
C GLU C 220 -13.26 98.27 -2.76
N LEU C 221 -12.52 99.19 -2.15
CA LEU C 221 -12.10 100.40 -2.84
C LEU C 221 -11.29 100.08 -4.08
N VAL C 222 -10.13 99.44 -3.88
CA VAL C 222 -9.22 99.06 -4.96
C VAL C 222 -9.93 98.45 -6.17
N SER C 223 -10.88 97.55 -5.91
CA SER C 223 -11.63 96.90 -6.97
C SER C 223 -12.37 97.95 -7.79
N LYS C 224 -13.04 98.86 -7.09
CA LYS C 224 -13.81 99.91 -7.73
C LYS C 224 -12.98 100.74 -8.71
N LEU C 225 -11.87 101.27 -8.22
CA LEU C 225 -10.98 102.09 -9.05
C LEU C 225 -10.53 101.32 -10.29
N CYS C 226 -10.06 100.10 -10.09
CA CYS C 226 -9.58 99.26 -11.16
C CYS C 226 -10.65 98.99 -12.21
N HIS C 227 -11.77 98.41 -11.78
CA HIS C 227 -12.88 98.09 -12.68
C HIS C 227 -13.36 99.32 -13.44
N GLU C 228 -13.18 100.50 -12.85
CA GLU C 228 -13.59 101.74 -13.49
C GLU C 228 -12.74 101.95 -14.75
N LYS C 229 -11.49 101.52 -14.69
CA LYS C 229 -10.58 101.68 -15.83
C LYS C 229 -10.40 100.39 -16.63
N GLY C 230 -11.21 99.37 -16.31
CA GLY C 230 -11.12 98.11 -17.03
C GLY C 230 -10.07 97.13 -16.55
N ALA C 231 -9.39 97.44 -15.46
CA ALA C 231 -8.36 96.55 -14.92
C ALA C 231 -8.96 95.40 -14.12
N LEU C 232 -8.21 94.31 -14.01
CA LEU C 232 -8.66 93.14 -13.27
C LEU C 232 -8.01 93.15 -11.90
N VAL C 233 -8.68 92.57 -10.92
CA VAL C 233 -8.14 92.53 -9.57
C VAL C 233 -8.00 91.12 -9.06
N CYS C 234 -6.80 90.80 -8.60
CA CYS C 234 -6.52 89.46 -8.08
C CYS C 234 -5.89 89.58 -6.71
N ILE C 235 -6.56 89.05 -5.70
CA ILE C 235 -6.07 89.11 -4.34
C ILE C 235 -5.55 87.76 -3.88
N ASP C 236 -4.43 87.77 -3.17
CA ASP C 236 -3.84 86.56 -2.64
C ASP C 236 -4.19 86.49 -1.16
N GLY C 237 -5.27 85.79 -0.85
CA GLY C 237 -5.72 85.69 0.53
C GLY C 237 -5.13 84.55 1.33
N THR C 238 -3.86 84.24 1.07
CA THR C 238 -3.22 83.15 1.78
C THR C 238 -3.23 83.34 3.28
N PHE C 239 -2.72 84.48 3.74
CA PHE C 239 -2.66 84.79 5.16
C PHE C 239 -4.04 84.92 5.79
N ALA C 240 -4.98 85.38 4.99
CA ALA C 240 -6.34 85.59 5.44
C ALA C 240 -7.13 84.31 5.62
N THR C 241 -7.28 83.55 4.53
CA THR C 241 -8.03 82.30 4.53
C THR C 241 -9.45 82.69 4.10
N PRO C 242 -10.14 81.82 3.35
CA PRO C 242 -11.49 82.14 2.90
C PRO C 242 -12.47 82.32 4.05
N LEU C 243 -12.01 82.08 5.27
CA LEU C 243 -12.85 82.19 6.45
C LEU C 243 -12.81 83.58 7.07
N ASN C 244 -11.62 84.19 7.06
CA ASN C 244 -11.43 85.51 7.64
C ASN C 244 -11.84 86.65 6.71
N GLN C 245 -12.10 86.31 5.45
CA GLN C 245 -12.50 87.33 4.49
C GLN C 245 -12.93 86.71 3.17
N LYS C 246 -13.81 87.40 2.46
CA LYS C 246 -14.33 86.94 1.18
C LYS C 246 -13.96 87.95 0.09
N ALA C 247 -12.70 87.93 -0.32
CA ALA C 247 -12.21 88.85 -1.34
C ALA C 247 -13.14 88.94 -2.54
N LEU C 248 -13.77 87.82 -2.88
CA LEU C 248 -14.69 87.76 -4.01
C LEU C 248 -15.93 88.60 -3.79
N ALA C 249 -16.43 88.60 -2.56
CA ALA C 249 -17.62 89.36 -2.21
C ALA C 249 -17.30 90.86 -2.11
N LEU C 250 -16.06 91.18 -1.77
CA LEU C 250 -15.63 92.56 -1.64
C LEU C 250 -15.40 93.22 -2.99
N GLY C 251 -15.47 92.46 -4.07
CA GLY C 251 -15.28 93.03 -5.39
C GLY C 251 -14.16 92.46 -6.25
N ALA C 252 -13.26 91.69 -5.66
CA ALA C 252 -12.15 91.10 -6.41
C ALA C 252 -12.66 90.16 -7.50
N ASP C 253 -11.93 90.06 -8.60
CA ASP C 253 -12.32 89.19 -9.71
C ASP C 253 -11.86 87.78 -9.41
N LEU C 254 -10.62 87.66 -8.92
CA LEU C 254 -10.07 86.37 -8.59
C LEU C 254 -9.39 86.42 -7.24
N VAL C 255 -9.40 85.27 -6.57
CA VAL C 255 -8.76 85.15 -5.27
C VAL C 255 -7.97 83.84 -5.29
N LEU C 256 -6.68 83.94 -5.03
CA LEU C 256 -5.86 82.74 -5.02
C LEU C 256 -5.25 82.51 -3.65
N HIS C 257 -4.96 81.25 -3.35
CA HIS C 257 -4.39 80.86 -2.08
C HIS C 257 -3.23 79.89 -2.29
N SER C 258 -2.68 79.44 -1.17
CA SER C 258 -1.59 78.48 -1.18
C SER C 258 -2.00 77.42 -0.17
N ALA C 259 -2.82 76.48 -0.61
CA ALA C 259 -3.31 75.42 0.25
C ALA C 259 -2.17 74.82 1.07
N THR C 260 -0.93 75.06 0.65
CA THR C 260 0.24 74.55 1.34
C THR C 260 0.26 75.07 2.77
N LYS C 261 -0.38 76.21 2.99
CA LYS C 261 -0.40 76.86 4.30
C LYS C 261 -1.55 76.51 5.25
N PHE C 262 -2.59 77.33 5.24
CA PHE C 262 -3.72 77.14 6.14
C PHE C 262 -4.73 76.12 5.67
N LEU C 263 -5.04 76.12 4.38
CA LEU C 263 -6.02 75.17 3.84
C LEU C 263 -5.63 73.73 4.17
N GLY C 264 -4.37 73.38 3.95
CA GLY C 264 -3.91 72.04 4.27
C GLY C 264 -3.81 71.99 5.78
N GLY C 265 -3.06 72.93 6.33
CA GLY C 265 -2.89 73.04 7.77
C GLY C 265 -2.05 72.03 8.52
N HIS C 266 -1.50 71.04 7.84
CA HIS C 266 -0.71 70.04 8.54
C HIS C 266 0.73 69.98 8.10
N ASN C 267 1.14 70.91 7.24
CA ASN C 267 2.52 70.97 6.77
C ASN C 267 2.99 69.67 6.16
N ASP C 268 2.18 69.09 5.27
CA ASP C 268 2.55 67.83 4.64
C ASP C 268 2.15 67.75 3.17
N VAL C 269 1.81 68.88 2.57
CA VAL C 269 1.41 68.90 1.17
C VAL C 269 1.37 70.31 0.58
N LEU C 270 1.71 70.43 -0.71
CA LEU C 270 1.71 71.72 -1.41
C LEU C 270 0.55 71.75 -2.40
N ALA C 271 0.00 72.93 -2.64
CA ALA C 271 -1.10 73.06 -3.59
C ALA C 271 -1.40 74.51 -3.94
N GLY C 272 -1.91 74.72 -5.15
CA GLY C 272 -2.24 76.05 -5.60
C GLY C 272 -3.74 76.22 -5.61
N CYS C 273 -4.21 77.46 -5.50
CA CYS C 273 -5.63 77.72 -5.44
C CYS C 273 -6.04 78.99 -6.17
N ILE C 274 -7.04 78.91 -7.03
CA ILE C 274 -7.52 80.07 -7.76
C ILE C 274 -9.02 79.95 -7.91
N SER C 275 -9.76 80.84 -7.26
CA SER C 275 -11.22 80.82 -7.34
C SER C 275 -11.69 82.09 -7.99
N GLY C 276 -12.76 82.01 -8.77
CA GLY C 276 -13.29 83.18 -9.44
C GLY C 276 -14.40 82.83 -10.41
N PRO C 277 -14.79 83.78 -11.28
CA PRO C 277 -15.86 83.51 -12.24
C PRO C 277 -15.41 82.50 -13.28
N LEU C 278 -16.35 81.77 -13.86
CA LEU C 278 -16.03 80.77 -14.85
C LEU C 278 -15.29 81.37 -16.03
N LYS C 279 -15.90 82.37 -16.66
CA LYS C 279 -15.29 83.03 -17.81
C LYS C 279 -13.80 83.28 -17.62
N LEU C 280 -13.42 83.63 -16.39
CA LEU C 280 -12.03 83.92 -16.08
C LEU C 280 -11.21 82.68 -15.75
N VAL C 281 -11.59 82.00 -14.66
CA VAL C 281 -10.88 80.81 -14.20
C VAL C 281 -10.69 79.76 -15.31
N SER C 282 -11.65 79.68 -16.22
CA SER C 282 -11.58 78.73 -17.32
C SER C 282 -10.42 79.04 -18.26
N GLU C 283 -10.18 80.33 -18.49
CA GLU C 283 -9.09 80.77 -19.36
C GLU C 283 -7.76 80.30 -18.81
N ILE C 284 -7.65 80.28 -17.48
CA ILE C 284 -6.44 79.85 -16.80
C ILE C 284 -6.32 78.33 -16.93
N ARG C 285 -7.41 77.64 -16.64
CA ARG C 285 -7.46 76.18 -16.71
C ARG C 285 -6.93 75.70 -18.06
N ASN C 286 -7.18 76.48 -19.10
CA ASN C 286 -6.72 76.11 -20.43
C ASN C 286 -5.20 76.11 -20.53
N LEU C 287 -4.57 77.21 -20.12
CA LEU C 287 -3.12 77.26 -20.18
C LEU C 287 -2.56 76.22 -19.21
N HIS C 288 -3.33 75.95 -18.17
CA HIS C 288 -2.93 74.97 -17.16
C HIS C 288 -2.83 73.59 -17.79
N HIS C 289 -3.80 73.26 -18.62
CA HIS C 289 -3.83 71.97 -19.31
C HIS C 289 -2.62 71.79 -20.20
N ILE C 290 -1.92 72.88 -20.49
CA ILE C 290 -0.75 72.83 -21.35
C ILE C 290 0.52 72.82 -20.51
N LEU C 291 0.63 73.76 -19.58
CA LEU C 291 1.82 73.83 -18.74
C LEU C 291 1.97 72.58 -17.88
N GLY C 292 0.85 71.89 -17.66
CA GLY C 292 0.86 70.66 -16.89
C GLY C 292 1.28 70.71 -15.44
N GLY C 293 0.66 71.60 -14.66
CA GLY C 293 0.99 71.68 -13.24
C GLY C 293 -0.06 70.97 -12.40
N ALA C 294 -0.51 69.82 -12.90
CA ALA C 294 -1.54 69.04 -12.24
C ALA C 294 -1.24 68.66 -10.80
N LEU C 295 -2.30 68.58 -10.00
CA LEU C 295 -2.18 68.22 -8.59
C LEU C 295 -2.49 66.73 -8.43
N ASN C 296 -1.65 66.02 -7.69
CA ASN C 296 -1.84 64.60 -7.46
C ASN C 296 -3.02 64.31 -6.54
N PRO C 297 -3.85 63.33 -6.90
CA PRO C 297 -5.02 62.95 -6.10
C PRO C 297 -4.70 62.69 -4.64
N ASN C 298 -3.55 62.09 -4.37
CA ASN C 298 -3.16 61.81 -2.99
C ASN C 298 -3.04 63.09 -2.19
N ALA C 299 -2.54 64.13 -2.84
CA ALA C 299 -2.38 65.43 -2.21
C ALA C 299 -3.77 66.08 -2.05
N ALA C 300 -4.60 65.94 -3.07
CA ALA C 300 -5.94 66.51 -3.06
C ALA C 300 -6.75 66.02 -1.87
N TYR C 301 -6.56 64.76 -1.50
CA TYR C 301 -7.28 64.19 -0.37
C TYR C 301 -6.71 64.75 0.93
N LEU C 302 -5.38 64.83 0.99
CA LEU C 302 -4.72 65.34 2.18
C LEU C 302 -5.24 66.72 2.53
N ILE C 303 -5.67 67.46 1.52
CA ILE C 303 -6.20 68.81 1.73
C ILE C 303 -7.68 68.75 2.10
N ILE C 304 -8.42 67.90 1.40
CA ILE C 304 -9.83 67.73 1.67
C ILE C 304 -9.96 67.39 3.15
N ARG C 305 -9.11 66.46 3.60
CA ARG C 305 -9.10 66.01 4.99
C ARG C 305 -8.70 67.10 5.96
N GLY C 306 -7.66 67.85 5.61
CA GLY C 306 -7.20 68.92 6.47
C GLY C 306 -8.24 70.01 6.63
N MET C 307 -9.01 70.26 5.58
CA MET C 307 -10.04 71.29 5.61
C MET C 307 -11.23 70.94 6.47
N LYS C 308 -11.37 69.66 6.83
CA LYS C 308 -12.48 69.23 7.65
C LYS C 308 -12.42 69.92 9.01
N THR C 309 -11.24 70.39 9.38
CA THR C 309 -11.05 71.06 10.66
C THR C 309 -10.55 72.49 10.47
N LEU C 310 -10.79 73.04 9.28
CA LEU C 310 -10.35 74.40 8.96
C LEU C 310 -10.83 75.41 10.00
N HIS C 311 -12.14 75.63 10.05
CA HIS C 311 -12.74 76.58 10.98
C HIS C 311 -12.23 76.44 12.40
N LEU C 312 -12.06 75.20 12.83
CA LEU C 312 -11.58 74.93 14.18
C LEU C 312 -10.14 75.40 14.36
N ARG C 313 -9.31 75.13 13.37
CA ARG C 313 -7.91 75.53 13.43
C ARG C 313 -7.81 77.04 13.35
N VAL C 314 -8.38 77.62 12.30
CA VAL C 314 -8.35 79.07 12.13
C VAL C 314 -8.80 79.77 13.39
N GLN C 315 -9.92 79.32 13.95
CA GLN C 315 -10.46 79.92 15.17
C GLN C 315 -9.40 80.03 16.25
N GLN C 316 -8.76 78.91 16.55
CA GLN C 316 -7.72 78.88 17.58
C GLN C 316 -6.52 79.75 17.27
N GLN C 317 -6.00 79.63 16.04
CA GLN C 317 -4.84 80.41 15.64
C GLN C 317 -5.15 81.91 15.70
N ASN C 318 -6.35 82.27 15.27
CA ASN C 318 -6.77 83.66 15.28
C ASN C 318 -6.66 84.28 16.67
N SER C 319 -7.02 83.51 17.69
CA SER C 319 -6.96 83.98 19.06
C SER C 319 -5.52 84.04 19.53
N THR C 320 -4.85 82.88 19.56
CA THR C 320 -3.46 82.81 19.99
C THR C 320 -2.63 83.95 19.42
N ALA C 321 -2.81 84.22 18.13
CA ALA C 321 -2.08 85.28 17.46
C ALA C 321 -2.40 86.65 18.04
N LEU C 322 -3.69 86.99 18.08
CA LEU C 322 -4.12 88.28 18.62
C LEU C 322 -3.60 88.50 20.04
N ARG C 323 -3.99 87.62 20.95
CA ARG C 323 -3.57 87.74 22.33
C ARG C 323 -2.06 87.85 22.47
N MET C 324 -1.32 86.97 21.79
CA MET C 324 0.13 86.98 21.84
C MET C 324 0.71 88.27 21.25
N ALA C 325 0.02 88.82 20.26
CA ALA C 325 0.50 90.05 19.64
C ALA C 325 0.50 91.17 20.67
N GLU C 326 -0.62 91.36 21.36
CA GLU C 326 -0.73 92.40 22.38
C GLU C 326 0.37 92.21 23.42
N ILE C 327 0.44 91.00 23.98
CA ILE C 327 1.46 90.68 24.97
C ILE C 327 2.84 91.06 24.46
N LEU C 328 3.11 90.73 23.20
CA LEU C 328 4.40 91.04 22.59
C LEU C 328 4.59 92.55 22.49
N GLU C 329 3.57 93.26 22.01
CA GLU C 329 3.63 94.71 21.85
C GLU C 329 3.99 95.43 23.16
N ALA C 330 3.39 94.97 24.25
CA ALA C 330 3.61 95.55 25.56
C ALA C 330 4.95 95.11 26.19
N HIS C 331 5.59 94.13 25.57
CA HIS C 331 6.85 93.65 26.10
C HIS C 331 7.95 94.67 25.88
N PRO C 332 8.79 94.90 26.90
CA PRO C 332 9.91 95.85 26.82
C PRO C 332 11.02 95.46 25.86
N LYS C 333 11.15 94.16 25.59
CA LYS C 333 12.20 93.69 24.68
C LYS C 333 11.75 93.65 23.23
N VAL C 334 10.47 93.87 22.99
CA VAL C 334 9.93 93.87 21.64
C VAL C 334 9.78 95.31 21.15
N ARG C 335 10.57 95.67 20.14
CA ARG C 335 10.54 97.01 19.59
C ARG C 335 9.25 97.36 18.83
N HIS C 336 8.82 96.46 17.95
CA HIS C 336 7.61 96.69 17.17
C HIS C 336 6.85 95.41 16.88
N VAL C 337 5.53 95.51 16.72
CA VAL C 337 4.71 94.35 16.43
C VAL C 337 3.74 94.62 15.29
N TYR C 338 3.73 93.72 14.32
CA TYR C 338 2.86 93.85 13.16
C TYR C 338 1.73 92.84 13.19
N TYR C 339 0.50 93.34 13.22
CA TYR C 339 -0.69 92.50 13.24
C TYR C 339 -1.91 93.37 12.97
N PRO C 340 -2.72 93.01 11.96
CA PRO C 340 -3.92 93.78 11.63
C PRO C 340 -4.88 93.95 12.82
N GLY C 341 -4.86 92.97 13.71
CA GLY C 341 -5.75 93.02 14.87
C GLY C 341 -5.39 94.09 15.86
N LEU C 342 -4.15 94.55 15.85
CA LEU C 342 -3.70 95.58 16.76
C LEU C 342 -4.14 96.96 16.27
N GLN C 343 -4.28 97.90 17.19
CA GLN C 343 -4.71 99.25 16.84
C GLN C 343 -3.54 100.04 16.25
N SER C 344 -2.33 99.56 16.50
CA SER C 344 -1.12 100.21 16.02
C SER C 344 -0.82 99.89 14.56
N HIS C 345 -1.62 99.01 13.95
CA HIS C 345 -1.41 98.64 12.55
C HIS C 345 -1.92 99.70 11.59
N PRO C 346 -1.08 100.09 10.62
CA PRO C 346 -1.40 101.10 9.60
C PRO C 346 -2.81 101.00 9.02
N GLU C 347 -3.24 99.79 8.64
CA GLU C 347 -4.56 99.61 8.06
C GLU C 347 -5.49 98.80 8.95
N HIS C 348 -5.34 98.97 10.27
CA HIS C 348 -6.18 98.27 11.22
C HIS C 348 -7.65 98.58 10.93
N HIS C 349 -7.93 99.83 10.56
CA HIS C 349 -9.30 100.25 10.26
C HIS C 349 -9.86 99.49 9.07
N ILE C 350 -9.01 99.20 8.09
CA ILE C 350 -9.43 98.48 6.90
C ILE C 350 -9.64 97.02 7.26
N ALA C 351 -8.65 96.45 7.95
CA ALA C 351 -8.71 95.07 8.37
C ALA C 351 -9.99 94.81 9.17
N LYS C 352 -10.29 95.73 10.08
CA LYS C 352 -11.48 95.61 10.92
C LYS C 352 -12.77 95.72 10.12
N LYS C 353 -12.69 96.37 8.97
CA LYS C 353 -13.86 96.57 8.13
C LYS C 353 -14.10 95.44 7.14
N GLN C 354 -13.03 94.78 6.68
CA GLN C 354 -13.17 93.70 5.71
C GLN C 354 -12.78 92.30 6.21
N MET C 355 -12.44 92.20 7.48
CA MET C 355 -12.06 90.90 8.04
C MET C 355 -12.85 90.56 9.31
N THR C 356 -12.93 89.26 9.61
CA THR C 356 -13.62 88.79 10.80
C THR C 356 -12.57 88.21 11.73
N GLY C 357 -11.40 87.95 11.18
CA GLY C 357 -10.28 87.41 11.93
C GLY C 357 -9.03 88.04 11.37
N PHE C 358 -7.89 87.87 12.04
CA PHE C 358 -6.67 88.49 11.54
C PHE C 358 -5.51 87.52 11.32
N GLY C 359 -5.85 86.27 11.01
CA GLY C 359 -4.83 85.26 10.77
C GLY C 359 -4.04 84.87 12.01
N GLY C 360 -3.23 83.82 11.86
CA GLY C 360 -2.42 83.35 12.98
C GLY C 360 -0.96 83.72 12.81
N ALA C 361 -0.68 84.55 11.83
CA ALA C 361 0.69 84.98 11.57
C ALA C 361 0.95 86.30 12.26
N VAL C 362 2.07 86.39 12.96
CA VAL C 362 2.44 87.60 13.69
C VAL C 362 3.92 87.90 13.52
N SER C 363 4.22 89.10 13.04
CA SER C 363 5.60 89.52 12.85
C SER C 363 5.95 90.61 13.84
N PHE C 364 7.18 90.57 14.36
CA PHE C 364 7.60 91.58 15.32
C PHE C 364 9.11 91.75 15.31
N GLU C 365 9.56 92.92 15.76
CA GLU C 365 10.99 93.23 15.81
C GLU C 365 11.50 93.17 17.24
N VAL C 366 12.55 92.39 17.45
CA VAL C 366 13.15 92.27 18.76
C VAL C 366 14.10 93.43 19.00
N ASP C 367 14.31 93.78 20.26
CA ASP C 367 15.21 94.88 20.61
C ASP C 367 16.65 94.38 20.63
N GLY C 368 17.20 94.15 19.44
CA GLY C 368 18.57 93.68 19.36
C GLY C 368 19.13 93.76 17.94
N ASP C 369 20.05 92.86 17.62
CA ASP C 369 20.63 92.85 16.28
C ASP C 369 20.50 91.45 15.69
N LEU C 370 21.05 91.28 14.48
CA LEU C 370 21.00 90.01 13.80
C LEU C 370 21.35 88.87 14.74
N LEU C 371 22.42 89.05 15.50
CA LEU C 371 22.88 88.02 16.43
C LEU C 371 21.98 87.83 17.65
N THR C 372 21.57 88.92 18.26
CA THR C 372 20.70 88.85 19.43
C THR C 372 19.34 88.26 19.07
N THR C 373 18.77 88.73 17.97
CA THR C 373 17.47 88.23 17.51
C THR C 373 17.52 86.73 17.35
N ALA C 374 18.57 86.24 16.70
CA ALA C 374 18.73 84.81 16.49
C ALA C 374 18.73 84.09 17.83
N LYS C 375 19.44 84.66 18.80
CA LYS C 375 19.51 84.09 20.13
C LYS C 375 18.12 83.89 20.72
N PHE C 376 17.20 84.76 20.36
CA PHE C 376 15.83 84.65 20.85
C PHE C 376 15.15 83.45 20.22
N VAL C 377 15.19 83.38 18.90
CA VAL C 377 14.57 82.27 18.19
C VAL C 377 15.22 80.94 18.56
N ASP C 378 16.52 80.99 18.90
CA ASP C 378 17.26 79.78 19.27
C ASP C 378 16.84 79.30 20.66
N ALA C 379 16.17 80.17 21.41
CA ALA C 379 15.71 79.85 22.75
C ALA C 379 14.33 79.19 22.77
N LEU C 380 13.55 79.43 21.73
CA LEU C 380 12.22 78.85 21.63
C LEU C 380 12.34 77.33 21.63
N LYS C 381 11.33 76.65 22.13
CA LYS C 381 11.36 75.20 22.21
C LYS C 381 10.20 74.52 21.50
N ILE C 382 9.08 75.23 21.33
CA ILE C 382 7.92 74.65 20.68
C ILE C 382 7.91 74.81 19.16
N PRO C 383 8.08 76.04 18.66
CA PRO C 383 8.08 76.21 17.20
C PRO C 383 9.34 75.70 16.51
N TYR C 384 9.17 75.33 15.24
CA TYR C 384 10.27 74.82 14.42
C TYR C 384 10.88 75.99 13.66
N ILE C 385 12.18 75.97 13.47
CA ILE C 385 12.84 77.04 12.72
C ILE C 385 12.80 76.63 11.25
N ALA C 386 11.80 77.09 10.53
CA ALA C 386 11.66 76.74 9.12
C ALA C 386 10.78 77.74 8.38
N PRO C 387 10.64 77.57 7.05
CA PRO C 387 9.79 78.49 6.29
C PRO C 387 8.34 78.01 6.35
N SER C 388 7.47 78.64 5.58
CA SER C 388 6.05 78.26 5.57
C SER C 388 5.34 78.72 6.84
N PHE C 389 4.04 78.44 6.90
CA PHE C 389 3.22 78.83 8.05
C PHE C 389 1.77 78.36 7.87
N GLY C 390 1.02 78.33 8.96
CA GLY C 390 -0.37 77.92 8.88
C GLY C 390 -0.66 76.51 9.34
N GLY C 391 0.38 75.77 9.70
CA GLY C 391 0.19 74.40 10.14
C GLY C 391 -0.05 74.28 11.63
N CYS C 392 -0.54 73.11 12.05
CA CYS C 392 -0.82 72.88 13.45
C CYS C 392 0.44 73.12 14.28
N GLU C 393 1.59 72.83 13.69
CA GLU C 393 2.86 73.03 14.39
C GLU C 393 3.33 74.47 14.21
N SER C 394 3.70 75.10 15.32
CA SER C 394 4.16 76.47 15.29
C SER C 394 5.53 76.55 14.61
N ILE C 395 5.77 77.65 13.94
CA ILE C 395 7.03 77.86 13.23
C ILE C 395 7.56 79.28 13.44
N VAL C 396 8.88 79.44 13.32
CA VAL C 396 9.52 80.74 13.48
C VAL C 396 10.65 80.85 12.50
N ASP C 397 11.04 82.09 12.19
CA ASP C 397 12.13 82.34 11.28
C ASP C 397 12.48 83.82 11.19
N GLN C 398 13.66 84.11 10.66
CA GLN C 398 14.12 85.48 10.49
C GLN C 398 14.16 85.77 9.00
N PRO C 399 13.07 86.31 8.46
CA PRO C 399 12.99 86.62 7.03
C PRO C 399 14.32 87.06 6.46
N ALA C 400 15.01 87.92 7.21
CA ALA C 400 16.30 88.45 6.80
C ALA C 400 17.20 87.29 6.39
N ILE C 401 17.36 86.33 7.30
CA ILE C 401 18.21 85.18 7.03
C ILE C 401 17.51 84.21 6.08
N MET C 402 16.32 83.79 6.46
CA MET C 402 15.55 82.83 5.69
C MET C 402 15.26 83.13 4.22
N SER C 403 14.87 84.36 3.89
CA SER C 403 14.57 84.66 2.50
C SER C 403 15.25 85.88 1.89
N TYR C 404 16.25 86.42 2.56
CA TYR C 404 16.94 87.58 2.02
C TYR C 404 18.45 87.57 2.31
N TRP C 405 18.98 86.42 2.68
CA TRP C 405 20.41 86.31 2.97
C TRP C 405 21.29 86.54 1.75
N ASP C 406 20.73 86.33 0.58
CA ASP C 406 21.49 86.52 -0.65
C ASP C 406 21.74 88.01 -0.95
N LEU C 407 20.99 88.88 -0.29
CA LEU C 407 21.14 90.33 -0.49
C LEU C 407 22.00 90.98 0.57
N SER C 408 22.58 92.13 0.23
CA SER C 408 23.42 92.88 1.16
C SER C 408 22.56 93.58 2.21
N GLN C 409 23.13 93.78 3.38
CA GLN C 409 22.41 94.45 4.47
C GLN C 409 21.68 95.69 3.96
N SER C 410 22.34 96.43 3.09
CA SER C 410 21.80 97.65 2.51
C SER C 410 20.62 97.35 1.58
N ASP C 411 20.82 96.38 0.68
CA ASP C 411 19.78 95.99 -0.27
C ASP C 411 18.58 95.39 0.46
N ARG C 412 18.84 94.78 1.61
CA ARG C 412 17.78 94.18 2.42
C ARG C 412 16.94 95.29 3.02
N ALA C 413 17.60 96.22 3.69
CA ALA C 413 16.92 97.34 4.31
C ALA C 413 16.18 98.15 3.24
N LYS C 414 16.66 98.04 2.01
CA LYS C 414 16.07 98.73 0.87
C LYS C 414 14.59 98.37 0.75
N TYR C 415 14.17 97.28 1.40
CA TYR C 415 12.77 96.87 1.35
C TYR C 415 12.16 96.39 2.66
N GLY C 416 12.37 97.18 3.71
CA GLY C 416 11.81 96.87 5.02
C GLY C 416 12.36 95.71 5.85
N ILE C 417 12.98 94.72 5.21
CA ILE C 417 13.50 93.58 5.96
C ILE C 417 14.69 93.92 6.86
N MET C 418 14.49 93.76 8.16
CA MET C 418 15.53 94.05 9.15
C MET C 418 16.01 92.79 9.87
N ASP C 419 17.26 92.80 10.30
CA ASP C 419 17.82 91.65 11.01
C ASP C 419 17.07 91.47 12.32
N ASN C 420 16.17 92.41 12.60
CA ASN C 420 15.37 92.42 13.81
C ASN C 420 14.08 91.64 13.63
N LEU C 421 13.52 91.76 12.44
CA LEU C 421 12.26 91.11 12.09
C LEU C 421 12.20 89.63 12.38
N VAL C 422 11.09 89.22 12.97
CA VAL C 422 10.84 87.82 13.31
C VAL C 422 9.39 87.54 12.95
N ARG C 423 9.16 86.53 12.13
CA ARG C 423 7.82 86.16 11.73
C ARG C 423 7.42 84.92 12.50
N PHE C 424 6.35 85.05 13.30
CA PHE C 424 5.88 83.92 14.07
C PHE C 424 4.57 83.35 13.55
N SER C 425 4.60 82.09 13.14
CA SER C 425 3.40 81.41 12.65
C SER C 425 2.87 80.54 13.79
N PHE C 426 1.91 81.07 14.53
CA PHE C 426 1.34 80.35 15.65
C PHE C 426 0.60 79.10 15.23
N GLY C 427 1.00 77.96 15.80
CA GLY C 427 0.37 76.70 15.48
C GLY C 427 -0.99 76.58 16.14
N VAL C 428 -1.29 75.39 16.65
CA VAL C 428 -2.57 75.14 17.28
C VAL C 428 -2.39 74.69 18.73
N GLU C 429 -1.13 74.66 19.17
CA GLU C 429 -0.80 74.25 20.53
C GLU C 429 -1.54 75.13 21.53
N ASP C 430 -1.59 74.70 22.78
CA ASP C 430 -2.27 75.45 23.83
C ASP C 430 -1.60 76.80 24.07
N PHE C 431 -2.40 77.85 24.07
CA PHE C 431 -1.92 79.22 24.27
C PHE C 431 -0.87 79.34 25.38
N ASP C 432 -1.27 78.99 26.59
CA ASP C 432 -0.38 79.07 27.75
C ASP C 432 0.99 78.48 27.47
N ASP C 433 1.01 77.31 26.84
CA ASP C 433 2.26 76.62 26.53
C ASP C 433 3.10 77.48 25.59
N LEU C 434 2.46 78.07 24.59
CA LEU C 434 3.12 78.93 23.62
C LEU C 434 3.60 80.23 24.25
N LYS C 435 2.70 80.90 24.96
CA LYS C 435 3.01 82.16 25.60
C LYS C 435 4.22 81.98 26.52
N ALA C 436 4.17 80.99 27.40
CA ALA C 436 5.26 80.73 28.33
C ALA C 436 6.59 80.55 27.60
N ASP C 437 6.55 79.85 26.48
CA ASP C 437 7.75 79.59 25.70
C ASP C 437 8.34 80.89 25.14
N ILE C 438 7.48 81.69 24.52
CA ILE C 438 7.92 82.96 23.93
C ILE C 438 8.49 83.88 25.00
N LEU C 439 7.86 83.89 26.17
CA LEU C 439 8.32 84.74 27.27
C LEU C 439 9.67 84.25 27.78
N GLN C 440 9.74 82.97 28.12
CA GLN C 440 10.96 82.37 28.61
C GLN C 440 12.11 82.70 27.66
N ALA C 441 11.83 82.62 26.37
CA ALA C 441 12.81 82.90 25.33
C ALA C 441 13.22 84.37 25.35
N LEU C 442 12.23 85.26 25.37
CA LEU C 442 12.49 86.69 25.39
C LEU C 442 13.32 87.06 26.63
N ASP C 443 13.19 86.27 27.68
CA ASP C 443 13.90 86.50 28.94
C ASP C 443 15.41 86.29 28.81
N SER C 444 15.90 86.07 27.60
CA SER C 444 17.32 85.85 27.39
C SER C 444 18.00 87.02 26.69
N ILE C 445 17.30 87.63 25.74
CA ILE C 445 17.88 88.76 25.02
C ILE C 445 18.40 89.81 26.00
N TYR D 50 -13.18 33.76 -14.66
CA TYR D 50 -13.50 35.21 -14.84
C TYR D 50 -13.93 35.48 -16.28
N ALA D 51 -12.96 35.79 -17.12
CA ALA D 51 -13.23 36.09 -18.52
C ALA D 51 -12.96 34.91 -19.45
N SER D 52 -13.67 34.90 -20.58
CA SER D 52 -13.53 33.84 -21.57
C SER D 52 -12.47 34.18 -22.61
N PHE D 53 -12.16 35.47 -22.74
CA PHE D 53 -11.17 35.94 -23.70
C PHE D 53 -9.77 36.04 -23.08
N LEU D 54 -9.66 35.61 -21.83
CA LEU D 54 -8.39 35.62 -21.12
C LEU D 54 -8.23 34.24 -20.51
N ASN D 55 -7.30 33.47 -21.03
CA ASN D 55 -7.08 32.11 -20.52
C ASN D 55 -5.74 31.92 -19.85
N SER D 56 -4.93 32.99 -19.84
CA SER D 56 -3.62 32.93 -19.22
C SER D 56 -3.66 33.58 -17.84
N ASP D 57 -2.91 33.03 -16.89
CA ASP D 57 -2.89 33.57 -15.53
C ASP D 57 -2.39 35.00 -15.53
N GLY D 58 -1.39 35.27 -16.35
CA GLY D 58 -0.83 36.61 -16.44
C GLY D 58 -1.90 37.65 -16.71
N SER D 59 -2.69 37.43 -17.76
CA SER D 59 -3.76 38.34 -18.12
C SER D 59 -4.76 38.42 -16.98
N VAL D 60 -4.95 37.31 -16.28
CA VAL D 60 -5.88 37.25 -15.17
C VAL D 60 -5.39 38.11 -14.01
N ALA D 61 -4.13 37.89 -13.61
CA ALA D 61 -3.54 38.64 -12.52
C ALA D 61 -3.63 40.14 -12.78
N ILE D 62 -3.86 40.51 -14.03
CA ILE D 62 -3.96 41.91 -14.39
C ILE D 62 -5.38 42.45 -14.38
N HIS D 63 -6.26 41.82 -15.15
CA HIS D 63 -7.65 42.29 -15.24
C HIS D 63 -8.66 41.60 -14.35
N ALA D 64 -8.29 40.46 -13.76
CA ALA D 64 -9.23 39.76 -12.90
C ALA D 64 -9.78 40.69 -11.83
N GLY D 65 -11.10 40.86 -11.84
CA GLY D 65 -11.76 41.72 -10.87
C GLY D 65 -11.73 43.20 -11.18
N GLU D 66 -11.43 43.58 -12.42
CA GLU D 66 -11.38 44.99 -12.78
C GLU D 66 -11.87 45.31 -14.19
N ARG D 67 -11.38 44.55 -15.17
CA ARG D 67 -11.74 44.77 -16.57
C ARG D 67 -13.24 44.71 -16.84
N LEU D 68 -13.94 43.79 -16.18
CA LEU D 68 -15.37 43.65 -16.42
C LEU D 68 -16.27 44.50 -15.53
N GLY D 69 -15.70 45.03 -14.44
CA GLY D 69 -16.47 45.86 -13.53
C GLY D 69 -15.81 45.87 -12.17
N ARG D 70 -16.27 46.72 -11.25
CA ARG D 70 -15.65 46.80 -9.92
C ARG D 70 -16.63 46.89 -8.75
N GLY D 71 -17.86 47.31 -9.02
CA GLY D 71 -18.82 47.46 -7.94
C GLY D 71 -18.77 48.90 -7.46
N ILE D 72 -17.67 49.56 -7.80
CA ILE D 72 -17.44 50.96 -7.46
C ILE D 72 -17.15 51.65 -8.81
N VAL D 73 -18.22 51.92 -9.55
CA VAL D 73 -18.17 52.53 -10.87
C VAL D 73 -17.27 53.73 -11.08
N THR D 74 -16.55 53.71 -12.21
CA THR D 74 -15.65 54.79 -12.60
C THR D 74 -15.25 54.60 -14.05
N ASP D 75 -14.74 55.65 -14.66
CA ASP D 75 -14.27 55.57 -16.03
C ASP D 75 -12.76 55.60 -15.91
N ALA D 76 -12.27 55.29 -14.71
CA ALA D 76 -10.84 55.26 -14.42
C ALA D 76 -10.31 53.86 -14.72
N ILE D 77 -9.08 53.77 -15.18
CA ILE D 77 -8.49 52.48 -15.51
C ILE D 77 -8.14 51.65 -14.29
N THR D 78 -7.67 52.31 -13.24
CA THR D 78 -7.28 51.62 -12.01
C THR D 78 -8.40 51.62 -10.97
N THR D 79 -8.19 50.85 -9.91
CA THR D 79 -9.16 50.77 -8.83
C THR D 79 -8.96 51.95 -7.89
N PRO D 80 -10.08 52.56 -7.45
CA PRO D 80 -9.99 53.69 -6.54
C PRO D 80 -9.78 53.24 -5.10
N VAL D 81 -8.96 53.98 -4.36
CA VAL D 81 -8.70 53.65 -2.97
C VAL D 81 -9.81 54.29 -2.14
N VAL D 82 -10.52 53.50 -1.36
CA VAL D 82 -11.61 54.03 -0.55
C VAL D 82 -11.24 54.09 0.93
N ASN D 83 -10.84 55.28 1.38
CA ASN D 83 -10.45 55.48 2.77
C ASN D 83 -11.65 55.87 3.64
N THR D 84 -12.41 54.88 4.08
CA THR D 84 -13.59 55.16 4.90
C THR D 84 -13.73 54.13 6.03
N SER D 85 -14.16 54.59 7.20
CA SER D 85 -14.33 53.70 8.33
C SER D 85 -15.73 53.11 8.35
N ALA D 86 -16.69 53.81 7.76
CA ALA D 86 -18.07 53.33 7.74
C ALA D 86 -18.77 53.66 6.43
N TYR D 87 -19.94 53.07 6.22
CA TYR D 87 -20.74 53.30 5.02
C TYR D 87 -22.12 53.75 5.45
N PHE D 88 -22.66 54.75 4.74
CA PHE D 88 -23.97 55.29 5.07
C PHE D 88 -25.12 54.70 4.27
N PHE D 89 -26.33 55.07 4.66
CA PHE D 89 -27.55 54.62 4.01
C PHE D 89 -28.43 55.86 3.76
N ASN D 90 -29.10 55.88 2.62
CA ASN D 90 -29.95 57.02 2.27
C ASN D 90 -31.13 57.21 3.20
N LYS D 91 -31.74 56.12 3.63
CA LYS D 91 -32.89 56.18 4.53
C LYS D 91 -33.05 54.89 5.35
N THR D 92 -33.64 55.01 6.53
CA THR D 92 -33.85 53.86 7.41
C THR D 92 -34.46 52.68 6.67
N SER D 93 -35.30 52.98 5.68
CA SER D 93 -35.95 51.94 4.89
C SER D 93 -34.91 51.04 4.22
N GLU D 94 -33.92 51.66 3.59
CA GLU D 94 -32.84 50.94 2.92
C GLU D 94 -31.98 50.21 3.94
N LEU D 95 -31.73 50.84 5.08
CA LEU D 95 -30.91 50.22 6.10
C LEU D 95 -31.55 48.88 6.47
N ILE D 96 -32.87 48.85 6.55
CA ILE D 96 -33.58 47.63 6.89
C ILE D 96 -33.45 46.63 5.75
N ASP D 97 -33.56 47.10 4.51
CA ASP D 97 -33.44 46.23 3.37
C ASP D 97 -32.12 45.45 3.44
N PHE D 98 -31.03 46.15 3.70
CA PHE D 98 -29.70 45.53 3.79
C PHE D 98 -29.64 44.54 4.95
N LYS D 99 -30.25 44.90 6.06
CA LYS D 99 -30.27 44.06 7.25
C LYS D 99 -31.11 42.82 7.00
N GLU D 100 -31.99 42.89 6.02
CA GLU D 100 -32.86 41.75 5.67
C GLU D 100 -32.37 41.07 4.39
N LYS D 101 -31.10 41.26 4.07
CA LYS D 101 -30.47 40.66 2.90
C LYS D 101 -31.09 41.00 1.55
N ARG D 102 -31.71 42.17 1.45
CA ARG D 102 -32.33 42.60 0.19
C ARG D 102 -31.46 43.60 -0.55
N ARG D 103 -30.48 44.16 0.16
CA ARG D 103 -29.56 45.13 -0.42
C ARG D 103 -28.12 44.81 -0.02
N ALA D 104 -27.16 45.32 -0.78
CA ALA D 104 -25.75 45.06 -0.50
C ALA D 104 -25.05 46.27 0.10
N SER D 105 -24.17 46.01 1.07
CA SER D 105 -23.41 47.05 1.73
C SER D 105 -22.42 46.41 2.69
N PHE D 106 -21.32 47.11 2.96
CA PHE D 106 -20.31 46.62 3.87
C PHE D 106 -20.65 47.09 5.28
N GLU D 107 -21.47 48.14 5.37
CA GLU D 107 -21.90 48.70 6.65
C GLU D 107 -20.73 49.33 7.40
N TYR D 108 -19.80 48.48 7.84
CA TYR D 108 -18.64 48.94 8.58
C TYR D 108 -17.33 48.45 7.93
N GLY D 109 -16.33 49.32 7.94
CA GLY D 109 -15.04 49.01 7.36
C GLY D 109 -14.40 47.70 7.80
N ARG D 110 -14.77 47.23 8.99
CA ARG D 110 -14.22 45.99 9.52
C ARG D 110 -14.88 44.79 8.84
N TYR D 111 -15.93 45.05 8.07
CA TYR D 111 -16.66 43.99 7.38
C TYR D 111 -16.44 43.97 5.86
N GLY D 112 -15.56 44.82 5.37
CA GLY D 112 -15.32 44.85 3.95
C GLY D 112 -14.97 46.23 3.42
N ASN D 113 -14.52 46.28 2.18
CA ASN D 113 -14.15 47.53 1.54
C ASN D 113 -14.13 47.36 0.01
N PRO D 114 -14.65 48.34 -0.72
CA PRO D 114 -14.68 48.28 -2.19
C PRO D 114 -13.33 48.01 -2.83
N THR D 115 -12.31 48.75 -2.41
CA THR D 115 -10.99 48.60 -2.98
C THR D 115 -10.33 47.32 -2.50
N THR D 116 -10.92 46.66 -1.51
CA THR D 116 -10.36 45.42 -0.98
C THR D 116 -10.91 44.21 -1.72
N VAL D 117 -12.23 44.18 -1.92
CA VAL D 117 -12.87 43.08 -2.62
C VAL D 117 -12.26 42.83 -3.99
N VAL D 118 -11.84 43.90 -4.66
CA VAL D 118 -11.24 43.75 -5.97
C VAL D 118 -10.07 42.78 -5.87
N LEU D 119 -9.26 42.94 -4.83
CA LEU D 119 -8.12 42.06 -4.63
C LEU D 119 -8.61 40.67 -4.26
N GLU D 120 -9.73 40.61 -3.55
CA GLU D 120 -10.30 39.34 -3.14
C GLU D 120 -10.72 38.55 -4.38
N GLU D 121 -11.37 39.23 -5.31
CA GLU D 121 -11.85 38.61 -6.54
C GLU D 121 -10.71 38.29 -7.50
N LYS D 122 -9.67 39.12 -7.47
CA LYS D 122 -8.51 38.95 -8.33
C LYS D 122 -7.77 37.66 -7.99
N ILE D 123 -7.45 37.49 -6.72
CA ILE D 123 -6.75 36.29 -6.26
C ILE D 123 -7.66 35.08 -6.43
N SER D 124 -8.95 35.29 -6.24
CA SER D 124 -9.93 34.23 -6.37
C SER D 124 -9.87 33.63 -7.77
N ALA D 125 -9.76 34.50 -8.76
CA ALA D 125 -9.69 34.07 -10.16
C ALA D 125 -8.43 33.27 -10.40
N LEU D 126 -7.29 33.78 -9.94
CA LEU D 126 -6.02 33.11 -10.10
C LEU D 126 -6.06 31.71 -9.53
N GLU D 127 -6.57 31.57 -8.31
CA GLU D 127 -6.66 30.28 -7.66
C GLU D 127 -7.88 29.50 -8.13
N GLY D 128 -8.72 30.15 -8.93
CA GLY D 128 -9.91 29.49 -9.42
C GLY D 128 -10.81 29.09 -8.27
N ALA D 129 -10.74 29.84 -7.18
CA ALA D 129 -11.53 29.57 -5.98
C ALA D 129 -12.92 30.17 -6.05
N GLU D 130 -13.74 29.86 -5.06
CA GLU D 130 -15.11 30.35 -4.97
C GLU D 130 -15.11 31.72 -4.30
N SER D 131 -14.21 31.91 -3.33
CA SER D 131 -14.09 33.15 -2.59
C SER D 131 -12.76 33.25 -1.87
N THR D 132 -12.26 34.48 -1.72
CA THR D 132 -10.99 34.73 -1.05
C THR D 132 -11.16 35.77 0.06
N LEU D 133 -10.46 35.58 1.17
CA LEU D 133 -10.52 36.50 2.30
C LEU D 133 -9.14 37.12 2.52
N LEU D 134 -9.11 38.42 2.75
CA LEU D 134 -7.84 39.09 2.97
C LEU D 134 -7.70 39.67 4.36
N MET D 135 -6.54 39.44 4.98
CA MET D 135 -6.30 39.93 6.32
C MET D 135 -5.07 40.83 6.39
N ALA D 136 -4.75 41.25 7.61
CA ALA D 136 -3.62 42.12 7.87
C ALA D 136 -2.27 41.48 7.59
N SER D 137 -2.19 40.16 7.74
CA SER D 137 -0.93 39.45 7.49
C SER D 137 -1.11 37.94 7.31
N GLY D 138 -0.06 37.29 6.83
CA GLY D 138 -0.12 35.86 6.63
C GLY D 138 -0.42 35.13 7.91
N MET D 139 0.25 35.54 8.99
CA MET D 139 0.07 34.95 10.30
C MET D 139 -1.40 35.06 10.75
N CYS D 140 -2.01 36.20 10.46
CA CYS D 140 -3.40 36.45 10.80
C CYS D 140 -4.26 35.39 10.14
N ALA D 141 -4.05 35.20 8.84
CA ALA D 141 -4.82 34.24 8.06
C ALA D 141 -4.77 32.84 8.66
N SER D 142 -3.57 32.30 8.84
CA SER D 142 -3.42 30.96 9.40
C SER D 142 -4.07 30.90 10.78
N THR D 143 -3.71 31.84 11.63
CA THR D 143 -4.23 31.94 12.99
C THR D 143 -5.77 31.91 13.04
N VAL D 144 -6.39 32.84 12.31
CA VAL D 144 -7.84 32.93 12.27
C VAL D 144 -8.49 31.69 11.66
N MET D 145 -7.87 31.19 10.60
CA MET D 145 -8.39 30.01 9.92
C MET D 145 -8.33 28.81 10.84
N LEU D 146 -7.32 28.78 11.71
CA LEU D 146 -7.17 27.68 12.64
C LEU D 146 -8.20 27.79 13.76
N LEU D 147 -8.32 28.99 14.33
CA LEU D 147 -9.26 29.22 15.42
C LEU D 147 -10.72 29.12 14.98
N ALA D 148 -10.96 29.13 13.68
CA ALA D 148 -12.33 29.06 13.17
C ALA D 148 -12.76 27.68 12.67
N LEU D 149 -11.82 26.90 12.14
CA LEU D 149 -12.15 25.59 11.60
C LEU D 149 -11.99 24.43 12.58
N VAL D 150 -10.93 24.46 13.38
CA VAL D 150 -10.71 23.39 14.35
C VAL D 150 -11.48 23.67 15.64
N PRO D 151 -12.33 22.73 16.06
CA PRO D 151 -13.14 22.87 17.28
C PRO D 151 -12.37 22.49 18.54
N ALA D 152 -12.86 22.93 19.69
CA ALA D 152 -12.21 22.63 20.97
C ALA D 152 -12.08 21.13 21.19
N GLY D 153 -10.88 20.70 21.56
CA GLY D 153 -10.64 19.28 21.79
C GLY D 153 -10.32 18.51 20.51
N GLY D 154 -10.38 19.22 19.38
CA GLY D 154 -10.11 18.60 18.09
C GLY D 154 -8.64 18.28 17.86
N HIS D 155 -8.36 17.55 16.78
CA HIS D 155 -7.00 17.16 16.44
C HIS D 155 -6.54 17.72 15.10
N ILE D 156 -5.27 18.11 15.05
CA ILE D 156 -4.69 18.67 13.84
C ILE D 156 -3.46 17.88 13.43
N VAL D 157 -3.14 17.93 12.14
CA VAL D 157 -1.99 17.23 11.63
C VAL D 157 -1.17 18.14 10.73
N THR D 158 0.12 18.23 11.01
CA THR D 158 1.00 19.09 10.23
C THR D 158 2.37 18.43 10.06
N THR D 159 3.26 19.13 9.38
CA THR D 159 4.61 18.62 9.14
C THR D 159 5.63 19.19 10.11
N THR D 160 6.81 18.59 10.10
CA THR D 160 7.91 19.00 10.97
C THR D 160 8.59 20.27 10.46
N ASP D 161 8.37 20.60 9.20
CA ASP D 161 8.97 21.77 8.59
C ASP D 161 8.06 23.00 8.64
N CYS D 162 6.99 22.90 9.43
CA CYS D 162 6.04 24.00 9.55
C CYS D 162 6.73 25.30 9.92
N TYR D 163 6.18 26.41 9.43
CA TYR D 163 6.73 27.73 9.71
C TYR D 163 6.81 27.89 11.23
N ARG D 164 7.99 28.28 11.72
CA ARG D 164 8.23 28.43 13.15
C ARG D 164 7.10 29.09 13.95
N LYS D 165 6.80 30.35 13.64
CA LYS D 165 5.74 31.06 14.35
C LYS D 165 4.43 30.28 14.35
N THR D 166 4.10 29.66 13.22
CA THR D 166 2.87 28.88 13.12
C THR D 166 2.95 27.68 14.05
N ARG D 167 4.14 27.10 14.17
CA ARG D 167 4.35 25.95 15.04
C ARG D 167 4.06 26.36 16.47
N ILE D 168 4.60 27.51 16.87
CA ILE D 168 4.41 28.04 18.22
C ILE D 168 2.92 28.19 18.56
N PHE D 169 2.18 28.85 17.68
CA PHE D 169 0.74 29.07 17.90
C PHE D 169 0.02 27.75 18.13
N ILE D 170 0.34 26.75 17.30
CA ILE D 170 -0.28 25.44 17.39
C ILE D 170 0.14 24.69 18.65
N GLU D 171 1.38 24.92 19.08
CA GLU D 171 1.93 24.24 20.24
C GLU D 171 1.76 24.96 21.57
N THR D 172 1.29 26.20 21.53
CA THR D 172 1.12 26.97 22.76
C THR D 172 -0.26 27.58 22.97
N ILE D 173 -0.94 27.93 21.90
CA ILE D 173 -2.26 28.53 22.03
C ILE D 173 -3.42 27.55 21.84
N LEU D 174 -3.37 26.79 20.75
CA LEU D 174 -4.42 25.83 20.47
C LEU D 174 -4.69 24.84 21.60
N PRO D 175 -3.64 24.37 22.30
CA PRO D 175 -3.86 23.42 23.41
C PRO D 175 -4.75 23.99 24.51
N LYS D 176 -4.84 25.32 24.59
CA LYS D 176 -5.67 25.97 25.60
C LYS D 176 -7.12 25.63 25.32
N MET D 177 -7.39 25.30 24.05
CA MET D 177 -8.73 24.93 23.62
C MET D 177 -8.81 23.41 23.52
N GLY D 178 -7.87 22.74 24.15
CA GLY D 178 -7.85 21.29 24.12
C GLY D 178 -7.51 20.69 22.76
N ILE D 179 -7.06 21.53 21.83
CA ILE D 179 -6.72 21.06 20.50
C ILE D 179 -5.34 20.41 20.50
N THR D 180 -5.32 19.14 20.12
CA THR D 180 -4.08 18.37 20.07
C THR D 180 -3.62 18.24 18.62
N ALA D 181 -2.31 18.08 18.42
CA ALA D 181 -1.76 17.97 17.07
C ALA D 181 -0.77 16.82 16.90
N THR D 182 -0.66 16.35 15.66
CA THR D 182 0.26 15.28 15.33
C THR D 182 1.22 15.79 14.27
N VAL D 183 2.51 15.80 14.61
CA VAL D 183 3.52 16.27 13.68
C VAL D 183 4.21 15.11 12.96
N ILE D 184 4.10 15.12 11.64
CA ILE D 184 4.70 14.09 10.79
C ILE D 184 5.70 14.70 9.82
N ASP D 185 6.50 13.86 9.18
CA ASP D 185 7.48 14.35 8.21
C ASP D 185 6.77 14.60 6.89
N PRO D 186 7.12 15.70 6.21
CA PRO D 186 6.52 16.06 4.93
C PRO D 186 6.30 14.90 3.97
N ALA D 187 7.30 14.05 3.82
CA ALA D 187 7.20 12.91 2.91
C ALA D 187 6.44 11.73 3.49
N ASP D 188 6.59 11.51 4.80
CA ASP D 188 5.96 10.39 5.49
C ASP D 188 4.44 10.32 5.32
N VAL D 189 3.99 9.66 4.26
CA VAL D 189 2.58 9.52 3.99
C VAL D 189 1.94 8.46 4.89
N GLY D 190 2.74 7.46 5.26
CA GLY D 190 2.24 6.41 6.12
C GLY D 190 1.83 7.00 7.45
N ALA D 191 2.67 7.87 7.99
CA ALA D 191 2.41 8.52 9.27
C ALA D 191 1.05 9.21 9.20
N LEU D 192 0.81 9.92 8.10
CA LEU D 192 -0.45 10.62 7.90
C LEU D 192 -1.58 9.61 7.90
N GLU D 193 -1.44 8.56 7.09
CA GLU D 193 -2.47 7.53 7.01
C GLU D 193 -2.72 6.90 8.38
N LEU D 194 -1.67 6.73 9.16
CA LEU D 194 -1.80 6.15 10.48
C LEU D 194 -2.56 7.11 11.39
N ALA D 195 -2.06 8.34 11.47
CA ALA D 195 -2.69 9.38 12.29
C ALA D 195 -4.14 9.56 11.88
N LEU D 196 -4.39 9.45 10.59
CA LEU D 196 -5.73 9.58 10.03
C LEU D 196 -6.69 8.54 10.59
N ASN D 197 -6.15 7.39 11.02
CA ASN D 197 -6.98 6.31 11.54
C ASN D 197 -7.05 6.27 13.07
N GLN D 198 -5.91 6.49 13.73
CA GLN D 198 -5.86 6.47 15.19
C GLN D 198 -6.82 7.50 15.77
N LYS D 199 -6.40 8.76 15.76
CA LYS D 199 -7.24 9.84 16.27
C LYS D 199 -8.14 10.38 15.16
N LYS D 200 -9.10 11.24 15.52
CA LYS D 200 -10.01 11.81 14.54
C LYS D 200 -9.49 13.15 14.03
N VAL D 201 -8.72 13.13 12.94
CA VAL D 201 -8.16 14.36 12.38
C VAL D 201 -9.22 15.32 11.89
N ASN D 202 -9.09 16.57 12.28
CA ASN D 202 -10.03 17.61 11.88
C ASN D 202 -9.55 18.28 10.62
N LEU D 203 -8.25 18.57 10.60
CA LEU D 203 -7.67 19.22 9.45
C LEU D 203 -6.17 18.96 9.35
N PHE D 204 -5.70 18.79 8.13
CA PHE D 204 -4.29 18.57 7.89
C PHE D 204 -3.77 19.87 7.29
N PHE D 205 -2.80 20.48 7.96
CA PHE D 205 -2.24 21.74 7.49
C PHE D 205 -0.76 21.67 7.22
N THR D 206 -0.36 22.28 6.12
CA THR D 206 1.05 22.30 5.74
C THR D 206 1.27 23.23 4.57
N GLU D 207 2.54 23.54 4.32
CA GLU D 207 2.92 24.39 3.21
C GLU D 207 3.68 23.54 2.20
N SER D 208 3.72 24.00 0.96
CA SER D 208 4.42 23.26 -0.09
C SER D 208 4.65 24.15 -1.30
N PRO D 209 5.92 24.46 -1.60
CA PRO D 209 7.12 24.04 -0.88
C PRO D 209 7.18 24.46 0.60
N THR D 210 8.07 23.80 1.34
CA THR D 210 8.26 24.06 2.76
C THR D 210 9.42 25.02 3.02
N ASN D 211 9.45 25.58 4.22
CA ASN D 211 10.52 26.50 4.61
C ASN D 211 11.38 25.83 5.68
N PRO D 212 12.70 25.85 5.52
CA PRO D 212 13.45 26.45 4.42
C PRO D 212 13.98 25.43 3.42
N PHE D 213 13.69 24.15 3.64
CA PHE D 213 14.19 23.10 2.77
C PHE D 213 13.28 22.79 1.58
N LEU D 214 12.36 23.71 1.31
CA LEU D 214 11.45 23.57 0.19
C LEU D 214 10.96 22.16 -0.06
N ARG D 215 10.55 21.47 1.01
CA ARG D 215 10.04 20.11 0.89
C ARG D 215 8.63 20.21 0.30
N CYS D 216 8.29 19.28 -0.58
CA CYS D 216 6.97 19.31 -1.21
C CYS D 216 6.08 18.17 -0.73
N VAL D 217 4.77 18.37 -0.89
CA VAL D 217 3.79 17.38 -0.47
C VAL D 217 2.87 17.00 -1.62
N ASP D 218 2.67 15.71 -1.82
CA ASP D 218 1.79 15.26 -2.89
C ASP D 218 0.38 15.71 -2.52
N ILE D 219 0.03 16.93 -2.91
CA ILE D 219 -1.29 17.50 -2.61
C ILE D 219 -2.40 16.54 -3.02
N GLU D 220 -2.43 16.17 -4.30
CA GLU D 220 -3.45 15.26 -4.79
C GLU D 220 -3.63 14.06 -3.88
N LEU D 221 -2.54 13.34 -3.65
CA LEU D 221 -2.56 12.16 -2.80
C LEU D 221 -3.04 12.48 -1.39
N VAL D 222 -2.30 13.34 -0.71
CA VAL D 222 -2.62 13.76 0.65
C VAL D 222 -4.09 14.14 0.80
N SER D 223 -4.62 14.82 -0.20
CA SER D 223 -6.02 15.25 -0.19
C SER D 223 -6.94 14.06 -0.10
N LYS D 224 -6.69 13.08 -0.96
CA LYS D 224 -7.48 11.86 -1.04
C LYS D 224 -7.57 11.13 0.29
N LEU D 225 -6.42 10.86 0.90
CA LEU D 225 -6.39 10.15 2.18
C LEU D 225 -7.18 10.89 3.25
N CYS D 226 -7.03 12.20 3.30
CA CYS D 226 -7.72 13.04 4.28
C CYS D 226 -9.23 12.98 4.09
N HIS D 227 -9.69 13.42 2.92
CA HIS D 227 -11.12 13.43 2.63
C HIS D 227 -11.78 12.08 2.87
N GLU D 228 -11.00 11.01 2.74
CA GLU D 228 -11.50 9.66 2.96
C GLU D 228 -11.91 9.48 4.42
N LYS D 229 -11.21 10.16 5.32
CA LYS D 229 -11.49 10.06 6.75
C LYS D 229 -12.17 11.32 7.28
N GLY D 230 -12.60 12.18 6.37
CA GLY D 230 -13.29 13.41 6.76
C GLY D 230 -12.44 14.58 7.20
N ALA D 231 -11.12 14.48 7.04
CA ALA D 231 -10.25 15.57 7.44
C ALA D 231 -10.19 16.65 6.36
N LEU D 232 -9.83 17.87 6.76
CA LEU D 232 -9.74 18.97 5.84
C LEU D 232 -8.27 19.18 5.48
N VAL D 233 -8.04 19.78 4.33
CA VAL D 233 -6.66 20.00 3.90
C VAL D 233 -6.40 21.46 3.55
N CYS D 234 -5.41 22.04 4.21
CA CYS D 234 -5.06 23.42 3.96
C CYS D 234 -3.59 23.50 3.54
N ILE D 235 -3.36 24.10 2.38
CA ILE D 235 -2.02 24.23 1.87
C ILE D 235 -1.58 25.68 1.84
N ASP D 236 -0.37 25.93 2.36
CA ASP D 236 0.20 27.27 2.38
C ASP D 236 1.14 27.34 1.17
N GLY D 237 0.60 27.75 0.03
CA GLY D 237 1.40 27.83 -1.18
C GLY D 237 2.17 29.11 -1.37
N THR D 238 2.56 29.73 -0.25
CA THR D 238 3.31 30.99 -0.27
C THR D 238 4.51 30.92 -1.22
N PHE D 239 5.40 29.97 -0.97
CA PHE D 239 6.61 29.80 -1.78
C PHE D 239 6.28 29.49 -3.23
N ALA D 240 5.16 28.80 -3.44
CA ALA D 240 4.75 28.42 -4.78
C ALA D 240 4.16 29.55 -5.61
N THR D 241 3.17 30.24 -5.06
CA THR D 241 2.50 31.32 -5.76
C THR D 241 1.40 30.66 -6.59
N PRO D 242 0.21 31.27 -6.65
CA PRO D 242 -0.87 30.65 -7.44
C PRO D 242 -0.51 30.40 -8.90
N LEU D 243 0.63 30.91 -9.34
CA LEU D 243 1.06 30.74 -10.73
C LEU D 243 1.78 29.42 -10.97
N ASN D 244 2.62 29.03 -10.01
CA ASN D 244 3.38 27.80 -10.14
C ASN D 244 2.60 26.55 -9.79
N GLN D 245 1.49 26.70 -9.09
CA GLN D 245 0.68 25.55 -8.71
C GLN D 245 -0.73 25.94 -8.28
N LYS D 246 -1.66 25.03 -8.51
CA LYS D 246 -3.06 25.25 -8.15
C LYS D 246 -3.51 24.26 -7.09
N ALA D 247 -3.03 24.45 -5.87
CA ALA D 247 -3.38 23.55 -4.77
C ALA D 247 -4.87 23.23 -4.73
N LEU D 248 -5.70 24.19 -5.08
CA LEU D 248 -7.14 23.98 -5.07
C LEU D 248 -7.59 22.96 -6.10
N ALA D 249 -7.02 23.04 -7.30
CA ALA D 249 -7.36 22.11 -8.37
C ALA D 249 -6.79 20.72 -8.10
N LEU D 250 -5.77 20.66 -7.26
CA LEU D 250 -5.14 19.39 -6.94
C LEU D 250 -5.90 18.64 -5.85
N GLY D 251 -6.91 19.31 -5.28
CA GLY D 251 -7.68 18.67 -4.25
C GLY D 251 -7.75 19.36 -2.90
N ALA D 252 -6.91 20.36 -2.68
CA ALA D 252 -6.91 21.06 -1.41
C ALA D 252 -8.26 21.74 -1.14
N ASP D 253 -8.61 21.88 0.13
CA ASP D 253 -9.86 22.51 0.51
C ASP D 253 -9.59 24.01 0.60
N LEU D 254 -8.42 24.35 1.14
CA LEU D 254 -8.05 25.75 1.29
C LEU D 254 -6.58 25.97 0.96
N VAL D 255 -6.32 27.08 0.28
CA VAL D 255 -4.96 27.46 -0.08
C VAL D 255 -4.73 28.88 0.42
N LEU D 256 -3.79 29.03 1.34
CA LEU D 256 -3.50 30.34 1.88
C LEU D 256 -2.10 30.78 1.51
N HIS D 257 -1.94 32.10 1.37
CA HIS D 257 -0.68 32.71 1.00
C HIS D 257 -0.28 33.80 1.96
N SER D 258 0.80 34.48 1.64
CA SER D 258 1.29 35.59 2.44
C SER D 258 1.65 36.67 1.43
N ALA D 259 0.65 37.42 1.01
CA ALA D 259 0.84 38.48 0.03
C ALA D 259 2.06 39.33 0.32
N THR D 260 2.54 39.25 1.55
CA THR D 260 3.71 40.01 1.99
C THR D 260 4.94 39.65 1.16
N LYS D 261 4.92 38.43 0.62
CA LYS D 261 6.03 37.91 -0.16
C LYS D 261 5.99 38.16 -1.66
N PHE D 262 5.56 37.15 -2.41
CA PHE D 262 5.50 37.22 -3.85
C PHE D 262 4.34 38.04 -4.40
N LEU D 263 3.15 37.83 -3.86
CA LEU D 263 1.97 38.56 -4.34
C LEU D 263 2.18 40.09 -4.40
N GLY D 264 2.70 40.67 -3.33
CA GLY D 264 2.94 42.10 -3.32
C GLY D 264 4.21 42.35 -4.12
N GLY D 265 5.17 41.46 -3.93
CA GLY D 265 6.44 41.52 -4.64
C GLY D 265 7.30 42.75 -4.60
N HIS D 266 7.02 43.71 -3.73
CA HIS D 266 7.84 44.90 -3.67
C HIS D 266 8.39 45.21 -2.28
N ASN D 267 8.17 44.27 -1.37
CA ASN D 267 8.66 44.41 0.00
C ASN D 267 8.27 45.73 0.63
N ASP D 268 7.00 46.09 0.52
CA ASP D 268 6.52 47.34 1.09
C ASP D 268 5.12 47.25 1.69
N VAL D 269 4.66 46.04 1.98
CA VAL D 269 3.33 45.87 2.57
C VAL D 269 3.10 44.43 3.03
N LEU D 270 2.31 44.28 4.10
CA LEU D 270 1.98 42.96 4.65
C LEU D 270 0.53 42.62 4.33
N ALA D 271 0.26 41.33 4.13
CA ALA D 271 -1.11 40.89 3.84
C ALA D 271 -1.28 39.39 3.93
N GLY D 272 -2.48 38.96 4.31
CA GLY D 272 -2.80 37.55 4.43
C GLY D 272 -3.80 37.13 3.37
N CYS D 273 -3.74 35.87 2.97
CA CYS D 273 -4.61 35.35 1.93
C CYS D 273 -5.20 33.99 2.28
N ILE D 274 -6.47 33.78 1.99
CA ILE D 274 -7.13 32.50 2.23
C ILE D 274 -8.21 32.30 1.16
N SER D 275 -7.96 31.37 0.25
CA SER D 275 -8.91 31.10 -0.82
C SER D 275 -9.46 29.69 -0.71
N GLY D 276 -10.71 29.52 -1.14
CA GLY D 276 -11.35 28.22 -1.09
C GLY D 276 -12.84 28.31 -1.31
N PRO D 277 -13.61 27.26 -1.01
CA PRO D 277 -15.06 27.27 -1.20
C PRO D 277 -15.74 28.26 -0.25
N LEU D 278 -16.88 28.79 -0.67
CA LEU D 278 -17.62 29.75 0.15
C LEU D 278 -18.00 29.16 1.50
N LYS D 279 -18.68 28.02 1.47
CA LYS D 279 -19.10 27.37 2.70
C LYS D 279 -18.00 27.38 3.76
N LEU D 280 -16.76 27.28 3.31
CA LEU D 280 -15.62 27.26 4.22
C LEU D 280 -15.05 28.63 4.51
N VAL D 281 -14.63 29.34 3.47
CA VAL D 281 -14.04 30.67 3.64
C VAL D 281 -14.94 31.62 4.40
N SER D 282 -16.25 31.44 4.27
CA SER D 282 -17.23 32.29 4.93
C SER D 282 -17.21 32.10 6.44
N GLU D 283 -16.97 30.86 6.87
CA GLU D 283 -16.91 30.54 8.30
C GLU D 283 -15.74 31.30 8.93
N ILE D 284 -14.66 31.43 8.17
CA ILE D 284 -13.48 32.13 8.65
C ILE D 284 -13.78 33.62 8.68
N ARG D 285 -14.36 34.11 7.59
CA ARG D 285 -14.71 35.52 7.47
C ARG D 285 -15.54 35.99 8.65
N ASN D 286 -16.35 35.09 9.21
CA ASN D 286 -17.18 35.44 10.35
C ASN D 286 -16.34 35.72 11.59
N LEU D 287 -15.44 34.80 11.92
CA LEU D 287 -14.58 35.00 13.09
C LEU D 287 -13.68 36.20 12.83
N HIS D 288 -13.34 36.39 11.56
CA HIS D 288 -12.50 37.50 11.15
C HIS D 288 -13.16 38.82 11.53
N HIS D 289 -14.48 38.90 11.32
CA HIS D 289 -15.24 40.09 11.64
C HIS D 289 -15.24 40.41 13.14
N ILE D 290 -14.76 39.47 13.95
CA ILE D 290 -14.72 39.67 15.39
C ILE D 290 -13.30 39.95 15.88
N LEU D 291 -12.33 39.21 15.35
CA LEU D 291 -10.95 39.39 15.73
C LEU D 291 -10.39 40.69 15.17
N GLY D 292 -11.06 41.21 14.15
CA GLY D 292 -10.68 42.46 13.54
C GLY D 292 -9.27 42.62 12.98
N GLY D 293 -8.88 41.72 12.08
CA GLY D 293 -7.55 41.81 11.49
C GLY D 293 -7.65 42.39 10.09
N ALA D 294 -8.57 43.34 9.93
CA ALA D 294 -8.83 44.00 8.66
C ALA D 294 -7.59 44.53 7.95
N LEU D 295 -7.66 44.53 6.62
CA LEU D 295 -6.56 45.03 5.81
C LEU D 295 -6.88 46.44 5.33
N ASN D 296 -5.90 47.33 5.44
CA ASN D 296 -6.08 48.71 5.03
C ASN D 296 -6.18 48.84 3.52
N PRO D 297 -7.13 49.65 3.04
CA PRO D 297 -7.36 49.86 1.61
C PRO D 297 -6.07 50.23 0.87
N ASN D 298 -5.26 51.06 1.51
CA ASN D 298 -4.00 51.49 0.91
C ASN D 298 -3.14 50.28 0.63
N ALA D 299 -3.07 49.37 1.59
CA ALA D 299 -2.28 48.15 1.44
C ALA D 299 -2.89 47.28 0.34
N ALA D 300 -4.21 47.26 0.26
CA ALA D 300 -4.92 46.48 -0.74
C ALA D 300 -4.55 46.94 -2.14
N TYR D 301 -4.42 48.25 -2.30
CA TYR D 301 -4.08 48.80 -3.61
C TYR D 301 -2.64 48.49 -3.99
N LEU D 302 -1.76 48.52 -3.00
CA LEU D 302 -0.35 48.24 -3.23
C LEU D 302 -0.14 46.82 -3.73
N ILE D 303 -1.05 45.92 -3.35
CA ILE D 303 -0.98 44.53 -3.79
C ILE D 303 -1.63 44.39 -5.17
N ILE D 304 -2.77 45.04 -5.35
CA ILE D 304 -3.46 45.02 -6.64
C ILE D 304 -2.48 45.48 -7.72
N ARG D 305 -1.71 46.51 -7.38
CA ARG D 305 -0.72 47.07 -8.28
C ARG D 305 0.43 46.10 -8.51
N GLY D 306 0.94 45.56 -7.41
CA GLY D 306 2.06 44.63 -7.49
C GLY D 306 1.73 43.40 -8.30
N MET D 307 0.50 42.93 -8.19
CA MET D 307 0.10 41.73 -8.91
C MET D 307 -0.07 41.96 -10.40
N LYS D 308 -0.01 43.22 -10.82
CA LYS D 308 -0.14 43.56 -12.23
C LYS D 308 1.05 43.01 -13.00
N THR D 309 2.13 42.74 -12.27
CA THR D 309 3.35 42.19 -12.87
C THR D 309 3.76 40.92 -12.17
N LEU D 310 2.79 40.20 -11.63
CA LEU D 310 3.08 38.97 -10.94
C LEU D 310 3.76 37.96 -11.86
N HIS D 311 3.08 37.58 -12.93
CA HIS D 311 3.62 36.61 -13.88
C HIS D 311 4.99 37.00 -14.38
N LEU D 312 5.18 38.27 -14.70
CA LEU D 312 6.46 38.75 -15.19
C LEU D 312 7.55 38.51 -14.15
N ARG D 313 7.29 38.92 -12.91
CA ARG D 313 8.25 38.74 -11.83
C ARG D 313 8.49 37.28 -11.58
N VAL D 314 7.43 36.53 -11.32
CA VAL D 314 7.55 35.10 -11.05
C VAL D 314 8.41 34.43 -12.13
N GLN D 315 8.03 34.63 -13.39
CA GLN D 315 8.75 34.07 -14.53
C GLN D 315 10.26 34.20 -14.38
N GLN D 316 10.71 35.43 -14.17
CA GLN D 316 12.13 35.75 -14.02
C GLN D 316 12.77 35.09 -12.80
N GLN D 317 12.09 35.17 -11.66
CA GLN D 317 12.61 34.60 -10.43
C GLN D 317 12.73 33.07 -10.54
N ASN D 318 11.80 32.45 -11.25
CA ASN D 318 11.82 31.01 -11.42
C ASN D 318 13.11 30.60 -12.14
N SER D 319 13.45 31.33 -13.19
CA SER D 319 14.64 31.06 -13.98
C SER D 319 15.90 31.22 -13.13
N THR D 320 16.18 32.47 -12.77
CA THR D 320 17.34 32.81 -11.96
C THR D 320 17.59 31.76 -10.89
N ALA D 321 16.56 31.49 -10.09
CA ALA D 321 16.65 30.50 -9.01
C ALA D 321 17.13 29.15 -9.52
N LEU D 322 16.39 28.59 -10.47
CA LEU D 322 16.76 27.30 -11.05
C LEU D 322 18.19 27.30 -11.56
N ARG D 323 18.50 28.24 -12.45
CA ARG D 323 19.82 28.35 -13.04
C ARG D 323 20.90 28.47 -11.98
N MET D 324 20.69 29.34 -11.00
CA MET D 324 21.66 29.54 -9.93
C MET D 324 21.74 28.30 -9.05
N ALA D 325 20.62 27.61 -8.91
CA ALA D 325 20.56 26.41 -8.09
C ALA D 325 21.56 25.37 -8.59
N GLU D 326 21.59 25.17 -9.90
CA GLU D 326 22.50 24.21 -10.49
C GLU D 326 23.95 24.63 -10.29
N ILE D 327 24.26 25.84 -10.73
CA ILE D 327 25.61 26.36 -10.60
C ILE D 327 26.11 26.19 -9.18
N LEU D 328 25.24 26.46 -8.21
CA LEU D 328 25.59 26.34 -6.80
C LEU D 328 25.82 24.88 -6.42
N GLU D 329 24.99 23.99 -6.94
CA GLU D 329 25.12 22.56 -6.62
C GLU D 329 26.45 22.03 -7.12
N ALA D 330 26.87 22.50 -8.29
CA ALA D 330 28.13 22.06 -8.88
C ALA D 330 29.33 22.74 -8.24
N HIS D 331 29.08 23.82 -7.50
CA HIS D 331 30.16 24.55 -6.87
C HIS D 331 30.82 23.73 -5.77
N PRO D 332 32.16 23.73 -5.74
CA PRO D 332 32.95 22.98 -4.76
C PRO D 332 32.81 23.48 -3.32
N LYS D 333 32.53 24.77 -3.16
CA LYS D 333 32.40 25.35 -1.83
C LYS D 333 31.00 25.16 -1.26
N VAL D 334 30.07 24.68 -2.09
CA VAL D 334 28.70 24.44 -1.65
C VAL D 334 28.52 22.97 -1.36
N ARG D 335 28.25 22.65 -0.10
CA ARG D 335 28.06 21.27 0.32
C ARG D 335 26.74 20.64 -0.12
N HIS D 336 25.65 21.42 -0.05
CA HIS D 336 24.34 20.92 -0.44
C HIS D 336 23.41 22.05 -0.90
N VAL D 337 22.45 21.70 -1.75
CA VAL D 337 21.50 22.67 -2.27
C VAL D 337 20.07 22.14 -2.23
N TYR D 338 19.14 23.00 -1.81
CA TYR D 338 17.72 22.63 -1.74
C TYR D 338 16.93 23.42 -2.77
N TYR D 339 16.20 22.70 -3.62
CA TYR D 339 15.39 23.34 -4.65
C TYR D 339 14.60 22.26 -5.38
N PRO D 340 13.27 22.33 -5.32
CA PRO D 340 12.40 21.36 -5.98
C PRO D 340 12.72 21.15 -7.45
N GLY D 341 13.39 22.13 -8.05
CA GLY D 341 13.73 22.04 -9.46
C GLY D 341 14.88 21.10 -9.77
N LEU D 342 15.77 20.90 -8.80
CA LEU D 342 16.91 20.01 -8.98
C LEU D 342 16.47 18.55 -8.91
N GLN D 343 17.29 17.68 -9.51
CA GLN D 343 16.99 16.25 -9.51
C GLN D 343 17.39 15.64 -8.17
N SER D 344 18.22 16.37 -7.43
CA SER D 344 18.69 15.92 -6.13
C SER D 344 17.68 16.14 -5.00
N HIS D 345 16.58 16.82 -5.30
CA HIS D 345 15.56 17.09 -4.29
C HIS D 345 14.69 15.86 -3.99
N PRO D 346 14.52 15.54 -2.69
CA PRO D 346 13.72 14.40 -2.24
C PRO D 346 12.39 14.22 -2.95
N GLU D 347 11.65 15.30 -3.15
CA GLU D 347 10.35 15.22 -3.82
C GLU D 347 10.33 15.90 -5.18
N HIS D 348 11.44 15.79 -5.89
CA HIS D 348 11.57 16.39 -7.22
C HIS D 348 10.54 15.79 -8.18
N HIS D 349 10.19 14.53 -7.98
CA HIS D 349 9.22 13.88 -8.85
C HIS D 349 7.83 14.43 -8.57
N ILE D 350 7.60 14.80 -7.31
CA ILE D 350 6.31 15.36 -6.92
C ILE D 350 6.23 16.79 -7.43
N ALA D 351 7.27 17.56 -7.13
CA ALA D 351 7.32 18.95 -7.56
C ALA D 351 7.06 19.01 -9.06
N LYS D 352 7.77 18.16 -9.80
CA LYS D 352 7.64 18.10 -11.25
C LYS D 352 6.23 17.77 -11.74
N LYS D 353 5.49 17.00 -10.96
CA LYS D 353 4.14 16.60 -11.35
C LYS D 353 3.02 17.57 -10.99
N GLN D 354 3.22 18.37 -9.95
CA GLN D 354 2.20 19.31 -9.53
C GLN D 354 2.58 20.79 -9.64
N MET D 355 3.77 21.06 -10.17
CA MET D 355 4.21 22.44 -10.32
C MET D 355 4.68 22.75 -11.74
N THR D 356 4.60 24.02 -12.13
CA THR D 356 5.04 24.46 -13.45
C THR D 356 6.30 25.32 -13.28
N GLY D 357 6.59 25.64 -12.03
CA GLY D 357 7.76 26.44 -11.69
C GLY D 357 8.27 25.92 -10.36
N PHE D 358 9.37 26.45 -9.86
CA PHE D 358 9.89 25.97 -8.58
C PHE D 358 10.26 27.06 -7.61
N GLY D 359 9.62 28.22 -7.76
CA GLY D 359 9.88 29.33 -6.86
C GLY D 359 11.18 30.06 -7.08
N GLY D 360 11.32 31.20 -6.41
CA GLY D 360 12.53 31.99 -6.53
C GLY D 360 13.40 31.85 -5.29
N ALA D 361 13.00 30.96 -4.40
CA ALA D 361 13.75 30.74 -3.18
C ALA D 361 14.66 29.52 -3.37
N VAL D 362 15.89 29.64 -2.90
CA VAL D 362 16.86 28.56 -3.02
C VAL D 362 17.69 28.49 -1.75
N SER D 363 17.66 27.34 -1.09
CA SER D 363 18.43 27.17 0.13
C SER D 363 19.63 26.28 -0.14
N PHE D 364 20.76 26.59 0.48
CA PHE D 364 21.96 25.79 0.30
C PHE D 364 22.90 25.92 1.49
N GLU D 365 23.71 24.90 1.70
CA GLU D 365 24.67 24.89 2.79
C GLU D 365 26.08 25.10 2.28
N VAL D 366 26.78 26.07 2.87
CA VAL D 366 28.14 26.37 2.48
C VAL D 366 29.11 25.41 3.18
N ASP D 367 30.29 25.21 2.58
CA ASP D 367 31.29 24.33 3.14
C ASP D 367 32.08 25.07 4.22
N GLY D 368 31.47 25.26 5.39
CA GLY D 368 32.15 25.94 6.47
C GLY D 368 31.38 25.87 7.78
N ASP D 369 31.55 26.89 8.62
CA ASP D 369 30.87 26.93 9.91
C ASP D 369 30.09 28.23 10.09
N LEU D 370 29.44 28.38 11.23
CA LEU D 370 28.66 29.57 11.51
C LEU D 370 29.39 30.84 11.10
N LEU D 371 30.66 30.92 11.44
CA LEU D 371 31.47 32.09 11.13
C LEU D 371 31.80 32.23 9.64
N THR D 372 32.23 31.15 9.03
CA THR D 372 32.59 31.17 7.61
C THR D 372 31.37 31.51 6.76
N THR D 373 30.29 30.79 6.97
CA THR D 373 29.06 31.02 6.21
C THR D 373 28.73 32.50 6.23
N ALA D 374 28.80 33.09 7.42
CA ALA D 374 28.51 34.49 7.62
C ALA D 374 29.41 35.33 6.74
N LYS D 375 30.67 34.96 6.68
CA LYS D 375 31.64 35.69 5.86
C LYS D 375 31.16 35.77 4.41
N PHE D 376 30.54 34.69 3.94
CA PHE D 376 30.05 34.63 2.57
C PHE D 376 28.90 35.61 2.33
N VAL D 377 27.91 35.61 3.20
CA VAL D 377 26.78 36.52 3.05
C VAL D 377 27.24 37.95 3.24
N ASP D 378 28.23 38.14 4.11
CA ASP D 378 28.78 39.46 4.37
C ASP D 378 29.55 39.97 3.16
N ALA D 379 29.89 39.08 2.24
CA ALA D 379 30.62 39.44 1.05
C ALA D 379 29.70 39.86 -0.10
N LEU D 380 28.47 39.34 -0.10
CA LEU D 380 27.50 39.66 -1.13
C LEU D 380 27.27 41.17 -1.17
N LYS D 381 26.89 41.69 -2.34
CA LYS D 381 26.69 43.11 -2.48
C LYS D 381 25.31 43.54 -2.99
N ILE D 382 24.59 42.62 -3.63
CA ILE D 382 23.27 42.95 -4.18
C ILE D 382 22.11 42.66 -3.22
N PRO D 383 22.03 41.44 -2.69
CA PRO D 383 20.92 41.14 -1.79
C PRO D 383 21.06 41.81 -0.43
N TYR D 384 19.93 42.03 0.23
CA TYR D 384 19.94 42.64 1.55
C TYR D 384 19.93 41.51 2.55
N ILE D 385 20.56 41.71 3.70
CA ILE D 385 20.58 40.69 4.74
C ILE D 385 19.37 40.97 5.62
N ALA D 386 18.26 40.30 5.32
CA ALA D 386 17.05 40.51 6.09
C ALA D 386 16.09 39.33 5.93
N PRO D 387 14.97 39.35 6.68
CA PRO D 387 14.01 38.25 6.56
C PRO D 387 13.13 38.44 5.33
N SER D 388 12.06 37.65 5.24
CA SER D 388 11.14 37.75 4.12
C SER D 388 11.79 37.38 2.80
N PHE D 389 10.98 37.36 1.75
CA PHE D 389 11.45 37.00 0.42
C PHE D 389 10.33 37.25 -0.59
N GLY D 390 10.65 37.14 -1.87
CA GLY D 390 9.64 37.33 -2.89
C GLY D 390 9.61 38.69 -3.54
N GLY D 391 10.38 39.63 -3.00
CA GLY D 391 10.40 40.97 -3.57
C GLY D 391 11.40 41.16 -4.69
N CYS D 392 11.24 42.25 -5.43
CA CYS D 392 12.14 42.56 -6.54
C CYS D 392 13.58 42.58 -6.07
N GLU D 393 13.79 43.07 -4.86
CA GLU D 393 15.13 43.14 -4.29
C GLU D 393 15.52 41.75 -3.79
N SER D 394 16.77 41.37 -4.00
CA SER D 394 17.24 40.06 -3.55
C SER D 394 17.56 40.11 -2.06
N ILE D 395 17.34 39.01 -1.36
CA ILE D 395 17.59 38.94 0.08
C ILE D 395 18.26 37.63 0.50
N VAL D 396 19.09 37.72 1.54
CA VAL D 396 19.81 36.56 2.08
C VAL D 396 19.76 36.58 3.58
N ASP D 397 19.91 35.40 4.19
CA ASP D 397 19.90 35.25 5.64
C ASP D 397 20.30 33.83 6.07
N GLN D 398 20.74 33.71 7.31
CA GLN D 398 21.14 32.43 7.87
C GLN D 398 20.07 32.05 8.88
N PRO D 399 19.06 31.29 8.44
CA PRO D 399 17.97 30.86 9.34
C PRO D 399 18.46 30.55 10.76
N ALA D 400 19.68 30.03 10.85
CA ALA D 400 20.24 29.69 12.14
C ALA D 400 20.29 30.92 13.02
N ILE D 401 20.80 32.02 12.46
CA ILE D 401 20.90 33.26 13.20
C ILE D 401 19.61 34.05 13.14
N MET D 402 19.08 34.19 11.93
CA MET D 402 17.87 34.95 11.69
C MET D 402 16.60 34.51 12.41
N SER D 403 16.37 33.22 12.53
CA SER D 403 15.15 32.76 13.18
C SER D 403 15.27 31.64 14.21
N TYR D 404 16.49 31.29 14.58
CA TYR D 404 16.68 30.22 15.56
C TYR D 404 17.81 30.50 16.55
N TRP D 405 18.27 31.74 16.60
CA TRP D 405 19.34 32.10 17.49
C TRP D 405 18.98 31.90 18.96
N ASP D 406 17.69 31.94 19.27
CA ASP D 406 17.24 31.77 20.65
C ASP D 406 17.44 30.36 21.16
N LEU D 407 17.61 29.41 20.26
CA LEU D 407 17.79 28.01 20.64
C LEU D 407 19.26 27.63 20.70
N SER D 408 19.55 26.52 21.37
CA SER D 408 20.92 26.05 21.51
C SER D 408 21.31 25.30 20.25
N GLN D 409 22.59 25.34 19.91
CA GLN D 409 23.11 24.66 18.72
C GLN D 409 22.52 23.25 18.60
N SER D 410 22.37 22.59 19.74
CA SER D 410 21.83 21.24 19.79
C SER D 410 20.34 21.23 19.48
N ASP D 411 19.62 22.17 20.07
CA ASP D 411 18.18 22.28 19.86
C ASP D 411 17.89 22.68 18.42
N ARG D 412 18.78 23.47 17.84
CA ARG D 412 18.62 23.92 16.46
C ARG D 412 18.76 22.74 15.52
N ALA D 413 19.88 22.04 15.64
CA ALA D 413 20.16 20.89 14.81
C ALA D 413 19.06 19.83 14.97
N LYS D 414 18.43 19.81 16.14
CA LYS D 414 17.35 18.86 16.44
C LYS D 414 16.25 18.98 15.37
N TYR D 415 16.29 20.05 14.58
CA TYR D 415 15.30 20.25 13.53
C TYR D 415 15.88 20.70 12.19
N GLY D 416 17.02 20.12 11.83
CA GLY D 416 17.66 20.42 10.55
C GLY D 416 18.41 21.71 10.36
N ILE D 417 18.07 22.75 11.13
CA ILE D 417 18.75 24.03 10.96
C ILE D 417 20.23 23.98 11.34
N MET D 418 21.08 24.18 10.34
CA MET D 418 22.52 24.15 10.54
C MET D 418 23.14 25.54 10.43
N ASP D 419 24.28 25.73 11.07
CA ASP D 419 24.97 27.02 11.01
C ASP D 419 25.47 27.20 9.59
N ASN D 420 25.24 26.19 8.77
CA ASN D 420 25.67 26.17 7.37
C ASN D 420 24.61 26.70 6.41
N LEU D 421 23.36 26.40 6.71
CA LEU D 421 22.22 26.79 5.89
C LEU D 421 22.11 28.28 5.55
N VAL D 422 21.90 28.54 4.26
CA VAL D 422 21.75 29.89 3.74
C VAL D 422 20.55 29.91 2.80
N ARG D 423 19.55 30.71 3.12
CA ARG D 423 18.36 30.82 2.28
C ARG D 423 18.47 32.04 1.40
N PHE D 424 18.55 31.83 0.09
CA PHE D 424 18.66 32.93 -0.86
C PHE D 424 17.32 33.21 -1.54
N SER D 425 16.85 34.44 -1.42
CA SER D 425 15.61 34.86 -2.05
C SER D 425 16.04 35.69 -3.24
N PHE D 426 16.06 35.07 -4.41
CA PHE D 426 16.47 35.76 -5.62
C PHE D 426 15.48 36.83 -6.04
N GLY D 427 15.98 38.06 -6.19
CA GLY D 427 15.13 39.16 -6.60
C GLY D 427 14.77 39.13 -8.07
N VAL D 428 14.77 40.29 -8.71
CA VAL D 428 14.42 40.37 -10.12
C VAL D 428 15.56 40.99 -10.92
N GLU D 429 16.69 41.21 -10.25
CA GLU D 429 17.86 41.79 -10.89
C GLU D 429 18.33 40.87 -12.01
N ASP D 430 19.21 41.38 -12.88
CA ASP D 430 19.73 40.60 -13.99
C ASP D 430 20.54 39.41 -13.50
N PHE D 431 20.25 38.25 -14.08
CA PHE D 431 20.93 37.01 -13.71
C PHE D 431 22.44 37.13 -13.61
N ASP D 432 23.05 37.63 -14.68
CA ASP D 432 24.51 37.78 -14.74
C ASP D 432 25.04 38.56 -13.54
N ASP D 433 24.41 39.69 -13.25
CA ASP D 433 24.80 40.53 -12.13
C ASP D 433 24.73 39.72 -10.83
N LEU D 434 23.64 38.99 -10.66
CA LEU D 434 23.44 38.18 -9.48
C LEU D 434 24.49 37.08 -9.41
N LYS D 435 24.55 36.26 -10.46
CA LYS D 435 25.50 35.15 -10.53
C LYS D 435 26.91 35.59 -10.16
N ALA D 436 27.38 36.63 -10.83
CA ALA D 436 28.72 37.16 -10.58
C ALA D 436 28.93 37.50 -9.11
N ASP D 437 27.89 38.06 -8.51
CA ASP D 437 27.92 38.46 -7.10
C ASP D 437 28.08 37.25 -6.17
N ILE D 438 27.24 36.25 -6.35
CA ILE D 438 27.30 35.05 -5.54
C ILE D 438 28.65 34.35 -5.67
N LEU D 439 29.13 34.27 -6.91
CA LEU D 439 30.41 33.64 -7.17
C LEU D 439 31.54 34.40 -6.49
N GLN D 440 31.56 35.72 -6.71
CA GLN D 440 32.58 36.59 -6.12
C GLN D 440 32.71 36.44 -4.61
N ALA D 441 31.57 36.34 -3.93
CA ALA D 441 31.56 36.21 -2.48
C ALA D 441 31.90 34.79 -2.04
N LEU D 442 31.88 33.86 -2.98
CA LEU D 442 32.18 32.46 -2.70
C LEU D 442 33.67 32.18 -2.71
N ASP D 443 34.42 33.02 -3.40
CA ASP D 443 35.87 32.85 -3.49
C ASP D 443 36.55 33.43 -2.26
N SER D 444 35.87 34.37 -1.59
CA SER D 444 36.41 34.98 -0.38
C SER D 444 36.62 33.92 0.70
N ILE D 445 35.74 32.92 0.70
CA ILE D 445 35.82 31.82 1.67
C ILE D 445 37.17 31.14 1.60
N TYR E 50 149.35 -66.00 0.81
CA TYR E 50 148.27 -65.76 1.83
C TYR E 50 147.53 -67.08 2.10
N ALA E 51 146.87 -67.59 1.07
CA ALA E 51 146.11 -68.82 1.20
C ALA E 51 146.43 -69.78 0.08
N SER E 52 146.08 -71.04 0.28
CA SER E 52 146.32 -72.09 -0.69
C SER E 52 145.15 -72.24 -1.67
N PHE E 53 143.97 -71.85 -1.22
CA PHE E 53 142.78 -71.95 -2.05
C PHE E 53 142.62 -70.72 -2.94
N LEU E 54 143.41 -69.68 -2.66
CA LEU E 54 143.37 -68.45 -3.45
C LEU E 54 144.59 -68.39 -4.35
N ASN E 55 144.44 -68.91 -5.58
CA ASN E 55 145.54 -68.96 -6.52
C ASN E 55 145.45 -67.98 -7.68
N SER E 56 144.51 -67.04 -7.60
CA SER E 56 144.37 -66.04 -8.64
C SER E 56 144.54 -64.64 -8.06
N ASP E 57 145.12 -63.74 -8.84
CA ASP E 57 145.34 -62.37 -8.38
C ASP E 57 144.01 -61.71 -8.06
N GLY E 58 143.03 -61.88 -8.94
CA GLY E 58 141.72 -61.28 -8.71
C GLY E 58 141.07 -61.66 -7.39
N SER E 59 141.18 -62.93 -7.03
CA SER E 59 140.60 -63.44 -5.79
C SER E 59 141.37 -62.91 -4.59
N VAL E 60 142.68 -62.75 -4.76
CA VAL E 60 143.53 -62.23 -3.69
C VAL E 60 143.17 -60.79 -3.42
N ALA E 61 143.14 -59.98 -4.48
CA ALA E 61 142.82 -58.57 -4.35
C ALA E 61 141.51 -58.39 -3.60
N ILE E 62 140.72 -59.45 -3.54
CA ILE E 62 139.44 -59.40 -2.85
C ILE E 62 139.54 -59.83 -1.40
N HIS E 63 140.00 -61.06 -1.17
CA HIS E 63 140.09 -61.58 0.19
C HIS E 63 141.40 -61.42 0.94
N ALA E 64 142.46 -61.03 0.24
CA ALA E 64 143.75 -60.87 0.88
C ALA E 64 143.70 -59.89 2.06
N GLY E 65 144.05 -60.38 3.24
CA GLY E 65 144.04 -59.54 4.44
C GLY E 65 142.66 -59.34 5.04
N GLU E 66 141.73 -60.27 4.78
CA GLU E 66 140.38 -60.16 5.29
C GLU E 66 139.71 -61.52 5.54
N ARG E 67 139.60 -62.31 4.49
CA ARG E 67 138.95 -63.61 4.58
C ARG E 67 139.42 -64.50 5.73
N LEU E 68 140.71 -64.51 6.00
CA LEU E 68 141.26 -65.35 7.07
C LEU E 68 141.36 -64.69 8.44
N GLY E 69 141.18 -63.37 8.49
CA GLY E 69 141.27 -62.66 9.74
C GLY E 69 141.67 -61.22 9.52
N ARG E 70 141.47 -60.37 10.53
CA ARG E 70 141.80 -58.95 10.37
C ARG E 70 142.58 -58.32 11.53
N GLY E 71 142.64 -58.98 12.68
CA GLY E 71 143.36 -58.40 13.80
C GLY E 71 142.36 -57.57 14.60
N ILE E 72 141.30 -57.17 13.92
CA ILE E 72 140.22 -56.41 14.53
C ILE E 72 138.98 -57.27 14.26
N VAL E 73 138.73 -58.21 15.16
CA VAL E 73 137.61 -59.15 15.05
C VAL E 73 136.21 -58.60 14.86
N THR E 74 135.49 -59.21 13.92
CA THR E 74 134.12 -58.85 13.61
C THR E 74 133.48 -59.97 12.83
N ASP E 75 132.16 -60.08 12.93
CA ASP E 75 131.43 -61.09 12.19
C ASP E 75 130.94 -60.35 10.96
N ALA E 76 131.61 -59.24 10.68
CA ALA E 76 131.27 -58.40 9.54
C ALA E 76 132.05 -58.86 8.31
N ILE E 77 131.46 -58.70 7.14
CA ILE E 77 132.10 -59.11 5.90
C ILE E 77 133.21 -58.12 5.52
N THR E 78 132.95 -56.85 5.72
CA THR E 78 133.90 -55.81 5.37
C THR E 78 134.77 -55.36 6.52
N THR E 79 135.80 -54.57 6.19
CA THR E 79 136.74 -54.05 7.17
C THR E 79 136.19 -52.79 7.84
N PRO E 80 136.19 -52.76 9.18
CA PRO E 80 135.68 -51.61 9.91
C PRO E 80 136.64 -50.43 9.83
N VAL E 81 136.08 -49.23 9.75
CA VAL E 81 136.90 -48.03 9.68
C VAL E 81 137.16 -47.56 11.10
N VAL E 82 138.43 -47.48 11.49
CA VAL E 82 138.78 -47.05 12.85
C VAL E 82 139.27 -45.61 12.87
N ASN E 83 138.36 -44.70 13.20
CA ASN E 83 138.69 -43.28 13.26
C ASN E 83 139.22 -42.95 14.65
N THR E 84 140.49 -43.23 14.89
CA THR E 84 141.07 -42.96 16.18
C THR E 84 142.43 -42.29 16.01
N SER E 85 142.87 -41.55 17.02
CA SER E 85 144.14 -40.86 16.99
C SER E 85 145.14 -41.51 17.94
N ALA E 86 144.64 -42.33 18.84
CA ALA E 86 145.49 -43.02 19.81
C ALA E 86 144.85 -44.34 20.25
N TYR E 87 145.66 -45.19 20.89
CA TYR E 87 145.18 -46.49 21.36
C TYR E 87 145.52 -46.61 22.84
N PHE E 88 144.54 -47.05 23.62
CA PHE E 88 144.71 -47.17 25.06
C PHE E 88 145.22 -48.53 25.54
N PHE E 89 145.63 -48.56 26.81
CA PHE E 89 146.13 -49.77 27.45
C PHE E 89 145.35 -49.97 28.74
N ASN E 90 145.02 -51.22 29.07
CA ASN E 90 144.26 -51.54 30.26
C ASN E 90 144.96 -51.20 31.57
N LYS E 91 146.28 -51.39 31.61
CA LYS E 91 147.04 -51.08 32.81
C LYS E 91 148.51 -50.86 32.48
N THR E 92 149.15 -50.00 33.25
CA THR E 92 150.57 -49.69 33.05
C THR E 92 151.38 -50.94 32.77
N SER E 93 151.02 -52.05 33.42
CA SER E 93 151.73 -53.31 33.24
C SER E 93 151.78 -53.68 31.77
N GLU E 94 150.62 -53.71 31.14
CA GLU E 94 150.49 -54.04 29.72
C GLU E 94 151.26 -53.02 28.87
N LEU E 95 151.20 -51.76 29.28
CA LEU E 95 151.89 -50.71 28.54
C LEU E 95 153.36 -51.05 28.45
N ILE E 96 153.94 -51.49 29.57
CA ILE E 96 155.35 -51.86 29.62
C ILE E 96 155.60 -53.06 28.72
N ASP E 97 154.68 -54.03 28.79
CA ASP E 97 154.79 -55.25 27.98
C ASP E 97 154.95 -54.85 26.51
N PHE E 98 154.12 -53.90 26.06
CA PHE E 98 154.17 -53.43 24.67
C PHE E 98 155.49 -52.72 24.39
N LYS E 99 155.96 -51.96 25.36
CA LYS E 99 157.21 -51.22 25.24
C LYS E 99 158.39 -52.17 25.25
N GLU E 100 158.19 -53.37 25.78
CA GLU E 100 159.23 -54.37 25.85
C GLU E 100 159.04 -55.48 24.80
N LYS E 101 158.30 -55.15 23.74
CA LYS E 101 158.03 -56.08 22.65
C LYS E 101 157.37 -57.40 23.03
N ARG E 102 156.55 -57.41 24.07
CA ARG E 102 155.88 -58.63 24.49
C ARG E 102 154.41 -58.60 24.10
N ARG E 103 153.92 -57.41 23.78
CA ARG E 103 152.53 -57.22 23.37
C ARG E 103 152.46 -56.30 22.15
N ALA E 104 151.41 -56.47 21.34
CA ALA E 104 151.24 -55.67 20.15
C ALA E 104 150.29 -54.48 20.35
N SER E 105 150.59 -53.37 19.68
CA SER E 105 149.78 -52.16 19.77
C SER E 105 150.35 -51.07 18.88
N PHE E 106 149.48 -50.25 18.30
CA PHE E 106 149.92 -49.17 17.44
C PHE E 106 150.29 -47.96 18.27
N GLU E 107 149.79 -47.92 19.51
CA GLU E 107 150.07 -46.83 20.44
C GLU E 107 149.49 -45.49 20.00
N TYR E 108 150.00 -44.97 18.89
CA TYR E 108 149.56 -43.69 18.35
C TYR E 108 149.16 -43.83 16.88
N GLY E 109 148.19 -43.03 16.45
CA GLY E 109 147.71 -43.12 15.08
C GLY E 109 148.71 -42.84 13.97
N ARG E 110 149.85 -42.24 14.32
CA ARG E 110 150.90 -41.93 13.35
C ARG E 110 151.77 -43.15 13.09
N TYR E 111 151.59 -44.18 13.92
CA TYR E 111 152.38 -45.40 13.83
C TYR E 111 151.60 -46.59 13.31
N GLY E 112 150.35 -46.39 12.92
CA GLY E 112 149.55 -47.49 12.42
C GLY E 112 148.06 -47.39 12.66
N ASN E 113 147.31 -48.30 12.07
CA ASN E 113 145.86 -48.34 12.20
C ASN E 113 145.28 -49.67 11.71
N PRO E 114 144.31 -50.24 12.45
CA PRO E 114 143.70 -51.52 12.09
C PRO E 114 143.13 -51.58 10.67
N THR E 115 142.34 -50.58 10.30
CA THR E 115 141.74 -50.55 8.98
C THR E 115 142.77 -50.24 7.90
N THR E 116 143.98 -49.88 8.31
CA THR E 116 145.02 -49.56 7.35
C THR E 116 145.93 -50.75 7.06
N VAL E 117 146.25 -51.53 8.08
CA VAL E 117 147.10 -52.69 7.89
C VAL E 117 146.46 -53.65 6.91
N VAL E 118 145.15 -53.77 6.96
CA VAL E 118 144.45 -54.66 6.05
C VAL E 118 144.88 -54.35 4.63
N LEU E 119 144.88 -53.08 4.28
CA LEU E 119 145.30 -52.66 2.95
C LEU E 119 146.77 -52.99 2.72
N GLU E 120 147.56 -52.86 3.78
CA GLU E 120 148.99 -53.13 3.71
C GLU E 120 149.24 -54.60 3.37
N GLU E 121 148.56 -55.50 4.08
CA GLU E 121 148.71 -56.93 3.86
C GLU E 121 148.09 -57.35 2.53
N LYS E 122 147.02 -56.68 2.15
CA LYS E 122 146.33 -56.97 0.91
C LYS E 122 147.27 -56.74 -0.27
N ILE E 123 147.89 -55.56 -0.30
CA ILE E 123 148.82 -55.22 -1.37
C ILE E 123 150.06 -56.10 -1.26
N SER E 124 150.48 -56.36 -0.03
CA SER E 124 151.65 -57.21 0.20
C SER E 124 151.44 -58.55 -0.49
N ALA E 125 150.22 -59.08 -0.38
CA ALA E 125 149.89 -60.36 -0.99
C ALA E 125 149.92 -60.30 -2.52
N LEU E 126 149.41 -59.21 -3.10
CA LEU E 126 149.40 -59.07 -4.55
C LEU E 126 150.81 -59.06 -5.13
N GLU E 127 151.65 -58.20 -4.55
CA GLU E 127 153.03 -58.07 -5.00
C GLU E 127 153.91 -59.23 -4.52
N GLY E 128 153.36 -60.04 -3.60
CA GLY E 128 154.12 -61.16 -3.09
C GLY E 128 155.30 -60.66 -2.27
N ALA E 129 155.09 -59.54 -1.59
CA ALA E 129 156.12 -58.92 -0.76
C ALA E 129 156.08 -59.37 0.70
N GLU E 130 157.13 -58.99 1.43
CA GLU E 130 157.26 -59.34 2.84
C GLU E 130 156.49 -58.34 3.69
N SER E 131 156.44 -57.09 3.24
CA SER E 131 155.76 -56.04 3.97
C SER E 131 155.51 -54.83 3.07
N THR E 132 154.38 -54.16 3.29
CA THR E 132 154.04 -52.98 2.50
C THR E 132 153.80 -51.79 3.46
N LEU E 133 154.08 -50.58 2.98
CA LEU E 133 153.88 -49.38 3.78
C LEU E 133 152.99 -48.43 3.00
N LEU E 134 152.01 -47.85 3.68
CA LEU E 134 151.10 -46.92 3.02
C LEU E 134 151.25 -45.50 3.53
N MET E 135 151.28 -44.56 2.59
CA MET E 135 151.45 -43.16 2.94
C MET E 135 150.33 -42.26 2.44
N ALA E 136 150.48 -40.97 2.70
CA ALA E 136 149.52 -39.96 2.30
C ALA E 136 149.33 -39.90 0.79
N SER E 137 150.40 -40.08 0.03
CA SER E 137 150.33 -40.04 -1.42
C SER E 137 151.52 -40.74 -2.07
N GLY E 138 151.48 -40.87 -3.40
CA GLY E 138 152.57 -41.49 -4.12
C GLY E 138 153.87 -40.73 -3.88
N MET E 139 153.81 -39.42 -4.06
CA MET E 139 154.97 -38.55 -3.87
C MET E 139 155.60 -38.76 -2.50
N CYS E 140 154.75 -38.86 -1.48
CA CYS E 140 155.23 -39.07 -0.12
C CYS E 140 156.12 -40.32 -0.09
N ALA E 141 155.63 -41.38 -0.72
CA ALA E 141 156.34 -42.65 -0.80
C ALA E 141 157.75 -42.50 -1.36
N SER E 142 157.84 -42.06 -2.61
CA SER E 142 159.15 -41.87 -3.25
C SER E 142 160.06 -41.03 -2.37
N THR E 143 159.56 -39.85 -2.02
CA THR E 143 160.28 -38.91 -1.19
C THR E 143 160.86 -39.56 0.06
N VAL E 144 159.98 -40.07 0.91
CA VAL E 144 160.39 -40.71 2.15
C VAL E 144 161.40 -41.83 1.88
N MET E 145 161.06 -42.70 0.94
CA MET E 145 161.93 -43.82 0.58
C MET E 145 163.33 -43.32 0.22
N LEU E 146 163.39 -42.28 -0.60
CA LEU E 146 164.66 -41.72 -1.00
C LEU E 146 165.40 -41.20 0.22
N LEU E 147 164.74 -40.32 0.97
CA LEU E 147 165.34 -39.74 2.16
C LEU E 147 165.82 -40.76 3.16
N ALA E 148 165.21 -41.94 3.12
CA ALA E 148 165.56 -42.99 4.08
C ALA E 148 166.64 -43.99 3.64
N LEU E 149 166.64 -44.36 2.36
CA LEU E 149 167.59 -45.33 1.84
C LEU E 149 168.89 -44.74 1.30
N VAL E 150 168.81 -43.59 0.65
CA VAL E 150 170.01 -42.97 0.12
C VAL E 150 170.66 -42.12 1.21
N PRO E 151 171.93 -42.40 1.53
CA PRO E 151 172.66 -41.66 2.56
C PRO E 151 173.28 -40.37 2.04
N ALA E 152 173.62 -39.48 2.96
CA ALA E 152 174.22 -38.20 2.58
C ALA E 152 175.49 -38.43 1.77
N GLY E 153 175.67 -37.66 0.71
CA GLY E 153 176.84 -37.82 -0.13
C GLY E 153 176.72 -38.99 -1.08
N GLY E 154 175.64 -39.76 -0.91
CA GLY E 154 175.42 -40.93 -1.76
C GLY E 154 175.10 -40.59 -3.20
N HIS E 155 175.09 -41.61 -4.05
CA HIS E 155 174.79 -41.43 -5.46
C HIS E 155 173.60 -42.27 -5.88
N ILE E 156 172.79 -41.69 -6.76
CA ILE E 156 171.59 -42.33 -7.28
C ILE E 156 171.60 -42.41 -8.79
N VAL E 157 170.82 -43.32 -9.34
CA VAL E 157 170.74 -43.48 -10.79
C VAL E 157 169.29 -43.63 -11.19
N THR E 158 168.88 -42.82 -12.17
CA THR E 158 167.51 -42.85 -12.66
C THR E 158 167.49 -42.55 -14.14
N THR E 159 166.30 -42.69 -14.73
CA THR E 159 166.13 -42.45 -16.15
C THR E 159 165.73 -41.02 -16.48
N THR E 160 165.79 -40.68 -17.76
CA THR E 160 165.44 -39.34 -18.22
C THR E 160 163.92 -39.11 -18.21
N ASP E 161 163.16 -40.20 -18.29
CA ASP E 161 161.72 -40.12 -18.33
C ASP E 161 161.08 -40.13 -16.94
N CYS E 162 161.90 -39.85 -15.92
CA CYS E 162 161.43 -39.81 -14.53
C CYS E 162 160.28 -38.82 -14.36
N TYR E 163 159.34 -39.14 -13.47
CA TYR E 163 158.20 -38.28 -13.20
C TYR E 163 158.68 -36.89 -12.77
N ARG E 164 158.22 -35.86 -13.47
CA ARG E 164 158.61 -34.48 -13.20
C ARG E 164 158.90 -34.15 -11.74
N LYS E 165 157.85 -34.07 -10.94
CA LYS E 165 157.99 -33.75 -9.51
C LYS E 165 159.07 -34.56 -8.82
N THR E 166 159.22 -35.84 -9.17
CA THR E 166 160.25 -36.66 -8.55
C THR E 166 161.62 -36.19 -9.02
N ARG E 167 161.68 -35.75 -10.28
CA ARG E 167 162.91 -35.24 -10.84
C ARG E 167 163.34 -34.00 -10.08
N ILE E 168 162.39 -33.14 -9.79
CA ILE E 168 162.64 -31.90 -9.05
C ILE E 168 163.18 -32.23 -7.66
N PHE E 169 162.52 -33.15 -6.96
CA PHE E 169 162.96 -33.53 -5.63
C PHE E 169 164.42 -33.95 -5.64
N ILE E 170 164.77 -34.79 -6.60
CA ILE E 170 166.14 -35.29 -6.71
C ILE E 170 167.15 -34.24 -7.13
N GLU E 171 166.75 -33.32 -8.00
CA GLU E 171 167.63 -32.29 -8.51
C GLU E 171 167.68 -31.01 -7.67
N THR E 172 166.87 -30.92 -6.63
CA THR E 172 166.87 -29.71 -5.81
C THR E 172 166.95 -29.94 -4.32
N ILE E 173 166.40 -31.05 -3.83
CA ILE E 173 166.42 -31.33 -2.42
C ILE E 173 167.56 -32.26 -2.00
N LEU E 174 167.63 -33.43 -2.63
CA LEU E 174 168.65 -34.41 -2.33
C LEU E 174 170.08 -33.85 -2.35
N PRO E 175 170.41 -33.01 -3.34
CA PRO E 175 171.77 -32.46 -3.37
C PRO E 175 172.14 -31.81 -2.04
N LYS E 176 171.16 -31.22 -1.36
CA LYS E 176 171.37 -30.57 -0.07
C LYS E 176 172.05 -31.50 0.91
N MET E 177 171.82 -32.79 0.76
CA MET E 177 172.42 -33.79 1.62
C MET E 177 173.64 -34.37 0.93
N GLY E 178 174.10 -33.66 -0.10
CA GLY E 178 175.28 -34.10 -0.84
C GLY E 178 175.03 -35.25 -1.80
N ILE E 179 173.77 -35.63 -1.95
CA ILE E 179 173.41 -36.74 -2.83
C ILE E 179 173.46 -36.33 -4.30
N THR E 180 174.35 -36.97 -5.05
CA THR E 180 174.50 -36.72 -6.48
C THR E 180 173.76 -37.81 -7.26
N ALA E 181 173.36 -37.50 -8.48
CA ALA E 181 172.62 -38.46 -9.29
C ALA E 181 173.11 -38.56 -10.72
N THR E 182 172.83 -39.69 -11.35
CA THR E 182 173.20 -39.93 -12.74
C THR E 182 171.93 -40.29 -13.49
N VAL E 183 171.62 -39.51 -14.52
CA VAL E 183 170.42 -39.73 -15.30
C VAL E 183 170.73 -40.36 -16.65
N ILE E 184 170.23 -41.57 -16.84
CA ILE E 184 170.45 -42.31 -18.09
C ILE E 184 169.14 -42.51 -18.83
N ASP E 185 169.24 -42.98 -20.07
CA ASP E 185 168.05 -43.24 -20.86
C ASP E 185 167.50 -44.58 -20.41
N PRO E 186 166.17 -44.74 -20.43
CA PRO E 186 165.55 -46.00 -20.01
C PRO E 186 166.15 -47.26 -20.65
N ALA E 187 166.45 -47.19 -21.95
CA ALA E 187 167.01 -48.32 -22.68
C ALA E 187 168.52 -48.49 -22.56
N ASP E 188 169.24 -47.37 -22.44
CA ASP E 188 170.68 -47.37 -22.33
C ASP E 188 171.21 -48.18 -21.14
N VAL E 189 171.33 -49.49 -21.33
CA VAL E 189 171.82 -50.37 -20.29
C VAL E 189 173.32 -50.20 -20.07
N GLY E 190 174.03 -49.81 -21.13
CA GLY E 190 175.46 -49.60 -21.02
C GLY E 190 175.74 -48.49 -20.03
N ALA E 191 175.04 -47.37 -20.19
CA ALA E 191 175.21 -46.22 -19.31
C ALA E 191 175.07 -46.65 -17.85
N LEU E 192 174.09 -47.51 -17.58
CA LEU E 192 173.86 -48.00 -16.24
C LEU E 192 175.10 -48.75 -15.74
N GLU E 193 175.55 -49.70 -16.55
CA GLU E 193 176.73 -50.50 -16.22
C GLU E 193 177.92 -49.59 -15.96
N LEU E 194 178.09 -48.60 -16.82
CA LEU E 194 179.20 -47.66 -16.69
C LEU E 194 179.09 -46.98 -15.33
N ALA E 195 178.00 -46.22 -15.14
CA ALA E 195 177.75 -45.52 -13.89
C ALA E 195 177.94 -46.46 -12.71
N LEU E 196 177.49 -47.70 -12.88
CA LEU E 196 177.60 -48.70 -11.82
C LEU E 196 179.06 -48.93 -11.41
N ASN E 197 179.98 -48.74 -12.36
CA ASN E 197 181.39 -48.95 -12.08
C ASN E 197 182.15 -47.67 -11.71
N GLN E 198 181.86 -46.58 -12.41
CA GLN E 198 182.53 -45.31 -12.13
C GLN E 198 182.29 -44.90 -10.69
N LYS E 199 181.10 -44.36 -10.42
CA LYS E 199 180.75 -43.93 -9.07
C LYS E 199 180.13 -45.10 -8.32
N LYS E 200 179.92 -44.94 -7.03
CA LYS E 200 179.34 -46.00 -6.21
C LYS E 200 177.84 -45.79 -6.08
N VAL E 201 177.07 -46.46 -6.95
CA VAL E 201 175.61 -46.33 -6.94
C VAL E 201 174.99 -46.96 -5.70
N ASN E 202 174.15 -46.17 -5.02
CA ASN E 202 173.46 -46.59 -3.81
C ASN E 202 172.14 -47.25 -4.15
N LEU E 203 171.46 -46.70 -5.14
CA LEU E 203 170.16 -47.22 -5.55
C LEU E 203 169.77 -46.72 -6.92
N PHE E 204 169.20 -47.62 -7.72
CA PHE E 204 168.73 -47.29 -9.06
C PHE E 204 167.21 -47.19 -8.99
N PHE E 205 166.70 -45.99 -9.26
CA PHE E 205 165.28 -45.76 -9.20
C PHE E 205 164.72 -45.47 -10.58
N THR E 206 163.54 -46.01 -10.86
CA THR E 206 162.88 -45.79 -12.14
C THR E 206 161.52 -46.46 -12.17
N GLU E 207 160.66 -45.95 -13.05
CA GLU E 207 159.33 -46.50 -13.23
C GLU E 207 159.26 -47.28 -14.54
N SER E 208 158.36 -48.25 -14.60
CA SER E 208 158.21 -49.05 -15.81
C SER E 208 156.83 -49.71 -15.85
N PRO E 209 155.98 -49.33 -16.81
CA PRO E 209 156.26 -48.33 -17.85
C PRO E 209 156.61 -46.95 -17.32
N THR E 210 157.03 -46.08 -18.22
CA THR E 210 157.44 -44.73 -17.91
C THR E 210 156.35 -43.72 -18.31
N ASN E 211 156.46 -42.49 -17.80
CA ASN E 211 155.50 -41.44 -18.13
C ASN E 211 156.20 -40.36 -18.96
N PRO E 212 155.60 -39.94 -20.09
CA PRO E 212 154.33 -40.40 -20.66
C PRO E 212 154.52 -41.32 -21.87
N PHE E 213 155.78 -41.62 -22.20
CA PHE E 213 156.07 -42.46 -23.36
C PHE E 213 156.11 -43.95 -23.06
N LEU E 214 155.59 -44.32 -21.89
CA LEU E 214 155.51 -45.70 -21.45
C LEU E 214 156.72 -46.57 -21.77
N ARG E 215 157.91 -46.01 -21.57
CA ARG E 215 159.13 -46.77 -21.82
C ARG E 215 159.25 -47.82 -20.71
N CYS E 216 159.71 -49.01 -21.08
CA CYS E 216 159.85 -50.09 -20.11
C CYS E 216 161.32 -50.44 -19.88
N VAL E 217 161.61 -50.95 -18.69
CA VAL E 217 162.96 -51.31 -18.34
C VAL E 217 163.04 -52.80 -18.05
N ASP E 218 164.07 -53.46 -18.57
CA ASP E 218 164.24 -54.88 -18.32
C ASP E 218 164.60 -55.06 -16.85
N ILE E 219 163.57 -55.10 -16.01
CA ILE E 219 163.74 -55.24 -14.57
C ILE E 219 164.73 -56.36 -14.22
N GLU E 220 164.49 -57.55 -14.76
CA GLU E 220 165.34 -58.71 -14.49
C GLU E 220 166.81 -58.38 -14.75
N LEU E 221 167.09 -57.86 -15.94
CA LEU E 221 168.46 -57.53 -16.30
C LEU E 221 169.00 -56.46 -15.35
N VAL E 222 168.38 -55.29 -15.42
CA VAL E 222 168.78 -54.16 -14.59
C VAL E 222 169.08 -54.58 -13.16
N SER E 223 168.17 -55.35 -12.57
CA SER E 223 168.36 -55.82 -11.19
C SER E 223 169.69 -56.53 -11.00
N LYS E 224 169.98 -57.47 -11.91
CA LYS E 224 171.21 -58.26 -11.85
C LYS E 224 172.46 -57.37 -11.83
N LEU E 225 172.54 -56.44 -12.78
CA LEU E 225 173.67 -55.53 -12.88
C LEU E 225 173.86 -54.74 -11.59
N CYS E 226 172.76 -54.20 -11.07
CA CYS E 226 172.81 -53.41 -9.84
C CYS E 226 173.30 -54.24 -8.66
N HIS E 227 172.62 -55.34 -8.38
CA HIS E 227 172.99 -56.20 -7.26
C HIS E 227 174.43 -56.66 -7.34
N GLU E 228 174.97 -56.74 -8.55
CA GLU E 228 176.34 -57.15 -8.75
C GLU E 228 177.28 -56.13 -8.12
N LYS E 229 176.90 -54.86 -8.22
CA LYS E 229 177.70 -53.77 -7.65
C LYS E 229 177.15 -53.25 -6.34
N GLY E 230 176.19 -53.98 -5.76
CA GLY E 230 175.62 -53.60 -4.48
C GLY E 230 174.57 -52.50 -4.45
N ALA E 231 174.14 -52.02 -5.61
CA ALA E 231 173.13 -50.97 -5.68
C ALA E 231 171.75 -51.57 -5.42
N LEU E 232 170.80 -50.73 -5.04
CA LEU E 232 169.44 -51.16 -4.80
C LEU E 232 168.58 -50.78 -5.99
N VAL E 233 167.50 -51.52 -6.19
CA VAL E 233 166.61 -51.26 -7.31
C VAL E 233 165.18 -51.05 -6.86
N CYS E 234 164.60 -49.93 -7.29
CA CYS E 234 163.22 -49.62 -6.94
C CYS E 234 162.45 -49.24 -8.19
N ILE E 235 161.41 -50.01 -8.48
CA ILE E 235 160.59 -49.77 -9.66
C ILE E 235 159.23 -49.17 -9.30
N ASP E 236 158.79 -48.20 -10.10
CA ASP E 236 157.52 -47.55 -9.89
C ASP E 236 156.51 -48.15 -10.88
N GLY E 237 155.92 -49.27 -10.49
CA GLY E 237 154.97 -49.94 -11.35
C GLY E 237 153.59 -49.31 -11.30
N THR E 238 153.54 -47.99 -11.14
CA THR E 238 152.26 -47.30 -11.08
C THR E 238 151.42 -47.62 -12.31
N PHE E 239 151.96 -47.32 -13.48
CA PHE E 239 151.27 -47.57 -14.74
C PHE E 239 150.95 -49.03 -14.97
N ALA E 240 151.86 -49.91 -14.55
CA ALA E 240 151.70 -51.34 -14.74
C ALA E 240 150.62 -51.97 -13.87
N THR E 241 150.69 -51.77 -12.56
CA THR E 241 149.75 -52.34 -11.61
C THR E 241 150.31 -53.70 -11.19
N PRO E 242 150.13 -54.07 -9.91
CA PRO E 242 150.65 -55.38 -9.45
C PRO E 242 150.04 -56.58 -10.17
N LEU E 243 149.09 -56.33 -11.06
CA LEU E 243 148.43 -57.39 -11.80
C LEU E 243 149.11 -57.65 -13.14
N ASN E 244 149.62 -56.58 -13.74
CA ASN E 244 150.28 -56.66 -15.04
C ASN E 244 151.76 -56.99 -14.97
N GLN E 245 152.34 -56.92 -13.78
CA GLN E 245 153.76 -57.22 -13.61
C GLN E 245 154.16 -57.33 -12.15
N LYS E 246 155.06 -58.26 -11.86
CA LYS E 246 155.53 -58.48 -10.50
C LYS E 246 157.00 -58.09 -10.39
N ALA E 247 157.28 -56.78 -10.38
CA ALA E 247 158.63 -56.27 -10.28
C ALA E 247 159.44 -56.95 -9.17
N LEU E 248 158.77 -57.30 -8.08
CA LEU E 248 159.45 -57.96 -6.98
C LEU E 248 159.95 -59.33 -7.39
N ALA E 249 159.14 -60.05 -8.16
CA ALA E 249 159.49 -61.38 -8.63
C ALA E 249 160.59 -61.33 -9.68
N LEU E 250 160.65 -60.24 -10.43
CA LEU E 250 161.65 -60.07 -11.47
C LEU E 250 163.03 -59.70 -10.94
N GLY E 251 163.11 -59.42 -9.64
CA GLY E 251 164.40 -59.07 -9.06
C GLY E 251 164.47 -57.79 -8.26
N ALA E 252 163.55 -56.86 -8.50
CA ALA E 252 163.54 -55.58 -7.78
C ALA E 252 163.49 -55.76 -6.27
N ASP E 253 164.14 -54.84 -5.55
CA ASP E 253 164.16 -54.87 -4.08
C ASP E 253 162.88 -54.25 -3.56
N LEU E 254 162.47 -53.17 -4.21
CA LEU E 254 161.27 -52.45 -3.82
C LEU E 254 160.44 -52.05 -5.02
N VAL E 255 159.13 -52.12 -4.84
CA VAL E 255 158.19 -51.72 -5.89
C VAL E 255 157.18 -50.78 -5.23
N LEU E 256 157.11 -49.55 -5.72
CA LEU E 256 156.17 -48.59 -5.16
C LEU E 256 155.12 -48.20 -6.18
N HIS E 257 153.93 -47.87 -5.68
CA HIS E 257 152.82 -47.47 -6.52
C HIS E 257 152.22 -46.17 -6.04
N SER E 258 151.16 -45.76 -6.73
CA SER E 258 150.43 -44.55 -6.40
C SER E 258 148.98 -44.96 -6.42
N ALA E 259 148.50 -45.51 -5.30
CA ALA E 259 147.11 -45.97 -5.20
C ALA E 259 146.13 -44.95 -5.75
N THR E 260 146.57 -43.69 -5.86
CA THR E 260 145.75 -42.62 -6.37
C THR E 260 145.23 -42.90 -7.78
N LYS E 261 145.95 -43.77 -8.49
CA LYS E 261 145.60 -44.10 -9.86
C LYS E 261 144.72 -45.33 -10.05
N PHE E 262 145.36 -46.45 -10.34
CA PHE E 262 144.68 -47.71 -10.59
C PHE E 262 144.22 -48.43 -9.34
N LEU E 263 145.03 -48.43 -8.30
CA LEU E 263 144.67 -49.12 -7.06
C LEU E 263 143.35 -48.64 -6.47
N GLY E 264 143.19 -47.32 -6.37
CA GLY E 264 141.93 -46.77 -5.86
C GLY E 264 140.93 -46.93 -6.98
N GLY E 265 141.35 -46.50 -8.17
CA GLY E 265 140.54 -46.61 -9.38
C GLY E 265 139.25 -45.83 -9.54
N HIS E 266 138.89 -45.01 -8.56
CA HIS E 266 137.65 -44.25 -8.67
C HIS E 266 137.86 -42.75 -8.66
N ASN E 267 139.12 -42.33 -8.68
CA ASN E 267 139.45 -40.92 -8.69
C ASN E 267 138.79 -40.18 -7.54
N ASP E 268 139.08 -40.60 -6.32
CA ASP E 268 138.49 -39.95 -5.17
C ASP E 268 139.33 -40.07 -3.90
N VAL E 269 140.60 -40.43 -4.05
CA VAL E 269 141.48 -40.57 -2.90
C VAL E 269 142.94 -40.66 -3.30
N LEU E 270 143.82 -40.11 -2.47
CA LEU E 270 145.25 -40.16 -2.73
C LEU E 270 145.91 -41.13 -1.76
N ALA E 271 146.99 -41.78 -2.21
CA ALA E 271 147.71 -42.72 -1.37
C ALA E 271 149.06 -43.14 -1.94
N GLY E 272 149.96 -43.53 -1.04
CA GLY E 272 151.27 -43.96 -1.44
C GLY E 272 151.45 -45.43 -1.13
N CYS E 273 152.29 -46.11 -1.90
CA CYS E 273 152.51 -47.53 -1.73
C CYS E 273 153.97 -47.93 -1.92
N ILE E 274 154.47 -48.74 -1.00
CA ILE E 274 155.85 -49.23 -1.09
C ILE E 274 155.87 -50.64 -0.52
N SER E 275 156.14 -51.62 -1.37
CA SER E 275 156.22 -53.01 -0.96
C SER E 275 157.61 -53.59 -1.19
N GLY E 276 158.02 -54.51 -0.33
CA GLY E 276 159.33 -55.13 -0.46
C GLY E 276 159.70 -55.95 0.76
N PRO E 277 161.00 -56.25 0.97
CA PRO E 277 161.39 -57.04 2.14
C PRO E 277 161.28 -56.22 3.43
N LEU E 278 161.08 -56.91 4.56
CA LEU E 278 160.94 -56.25 5.84
C LEU E 278 162.13 -55.38 6.19
N LYS E 279 163.31 -55.99 6.21
CA LYS E 279 164.55 -55.29 6.55
C LYS E 279 164.64 -53.94 5.85
N LEU E 280 164.13 -53.87 4.63
CA LEU E 280 164.18 -52.63 3.87
C LEU E 280 163.00 -51.72 4.18
N VAL E 281 161.80 -52.20 3.88
CA VAL E 281 160.57 -51.42 4.11
C VAL E 281 160.44 -50.89 5.53
N SER E 282 160.94 -51.65 6.50
CA SER E 282 160.86 -51.23 7.89
C SER E 282 161.71 -49.98 8.12
N GLU E 283 162.82 -49.91 7.41
CA GLU E 283 163.74 -48.77 7.52
C GLU E 283 163.04 -47.49 7.08
N ILE E 284 162.17 -47.62 6.07
CA ILE E 284 161.44 -46.47 5.55
C ILE E 284 160.31 -46.11 6.50
N ARG E 285 159.69 -47.14 7.07
CA ARG E 285 158.59 -46.96 8.00
C ARG E 285 159.08 -46.13 9.19
N ASN E 286 160.33 -46.31 9.56
CA ASN E 286 160.90 -45.58 10.69
C ASN E 286 160.98 -44.08 10.44
N LEU E 287 161.42 -43.69 9.25
CA LEU E 287 161.51 -42.28 8.91
C LEU E 287 160.11 -41.74 8.70
N HIS E 288 159.20 -42.63 8.30
CA HIS E 288 157.81 -42.27 8.05
C HIS E 288 157.15 -41.84 9.35
N HIS E 289 157.44 -42.57 10.43
CA HIS E 289 156.88 -42.27 11.74
C HIS E 289 157.34 -40.92 12.25
N ILE E 290 158.30 -40.31 11.57
CA ILE E 290 158.79 -39.01 11.98
C ILE E 290 158.28 -37.93 11.04
N LEU E 291 158.40 -38.18 9.74
CA LEU E 291 157.94 -37.21 8.75
C LEU E 291 156.42 -37.02 8.80
N GLY E 292 155.74 -38.00 9.39
CA GLY E 292 154.30 -37.93 9.53
C GLY E 292 153.46 -37.78 8.27
N GLY E 293 153.53 -38.77 7.39
CA GLY E 293 152.75 -38.73 6.16
C GLY E 293 151.69 -39.80 6.25
N ALA E 294 151.11 -39.93 7.43
CA ALA E 294 150.07 -40.92 7.70
C ALA E 294 148.89 -40.85 6.76
N LEU E 295 148.35 -42.03 6.46
CA LEU E 295 147.18 -42.16 5.59
C LEU E 295 145.94 -42.32 6.47
N ASN E 296 144.90 -41.55 6.18
CA ASN E 296 143.67 -41.60 6.96
C ASN E 296 142.89 -42.90 6.79
N PRO E 297 142.28 -43.40 7.87
CA PRO E 297 141.50 -44.64 7.87
C PRO E 297 140.35 -44.66 6.85
N ASN E 298 139.77 -43.49 6.59
CA ASN E 298 138.67 -43.40 5.64
C ASN E 298 139.23 -43.60 4.24
N ALA E 299 140.41 -43.05 4.00
CA ALA E 299 141.06 -43.19 2.69
C ALA E 299 141.42 -44.65 2.47
N ALA E 300 142.02 -45.28 3.48
CA ALA E 300 142.41 -46.67 3.41
C ALA E 300 141.26 -47.56 2.96
N TYR E 301 140.08 -47.31 3.52
CA TYR E 301 138.90 -48.10 3.18
C TYR E 301 138.46 -47.87 1.75
N LEU E 302 138.56 -46.63 1.29
CA LEU E 302 138.17 -46.29 -0.07
C LEU E 302 139.01 -47.06 -1.08
N ILE E 303 140.23 -47.39 -0.69
CA ILE E 303 141.13 -48.15 -1.55
C ILE E 303 140.81 -49.63 -1.42
N ILE E 304 140.69 -50.11 -0.19
CA ILE E 304 140.36 -51.53 0.05
C ILE E 304 139.13 -51.88 -0.77
N ARG E 305 138.17 -50.96 -0.79
CA ARG E 305 136.93 -51.15 -1.52
C ARG E 305 137.15 -51.11 -3.03
N GLY E 306 137.96 -50.15 -3.47
CA GLY E 306 138.24 -50.03 -4.89
C GLY E 306 139.04 -51.19 -5.44
N MET E 307 139.80 -51.86 -4.59
CA MET E 307 140.61 -52.99 -5.02
C MET E 307 139.81 -54.27 -5.15
N LYS E 308 138.62 -54.28 -4.57
CA LYS E 308 137.77 -55.46 -4.65
C LYS E 308 137.43 -55.74 -6.11
N THR E 309 137.61 -54.74 -6.96
CA THR E 309 137.32 -54.88 -8.37
C THR E 309 138.51 -54.50 -9.24
N LEU E 310 139.70 -54.61 -8.68
CA LEU E 310 140.91 -54.27 -9.42
C LEU E 310 141.03 -55.08 -10.69
N HIS E 311 141.17 -56.39 -10.55
CA HIS E 311 141.31 -57.29 -11.70
C HIS E 311 140.26 -57.04 -12.77
N LEU E 312 139.03 -56.79 -12.34
CA LEU E 312 137.95 -56.54 -13.27
C LEU E 312 138.22 -55.26 -14.06
N ARG E 313 138.54 -54.19 -13.35
CA ARG E 313 138.82 -52.92 -14.00
C ARG E 313 140.03 -52.99 -14.92
N VAL E 314 141.17 -53.42 -14.38
CA VAL E 314 142.40 -53.55 -15.15
C VAL E 314 142.13 -54.32 -16.45
N GLN E 315 141.57 -55.51 -16.32
CA GLN E 315 141.26 -56.35 -17.46
C GLN E 315 140.65 -55.56 -18.61
N GLN E 316 139.59 -54.83 -18.32
CA GLN E 316 138.88 -54.02 -19.33
C GLN E 316 139.75 -52.90 -19.90
N GLN E 317 140.43 -52.17 -19.03
CA GLN E 317 141.28 -51.08 -19.46
C GLN E 317 142.39 -51.59 -20.35
N ASN E 318 142.92 -52.76 -20.03
CA ASN E 318 144.00 -53.38 -20.80
C ASN E 318 143.58 -53.60 -22.25
N SER E 319 142.34 -54.06 -22.44
CA SER E 319 141.81 -54.30 -23.79
C SER E 319 141.51 -53.01 -24.54
N THR E 320 140.64 -52.19 -23.96
CA THR E 320 140.29 -50.92 -24.59
C THR E 320 141.53 -50.20 -25.05
N ALA E 321 142.52 -50.11 -24.16
CA ALA E 321 143.78 -49.43 -24.47
C ALA E 321 144.47 -50.04 -25.68
N LEU E 322 144.71 -51.34 -25.63
CA LEU E 322 145.37 -52.04 -26.72
C LEU E 322 144.65 -51.81 -28.05
N ARG E 323 143.43 -52.33 -28.15
CA ARG E 323 142.65 -52.17 -29.37
C ARG E 323 142.64 -50.74 -29.88
N MET E 324 142.34 -49.80 -29.01
CA MET E 324 142.30 -48.39 -29.40
C MET E 324 143.66 -47.94 -29.88
N ALA E 325 144.71 -48.44 -29.25
CA ALA E 325 146.08 -48.07 -29.62
C ALA E 325 146.27 -48.32 -31.11
N GLU E 326 146.02 -49.56 -31.52
CA GLU E 326 146.16 -49.95 -32.91
C GLU E 326 145.34 -49.07 -33.83
N ILE E 327 144.03 -48.99 -33.57
CA ILE E 327 143.16 -48.17 -34.38
C ILE E 327 143.77 -46.79 -34.54
N LEU E 328 144.32 -46.27 -33.46
CA LEU E 328 144.93 -44.95 -33.48
C LEU E 328 146.19 -44.96 -34.32
N GLU E 329 147.00 -46.00 -34.16
CA GLU E 329 148.25 -46.09 -34.91
C GLU E 329 148.01 -46.12 -36.42
N ALA E 330 146.94 -46.78 -36.84
CA ALA E 330 146.59 -46.88 -38.25
C ALA E 330 145.89 -45.63 -38.75
N HIS E 331 145.44 -44.77 -37.84
CA HIS E 331 144.76 -43.55 -38.22
C HIS E 331 145.66 -42.57 -38.95
N PRO E 332 145.17 -41.98 -40.04
CA PRO E 332 145.94 -41.02 -40.85
C PRO E 332 146.26 -39.70 -40.15
N LYS E 333 145.42 -39.33 -39.19
CA LYS E 333 145.61 -38.09 -38.45
C LYS E 333 146.52 -38.26 -37.24
N VAL E 334 146.85 -39.51 -36.93
CA VAL E 334 147.73 -39.78 -35.80
C VAL E 334 149.13 -40.05 -36.30
N ARG E 335 150.06 -39.19 -35.91
CA ARG E 335 151.45 -39.31 -36.32
C ARG E 335 152.22 -40.42 -35.62
N HIS E 336 152.03 -40.55 -34.31
CA HIS E 336 152.73 -41.57 -33.56
C HIS E 336 151.93 -42.02 -32.35
N VAL E 337 152.07 -43.29 -31.99
CA VAL E 337 151.36 -43.86 -30.85
C VAL E 337 152.31 -44.62 -29.94
N TYR E 338 152.23 -44.33 -28.65
CA TYR E 338 153.08 -44.98 -27.66
C TYR E 338 152.28 -45.98 -26.83
N TYR E 339 152.69 -47.23 -26.86
CA TYR E 339 152.03 -48.29 -26.09
C TYR E 339 152.87 -49.56 -26.10
N PRO E 340 153.24 -50.06 -24.91
CA PRO E 340 154.06 -51.26 -24.82
C PRO E 340 153.48 -52.44 -25.60
N GLY E 341 152.16 -52.48 -25.72
CA GLY E 341 151.50 -53.55 -26.44
C GLY E 341 151.72 -53.51 -27.94
N LEU E 342 152.06 -52.35 -28.49
CA LEU E 342 152.28 -52.22 -29.93
C LEU E 342 153.64 -52.77 -30.34
N GLN E 343 153.73 -53.30 -31.56
CA GLN E 343 154.98 -53.85 -32.06
C GLN E 343 155.96 -52.74 -32.40
N SER E 344 155.43 -51.53 -32.48
CA SER E 344 156.21 -50.34 -32.82
C SER E 344 156.89 -49.71 -31.61
N HIS E 345 156.65 -50.26 -30.43
CA HIS E 345 157.25 -49.74 -29.21
C HIS E 345 158.67 -50.24 -29.02
N PRO E 346 159.60 -49.31 -28.72
CA PRO E 346 161.02 -49.62 -28.51
C PRO E 346 161.30 -50.87 -27.68
N GLU E 347 160.68 -50.98 -26.51
CA GLU E 347 160.90 -52.13 -25.64
C GLU E 347 159.73 -53.12 -25.64
N HIS E 348 159.01 -53.18 -26.74
CA HIS E 348 157.87 -54.09 -26.87
C HIS E 348 158.30 -55.53 -26.56
N HIS E 349 159.54 -55.86 -26.88
CA HIS E 349 160.05 -57.21 -26.63
C HIS E 349 160.23 -57.44 -25.14
N ILE E 350 160.58 -56.37 -24.42
CA ILE E 350 160.78 -56.46 -22.99
C ILE E 350 159.43 -56.51 -22.30
N ALA E 351 158.55 -55.60 -22.70
CA ALA E 351 157.20 -55.53 -22.15
C ALA E 351 156.52 -56.87 -22.28
N LYS E 352 156.65 -57.47 -23.47
CA LYS E 352 156.04 -58.76 -23.77
C LYS E 352 156.64 -59.88 -22.92
N LYS E 353 157.86 -59.66 -22.46
CA LYS E 353 158.55 -60.66 -21.66
C LYS E 353 158.25 -60.56 -20.18
N GLN E 354 158.08 -59.35 -19.66
CA GLN E 354 157.82 -59.16 -18.24
C GLN E 354 156.42 -58.70 -17.85
N MET E 355 155.55 -58.48 -18.84
CA MET E 355 154.19 -58.03 -18.58
C MET E 355 153.11 -58.94 -19.18
N THR E 356 152.00 -59.08 -18.48
CA THR E 356 150.89 -59.91 -18.93
C THR E 356 149.82 -58.99 -19.53
N GLY E 357 149.96 -57.70 -19.26
CA GLY E 357 149.04 -56.70 -19.78
C GLY E 357 149.88 -55.49 -20.13
N PHE E 358 149.26 -54.44 -20.66
CA PHE E 358 150.05 -53.27 -21.02
C PHE E 358 149.51 -51.96 -20.47
N GLY E 359 148.63 -52.05 -19.49
CA GLY E 359 148.05 -50.87 -18.87
C GLY E 359 146.92 -50.24 -19.66
N GLY E 360 146.25 -49.26 -19.05
CA GLY E 360 145.16 -48.60 -19.72
C GLY E 360 145.51 -47.21 -20.19
N ALA E 361 146.80 -46.86 -20.08
CA ALA E 361 147.28 -45.56 -20.51
C ALA E 361 147.88 -45.67 -21.90
N VAL E 362 147.51 -44.73 -22.78
CA VAL E 362 148.00 -44.72 -24.16
C VAL E 362 148.32 -43.30 -24.62
N SER E 363 149.57 -43.08 -25.00
CA SER E 363 150.01 -41.77 -25.48
C SER E 363 150.14 -41.75 -26.99
N PHE E 364 149.87 -40.61 -27.61
CA PHE E 364 149.98 -40.48 -29.05
C PHE E 364 150.09 -39.04 -29.48
N GLU E 365 150.72 -38.82 -30.63
CA GLU E 365 150.91 -37.49 -31.18
C GLU E 365 149.95 -37.27 -32.33
N VAL E 366 149.20 -36.17 -32.27
CA VAL E 366 148.26 -35.83 -33.33
C VAL E 366 149.00 -35.12 -34.46
N ASP E 367 148.47 -35.24 -35.67
CA ASP E 367 149.08 -34.59 -36.84
C ASP E 367 148.68 -33.11 -36.88
N GLY E 368 149.29 -32.31 -36.03
CA GLY E 368 148.99 -30.89 -36.00
C GLY E 368 149.91 -30.12 -35.06
N ASP E 369 149.38 -29.04 -34.49
CA ASP E 369 150.15 -28.21 -33.57
C ASP E 369 149.44 -28.03 -32.24
N LEU E 370 150.06 -27.29 -31.34
CA LEU E 370 149.50 -27.04 -30.01
C LEU E 370 148.02 -26.69 -30.10
N LEU E 371 147.69 -25.76 -30.99
CA LEU E 371 146.32 -25.31 -31.19
C LEU E 371 145.41 -26.38 -31.77
N THR E 372 145.88 -27.08 -32.79
CA THR E 372 145.08 -28.13 -33.43
C THR E 372 144.88 -29.31 -32.46
N THR E 373 145.98 -29.81 -31.91
CA THR E 373 145.92 -30.92 -30.98
C THR E 373 144.88 -30.63 -29.91
N ALA E 374 144.89 -29.40 -29.40
CA ALA E 374 143.93 -28.99 -28.37
C ALA E 374 142.52 -29.11 -28.92
N LYS E 375 142.33 -28.67 -30.15
CA LYS E 375 141.03 -28.73 -30.80
C LYS E 375 140.47 -30.14 -30.74
N PHE E 376 141.37 -31.12 -30.83
CA PHE E 376 140.97 -32.52 -30.80
C PHE E 376 140.48 -32.95 -29.43
N VAL E 377 141.20 -32.56 -28.38
CA VAL E 377 140.79 -32.94 -27.03
C VAL E 377 139.53 -32.20 -26.62
N ASP E 378 139.34 -31.00 -27.17
CA ASP E 378 138.17 -30.20 -26.86
C ASP E 378 136.93 -30.82 -27.46
N ALA E 379 137.11 -31.56 -28.55
CA ALA E 379 136.01 -32.21 -29.24
C ALA E 379 135.53 -33.48 -28.54
N LEU E 380 136.39 -34.10 -27.74
CA LEU E 380 136.00 -35.32 -27.03
C LEU E 380 134.85 -34.99 -26.09
N LYS E 381 134.03 -35.98 -25.78
CA LYS E 381 132.88 -35.78 -24.91
C LYS E 381 132.81 -36.70 -23.69
N ILE E 382 133.49 -37.84 -23.73
CA ILE E 382 133.46 -38.77 -22.61
C ILE E 382 134.53 -38.50 -21.56
N PRO E 383 135.80 -38.41 -21.97
CA PRO E 383 136.84 -38.16 -20.98
C PRO E 383 136.87 -36.73 -20.46
N TYR E 384 137.40 -36.59 -19.24
CA TYR E 384 137.52 -35.30 -18.59
C TYR E 384 138.91 -34.79 -18.91
N ILE E 385 139.05 -33.48 -19.04
CA ILE E 385 140.36 -32.90 -19.32
C ILE E 385 140.97 -32.57 -17.96
N ALA E 386 141.75 -33.49 -17.43
CA ALA E 386 142.37 -33.29 -16.12
C ALA E 386 143.61 -34.16 -15.95
N PRO E 387 144.34 -33.98 -14.84
CA PRO E 387 145.53 -34.80 -14.64
C PRO E 387 145.13 -36.15 -14.08
N SER E 388 146.11 -36.93 -13.63
CA SER E 388 145.86 -38.25 -13.07
C SER E 388 145.36 -39.24 -14.13
N PHE E 389 145.15 -40.48 -13.72
CA PHE E 389 144.70 -41.54 -14.61
C PHE E 389 144.48 -42.85 -13.85
N GLY E 390 143.79 -43.80 -14.48
CA GLY E 390 143.55 -45.08 -13.84
C GLY E 390 142.18 -45.28 -13.22
N GLY E 391 141.33 -44.25 -13.26
CA GLY E 391 140.01 -44.39 -12.68
C GLY E 391 138.98 -44.84 -13.68
N CYS E 392 137.81 -45.24 -13.19
CA CYS E 392 136.74 -45.71 -14.07
C CYS E 392 136.35 -44.68 -15.10
N GLU E 393 136.60 -43.41 -14.79
CA GLU E 393 136.27 -42.34 -15.70
C GLU E 393 137.47 -42.09 -16.61
N SER E 394 137.22 -41.92 -17.90
CA SER E 394 138.30 -41.68 -18.86
C SER E 394 138.82 -40.26 -18.73
N ILE E 395 140.12 -40.07 -18.96
CA ILE E 395 140.74 -38.75 -18.87
C ILE E 395 141.72 -38.46 -20.01
N VAL E 396 141.85 -37.19 -20.36
CA VAL E 396 142.76 -36.75 -21.42
C VAL E 396 143.50 -35.50 -20.98
N ASP E 397 144.59 -35.18 -21.67
CA ASP E 397 145.37 -34.00 -21.36
C ASP E 397 146.59 -33.88 -22.27
N GLN E 398 147.11 -32.66 -22.37
CA GLN E 398 148.28 -32.40 -23.18
C GLN E 398 149.44 -32.09 -22.24
N PRO E 399 150.23 -33.12 -21.87
CA PRO E 399 151.38 -32.96 -20.98
C PRO E 399 152.11 -31.64 -21.19
N ALA E 400 152.22 -31.22 -22.45
CA ALA E 400 152.88 -29.97 -22.76
C ALA E 400 152.26 -28.84 -21.96
N ILE E 401 150.93 -28.72 -22.06
CA ILE E 401 150.19 -27.67 -21.35
C ILE E 401 149.98 -28.00 -19.88
N MET E 402 149.48 -29.20 -19.63
CA MET E 402 149.21 -29.65 -18.27
C MET E 402 150.38 -29.67 -17.29
N SER E 403 151.51 -30.23 -17.69
CA SER E 403 152.65 -30.32 -16.77
C SER E 403 153.96 -29.67 -17.20
N TYR E 404 153.98 -28.97 -18.33
CA TYR E 404 155.22 -28.34 -18.77
C TYR E 404 155.05 -26.94 -19.33
N TRP E 405 153.90 -26.32 -19.05
CA TRP E 405 153.63 -24.97 -19.55
C TRP E 405 154.57 -23.91 -19.01
N ASP E 406 155.17 -24.18 -17.86
CA ASP E 406 156.07 -23.24 -17.23
C ASP E 406 157.40 -23.12 -17.99
N LEU E 407 157.69 -24.12 -18.83
CA LEU E 407 158.93 -24.14 -19.61
C LEU E 407 158.76 -23.58 -21.02
N SER E 408 159.85 -23.12 -21.61
CA SER E 408 159.82 -22.57 -22.97
C SER E 408 159.70 -23.72 -23.96
N GLN E 409 159.04 -23.48 -25.09
CA GLN E 409 158.86 -24.51 -26.10
C GLN E 409 160.15 -25.27 -26.36
N SER E 410 161.27 -24.56 -26.33
CA SER E 410 162.57 -25.18 -26.57
C SER E 410 163.00 -26.04 -25.38
N ASP E 411 162.70 -25.56 -24.18
CA ASP E 411 163.06 -26.30 -22.97
C ASP E 411 162.17 -27.51 -22.82
N ARG E 412 160.99 -27.45 -23.42
CA ARG E 412 160.02 -28.54 -23.37
C ARG E 412 160.50 -29.66 -24.30
N ALA E 413 160.74 -29.29 -25.55
CA ALA E 413 161.21 -30.25 -26.54
C ALA E 413 162.50 -30.87 -26.02
N LYS E 414 163.24 -30.11 -25.21
CA LYS E 414 164.49 -30.58 -24.63
C LYS E 414 164.31 -31.92 -23.93
N TYR E 415 163.06 -32.31 -23.70
CA TYR E 415 162.79 -33.58 -23.05
C TYR E 415 161.58 -34.34 -23.59
N GLY E 416 161.51 -34.45 -24.91
CA GLY E 416 160.45 -35.18 -25.57
C GLY E 416 159.04 -34.65 -25.58
N ILE E 417 158.70 -33.78 -24.64
CA ILE E 417 157.34 -33.25 -24.60
C ILE E 417 157.07 -32.32 -25.78
N MET E 418 156.12 -32.72 -26.62
CA MET E 418 155.74 -31.94 -27.79
C MET E 418 154.33 -31.42 -27.63
N ASP E 419 154.02 -30.33 -28.31
CA ASP E 419 152.69 -29.74 -28.26
C ASP E 419 151.71 -30.69 -28.93
N ASN E 420 152.26 -31.75 -29.53
CA ASN E 420 151.48 -32.77 -30.23
C ASN E 420 151.00 -33.86 -29.29
N LEU E 421 151.87 -34.24 -28.37
CA LEU E 421 151.59 -35.30 -27.41
C LEU E 421 150.26 -35.17 -26.70
N VAL E 422 149.55 -36.29 -26.62
CA VAL E 422 148.26 -36.35 -25.95
C VAL E 422 148.30 -37.65 -25.16
N ARG E 423 148.00 -37.58 -23.86
CA ARG E 423 148.00 -38.76 -23.03
C ARG E 423 146.57 -39.13 -22.70
N PHE E 424 146.14 -40.29 -23.18
CA PHE E 424 144.79 -40.76 -22.95
C PHE E 424 144.71 -41.86 -21.90
N SER E 425 143.95 -41.59 -20.85
CA SER E 425 143.75 -42.57 -19.80
C SER E 425 142.37 -43.14 -20.00
N PHE E 426 142.31 -44.31 -20.61
CA PHE E 426 141.05 -44.98 -20.87
C PHE E 426 140.36 -45.41 -19.60
N GLY E 427 139.10 -45.04 -19.48
CA GLY E 427 138.33 -45.39 -18.31
C GLY E 427 137.86 -46.83 -18.37
N VAL E 428 136.63 -47.05 -17.95
CA VAL E 428 136.04 -48.38 -17.94
C VAL E 428 134.75 -48.39 -18.77
N GLU E 429 134.46 -47.25 -19.39
CA GLU E 429 133.28 -47.13 -20.23
C GLU E 429 133.36 -48.15 -21.37
N ASP E 430 132.23 -48.37 -22.03
CA ASP E 430 132.17 -49.32 -23.14
C ASP E 430 133.08 -48.90 -24.30
N PHE E 431 133.86 -49.84 -24.80
CA PHE E 431 134.80 -49.60 -25.91
C PHE E 431 134.16 -48.83 -27.06
N ASP E 432 133.06 -49.35 -27.58
CA ASP E 432 132.38 -48.72 -28.71
C ASP E 432 132.11 -47.25 -28.45
N ASP E 433 131.59 -46.93 -27.27
CA ASP E 433 131.28 -45.55 -26.92
C ASP E 433 132.56 -44.72 -26.98
N LEU E 434 133.62 -45.24 -26.38
CA LEU E 434 134.92 -44.55 -26.37
C LEU E 434 135.50 -44.42 -27.77
N LYS E 435 135.59 -45.54 -28.49
CA LYS E 435 136.13 -45.54 -29.85
C LYS E 435 135.40 -44.52 -30.70
N ALA E 436 134.09 -44.62 -30.73
CA ALA E 436 133.27 -43.71 -31.52
C ALA E 436 133.56 -42.26 -31.15
N ASP E 437 133.80 -42.02 -29.86
CA ASP E 437 134.10 -40.66 -29.38
C ASP E 437 135.44 -40.16 -29.91
N ILE E 438 136.49 -40.97 -29.74
CA ILE E 438 137.83 -40.60 -30.20
C ILE E 438 137.83 -40.35 -31.71
N LEU E 439 137.16 -41.23 -32.45
CA LEU E 439 137.08 -41.10 -33.90
C LEU E 439 136.36 -39.81 -34.30
N GLN E 440 135.15 -39.65 -33.79
CA GLN E 440 134.34 -38.46 -34.07
C GLN E 440 135.16 -37.21 -33.78
N ALA E 441 135.97 -37.29 -32.72
CA ALA E 441 136.81 -36.18 -32.32
C ALA E 441 137.90 -35.91 -33.33
N LEU E 442 138.60 -36.97 -33.76
CA LEU E 442 139.68 -36.82 -34.74
C LEU E 442 139.18 -36.31 -36.08
N ASP E 443 137.92 -36.55 -36.38
CA ASP E 443 137.33 -36.09 -37.62
C ASP E 443 137.42 -34.57 -37.69
N SER E 444 136.95 -33.93 -36.62
CA SER E 444 136.93 -32.47 -36.49
C SER E 444 138.23 -31.74 -36.80
N ILE E 445 139.34 -32.44 -36.80
CA ILE E 445 140.64 -31.84 -37.11
C ILE E 445 140.72 -31.56 -38.61
N TYR F 50 124.76 -46.91 34.33
CA TYR F 50 125.93 -47.37 33.51
C TYR F 50 127.11 -47.72 34.40
N ALA F 51 127.95 -46.72 34.65
CA ALA F 51 129.13 -46.88 35.47
C ALA F 51 128.92 -46.18 36.81
N SER F 52 129.38 -46.82 37.88
CA SER F 52 129.23 -46.26 39.21
C SER F 52 130.07 -44.99 39.40
N PHE F 53 131.18 -44.90 38.66
CA PHE F 53 132.07 -43.75 38.76
C PHE F 53 131.60 -42.53 37.96
N LEU F 54 130.59 -42.71 37.12
CA LEU F 54 130.07 -41.62 36.31
C LEU F 54 128.68 -41.27 36.83
N ASN F 55 128.59 -40.17 37.58
CA ASN F 55 127.31 -39.76 38.16
C ASN F 55 126.62 -38.56 37.54
N SER F 56 127.29 -37.89 36.60
CA SER F 56 126.70 -36.73 35.94
C SER F 56 126.34 -37.06 34.49
N ASP F 57 125.37 -36.34 33.95
CA ASP F 57 124.93 -36.56 32.57
C ASP F 57 126.05 -36.32 31.56
N GLY F 58 126.80 -35.24 31.78
CA GLY F 58 127.88 -34.91 30.87
C GLY F 58 128.86 -36.06 30.69
N SER F 59 129.32 -36.62 31.80
CA SER F 59 130.26 -37.74 31.77
C SER F 59 129.64 -38.93 31.07
N VAL F 60 128.35 -39.14 31.27
CA VAL F 60 127.63 -40.24 30.66
C VAL F 60 127.51 -40.06 29.14
N ALA F 61 127.12 -38.86 28.73
CA ALA F 61 126.97 -38.58 27.30
C ALA F 61 128.29 -38.82 26.57
N ILE F 62 129.37 -38.94 27.33
CA ILE F 62 130.69 -39.15 26.74
C ILE F 62 131.14 -40.59 26.77
N HIS F 63 131.10 -41.21 27.93
CA HIS F 63 131.57 -42.59 28.07
C HIS F 63 130.52 -43.69 28.05
N ALA F 64 129.25 -43.32 28.15
CA ALA F 64 128.19 -44.32 28.15
C ALA F 64 128.20 -45.14 26.87
N GLY F 65 128.40 -46.44 27.02
CA GLY F 65 128.42 -47.34 25.87
C GLY F 65 129.77 -47.48 25.19
N GLU F 66 130.84 -47.06 25.86
CA GLU F 66 132.18 -47.17 25.28
C GLU F 66 133.26 -47.46 26.31
N ARG F 67 133.37 -46.59 27.31
CA ARG F 67 134.37 -46.71 28.37
C ARG F 67 134.53 -48.09 29.01
N LEU F 68 133.42 -48.79 29.22
CA LEU F 68 133.49 -50.10 29.85
C LEU F 68 133.53 -51.25 28.87
N GLY F 69 133.14 -51.00 27.62
CA GLY F 69 133.16 -52.05 26.61
C GLY F 69 132.39 -51.65 25.37
N ARG F 70 132.48 -52.45 24.32
CA ARG F 70 131.77 -52.13 23.08
C ARG F 70 131.18 -53.33 22.35
N GLY F 71 131.63 -54.54 22.69
CA GLY F 71 131.11 -55.71 22.01
C GLY F 71 131.93 -55.94 20.75
N ILE F 72 132.54 -54.86 20.26
CA ILE F 72 133.40 -54.90 19.09
C ILE F 72 134.76 -54.41 19.60
N VAL F 73 135.48 -55.33 20.23
CA VAL F 73 136.79 -55.07 20.82
C VAL F 73 137.81 -54.29 20.00
N THR F 74 138.53 -53.40 20.68
CA THR F 74 139.59 -52.57 20.08
C THR F 74 140.36 -51.85 21.17
N ASP F 75 141.59 -51.46 20.86
CA ASP F 75 142.39 -50.73 21.82
C ASP F 75 142.30 -49.26 21.42
N ALA F 76 141.29 -48.96 20.61
CA ALA F 76 141.04 -47.62 20.13
C ALA F 76 140.17 -46.88 21.14
N ILE F 77 140.29 -45.55 21.18
CA ILE F 77 139.52 -44.73 22.10
C ILE F 77 138.09 -44.53 21.62
N THR F 78 137.94 -44.38 20.31
CA THR F 78 136.64 -44.15 19.71
C THR F 78 135.95 -45.43 19.24
N THR F 79 134.72 -45.28 18.76
CA THR F 79 133.94 -46.41 18.27
C THR F 79 134.21 -46.58 16.77
N PRO F 80 134.52 -47.82 16.34
CA PRO F 80 134.80 -48.08 14.93
C PRO F 80 133.53 -48.19 14.10
N VAL F 81 133.55 -47.53 12.94
CA VAL F 81 132.42 -47.54 12.01
C VAL F 81 132.40 -48.83 11.21
N VAL F 82 131.33 -49.59 11.36
CA VAL F 82 131.19 -50.86 10.64
C VAL F 82 130.28 -50.74 9.43
N ASN F 83 130.89 -50.64 8.24
CA ASN F 83 130.13 -50.52 7.01
C ASN F 83 129.90 -51.90 6.39
N THR F 84 128.93 -52.63 6.91
CA THR F 84 128.64 -53.96 6.41
C THR F 84 127.15 -54.16 6.21
N SER F 85 126.80 -54.95 5.21
CA SER F 85 125.41 -55.24 4.91
C SER F 85 124.98 -56.56 5.55
N ALA F 86 125.94 -57.43 5.84
CA ALA F 86 125.63 -58.71 6.46
C ALA F 86 126.71 -59.14 7.44
N TYR F 87 126.44 -60.23 8.16
CA TYR F 87 127.37 -60.77 9.14
C TYR F 87 127.45 -62.28 8.92
N PHE F 88 128.66 -62.77 8.74
CA PHE F 88 128.91 -64.19 8.49
C PHE F 88 128.96 -65.05 9.75
N PHE F 89 129.04 -66.35 9.53
CA PHE F 89 129.12 -67.33 10.61
C PHE F 89 130.25 -68.27 10.25
N ASN F 90 130.95 -68.77 11.26
CA ASN F 90 132.06 -69.69 11.02
C ASN F 90 131.63 -71.04 10.46
N LYS F 91 130.51 -71.57 10.95
CA LYS F 91 130.00 -72.86 10.47
C LYS F 91 128.51 -72.98 10.74
N THR F 92 127.83 -73.73 9.88
CA THR F 92 126.40 -73.93 10.02
C THR F 92 126.02 -74.20 11.48
N SER F 93 126.85 -74.99 12.17
CA SER F 93 126.60 -75.31 13.57
C SER F 93 126.31 -74.04 14.38
N GLU F 94 127.20 -73.06 14.27
CA GLU F 94 127.06 -71.80 14.99
C GLU F 94 125.83 -71.03 14.52
N LEU F 95 125.53 -71.12 13.23
CA LEU F 95 124.38 -70.42 12.69
C LEU F 95 123.14 -70.92 13.41
N ILE F 96 123.03 -72.23 13.57
CA ILE F 96 121.88 -72.81 14.25
C ILE F 96 121.85 -72.29 15.69
N ASP F 97 123.01 -72.27 16.33
CA ASP F 97 123.11 -71.80 17.70
C ASP F 97 122.46 -70.42 17.83
N PHE F 98 122.84 -69.52 16.93
CA PHE F 98 122.28 -68.17 16.93
C PHE F 98 120.77 -68.20 16.71
N LYS F 99 120.34 -69.01 15.76
CA LYS F 99 118.93 -69.13 15.44
C LYS F 99 118.16 -69.70 16.63
N GLU F 100 118.88 -70.42 17.49
CA GLU F 100 118.25 -71.04 18.67
C GLU F 100 118.53 -70.23 19.93
N LYS F 101 118.84 -68.95 19.77
CA LYS F 101 119.11 -68.03 20.87
C LYS F 101 120.24 -68.44 21.81
N ARG F 102 121.23 -69.17 21.29
CA ARG F 102 122.35 -69.60 22.11
C ARG F 102 123.59 -68.77 21.81
N ARG F 103 123.53 -68.00 20.72
CA ARG F 103 124.63 -67.16 20.30
C ARG F 103 124.10 -65.79 19.88
N ALA F 104 124.96 -64.77 19.93
CA ALA F 104 124.57 -63.43 19.54
C ALA F 104 125.08 -63.06 18.16
N SER F 105 124.27 -62.31 17.41
CA SER F 105 124.63 -61.88 16.06
C SER F 105 123.50 -61.04 15.46
N PHE F 106 123.88 -60.04 14.68
CA PHE F 106 122.89 -59.18 14.04
C PHE F 106 122.35 -59.86 12.79
N GLU F 107 123.12 -60.82 12.29
CA GLU F 107 122.75 -61.58 11.09
C GLU F 107 122.71 -60.67 9.87
N TYR F 108 121.73 -59.77 9.82
CA TYR F 108 121.58 -58.85 8.70
C TYR F 108 121.66 -57.39 9.16
N GLY F 109 122.20 -56.53 8.31
CA GLY F 109 122.32 -55.13 8.65
C GLY F 109 121.03 -54.45 9.05
N ARG F 110 119.93 -54.85 8.44
CA ARG F 110 118.63 -54.27 8.74
C ARG F 110 118.19 -54.58 10.17
N TYR F 111 118.87 -55.54 10.80
CA TYR F 111 118.53 -55.94 12.16
C TYR F 111 119.47 -55.40 13.20
N GLY F 112 120.45 -54.59 12.79
CA GLY F 112 121.38 -54.04 13.76
C GLY F 112 122.77 -53.78 13.21
N ASN F 113 123.62 -53.22 14.06
CA ASN F 113 125.00 -52.91 13.68
C ASN F 113 125.82 -52.53 14.91
N PRO F 114 127.07 -53.03 14.98
CA PRO F 114 127.98 -52.76 16.10
C PRO F 114 128.18 -51.28 16.44
N THR F 115 128.42 -50.46 15.42
CA THR F 115 128.64 -49.04 15.65
C THR F 115 127.32 -48.32 15.97
N THR F 116 126.22 -49.03 15.77
CA THR F 116 124.91 -48.44 16.03
C THR F 116 124.45 -48.69 17.46
N VAL F 117 124.67 -49.90 17.95
CA VAL F 117 124.26 -50.24 19.31
C VAL F 117 124.91 -49.33 20.33
N VAL F 118 126.15 -48.93 20.07
CA VAL F 118 126.86 -48.05 20.99
C VAL F 118 126.00 -46.83 21.30
N LEU F 119 125.47 -46.20 20.25
CA LEU F 119 124.63 -45.02 20.39
C LEU F 119 123.33 -45.38 21.10
N GLU F 120 122.88 -46.61 20.91
CA GLU F 120 121.65 -47.08 21.53
C GLU F 120 121.81 -47.15 23.04
N GLU F 121 122.89 -47.77 23.48
CA GLU F 121 123.15 -47.90 24.91
C GLU F 121 123.51 -46.56 25.52
N LYS F 122 124.17 -45.72 24.72
CA LYS F 122 124.58 -44.40 25.18
C LYS F 122 123.36 -43.56 25.55
N ILE F 123 122.41 -43.49 24.63
CA ILE F 123 121.18 -42.74 24.84
C ILE F 123 120.35 -43.40 25.92
N SER F 124 120.38 -44.73 25.93
CA SER F 124 119.65 -45.53 26.91
C SER F 124 120.10 -45.16 28.32
N ALA F 125 121.37 -44.80 28.45
CA ALA F 125 121.96 -44.43 29.74
C ALA F 125 121.51 -43.05 30.19
N LEU F 126 121.55 -42.09 29.28
CA LEU F 126 121.14 -40.73 29.59
C LEU F 126 119.68 -40.69 30.04
N GLU F 127 118.81 -41.35 29.27
CA GLU F 127 117.41 -41.39 29.60
C GLU F 127 117.13 -42.39 30.70
N GLY F 128 118.17 -43.12 31.11
CA GLY F 128 118.01 -44.11 32.15
C GLY F 128 116.98 -45.14 31.73
N ALA F 129 116.94 -45.42 30.44
CA ALA F 129 115.98 -46.39 29.88
C ALA F 129 116.49 -47.82 29.90
N GLU F 130 115.58 -48.74 29.59
CA GLU F 130 115.90 -50.16 29.56
C GLU F 130 116.47 -50.50 28.18
N SER F 131 116.02 -49.77 27.16
CA SER F 131 116.48 -50.00 25.80
C SER F 131 116.11 -48.84 24.89
N THR F 132 116.96 -48.59 23.90
CA THR F 132 116.73 -47.51 22.95
C THR F 132 116.85 -48.03 21.52
N LEU F 133 115.97 -47.54 20.65
CA LEU F 133 115.98 -47.94 19.26
C LEU F 133 116.31 -46.72 18.42
N LEU F 134 117.13 -46.91 17.39
CA LEU F 134 117.51 -45.80 16.53
C LEU F 134 116.99 -46.03 15.11
N MET F 135 116.46 -44.97 14.49
CA MET F 135 115.92 -45.07 13.15
C MET F 135 116.54 -44.09 12.19
N ALA F 136 115.98 -44.04 10.98
CA ALA F 136 116.46 -43.16 9.92
C ALA F 136 116.19 -41.70 10.21
N SER F 137 115.15 -41.43 10.99
CA SER F 137 114.79 -40.05 11.32
C SER F 137 113.74 -39.98 12.44
N GLY F 138 113.54 -38.78 12.96
CA GLY F 138 112.57 -38.58 14.01
C GLY F 138 111.18 -38.98 13.53
N MET F 139 110.85 -38.65 12.29
CA MET F 139 109.55 -38.98 11.74
C MET F 139 109.39 -40.50 11.69
N CYS F 140 110.44 -41.20 11.31
CA CYS F 140 110.39 -42.65 11.23
C CYS F 140 110.05 -43.25 12.59
N ALA F 141 110.66 -42.70 13.63
CA ALA F 141 110.45 -43.16 15.00
C ALA F 141 108.97 -43.08 15.39
N SER F 142 108.43 -41.86 15.39
CA SER F 142 107.03 -41.66 15.73
C SER F 142 106.15 -42.57 14.89
N THR F 143 106.32 -42.47 13.58
CA THR F 143 105.57 -43.26 12.63
C THR F 143 105.53 -44.74 12.99
N VAL F 144 106.71 -45.34 13.07
CA VAL F 144 106.82 -46.76 13.39
C VAL F 144 106.25 -47.06 14.77
N MET F 145 106.49 -46.15 15.71
CA MET F 145 106.00 -46.33 17.06
C MET F 145 104.49 -46.43 17.08
N LEU F 146 103.83 -45.53 16.36
CA LEU F 146 102.38 -45.50 16.29
C LEU F 146 101.84 -46.76 15.64
N LEU F 147 102.35 -47.08 14.46
CA LEU F 147 101.92 -48.26 13.72
C LEU F 147 102.16 -49.58 14.48
N ALA F 148 103.01 -49.53 15.49
CA ALA F 148 103.32 -50.73 16.26
C ALA F 148 102.51 -50.90 17.54
N LEU F 149 102.36 -49.84 18.30
CA LEU F 149 101.63 -49.90 19.56
C LEU F 149 100.11 -49.75 19.47
N VAL F 150 99.65 -48.83 18.64
CA VAL F 150 98.21 -48.61 18.48
C VAL F 150 97.62 -49.64 17.53
N PRO F 151 96.66 -50.45 18.01
CA PRO F 151 96.03 -51.47 17.18
C PRO F 151 95.01 -50.87 16.21
N ALA F 152 94.40 -51.72 15.40
CA ALA F 152 93.41 -51.27 14.44
C ALA F 152 92.11 -50.93 15.19
N GLY F 153 91.48 -49.83 14.80
CA GLY F 153 90.25 -49.42 15.45
C GLY F 153 90.48 -48.76 16.80
N GLY F 154 91.73 -48.78 17.25
CA GLY F 154 92.06 -48.17 18.53
C GLY F 154 91.91 -46.67 18.56
N HIS F 155 92.01 -46.09 19.76
CA HIS F 155 91.89 -44.66 19.91
C HIS F 155 93.19 -44.07 20.45
N ILE F 156 93.49 -42.86 20.01
CA ILE F 156 94.69 -42.16 20.41
C ILE F 156 94.36 -40.74 20.86
N VAL F 157 95.16 -40.20 21.77
CA VAL F 157 94.94 -38.85 22.27
C VAL F 157 96.21 -38.03 22.14
N THR F 158 96.07 -36.82 21.61
CA THR F 158 97.21 -35.94 21.43
C THR F 158 96.81 -34.50 21.64
N THR F 159 97.78 -33.59 21.54
CA THR F 159 97.53 -32.17 21.73
C THR F 159 97.32 -31.43 20.41
N THR F 160 96.94 -30.15 20.52
CA THR F 160 96.70 -29.32 19.34
C THR F 160 97.99 -28.75 18.76
N ASP F 161 99.03 -28.72 19.59
CA ASP F 161 100.32 -28.19 19.17
C ASP F 161 101.26 -29.26 18.57
N CYS F 162 100.72 -30.45 18.33
CA CYS F 162 101.50 -31.54 17.77
C CYS F 162 102.26 -31.06 16.53
N TYR F 163 103.37 -31.72 16.25
CA TYR F 163 104.19 -31.38 15.08
C TYR F 163 103.34 -31.61 13.83
N ARG F 164 103.37 -30.65 12.91
CA ARG F 164 102.57 -30.72 11.69
C ARG F 164 102.56 -32.08 10.99
N LYS F 165 103.71 -32.49 10.47
CA LYS F 165 103.81 -33.77 9.77
C LYS F 165 103.16 -34.90 10.57
N THR F 166 103.48 -34.99 11.85
CA THR F 166 102.93 -36.03 12.70
C THR F 166 101.40 -35.95 12.72
N ARG F 167 100.88 -34.73 12.77
CA ARG F 167 99.45 -34.51 12.77
C ARG F 167 98.84 -35.15 11.52
N ILE F 168 99.44 -34.85 10.37
CA ILE F 168 98.98 -35.37 9.10
C ILE F 168 98.94 -36.90 9.12
N PHE F 169 100.01 -37.52 9.60
CA PHE F 169 100.10 -38.97 9.66
C PHE F 169 98.93 -39.55 10.47
N ILE F 170 98.60 -38.89 11.57
CA ILE F 170 97.53 -39.35 12.44
C ILE F 170 96.15 -39.07 11.87
N GLU F 171 96.02 -38.00 11.10
CA GLU F 171 94.74 -37.61 10.53
C GLU F 171 94.47 -38.15 9.13
N THR F 172 95.47 -38.76 8.50
CA THR F 172 95.30 -39.26 7.15
C THR F 172 95.67 -40.71 6.92
N ILE F 173 96.61 -41.23 7.70
CA ILE F 173 97.02 -42.62 7.53
C ILE F 173 96.35 -43.55 8.53
N LEU F 174 96.56 -43.29 9.82
CA LEU F 174 95.98 -44.11 10.89
C LEU F 174 94.50 -44.45 10.70
N PRO F 175 93.67 -43.46 10.31
CA PRO F 175 92.25 -43.74 10.11
C PRO F 175 91.99 -44.89 9.13
N LYS F 176 92.97 -45.18 8.28
CA LYS F 176 92.84 -46.28 7.33
C LYS F 176 92.79 -47.59 8.10
N MET F 177 93.43 -47.60 9.27
CA MET F 177 93.43 -48.79 10.12
C MET F 177 92.32 -48.66 11.15
N GLY F 178 91.43 -47.69 10.92
CA GLY F 178 90.32 -47.46 11.82
C GLY F 178 90.69 -46.75 13.11
N ILE F 179 91.92 -46.26 13.19
CA ILE F 179 92.37 -45.57 14.39
C ILE F 179 91.83 -44.14 14.49
N THR F 180 91.00 -43.90 15.49
CA THR F 180 90.41 -42.60 15.72
C THR F 180 91.21 -41.87 16.79
N ALA F 181 91.23 -40.54 16.73
CA ALA F 181 91.99 -39.74 17.68
C ALA F 181 91.25 -38.56 18.31
N THR F 182 91.68 -38.19 19.50
CA THR F 182 91.10 -37.08 20.22
C THR F 182 92.16 -36.02 20.48
N VAL F 183 91.95 -34.85 19.87
CA VAL F 183 92.89 -33.75 20.00
C VAL F 183 92.46 -32.75 21.09
N ILE F 184 93.30 -32.58 22.09
CA ILE F 184 93.01 -31.67 23.19
C ILE F 184 94.09 -30.59 23.28
N ASP F 185 93.87 -29.62 24.17
CA ASP F 185 94.84 -28.55 24.36
C ASP F 185 95.90 -29.10 25.33
N PRO F 186 97.16 -28.69 25.15
CA PRO F 186 98.27 -29.14 26.01
C PRO F 186 98.02 -28.98 27.51
N ALA F 187 97.33 -27.90 27.87
CA ALA F 187 97.03 -27.61 29.27
C ALA F 187 95.75 -28.28 29.76
N ASP F 188 94.76 -28.39 28.88
CA ASP F 188 93.47 -28.98 29.23
C ASP F 188 93.58 -30.41 29.75
N VAL F 189 93.78 -30.54 31.06
CA VAL F 189 93.89 -31.84 31.68
C VAL F 189 92.51 -32.49 31.79
N GLY F 190 91.50 -31.65 31.96
CA GLY F 190 90.15 -32.16 32.07
C GLY F 190 89.75 -32.89 30.80
N ALA F 191 90.12 -32.33 29.65
CA ALA F 191 89.81 -32.93 28.37
C ALA F 191 90.42 -34.32 28.32
N LEU F 192 91.64 -34.43 28.82
CA LEU F 192 92.36 -35.69 28.84
C LEU F 192 91.63 -36.68 29.75
N GLU F 193 91.25 -36.23 30.94
CA GLU F 193 90.55 -37.08 31.89
C GLU F 193 89.22 -37.55 31.31
N LEU F 194 88.51 -36.64 30.66
CA LEU F 194 87.23 -36.95 30.06
C LEU F 194 87.43 -38.00 28.97
N ALA F 195 88.26 -37.69 27.98
CA ALA F 195 88.53 -38.59 26.88
C ALA F 195 89.02 -39.94 27.38
N LEU F 196 89.66 -39.92 28.55
CA LEU F 196 90.18 -41.13 29.17
C LEU F 196 89.04 -42.03 29.64
N ASN F 197 87.88 -41.42 29.88
CA ASN F 197 86.72 -42.15 30.35
C ASN F 197 85.71 -42.50 29.26
N GLN F 198 85.49 -41.57 28.33
CA GLN F 198 84.55 -41.80 27.24
C GLN F 198 85.01 -42.99 26.39
N LYS F 199 85.98 -42.74 25.51
CA LYS F 199 86.50 -43.80 24.64
C LYS F 199 87.62 -44.52 25.37
N LYS F 200 88.04 -45.66 24.83
CA LYS F 200 89.12 -46.44 25.43
C LYS F 200 90.45 -46.04 24.81
N VAL F 201 91.11 -45.05 25.41
CA VAL F 201 92.39 -44.56 24.90
C VAL F 201 93.46 -45.64 24.94
N ASN F 202 94.17 -45.78 23.83
CA ASN F 202 95.24 -46.76 23.70
C ASN F 202 96.58 -46.16 24.09
N LEU F 203 96.78 -44.89 23.74
CA LEU F 203 98.02 -44.20 24.04
C LEU F 203 97.88 -42.69 23.89
N PHE F 204 98.53 -41.96 24.78
CA PHE F 204 98.51 -40.50 24.75
C PHE F 204 99.87 -40.06 24.24
N PHE F 205 99.89 -39.41 23.09
CA PHE F 205 101.14 -38.96 22.52
C PHE F 205 101.22 -37.44 22.48
N THR F 206 102.37 -36.91 22.86
CA THR F 206 102.59 -35.48 22.86
C THR F 206 104.05 -35.13 23.10
N GLU F 207 104.41 -33.92 22.71
CA GLU F 207 105.77 -33.43 22.90
C GLU F 207 105.76 -32.38 24.00
N SER F 208 106.91 -32.19 24.65
CA SER F 208 107.03 -31.22 25.73
C SER F 208 108.49 -30.87 26.00
N PRO F 209 108.88 -29.62 25.74
CA PRO F 209 108.06 -28.52 25.21
C PRO F 209 107.46 -28.81 23.85
N THR F 210 106.48 -27.98 23.48
CA THR F 210 105.77 -28.11 22.22
C THR F 210 106.35 -27.18 21.15
N ASN F 211 105.96 -27.39 19.90
CA ASN F 211 106.41 -26.56 18.80
C ASN F 211 105.20 -25.83 18.21
N PRO F 212 105.32 -24.52 17.96
CA PRO F 212 106.50 -23.69 18.20
C PRO F 212 106.37 -22.83 19.45
N PHE F 213 105.25 -22.99 20.16
CA PHE F 213 104.99 -22.20 21.36
C PHE F 213 105.56 -22.76 22.64
N LEU F 214 106.30 -23.85 22.50
CA LEU F 214 106.94 -24.49 23.64
C LEU F 214 106.02 -24.72 24.84
N ARG F 215 104.82 -25.24 24.58
CA ARG F 215 103.87 -25.53 25.65
C ARG F 215 104.33 -26.81 26.34
N CYS F 216 104.31 -26.81 27.67
CA CYS F 216 104.73 -27.99 28.42
C CYS F 216 103.58 -28.75 29.04
N VAL F 217 103.77 -30.05 29.22
CA VAL F 217 102.75 -30.92 29.79
C VAL F 217 103.27 -31.51 31.09
N ASP F 218 102.45 -31.46 32.14
CA ASP F 218 102.84 -32.04 33.43
C ASP F 218 102.94 -33.54 33.23
N ILE F 219 104.11 -34.01 32.82
CA ILE F 219 104.32 -35.43 32.56
C ILE F 219 103.87 -36.32 33.72
N GLU F 220 104.34 -35.99 34.92
CA GLU F 220 104.00 -36.77 36.11
C GLU F 220 102.50 -36.97 36.27
N LEU F 221 101.75 -35.87 36.16
CA LEU F 221 100.31 -35.92 36.29
C LEU F 221 99.66 -36.72 35.17
N VAL F 222 99.86 -36.24 33.95
CA VAL F 222 99.32 -36.86 32.75
C VAL F 222 99.56 -38.37 32.72
N SER F 223 100.74 -38.79 33.15
CA SER F 223 101.08 -40.21 33.17
C SER F 223 100.15 -40.97 34.12
N LYS F 224 100.00 -40.43 35.33
CA LYS F 224 99.14 -41.05 36.33
C LYS F 224 97.74 -41.27 35.80
N LEU F 225 97.12 -40.19 35.33
CA LEU F 225 95.78 -40.25 34.78
C LEU F 225 95.66 -41.35 33.71
N CYS F 226 96.62 -41.39 32.80
CA CYS F 226 96.62 -42.37 31.73
C CYS F 226 96.80 -43.80 32.20
N HIS F 227 97.76 -44.01 33.09
CA HIS F 227 98.03 -45.33 33.60
C HIS F 227 96.86 -45.89 34.39
N GLU F 228 96.04 -44.99 34.93
CA GLU F 228 94.87 -45.38 35.69
C GLU F 228 93.87 -46.07 34.77
N LYS F 229 93.71 -45.50 33.57
CA LYS F 229 92.77 -46.05 32.59
C LYS F 229 93.42 -47.03 31.60
N GLY F 230 94.69 -47.37 31.83
CA GLY F 230 95.38 -48.32 30.97
C GLY F 230 95.98 -47.77 29.69
N ALA F 231 96.00 -46.44 29.54
CA ALA F 231 96.56 -45.83 28.34
C ALA F 231 98.08 -45.74 28.45
N LEU F 232 98.74 -45.64 27.30
CA LEU F 232 100.19 -45.54 27.26
C LEU F 232 100.57 -44.09 27.03
N VAL F 233 101.72 -43.70 27.55
CA VAL F 233 102.19 -42.33 27.41
C VAL F 233 103.52 -42.24 26.70
N CYS F 234 103.55 -41.44 25.64
CA CYS F 234 104.75 -41.25 24.85
C CYS F 234 105.03 -39.75 24.70
N ILE F 235 106.18 -39.33 25.19
CA ILE F 235 106.58 -37.92 25.12
C ILE F 235 107.70 -37.70 24.11
N ASP F 236 107.63 -36.57 23.41
CA ASP F 236 108.61 -36.19 22.41
C ASP F 236 109.50 -35.10 23.01
N GLY F 237 110.57 -35.53 23.69
CA GLY F 237 111.46 -34.58 24.33
C GLY F 237 112.49 -33.94 23.42
N THR F 238 112.17 -33.82 22.14
CA THR F 238 113.11 -33.22 21.20
C THR F 238 113.63 -31.88 21.71
N PHE F 239 112.72 -30.95 21.97
CA PHE F 239 113.08 -29.62 22.44
C PHE F 239 113.78 -29.61 23.78
N ALA F 240 113.39 -30.54 24.64
CA ALA F 240 113.94 -30.64 25.98
C ALA F 240 115.36 -31.20 26.04
N THR F 241 115.56 -32.35 25.41
CA THR F 241 116.85 -33.02 25.42
C THR F 241 116.88 -33.85 26.69
N PRO F 242 117.50 -35.05 26.64
CA PRO F 242 117.56 -35.90 27.84
C PRO F 242 118.35 -35.30 28.99
N LEU F 243 118.89 -34.10 28.78
CA LEU F 243 119.68 -33.43 29.79
C LEU F 243 118.83 -32.49 30.64
N ASN F 244 117.87 -31.85 29.99
CA ASN F 244 116.99 -30.89 30.67
C ASN F 244 115.82 -31.55 31.37
N GLN F 245 115.46 -32.77 30.98
CA GLN F 245 114.35 -33.47 31.60
C GLN F 245 114.39 -34.97 31.37
N LYS F 246 113.89 -35.71 32.36
CA LYS F 246 113.86 -37.17 32.27
C LYS F 246 112.41 -37.63 32.24
N ALA F 247 111.78 -37.49 31.08
CA ALA F 247 110.38 -37.89 30.92
C ALA F 247 110.13 -39.29 31.48
N LEU F 248 111.10 -40.19 31.28
CA LEU F 248 110.98 -41.57 31.74
C LEU F 248 110.89 -41.68 33.26
N ALA F 249 111.59 -40.80 33.95
CA ALA F 249 111.60 -40.80 35.41
C ALA F 249 110.31 -40.18 35.94
N LEU F 250 109.74 -39.27 35.15
CA LEU F 250 108.50 -38.60 35.52
C LEU F 250 107.28 -39.47 35.35
N GLY F 251 107.47 -40.64 34.74
CA GLY F 251 106.36 -41.56 34.56
C GLY F 251 106.05 -42.04 33.15
N ALA F 252 106.49 -41.28 32.15
CA ALA F 252 106.24 -41.65 30.76
C ALA F 252 106.70 -43.08 30.50
N ASP F 253 106.03 -43.75 29.57
CA ASP F 253 106.38 -45.12 29.22
C ASP F 253 107.50 -45.07 28.19
N LEU F 254 107.36 -44.19 27.22
CA LEU F 254 108.35 -44.02 26.16
C LEU F 254 108.67 -42.56 25.92
N VAL F 255 109.93 -42.30 25.57
CA VAL F 255 110.38 -40.95 25.28
C VAL F 255 111.11 -41.03 23.95
N LEU F 256 110.69 -40.22 22.98
CA LEU F 256 111.35 -40.24 21.68
C LEU F 256 111.93 -38.88 21.31
N HIS F 257 113.05 -38.91 20.60
CA HIS F 257 113.73 -37.69 20.18
C HIS F 257 113.98 -37.66 18.68
N SER F 258 114.59 -36.57 18.24
CA SER F 258 114.94 -36.38 16.85
C SER F 258 116.42 -35.99 16.91
N ALA F 259 117.29 -37.00 16.90
CA ALA F 259 118.73 -36.79 16.96
C ALA F 259 119.21 -35.75 15.95
N THR F 260 118.37 -35.50 14.94
CA THR F 260 118.66 -34.53 13.90
C THR F 260 118.84 -33.13 14.45
N LYS F 261 118.28 -32.90 15.64
CA LYS F 261 118.32 -31.60 16.29
C LYS F 261 119.47 -31.35 17.26
N PHE F 262 119.20 -31.58 18.55
CA PHE F 262 120.16 -31.36 19.61
C PHE F 262 121.17 -32.48 19.77
N LEU F 263 120.71 -33.72 19.71
CA LEU F 263 121.61 -34.88 19.87
C LEU F 263 122.79 -34.85 18.89
N GLY F 264 122.50 -34.59 17.62
CA GLY F 264 123.55 -34.51 16.62
C GLY F 264 124.23 -33.16 16.77
N GLY F 265 123.42 -32.15 17.07
CA GLY F 265 123.89 -30.80 17.28
C GLY F 265 124.81 -30.11 16.28
N HIS F 266 125.04 -30.70 15.12
CA HIS F 266 125.92 -30.07 14.14
C HIS F 266 125.29 -29.82 12.78
N ASN F 267 123.98 -30.08 12.68
CA ASN F 267 123.23 -29.86 11.45
C ASN F 267 123.83 -30.60 10.26
N ASP F 268 124.09 -31.89 10.42
CA ASP F 268 124.68 -32.66 9.33
C ASP F 268 124.28 -34.14 9.31
N VAL F 269 123.19 -34.49 9.96
CA VAL F 269 122.74 -35.88 9.97
C VAL F 269 121.34 -36.02 10.55
N LEU F 270 120.56 -36.97 10.01
CA LEU F 270 119.20 -37.24 10.47
C LEU F 270 119.13 -38.55 11.24
N ALA F 271 118.24 -38.63 12.22
CA ALA F 271 118.09 -39.85 13.01
C ALA F 271 116.89 -39.80 13.95
N GLY F 272 116.33 -40.98 14.25
CA GLY F 272 115.18 -41.07 15.13
C GLY F 272 115.58 -41.72 16.43
N CYS F 273 114.87 -41.38 17.51
CA CYS F 273 115.19 -41.93 18.81
C CYS F 273 113.97 -42.35 19.61
N ILE F 274 114.00 -43.58 20.13
CA ILE F 274 112.89 -44.10 20.94
C ILE F 274 113.45 -44.90 22.10
N SER F 275 113.25 -44.41 23.32
CA SER F 275 113.74 -45.10 24.51
C SER F 275 112.59 -45.45 25.45
N GLY F 276 112.75 -46.54 26.17
CA GLY F 276 111.72 -46.98 27.10
C GLY F 276 111.94 -48.40 27.55
N PRO F 277 110.95 -49.05 28.16
CA PRO F 277 111.12 -50.44 28.62
C PRO F 277 111.37 -51.38 27.45
N LEU F 278 111.96 -52.54 27.75
CA LEU F 278 112.25 -53.53 26.72
C LEU F 278 110.97 -54.07 26.12
N LYS F 279 110.12 -54.63 26.97
CA LYS F 279 108.85 -55.21 26.55
C LYS F 279 108.16 -54.34 25.51
N LEU F 280 108.30 -53.03 25.64
CA LEU F 280 107.67 -52.08 24.73
C LEU F 280 108.52 -51.80 23.50
N VAL F 281 109.66 -51.16 23.72
CA VAL F 281 110.56 -50.81 22.64
C VAL F 281 110.84 -51.97 21.69
N SER F 282 110.91 -53.18 22.24
CA SER F 282 111.17 -54.37 21.44
C SER F 282 110.04 -54.63 20.45
N GLU F 283 108.82 -54.28 20.84
CA GLU F 283 107.66 -54.48 19.99
C GLU F 283 107.81 -53.62 18.74
N ILE F 284 108.29 -52.40 18.94
CA ILE F 284 108.50 -51.46 17.85
C ILE F 284 109.66 -51.94 16.98
N ARG F 285 110.71 -52.43 17.62
CA ARG F 285 111.88 -52.93 16.92
C ARG F 285 111.51 -54.02 15.93
N ASN F 286 110.49 -54.78 16.26
CA ASN F 286 110.05 -55.87 15.41
C ASN F 286 109.43 -55.36 14.11
N LEU F 287 108.58 -54.34 14.23
CA LEU F 287 107.95 -53.77 13.04
C LEU F 287 109.03 -53.01 12.28
N HIS F 288 109.99 -52.48 13.02
CA HIS F 288 111.09 -51.73 12.44
C HIS F 288 111.86 -52.62 11.47
N HIS F 289 112.13 -53.85 11.90
CA HIS F 289 112.86 -54.81 11.09
C HIS F 289 112.15 -55.13 9.77
N ILE F 290 110.87 -54.81 9.69
CA ILE F 290 110.11 -55.07 8.48
C ILE F 290 110.02 -53.83 7.63
N LEU F 291 109.67 -52.71 8.27
CA LEU F 291 109.55 -51.45 7.55
C LEU F 291 110.87 -51.01 6.96
N GLY F 292 111.97 -51.44 7.58
CA GLY F 292 113.29 -51.12 7.10
C GLY F 292 113.70 -49.66 7.04
N GLY F 293 113.75 -49.01 8.20
CA GLY F 293 114.15 -47.62 8.26
C GLY F 293 115.48 -47.53 8.98
N ALA F 294 116.36 -48.48 8.70
CA ALA F 294 117.67 -48.57 9.32
C ALA F 294 118.53 -47.31 9.24
N LEU F 295 119.33 -47.10 10.28
CA LEU F 295 120.22 -45.95 10.32
C LEU F 295 121.61 -46.38 9.85
N ASN F 296 122.22 -45.57 8.97
CA ASN F 296 123.55 -45.87 8.46
C ASN F 296 124.63 -45.67 9.52
N PRO F 297 125.54 -46.65 9.66
CA PRO F 297 126.63 -46.59 10.63
C PRO F 297 127.41 -45.29 10.59
N ASN F 298 127.57 -44.72 9.39
CA ASN F 298 128.30 -43.47 9.26
C ASN F 298 127.54 -42.38 10.00
N ALA F 299 126.22 -42.42 9.91
CA ALA F 299 125.39 -41.45 10.59
C ALA F 299 125.48 -41.70 12.08
N ALA F 300 125.39 -42.97 12.48
CA ALA F 300 125.45 -43.35 13.88
C ALA F 300 126.69 -42.80 14.58
N TYR F 301 127.81 -42.76 13.87
CA TYR F 301 129.05 -42.25 14.45
C TYR F 301 128.98 -40.72 14.56
N LEU F 302 128.46 -40.08 13.53
CA LEU F 302 128.33 -38.63 13.51
C LEU F 302 127.55 -38.16 14.74
N ILE F 303 126.66 -39.02 15.24
CA ILE F 303 125.86 -38.68 16.40
C ILE F 303 126.65 -38.98 17.66
N ILE F 304 127.24 -40.18 17.72
CA ILE F 304 128.04 -40.58 18.86
C ILE F 304 129.07 -39.48 19.15
N ARG F 305 129.67 -38.97 18.08
CA ARG F 305 130.68 -37.92 18.16
C ARG F 305 130.08 -36.62 18.66
N GLY F 306 128.94 -36.25 18.11
CA GLY F 306 128.29 -35.01 18.50
C GLY F 306 127.84 -35.00 19.94
N MET F 307 127.50 -36.16 20.48
CA MET F 307 127.04 -36.25 21.85
C MET F 307 128.16 -36.15 22.87
N LYS F 308 129.39 -36.16 22.38
CA LYS F 308 130.54 -36.06 23.27
C LYS F 308 130.58 -34.68 23.91
N THR F 309 129.86 -33.74 23.29
CA THR F 309 129.81 -32.37 23.79
C THR F 309 128.37 -31.92 24.00
N LEU F 310 127.46 -32.87 24.16
CA LEU F 310 126.06 -32.54 24.37
C LEU F 310 125.91 -31.59 25.56
N HIS F 311 126.23 -32.07 26.74
CA HIS F 311 126.12 -31.28 27.95
C HIS F 311 126.75 -29.91 27.81
N LEU F 312 127.85 -29.84 27.06
CA LEU F 312 128.55 -28.59 26.85
C LEU F 312 127.72 -27.64 26.01
N ARG F 313 127.20 -28.16 24.90
CA ARG F 313 126.38 -27.37 24.00
C ARG F 313 125.09 -26.93 24.67
N VAL F 314 124.33 -27.91 25.15
CA VAL F 314 123.06 -27.64 25.81
C VAL F 314 123.19 -26.55 26.86
N GLN F 315 124.20 -26.68 27.72
CA GLN F 315 124.45 -25.69 28.76
C GLN F 315 124.45 -24.27 28.19
N GLN F 316 125.26 -24.06 27.16
CA GLN F 316 125.39 -22.76 26.52
C GLN F 316 124.08 -22.28 25.88
N GLN F 317 123.42 -23.18 25.15
CA GLN F 317 122.17 -22.84 24.48
C GLN F 317 121.09 -22.46 25.49
N ASN F 318 121.04 -23.20 26.59
CA ASN F 318 120.06 -22.95 27.64
C ASN F 318 120.18 -21.51 28.16
N SER F 319 121.41 -21.06 28.33
CA SER F 319 121.68 -19.70 28.81
C SER F 319 121.25 -18.66 27.78
N THR F 320 122.00 -18.62 26.67
CA THR F 320 121.71 -17.67 25.61
C THR F 320 120.20 -17.55 25.38
N ALA F 321 119.53 -18.70 25.30
CA ALA F 321 118.09 -18.71 25.07
C ALA F 321 117.37 -17.87 26.13
N LEU F 322 117.50 -18.28 27.39
CA LEU F 322 116.86 -17.58 28.48
C LEU F 322 117.17 -16.08 28.48
N ARG F 323 118.44 -15.74 28.68
CA ARG F 323 118.85 -14.34 28.69
C ARG F 323 118.26 -13.56 27.52
N MET F 324 118.32 -14.13 26.33
CA MET F 324 117.78 -13.46 25.15
C MET F 324 116.28 -13.37 25.21
N ALA F 325 115.65 -14.38 25.81
CA ALA F 325 114.19 -14.40 25.92
C ALA F 325 113.75 -13.15 26.67
N GLU F 326 114.37 -12.92 27.82
CA GLU F 326 114.06 -11.77 28.65
C GLU F 326 114.25 -10.47 27.89
N ILE F 327 115.46 -10.25 27.39
CA ILE F 327 115.76 -9.04 26.64
C ILE F 327 114.66 -8.82 25.61
N LEU F 328 114.32 -9.88 24.89
CA LEU F 328 113.29 -9.80 23.85
C LEU F 328 111.93 -9.38 24.42
N GLU F 329 111.55 -9.98 25.54
CA GLU F 329 110.27 -9.67 26.18
C GLU F 329 110.14 -8.20 26.54
N ALA F 330 111.22 -7.63 27.06
CA ALA F 330 111.26 -6.22 27.47
C ALA F 330 111.46 -5.28 26.29
N HIS F 331 111.67 -5.84 25.10
CA HIS F 331 111.86 -5.01 23.92
C HIS F 331 110.52 -4.44 23.43
N PRO F 332 110.49 -3.15 23.11
CA PRO F 332 109.28 -2.47 22.63
C PRO F 332 108.76 -2.94 21.28
N LYS F 333 109.66 -3.49 20.45
CA LYS F 333 109.28 -3.97 19.14
C LYS F 333 108.80 -5.41 19.16
N VAL F 334 108.93 -6.05 20.32
CA VAL F 334 108.47 -7.42 20.47
C VAL F 334 107.16 -7.46 21.22
N ARG F 335 106.13 -8.01 20.57
CA ARG F 335 104.80 -8.10 21.17
C ARG F 335 104.66 -9.20 22.22
N HIS F 336 105.13 -10.40 21.90
CA HIS F 336 105.04 -11.53 22.82
C HIS F 336 106.21 -12.48 22.68
N VAL F 337 106.62 -13.09 23.79
CA VAL F 337 107.74 -14.02 23.78
C VAL F 337 107.37 -15.34 24.43
N TYR F 338 107.67 -16.44 23.73
CA TYR F 338 107.37 -17.78 24.23
C TYR F 338 108.65 -18.50 24.66
N TYR F 339 108.67 -18.92 25.92
CA TYR F 339 109.80 -19.62 26.47
C TYR F 339 109.45 -20.11 27.87
N PRO F 340 109.57 -21.41 28.12
CA PRO F 340 109.25 -22.01 29.42
C PRO F 340 110.01 -21.38 30.57
N GLY F 341 111.17 -20.81 30.28
CA GLY F 341 111.97 -20.19 31.31
C GLY F 341 111.39 -18.89 31.84
N LEU F 342 110.59 -18.22 31.01
CA LEU F 342 109.98 -16.95 31.39
C LEU F 342 108.80 -17.17 32.34
N GLN F 343 108.49 -16.14 33.14
CA GLN F 343 107.40 -16.21 34.10
C GLN F 343 106.06 -16.04 33.40
N SER F 344 106.09 -15.37 32.25
CA SER F 344 104.87 -15.14 31.49
C SER F 344 104.37 -16.39 30.78
N HIS F 345 105.16 -17.46 30.82
CA HIS F 345 104.78 -18.70 30.15
C HIS F 345 103.66 -19.46 30.88
N PRO F 346 102.58 -19.81 30.15
CA PRO F 346 101.44 -20.52 30.69
C PRO F 346 101.80 -21.63 31.69
N GLU F 347 102.68 -22.54 31.29
CA GLU F 347 103.08 -23.65 32.15
C GLU F 347 104.45 -23.47 32.81
N HIS F 348 104.84 -22.21 33.02
CA HIS F 348 106.12 -21.91 33.63
C HIS F 348 106.31 -22.61 34.98
N HIS F 349 105.21 -22.88 35.67
CA HIS F 349 105.28 -23.56 36.96
C HIS F 349 105.57 -25.04 36.77
N ILE F 350 105.06 -25.60 35.66
CA ILE F 350 105.27 -27.00 35.34
C ILE F 350 106.71 -27.20 34.86
N ALA F 351 107.12 -26.33 33.92
CA ALA F 351 108.47 -26.38 33.37
C ALA F 351 109.50 -26.31 34.48
N LYS F 352 109.26 -25.42 35.45
CA LYS F 352 110.16 -25.23 36.57
C LYS F 352 110.19 -26.45 37.48
N LYS F 353 109.10 -27.21 37.49
CA LYS F 353 109.00 -28.37 38.35
C LYS F 353 109.56 -29.66 37.76
N GLN F 354 109.55 -29.78 36.44
CA GLN F 354 110.05 -30.98 35.79
C GLN F 354 111.26 -30.79 34.87
N MET F 355 111.77 -29.56 34.78
CA MET F 355 112.92 -29.29 33.94
C MET F 355 114.05 -28.63 34.70
N THR F 356 115.28 -28.83 34.23
CA THR F 356 116.45 -28.23 34.85
C THR F 356 116.94 -27.13 33.92
N GLY F 357 116.41 -27.14 32.70
CA GLY F 357 116.77 -26.15 31.69
C GLY F 357 115.56 -25.90 30.83
N PHE F 358 115.63 -24.93 29.93
CA PHE F 358 114.47 -24.64 29.09
C PHE F 358 114.71 -24.65 27.59
N GLY F 359 115.79 -25.32 27.17
CA GLY F 359 116.10 -25.41 25.75
C GLY F 359 116.72 -24.18 25.12
N GLY F 360 117.18 -24.33 23.89
CA GLY F 360 117.80 -23.22 23.19
C GLY F 360 116.87 -22.58 22.18
N ALA F 361 115.64 -23.08 22.11
CA ALA F 361 114.65 -22.56 21.18
C ALA F 361 113.78 -21.50 21.83
N VAL F 362 113.59 -20.39 21.12
CA VAL F 362 112.79 -19.28 21.64
C VAL F 362 111.90 -18.68 20.55
N SER F 363 110.59 -18.72 20.78
CA SER F 363 109.63 -18.17 19.82
C SER F 363 109.13 -16.81 20.29
N PHE F 364 108.92 -15.89 19.35
CA PHE F 364 108.44 -14.57 19.69
C PHE F 364 107.81 -13.86 18.49
N GLU F 365 106.77 -13.09 18.75
CA GLU F 365 106.07 -12.37 17.70
C GLU F 365 106.56 -10.93 17.67
N VAL F 366 106.87 -10.45 16.47
CA VAL F 366 107.35 -9.08 16.30
C VAL F 366 106.17 -8.12 16.14
N ASP F 367 106.40 -6.84 16.43
CA ASP F 367 105.36 -5.83 16.31
C ASP F 367 105.28 -5.34 14.85
N GLY F 368 104.69 -6.17 14.00
CA GLY F 368 104.55 -5.81 12.59
C GLY F 368 103.65 -6.77 11.84
N ASP F 369 103.94 -6.97 10.55
CA ASP F 369 103.14 -7.88 9.73
C ASP F 369 104.04 -8.85 8.97
N LEU F 370 103.42 -9.75 8.22
CA LEU F 370 104.15 -10.74 7.44
C LEU F 370 105.35 -10.10 6.74
N LEU F 371 105.13 -8.94 6.15
CA LEU F 371 106.19 -8.24 5.43
C LEU F 371 107.24 -7.63 6.35
N THR F 372 106.80 -6.98 7.43
CA THR F 372 107.72 -6.37 8.37
C THR F 372 108.54 -7.41 9.13
N THR F 373 107.86 -8.42 9.65
CA THR F 373 108.54 -9.49 10.38
C THR F 373 109.66 -10.08 9.54
N ALA F 374 109.35 -10.32 8.26
CA ALA F 374 110.34 -10.88 7.35
C ALA F 374 111.54 -9.95 7.27
N LYS F 375 111.25 -8.64 7.21
CA LYS F 375 112.28 -7.63 7.14
C LYS F 375 113.25 -7.78 8.31
N PHE F 376 112.74 -8.19 9.46
CA PHE F 376 113.57 -8.39 10.64
C PHE F 376 114.51 -9.57 10.42
N VAL F 377 113.95 -10.72 10.06
CA VAL F 377 114.75 -11.92 9.84
C VAL F 377 115.75 -11.71 8.71
N ASP F 378 115.38 -10.88 7.74
CA ASP F 378 116.24 -10.60 6.61
C ASP F 378 117.42 -9.74 7.04
N ALA F 379 117.27 -9.08 8.18
CA ALA F 379 118.32 -8.19 8.71
C ALA F 379 119.40 -8.92 9.49
N LEU F 380 119.02 -10.02 10.14
CA LEU F 380 119.97 -10.81 10.92
C LEU F 380 121.14 -11.23 10.05
N LYS F 381 122.32 -11.40 10.65
CA LYS F 381 123.51 -11.77 9.90
C LYS F 381 124.18 -13.07 10.32
N ILE F 382 123.92 -13.52 11.55
CA ILE F 382 124.55 -14.74 12.06
C ILE F 382 123.77 -16.02 11.79
N PRO F 383 122.49 -16.05 12.15
CA PRO F 383 121.70 -17.26 11.92
C PRO F 383 121.30 -17.45 10.46
N TYR F 384 121.07 -18.71 10.08
CA TYR F 384 120.66 -19.05 8.73
C TYR F 384 119.13 -19.10 8.70
N ILE F 385 118.54 -18.79 7.55
CA ILE F 385 117.09 -18.82 7.41
C ILE F 385 116.73 -20.19 6.88
N ALA F 386 116.43 -21.12 7.77
CA ALA F 386 116.10 -22.47 7.37
C ALA F 386 115.32 -23.22 8.45
N PRO F 387 114.86 -24.45 8.14
CA PRO F 387 114.12 -25.23 9.14
C PRO F 387 115.07 -25.87 10.13
N SER F 388 114.53 -26.75 10.98
CA SER F 388 115.34 -27.45 11.97
C SER F 388 115.88 -26.52 13.06
N PHE F 389 116.58 -27.11 14.01
CA PHE F 389 117.14 -26.35 15.12
C PHE F 389 118.00 -27.26 15.99
N GLY F 390 118.77 -26.66 16.90
CA GLY F 390 119.59 -27.45 17.80
C GLY F 390 121.07 -27.52 17.49
N GLY F 391 121.45 -27.13 16.28
CA GLY F 391 122.85 -27.17 15.89
C GLY F 391 123.67 -25.99 16.37
N CYS F 392 124.98 -26.11 16.27
CA CYS F 392 125.91 -25.06 16.68
C CYS F 392 125.60 -23.76 15.96
N GLU F 393 125.15 -23.88 14.71
CA GLU F 393 124.81 -22.71 13.91
C GLU F 393 123.41 -22.24 14.28
N SER F 394 123.25 -20.94 14.47
CA SER F 394 121.96 -20.37 14.83
C SER F 394 121.04 -20.38 13.60
N ILE F 395 119.75 -20.53 13.84
CA ILE F 395 118.77 -20.57 12.75
C ILE F 395 117.50 -19.79 13.05
N VAL F 396 116.92 -19.18 12.02
CA VAL F 396 115.68 -18.40 12.17
C VAL F 396 114.70 -18.68 11.04
N ASP F 397 113.42 -18.67 11.37
CA ASP F 397 112.40 -18.91 10.36
C ASP F 397 111.02 -18.41 10.79
N GLN F 398 110.14 -18.20 9.82
CA GLN F 398 108.79 -17.74 10.09
C GLN F 398 107.87 -18.92 9.82
N PRO F 399 107.51 -19.68 10.86
CA PRO F 399 106.64 -20.85 10.71
C PRO F 399 105.50 -20.62 9.72
N ALA F 400 104.97 -19.41 9.72
CA ALA F 400 103.87 -19.05 8.83
C ALA F 400 104.24 -19.35 7.39
N ILE F 401 105.45 -18.96 7.01
CA ILE F 401 105.93 -19.16 5.65
C ILE F 401 106.61 -20.51 5.51
N MET F 402 107.53 -20.79 6.43
CA MET F 402 108.29 -22.02 6.42
C MET F 402 107.53 -23.33 6.45
N SER F 403 106.45 -23.41 7.22
CA SER F 403 105.71 -24.67 7.30
C SER F 403 104.19 -24.60 7.20
N TYR F 404 103.65 -23.43 6.89
CA TYR F 404 102.21 -23.28 6.78
C TYR F 404 101.78 -22.39 5.62
N TRP F 405 102.69 -22.17 4.68
CA TRP F 405 102.38 -21.32 3.53
C TRP F 405 101.33 -21.92 2.61
N ASP F 406 101.15 -23.24 2.71
CA ASP F 406 100.17 -23.92 1.86
C ASP F 406 98.74 -23.67 2.32
N LEU F 407 98.61 -23.13 3.53
CA LEU F 407 97.29 -22.84 4.10
C LEU F 407 96.92 -21.36 3.95
N SER F 408 95.62 -21.08 4.01
CA SER F 408 95.12 -19.71 3.88
C SER F 408 95.28 -18.98 5.21
N GLN F 409 95.57 -17.68 5.15
CA GLN F 409 95.76 -16.87 6.35
C GLN F 409 94.75 -17.23 7.45
N SER F 410 93.51 -17.47 7.05
CA SER F 410 92.45 -17.81 7.99
C SER F 410 92.65 -19.21 8.59
N ASP F 411 93.05 -20.15 7.75
CA ASP F 411 93.29 -21.52 8.19
C ASP F 411 94.54 -21.60 9.06
N ARG F 412 95.48 -20.69 8.81
CA ARG F 412 96.73 -20.63 9.58
C ARG F 412 96.41 -20.15 10.99
N ALA F 413 95.71 -19.02 11.07
CA ALA F 413 95.34 -18.45 12.36
C ALA F 413 94.45 -19.42 13.12
N LYS F 414 93.82 -20.33 12.37
CA LYS F 414 92.95 -21.35 12.96
C LYS F 414 93.74 -22.19 13.96
N TYR F 415 95.06 -22.10 13.90
CA TYR F 415 95.90 -22.86 14.82
C TYR F 415 97.12 -22.12 15.38
N GLY F 416 96.89 -20.90 15.84
CA GLY F 416 97.95 -20.11 16.43
C GLY F 416 99.01 -19.48 15.54
N ILE F 417 99.32 -20.12 14.41
CA ILE F 417 100.35 -19.59 13.54
C ILE F 417 100.00 -18.21 12.96
N MET F 418 100.79 -17.22 13.33
CA MET F 418 100.60 -15.85 12.87
C MET F 418 101.77 -15.37 12.02
N ASP F 419 101.49 -14.46 11.09
CA ASP F 419 102.54 -13.91 10.23
C ASP F 419 103.53 -13.13 11.07
N ASN F 420 103.28 -13.10 12.37
CA ASN F 420 104.12 -12.39 13.33
C ASN F 420 105.15 -13.30 13.97
N LEU F 421 104.79 -14.57 14.14
CA LEU F 421 105.64 -15.57 14.76
C LEU F 421 107.00 -15.82 14.11
N VAL F 422 108.03 -15.80 14.96
CA VAL F 422 109.40 -16.03 14.54
C VAL F 422 110.03 -17.03 15.51
N ARG F 423 110.53 -18.13 14.98
CA ARG F 423 111.17 -19.14 15.82
C ARG F 423 112.68 -19.01 15.73
N PHE F 424 113.30 -18.64 16.84
CA PHE F 424 114.75 -18.47 16.87
C PHE F 424 115.46 -19.62 17.58
N SER F 425 116.26 -20.37 16.84
CA SER F 425 117.03 -21.48 17.41
C SER F 425 118.45 -20.97 17.67
N PHE F 426 118.73 -20.65 18.93
CA PHE F 426 120.04 -20.14 19.31
C PHE F 426 121.15 -21.15 19.17
N GLY F 427 122.15 -20.79 18.37
CA GLY F 427 123.28 -21.66 18.16
C GLY F 427 124.15 -21.78 19.38
N VAL F 428 125.46 -21.73 19.17
CA VAL F 428 126.41 -21.86 20.26
C VAL F 428 127.39 -20.70 20.20
N GLU F 429 127.18 -19.81 19.24
CA GLU F 429 128.01 -18.61 19.06
C GLU F 429 128.02 -17.79 20.35
N ASP F 430 128.92 -16.81 20.43
CA ASP F 430 128.99 -15.98 21.63
C ASP F 430 127.75 -15.13 21.83
N PHE F 431 127.26 -15.09 23.06
CA PHE F 431 126.06 -14.33 23.41
C PHE F 431 126.08 -12.91 22.89
N ASP F 432 127.11 -12.16 23.27
CA ASP F 432 127.26 -10.77 22.84
C ASP F 432 127.11 -10.61 21.33
N ASP F 433 127.74 -11.50 20.57
CA ASP F 433 127.67 -11.44 19.12
C ASP F 433 126.24 -11.65 18.66
N LEU F 434 125.58 -12.64 19.24
CA LEU F 434 124.20 -12.97 18.91
C LEU F 434 123.29 -11.82 19.29
N LYS F 435 123.34 -11.46 20.58
CA LYS F 435 122.52 -10.38 21.11
C LYS F 435 122.61 -9.13 20.23
N ALA F 436 123.84 -8.68 20.00
CA ALA F 436 124.07 -7.50 19.18
C ALA F 436 123.40 -7.62 17.82
N ASP F 437 123.40 -8.83 17.25
CA ASP F 437 122.79 -9.08 15.95
C ASP F 437 121.28 -8.94 16.02
N ILE F 438 120.66 -9.62 16.97
CA ILE F 438 119.23 -9.55 17.13
C ILE F 438 118.77 -8.11 17.37
N LEU F 439 119.52 -7.37 18.18
CA LEU F 439 119.18 -5.99 18.48
C LEU F 439 119.30 -5.12 17.23
N GLN F 440 120.48 -5.13 16.62
CA GLN F 440 120.74 -4.35 15.42
C GLN F 440 119.68 -4.61 14.36
N ALA F 441 119.19 -5.85 14.33
CA ALA F 441 118.18 -6.26 13.37
C ALA F 441 116.79 -5.68 13.64
N LEU F 442 116.42 -5.59 14.92
CA LEU F 442 115.11 -5.06 15.30
C LEU F 442 114.98 -3.56 15.06
N ASP F 443 116.12 -2.88 14.89
CA ASP F 443 116.15 -1.43 14.67
C ASP F 443 115.72 -1.01 13.28
N SER F 444 115.71 -1.94 12.34
CA SER F 444 115.31 -1.63 10.96
C SER F 444 113.81 -1.77 10.79
N ILE F 445 113.10 -1.96 11.90
CA ILE F 445 111.65 -2.10 11.86
C ILE F 445 110.98 -0.79 12.26
N TYR G 50 137.40 -11.35 9.60
CA TYR G 50 136.44 -12.07 8.71
C TYR G 50 135.11 -11.35 8.62
N ALA G 51 134.32 -11.45 9.69
CA ALA G 51 133.00 -10.82 9.74
C ALA G 51 132.96 -9.73 10.80
N SER G 52 132.42 -8.58 10.44
CA SER G 52 132.32 -7.47 11.38
C SER G 52 131.34 -7.80 12.50
N PHE G 53 130.41 -8.70 12.22
CA PHE G 53 129.41 -9.09 13.21
C PHE G 53 129.89 -10.13 14.20
N LEU G 54 130.93 -10.87 13.84
CA LEU G 54 131.48 -11.87 14.74
C LEU G 54 132.71 -11.29 15.42
N ASN G 55 132.56 -10.87 16.67
CA ASN G 55 133.66 -10.28 17.42
C ASN G 55 134.25 -11.22 18.48
N SER G 56 133.74 -12.43 18.55
CA SER G 56 134.25 -13.40 19.52
C SER G 56 134.88 -14.57 18.78
N ASP G 57 135.85 -15.20 19.42
CA ASP G 57 136.53 -16.34 18.83
C ASP G 57 135.55 -17.49 18.62
N GLY G 58 134.77 -17.78 19.66
CA GLY G 58 133.81 -18.85 19.56
C GLY G 58 132.95 -18.75 18.32
N SER G 59 132.45 -17.56 18.03
CA SER G 59 131.62 -17.32 16.86
C SER G 59 132.40 -17.58 15.58
N VAL G 60 133.64 -17.12 15.58
CA VAL G 60 134.53 -17.30 14.43
C VAL G 60 134.80 -18.77 14.15
N ALA G 61 135.24 -19.49 15.18
CA ALA G 61 135.52 -20.90 15.04
C ALA G 61 134.33 -21.63 14.43
N ILE G 62 133.15 -21.01 14.47
CA ILE G 62 131.96 -21.64 13.94
C ILE G 62 131.63 -21.23 12.51
N HIS G 63 131.59 -19.93 12.27
CA HIS G 63 131.23 -19.43 10.95
C HIS G 63 132.37 -18.99 10.04
N ALA G 64 133.58 -18.85 10.60
CA ALA G 64 134.72 -18.43 9.79
C ALA G 64 134.96 -19.40 8.64
N GLY G 65 135.01 -18.85 7.43
CA GLY G 65 135.23 -19.67 6.26
C GLY G 65 133.99 -20.41 5.79
N GLU G 66 132.81 -20.02 6.26
CA GLU G 66 131.58 -20.68 5.85
C GLU G 66 130.40 -19.74 5.66
N ARG G 67 129.98 -19.10 6.76
CA ARG G 67 128.83 -18.20 6.75
C ARG G 67 128.74 -17.21 5.59
N LEU G 68 129.88 -16.66 5.18
CA LEU G 68 129.87 -15.69 4.10
C LEU G 68 130.08 -16.28 2.71
N GLY G 69 130.61 -17.49 2.66
CA GLY G 69 130.85 -18.12 1.37
C GLY G 69 131.82 -19.28 1.49
N ARG G 70 131.82 -20.17 0.50
CA ARG G 70 132.70 -21.34 0.55
C ARG G 70 133.55 -21.55 -0.70
N GLY G 71 133.12 -21.00 -1.82
CA GLY G 71 133.89 -21.21 -3.05
C GLY G 71 133.27 -22.38 -3.78
N ILE G 72 132.59 -23.21 -2.99
CA ILE G 72 131.88 -24.36 -3.52
C ILE G 72 130.43 -24.14 -3.08
N VAL G 73 129.70 -23.45 -3.94
CA VAL G 73 128.31 -23.10 -3.67
C VAL G 73 127.36 -24.22 -3.29
N THR G 74 126.49 -23.93 -2.32
CA THR G 74 125.48 -24.86 -1.83
C THR G 74 124.52 -24.11 -0.93
N ASP G 75 123.27 -24.57 -0.89
CA ASP G 75 122.28 -23.96 -0.02
C ASP G 75 122.28 -24.79 1.26
N ALA G 76 123.40 -25.47 1.49
CA ALA G 76 123.57 -26.32 2.66
C ALA G 76 124.21 -25.51 3.78
N ILE G 77 123.98 -25.91 5.02
CA ILE G 77 124.53 -25.20 6.17
C ILE G 77 125.98 -25.59 6.40
N THR G 78 126.27 -26.87 6.20
CA THR G 78 127.61 -27.38 6.41
C THR G 78 128.42 -27.45 5.12
N THR G 79 129.72 -27.70 5.27
CA THR G 79 130.63 -27.81 4.14
C THR G 79 130.55 -29.21 3.54
N PRO G 80 130.45 -29.29 2.20
CA PRO G 80 130.37 -30.59 1.52
C PRO G 80 131.75 -31.24 1.38
N VAL G 81 131.81 -32.56 1.61
CA VAL G 81 133.05 -33.31 1.51
C VAL G 81 133.32 -33.69 0.05
N VAL G 82 134.45 -33.24 -0.48
CA VAL G 82 134.81 -33.51 -1.87
C VAL G 82 135.87 -34.58 -2.01
N ASN G 83 135.43 -35.80 -2.28
CA ASN G 83 136.34 -36.93 -2.45
C ASN G 83 136.76 -37.05 -3.91
N THR G 84 137.70 -36.21 -4.32
CA THR G 84 138.17 -36.22 -5.69
C THR G 84 139.69 -36.20 -5.70
N SER G 85 140.29 -36.85 -6.70
CA SER G 85 141.74 -36.91 -6.81
C SER G 85 142.24 -35.85 -7.78
N ALA G 86 141.38 -35.44 -8.70
CA ALA G 86 141.74 -34.42 -9.68
C ALA G 86 140.56 -33.51 -9.99
N TYR G 87 140.83 -32.44 -10.73
CA TYR G 87 139.82 -31.48 -11.11
C TYR G 87 139.89 -31.28 -12.60
N PHE G 88 138.73 -31.31 -13.27
CA PHE G 88 138.67 -31.16 -14.72
C PHE G 88 138.49 -29.74 -15.22
N PHE G 89 138.71 -29.57 -16.52
CA PHE G 89 138.57 -28.29 -17.20
C PHE G 89 137.62 -28.46 -18.37
N ASN G 90 136.79 -27.44 -18.62
CA ASN G 90 135.83 -27.48 -19.70
C ASN G 90 136.43 -27.52 -21.10
N LYS G 91 137.54 -26.82 -21.28
CA LYS G 91 138.20 -26.79 -22.59
C LYS G 91 139.65 -26.34 -22.42
N THR G 92 140.51 -26.80 -23.34
CA THR G 92 141.93 -26.48 -23.32
C THR G 92 142.18 -24.98 -23.12
N SER G 93 141.27 -24.17 -23.61
CA SER G 93 141.39 -22.71 -23.48
C SER G 93 141.47 -22.33 -22.00
N GLU G 94 140.51 -22.81 -21.23
CA GLU G 94 140.44 -22.54 -19.81
C GLU G 94 141.64 -23.09 -19.04
N LEU G 95 142.09 -24.28 -19.44
CA LEU G 95 143.24 -24.90 -18.81
C LEU G 95 144.45 -23.98 -18.93
N ILE G 96 144.59 -23.34 -20.09
CA ILE G 96 145.69 -22.40 -20.31
C ILE G 96 145.47 -21.18 -19.43
N ASP G 97 144.23 -20.71 -19.38
CA ASP G 97 143.88 -19.55 -18.55
C ASP G 97 144.36 -19.81 -17.14
N PHE G 98 144.03 -20.99 -16.61
CA PHE G 98 144.45 -21.35 -15.26
C PHE G 98 145.97 -21.43 -15.16
N LYS G 99 146.62 -21.93 -16.19
CA LYS G 99 148.08 -22.06 -16.19
C LYS G 99 148.74 -20.70 -16.30
N GLU G 100 147.98 -19.72 -16.79
CA GLU G 100 148.50 -18.36 -16.95
C GLU G 100 147.97 -17.43 -15.86
N LYS G 101 147.62 -17.99 -14.71
CA LYS G 101 147.11 -17.24 -13.56
C LYS G 101 145.91 -16.34 -13.84
N ARG G 102 145.03 -16.78 -14.73
CA ARG G 102 143.85 -15.99 -15.08
C ARG G 102 142.58 -16.65 -14.55
N ARG G 103 142.70 -17.89 -14.12
CA ARG G 103 141.57 -18.65 -13.58
C ARG G 103 142.05 -19.44 -12.37
N ALA G 104 141.13 -19.79 -11.49
CA ALA G 104 141.48 -20.54 -10.29
C ALA G 104 141.10 -22.01 -10.39
N SER G 105 141.94 -22.87 -9.82
CA SER G 105 141.70 -24.31 -9.83
C SER G 105 142.77 -25.02 -9.02
N PHE G 106 142.39 -26.10 -8.36
CA PHE G 106 143.34 -26.87 -7.56
C PHE G 106 144.09 -27.84 -8.46
N GLU G 107 143.56 -28.04 -9.66
CA GLU G 107 144.16 -28.94 -10.65
C GLU G 107 144.23 -30.36 -10.12
N TYR G 108 145.14 -30.59 -9.19
CA TYR G 108 145.33 -31.91 -8.60
C TYR G 108 145.07 -31.91 -7.10
N GLY G 109 144.53 -33.01 -6.60
CA GLY G 109 144.21 -33.11 -5.19
C GLY G 109 145.38 -32.94 -4.23
N ARG G 110 146.59 -33.08 -4.73
CA ARG G 110 147.77 -32.91 -3.88
C ARG G 110 148.09 -31.43 -3.72
N TYR G 111 147.41 -30.60 -4.50
CA TYR G 111 147.64 -29.17 -4.44
C TYR G 111 146.54 -28.41 -3.71
N GLY G 112 145.48 -29.12 -3.34
CA GLY G 112 144.39 -28.47 -2.63
C GLY G 112 143.07 -29.19 -2.74
N ASN G 113 142.06 -28.66 -2.07
CA ASN G 113 140.74 -29.25 -2.07
C ASN G 113 139.72 -28.29 -1.47
N PRO G 114 138.52 -28.20 -2.06
CA PRO G 114 137.46 -27.30 -1.60
C PRO G 114 137.07 -27.46 -0.13
N THR G 115 136.93 -28.71 0.32
CA THR G 115 136.55 -28.96 1.71
C THR G 115 137.73 -28.75 2.67
N THR G 116 138.92 -28.54 2.12
CA THR G 116 140.09 -28.34 2.95
C THR G 116 140.39 -26.86 3.18
N VAL G 117 140.22 -26.04 2.13
CA VAL G 117 140.49 -24.60 2.27
C VAL G 117 139.62 -23.99 3.35
N VAL G 118 138.37 -24.46 3.44
CA VAL G 118 137.44 -23.95 4.44
C VAL G 118 138.09 -23.96 5.81
N LEU G 119 138.68 -25.10 6.15
CA LEU G 119 139.37 -25.27 7.44
C LEU G 119 140.60 -24.37 7.46
N GLU G 120 141.22 -24.18 6.30
CA GLU G 120 142.40 -23.35 6.20
C GLU G 120 142.03 -21.91 6.52
N GLU G 121 140.92 -21.46 5.95
CA GLU G 121 140.45 -20.10 6.16
C GLU G 121 139.86 -19.94 7.55
N LYS G 122 139.30 -21.03 8.07
CA LYS G 122 138.69 -21.02 9.39
C LYS G 122 139.75 -20.82 10.47
N ILE G 123 140.88 -21.52 10.33
CA ILE G 123 141.97 -21.44 11.29
C ILE G 123 142.74 -20.15 11.08
N SER G 124 142.76 -19.68 9.83
CA SER G 124 143.47 -18.46 9.49
C SER G 124 142.81 -17.30 10.22
N ALA G 125 141.50 -17.37 10.35
CA ALA G 125 140.72 -16.32 11.03
C ALA G 125 141.01 -16.31 12.52
N LEU G 126 140.90 -17.48 13.15
CA LEU G 126 141.15 -17.61 14.57
C LEU G 126 142.51 -17.05 14.96
N GLU G 127 143.53 -17.42 14.22
CA GLU G 127 144.87 -16.95 14.47
C GLU G 127 145.10 -15.55 13.92
N GLY G 128 144.13 -15.06 13.16
CA GLY G 128 144.25 -13.73 12.56
C GLY G 128 145.42 -13.67 11.60
N ALA G 129 145.67 -14.80 10.94
CA ALA G 129 146.77 -14.92 9.98
C ALA G 129 146.40 -14.56 8.56
N GLU G 130 147.42 -14.45 7.72
CA GLU G 130 147.26 -14.12 6.31
C GLU G 130 146.97 -15.38 5.50
N SER G 131 147.36 -16.52 6.05
CA SER G 131 147.14 -17.81 5.40
C SER G 131 147.52 -18.98 6.30
N THR G 132 146.87 -20.11 6.08
CA THR G 132 147.16 -21.31 6.86
C THR G 132 147.34 -22.51 5.94
N LEU G 133 148.18 -23.46 6.36
CA LEU G 133 148.43 -24.65 5.57
C LEU G 133 148.15 -25.88 6.41
N LEU G 134 147.43 -26.84 5.83
CA LEU G 134 147.09 -28.07 6.54
C LEU G 134 147.77 -29.29 5.95
N MET G 135 148.33 -30.11 6.82
CA MET G 135 149.02 -31.31 6.39
C MET G 135 148.43 -32.55 7.04
N ALA G 136 149.01 -33.69 6.71
CA ALA G 136 148.55 -34.97 7.23
C ALA G 136 148.73 -35.11 8.73
N SER G 137 149.66 -34.35 9.31
CA SER G 137 149.89 -34.44 10.75
C SER G 137 150.72 -33.28 11.29
N GLY G 138 150.79 -33.19 12.62
CA GLY G 138 151.55 -32.14 13.27
C GLY G 138 153.03 -32.24 12.96
N MET G 139 153.54 -33.47 12.98
CA MET G 139 154.94 -33.75 12.69
C MET G 139 155.27 -33.36 11.25
N CYS G 140 154.33 -33.62 10.36
CA CYS G 140 154.51 -33.29 8.95
C CYS G 140 154.69 -31.78 8.81
N ALA G 141 153.88 -31.04 9.56
CA ALA G 141 153.93 -29.58 9.53
C ALA G 141 155.31 -29.07 9.94
N SER G 142 155.74 -29.44 11.14
CA SER G 142 157.04 -29.00 11.62
C SER G 142 158.11 -29.42 10.61
N THR G 143 158.14 -30.72 10.32
CA THR G 143 159.09 -31.30 9.36
C THR G 143 159.23 -30.45 8.09
N VAL G 144 158.14 -30.38 7.33
CA VAL G 144 158.11 -29.61 6.10
C VAL G 144 158.52 -28.15 6.31
N MET G 145 157.98 -27.54 7.36
CA MET G 145 158.29 -26.16 7.67
C MET G 145 159.79 -25.96 7.80
N LEU G 146 160.44 -26.86 8.53
CA LEU G 146 161.88 -26.81 8.75
C LEU G 146 162.66 -26.98 7.44
N LEU G 147 162.35 -28.05 6.72
CA LEU G 147 163.02 -28.35 5.45
C LEU G 147 162.82 -27.27 4.41
N ALA G 148 161.79 -26.44 4.58
CA ALA G 148 161.49 -25.40 3.61
C ALA G 148 162.04 -24.01 3.96
N LEU G 149 162.15 -23.71 5.25
CA LEU G 149 162.64 -22.39 5.66
C LEU G 149 164.12 -22.31 6.00
N VAL G 150 164.65 -23.32 6.68
CA VAL G 150 166.06 -23.33 7.03
C VAL G 150 166.89 -23.86 5.86
N PRO G 151 167.88 -23.06 5.40
CA PRO G 151 168.74 -23.47 4.29
C PRO G 151 169.88 -24.39 4.75
N ALA G 152 170.55 -25.01 3.78
CA ALA G 152 171.65 -25.92 4.07
C ALA G 152 172.80 -25.16 4.72
N GLY G 153 173.38 -25.76 5.76
CA GLY G 153 174.48 -25.14 6.46
C GLY G 153 174.02 -24.06 7.44
N GLY G 154 172.73 -23.75 7.39
CA GLY G 154 172.18 -22.73 8.28
C GLY G 154 172.14 -23.19 9.72
N HIS G 155 171.78 -22.26 10.61
CA HIS G 155 171.72 -22.55 12.04
C HIS G 155 170.30 -22.40 12.58
N ILE G 156 169.97 -23.19 13.60
CA ILE G 156 168.65 -23.15 14.20
C ILE G 156 168.75 -23.08 15.73
N VAL G 157 167.75 -22.47 16.36
CA VAL G 157 167.71 -22.34 17.82
C VAL G 157 166.40 -22.84 18.39
N THR G 158 166.49 -23.74 19.37
CA THR G 158 165.32 -24.29 20.03
C THR G 158 165.60 -24.54 21.50
N THR G 159 164.56 -24.92 22.22
CA THR G 159 164.67 -25.17 23.65
C THR G 159 165.01 -26.62 23.99
N THR G 160 165.23 -26.88 25.27
CA THR G 160 165.57 -28.22 25.74
C THR G 160 164.32 -29.08 25.95
N ASP G 161 163.18 -28.42 26.06
CA ASP G 161 161.91 -29.10 26.28
C ASP G 161 161.18 -29.46 24.99
N CYS G 162 161.85 -29.25 23.87
CA CYS G 162 161.28 -29.56 22.56
C CYS G 162 160.63 -30.93 22.55
N TYR G 163 159.65 -31.11 21.68
CA TYR G 163 158.95 -32.38 21.55
C TYR G 163 159.97 -33.43 21.08
N ARG G 164 160.01 -34.58 21.74
CA ARG G 164 160.95 -35.65 21.41
C ARG G 164 161.17 -35.89 19.92
N LYS G 165 160.15 -36.39 19.24
CA LYS G 165 160.24 -36.66 17.82
C LYS G 165 160.86 -35.51 17.04
N THR G 166 160.41 -34.29 17.32
CA THR G 166 160.95 -33.12 16.64
C THR G 166 162.44 -32.96 16.91
N ARG G 167 162.84 -33.27 18.14
CA ARG G 167 164.23 -33.17 18.54
C ARG G 167 165.05 -34.12 17.68
N ILE G 168 164.54 -35.34 17.52
CA ILE G 168 165.22 -36.35 16.72
C ILE G 168 165.40 -35.88 15.27
N PHE G 169 164.35 -35.30 14.69
CA PHE G 169 164.43 -34.82 13.32
C PHE G 169 165.51 -33.77 13.14
N ILE G 170 165.67 -32.92 14.15
CA ILE G 170 166.66 -31.85 14.11
C ILE G 170 168.09 -32.30 14.40
N GLU G 171 168.22 -33.38 15.17
CA GLU G 171 169.53 -33.90 15.55
C GLU G 171 170.05 -35.05 14.68
N THR G 172 169.20 -35.58 13.79
CA THR G 172 169.61 -36.68 12.93
C THR G 172 169.34 -36.52 11.45
N ILE G 173 168.41 -35.64 11.09
CA ILE G 173 168.10 -35.44 9.68
C ILE G 173 168.65 -34.12 9.18
N LEU G 174 168.30 -33.04 9.88
CA LEU G 174 168.75 -31.70 9.50
C LEU G 174 170.26 -31.58 9.34
N PRO G 175 171.05 -32.22 10.21
CA PRO G 175 172.51 -32.11 10.08
C PRO G 175 173.03 -32.60 8.71
N LYS G 176 172.31 -33.55 8.11
CA LYS G 176 172.70 -34.08 6.80
C LYS G 176 172.76 -32.94 5.78
N MET G 177 171.98 -31.89 6.02
CA MET G 177 171.97 -30.74 5.14
C MET G 177 172.88 -29.67 5.72
N GLY G 178 173.73 -30.09 6.65
CA GLY G 178 174.66 -29.17 7.27
C GLY G 178 174.01 -28.17 8.22
N ILE G 179 172.75 -28.40 8.56
CA ILE G 179 172.06 -27.50 9.47
C ILE G 179 172.44 -27.81 10.91
N THR G 180 173.08 -26.84 11.55
CA THR G 180 173.50 -26.99 12.95
C THR G 180 172.48 -26.28 13.84
N ALA G 181 172.36 -26.74 15.07
CA ALA G 181 171.40 -26.16 16.00
C ALA G 181 171.97 -25.84 17.38
N THR G 182 171.34 -24.89 18.06
CA THR G 182 171.74 -24.47 19.41
C THR G 182 170.56 -24.69 20.33
N VAL G 183 170.74 -25.55 21.33
CA VAL G 183 169.67 -25.85 22.27
C VAL G 183 169.83 -25.11 23.60
N ILE G 184 168.88 -24.23 23.89
CA ILE G 184 168.90 -23.44 25.11
C ILE G 184 167.71 -23.79 25.99
N ASP G 185 167.69 -23.25 27.20
CA ASP G 185 166.59 -23.49 28.13
C ASP G 185 165.48 -22.53 27.75
N PRO G 186 164.21 -22.97 27.91
CA PRO G 186 163.07 -22.12 27.57
C PRO G 186 163.13 -20.72 28.17
N ALA G 187 163.52 -20.63 29.44
CA ALA G 187 163.60 -19.35 30.13
C ALA G 187 164.88 -18.55 29.86
N ASP G 188 165.97 -19.24 29.61
CA ASP G 188 167.26 -18.60 29.34
C ASP G 188 167.22 -17.66 28.14
N VAL G 189 166.85 -16.41 28.38
CA VAL G 189 166.78 -15.43 27.31
C VAL G 189 168.20 -15.01 26.92
N GLY G 190 169.10 -15.03 27.89
CA GLY G 190 170.48 -14.65 27.62
C GLY G 190 171.13 -15.57 26.61
N ALA G 191 170.93 -16.87 26.76
CA ALA G 191 171.49 -17.87 25.87
C ALA G 191 171.03 -17.60 24.44
N LEU G 192 169.79 -17.17 24.32
CA LEU G 192 169.20 -16.86 23.02
C LEU G 192 169.87 -15.63 22.44
N GLU G 193 170.00 -14.60 23.25
CA GLU G 193 170.63 -13.35 22.81
C GLU G 193 172.07 -13.59 22.41
N LEU G 194 172.74 -14.49 23.13
CA LEU G 194 174.14 -14.82 22.85
C LEU G 194 174.25 -15.53 21.51
N ALA G 195 173.58 -16.68 21.40
CA ALA G 195 173.59 -17.47 20.18
C ALA G 195 173.18 -16.59 19.01
N LEU G 196 172.32 -15.61 19.27
CA LEU G 196 171.84 -14.69 18.26
C LEU G 196 173.00 -13.88 17.68
N ASN G 197 174.01 -13.64 18.51
CA ASN G 197 175.16 -12.86 18.10
C ASN G 197 176.34 -13.70 17.61
N GLN G 198 176.60 -14.83 18.27
CA GLN G 198 177.70 -15.71 17.89
C GLN G 198 177.48 -16.22 16.45
N LYS G 199 176.59 -17.18 16.30
CA LYS G 199 176.28 -17.73 14.97
C LYS G 199 175.13 -16.94 14.36
N LYS G 200 174.91 -17.10 13.06
CA LYS G 200 173.84 -16.40 12.37
C LYS G 200 172.57 -17.25 12.37
N VAL G 201 171.76 -17.08 13.40
CA VAL G 201 170.51 -17.83 13.54
C VAL G 201 169.57 -17.60 12.37
N ASN G 202 169.05 -18.70 11.82
CA ASN G 202 168.13 -18.64 10.70
C ASN G 202 166.70 -18.61 11.20
N LEU G 203 166.44 -19.33 12.29
CA LEU G 203 165.11 -19.40 12.85
C LEU G 203 165.08 -19.99 14.25
N PHE G 204 164.27 -19.40 15.12
CA PHE G 204 164.12 -19.87 16.49
C PHE G 204 162.80 -20.60 16.53
N PHE G 205 162.84 -21.87 16.92
CA PHE G 205 161.62 -22.65 16.99
C PHE G 205 161.38 -23.21 18.37
N THR G 206 160.14 -23.15 18.82
CA THR G 206 159.78 -23.66 20.13
C THR G 206 158.29 -23.65 20.36
N GLU G 207 157.86 -24.44 21.33
CA GLU G 207 156.45 -24.53 21.69
C GLU G 207 156.22 -23.80 23.01
N SER G 208 155.01 -23.30 23.20
CA SER G 208 154.68 -22.59 24.43
C SER G 208 153.18 -22.61 24.64
N PRO G 209 152.71 -23.32 25.66
CA PRO G 209 153.48 -24.10 26.64
C PRO G 209 154.34 -25.22 26.05
N THR G 210 155.21 -25.76 26.90
CA THR G 210 156.13 -26.83 26.53
C THR G 210 155.64 -28.18 27.06
N ASN G 211 156.18 -29.27 26.50
CA ASN G 211 155.80 -30.61 26.95
C ASN G 211 156.99 -31.22 27.69
N PRO G 212 156.75 -31.83 28.85
CA PRO G 212 155.48 -32.00 29.55
C PRO G 212 155.38 -31.03 30.74
N PHE G 213 156.39 -30.19 30.90
CA PHE G 213 156.41 -29.25 32.02
C PHE G 213 155.78 -27.90 31.70
N LEU G 214 155.03 -27.87 30.59
CA LEU G 214 154.34 -26.66 30.17
C LEU G 214 155.13 -25.38 30.44
N ARG G 215 156.36 -25.34 29.97
CA ARG G 215 157.19 -24.15 30.14
C ARG G 215 156.76 -23.16 29.08
N CYS G 216 156.70 -21.88 29.45
CA CYS G 216 156.26 -20.85 28.50
C CYS G 216 157.37 -19.89 28.10
N VAL G 217 157.26 -19.38 26.88
CA VAL G 217 158.25 -18.46 26.36
C VAL G 217 157.65 -17.09 26.09
N ASP G 218 158.33 -16.05 26.56
CA ASP G 218 157.87 -14.68 26.35
C ASP G 218 157.91 -14.40 24.86
N ILE G 219 156.88 -14.85 24.16
CA ILE G 219 156.79 -14.67 22.72
C ILE G 219 157.13 -13.26 22.25
N GLU G 220 156.56 -12.25 22.91
CA GLU G 220 156.80 -10.86 22.54
C GLU G 220 158.28 -10.49 22.63
N LEU G 221 158.90 -10.81 23.75
CA LEU G 221 160.31 -10.51 23.97
C LEU G 221 161.17 -11.28 22.99
N VAL G 222 161.09 -12.61 23.07
CA VAL G 222 161.85 -13.49 22.19
C VAL G 222 161.78 -13.01 20.75
N SER G 223 160.56 -12.77 20.26
CA SER G 223 160.37 -12.31 18.89
C SER G 223 161.25 -11.10 18.59
N LYS G 224 161.18 -10.11 19.47
CA LYS G 224 161.94 -8.88 19.33
C LYS G 224 163.43 -9.13 19.14
N LEU G 225 164.00 -9.93 20.04
CA LEU G 225 165.43 -10.26 19.98
C LEU G 225 165.80 -10.89 18.65
N CYS G 226 165.02 -11.89 18.23
CA CYS G 226 165.27 -12.59 16.99
C CYS G 226 165.21 -11.67 15.77
N HIS G 227 164.07 -11.00 15.58
CA HIS G 227 163.89 -10.10 14.46
C HIS G 227 165.00 -9.04 14.35
N GLU G 228 165.56 -8.66 15.50
CA GLU G 228 166.64 -7.66 15.53
C GLU G 228 167.86 -8.19 14.77
N LYS G 229 168.06 -9.50 14.84
CA LYS G 229 169.19 -10.13 14.18
C LYS G 229 168.80 -10.83 12.88
N GLY G 230 167.55 -10.65 12.45
CA GLY G 230 167.08 -11.26 11.22
C GLY G 230 166.57 -12.68 11.32
N ALA G 231 166.50 -13.22 12.53
CA ALA G 231 166.03 -14.58 12.73
C ALA G 231 164.51 -14.66 12.69
N LEU G 232 163.99 -15.82 12.30
CA LEU G 232 162.55 -16.02 12.23
C LEU G 232 162.11 -16.66 13.53
N VAL G 233 160.81 -16.58 13.81
CA VAL G 233 160.28 -17.17 15.02
C VAL G 233 159.04 -17.97 14.75
N CYS G 234 159.06 -19.23 15.16
CA CYS G 234 157.93 -20.12 14.98
C CYS G 234 157.59 -20.71 16.34
N ILE G 235 156.34 -20.56 16.72
CA ILE G 235 155.85 -21.07 17.99
C ILE G 235 154.87 -22.20 17.77
N ASP G 236 154.97 -23.24 18.60
CA ASP G 236 154.07 -24.36 18.52
C ASP G 236 152.99 -24.18 19.60
N GLY G 237 151.86 -23.60 19.19
CA GLY G 237 150.79 -23.35 20.13
C GLY G 237 149.80 -24.47 20.32
N THR G 238 150.27 -25.70 20.14
CA THR G 238 149.39 -26.85 20.31
C THR G 238 148.69 -26.87 21.66
N PHE G 239 149.48 -26.86 22.74
CA PHE G 239 148.95 -26.88 24.10
C PHE G 239 148.07 -25.68 24.41
N ALA G 240 148.43 -24.52 23.86
CA ALA G 240 147.70 -23.28 24.09
C ALA G 240 146.39 -23.16 23.33
N THR G 241 146.39 -23.52 22.06
CA THR G 241 145.19 -23.42 21.24
C THR G 241 145.07 -21.95 20.82
N PRO G 242 144.64 -21.68 19.58
CA PRO G 242 144.52 -20.30 19.13
C PRO G 242 143.56 -19.47 19.98
N LEU G 243 142.85 -20.11 20.89
CA LEU G 243 141.91 -19.40 21.74
C LEU G 243 142.57 -18.83 22.98
N ASN G 244 143.48 -19.60 23.58
CA ASN G 244 144.17 -19.17 24.79
C ASN G 244 145.34 -18.20 24.57
N GLN G 245 145.78 -18.07 23.32
CA GLN G 245 146.89 -17.17 23.02
C GLN G 245 147.04 -16.94 21.52
N LYS G 246 147.48 -15.75 21.15
CA LYS G 246 147.68 -15.40 19.74
C LYS G 246 149.14 -15.11 19.47
N ALA G 247 149.92 -16.17 19.30
CA ALA G 247 151.35 -16.06 19.04
C ALA G 247 151.66 -15.11 17.89
N LEU G 248 150.80 -15.12 16.88
CA LEU G 248 150.99 -14.26 15.72
C LEU G 248 150.87 -12.77 16.05
N ALA G 249 150.01 -12.45 17.01
CA ALA G 249 149.82 -11.07 17.41
C ALA G 249 150.95 -10.64 18.33
N LEU G 250 151.46 -11.60 19.11
CA LEU G 250 152.55 -11.33 20.04
C LEU G 250 153.86 -11.10 19.32
N GLY G 251 153.88 -11.36 18.02
CA GLY G 251 155.10 -11.12 17.25
C GLY G 251 155.65 -12.28 16.43
N ALA G 252 155.29 -13.50 16.79
CA ALA G 252 155.79 -14.67 16.06
C ALA G 252 155.51 -14.52 14.58
N ASP G 253 156.36 -15.13 13.75
CA ASP G 253 156.20 -15.06 12.31
C ASP G 253 155.29 -16.21 11.87
N LEU G 254 155.41 -17.34 12.54
CA LEU G 254 154.62 -18.50 12.22
C LEU G 254 154.14 -19.20 13.49
N VAL G 255 152.97 -19.81 13.41
CA VAL G 255 152.42 -20.54 14.53
C VAL G 255 151.84 -21.83 13.99
N LEU G 256 152.31 -22.95 14.52
CA LEU G 256 151.82 -24.22 14.07
C LEU G 256 151.19 -24.99 15.22
N HIS G 257 150.18 -25.78 14.88
CA HIS G 257 149.46 -26.57 15.85
C HIS G 257 149.39 -28.01 15.37
N SER G 258 148.76 -28.86 16.16
CA SER G 258 148.57 -30.25 15.83
C SER G 258 147.07 -30.50 16.02
N ALA G 259 146.30 -30.26 14.97
CA ALA G 259 144.85 -30.43 15.02
C ALA G 259 144.45 -31.75 15.66
N THR G 260 145.40 -32.69 15.69
CA THR G 260 145.16 -34.01 16.27
C THR G 260 144.76 -33.89 17.73
N LYS G 261 145.17 -32.79 18.37
CA LYS G 261 144.90 -32.56 19.78
C LYS G 261 143.60 -31.84 20.11
N PHE G 262 143.70 -30.54 20.36
CA PHE G 262 142.55 -29.73 20.72
C PHE G 262 141.65 -29.35 19.55
N LEU G 263 142.22 -28.89 18.45
CA LEU G 263 141.42 -28.49 17.28
C LEU G 263 140.40 -29.55 16.87
N GLY G 264 140.88 -30.79 16.71
CA GLY G 264 139.97 -31.87 16.35
C GLY G 264 139.13 -32.14 17.57
N GLY G 265 139.80 -32.27 18.71
CA GLY G 265 139.14 -32.49 19.98
C GLY G 265 138.34 -33.75 20.23
N HIS G 266 138.30 -34.67 19.28
CA HIS G 266 137.52 -35.88 19.50
C HIS G 266 138.33 -37.17 19.42
N ASN G 267 139.65 -37.02 19.32
CA ASN G 267 140.56 -38.16 19.25
C ASN G 267 140.19 -39.15 18.16
N ASP G 268 140.02 -38.66 16.93
CA ASP G 268 139.64 -39.54 15.83
C ASP G 268 140.21 -39.13 14.48
N VAL G 269 141.21 -38.24 14.49
CA VAL G 269 141.82 -37.79 13.25
C VAL G 269 143.13 -37.04 13.48
N LEU G 270 144.08 -37.22 12.55
CA LEU G 270 145.37 -36.54 12.64
C LEU G 270 145.44 -35.45 11.59
N ALA G 271 146.18 -34.38 11.88
CA ALA G 271 146.32 -33.28 10.94
C ALA G 271 147.29 -32.25 11.46
N GLY G 272 147.93 -31.53 10.54
CA GLY G 272 148.90 -30.53 10.91
C GLY G 272 148.43 -29.12 10.63
N CYS G 273 149.01 -28.15 11.33
CA CYS G 273 148.62 -26.77 11.14
C CYS G 273 149.78 -25.80 11.12
N ILE G 274 149.72 -24.84 10.20
CA ILE G 274 150.75 -23.82 10.09
C ILE G 274 150.07 -22.58 9.57
N SER G 275 150.16 -21.51 10.35
CA SER G 275 149.55 -20.23 9.98
C SER G 275 150.58 -19.12 10.07
N GLY G 276 150.48 -18.15 9.16
CA GLY G 276 151.40 -17.04 9.15
C GLY G 276 151.25 -16.19 7.91
N PRO G 277 152.20 -15.30 7.63
CA PRO G 277 152.13 -14.44 6.44
C PRO G 277 152.15 -15.26 5.15
N LEU G 278 151.59 -14.71 4.09
CA LEU G 278 151.56 -15.42 2.81
C LEU G 278 152.97 -15.67 2.28
N LYS G 279 153.76 -14.61 2.23
CA LYS G 279 155.14 -14.70 1.75
C LYS G 279 155.87 -15.89 2.36
N LEU G 280 155.55 -16.21 3.61
CA LEU G 280 156.20 -17.32 4.29
C LEU G 280 155.48 -18.64 4.09
N VAL G 281 154.24 -18.71 4.54
CA VAL G 281 153.47 -19.94 4.42
C VAL G 281 153.44 -20.52 3.00
N SER G 282 153.46 -19.64 1.99
CA SER G 282 153.43 -20.09 0.60
C SER G 282 154.71 -20.83 0.20
N GLU G 283 155.81 -20.48 0.84
CA GLU G 283 157.10 -21.11 0.57
C GLU G 283 157.04 -22.56 1.02
N ILE G 284 156.41 -22.78 2.18
CA ILE G 284 156.27 -24.12 2.74
C ILE G 284 155.32 -24.91 1.86
N ARG G 285 154.21 -24.29 1.47
CA ARG G 285 153.23 -24.94 0.63
C ARG G 285 153.87 -25.48 -0.64
N ASN G 286 154.88 -24.79 -1.15
CA ASN G 286 155.54 -25.22 -2.37
C ASN G 286 156.29 -26.54 -2.20
N LEU G 287 156.97 -26.70 -1.08
CA LEU G 287 157.70 -27.93 -0.80
C LEU G 287 156.69 -29.00 -0.42
N HIS G 288 155.58 -28.56 0.19
CA HIS G 288 154.52 -29.47 0.60
C HIS G 288 153.98 -30.18 -0.63
N HIS G 289 153.81 -29.40 -1.70
CA HIS G 289 153.29 -29.93 -2.95
C HIS G 289 154.17 -31.02 -3.56
N ILE G 290 155.42 -31.09 -3.09
CA ILE G 290 156.36 -32.09 -3.58
C ILE G 290 156.45 -33.28 -2.64
N LEU G 291 156.57 -32.99 -1.34
CA LEU G 291 156.67 -34.06 -0.35
C LEU G 291 155.36 -34.82 -0.26
N GLY G 292 154.26 -34.15 -0.59
CA GLY G 292 152.96 -34.78 -0.58
C GLY G 292 152.39 -35.27 0.74
N GLY G 293 152.25 -34.38 1.71
CA GLY G 293 151.68 -34.76 3.00
C GLY G 293 150.25 -34.25 3.08
N ALA G 294 149.55 -34.33 1.96
CA ALA G 294 148.18 -33.87 1.85
C ALA G 294 147.24 -34.46 2.89
N LEU G 295 146.23 -33.67 3.25
CA LEU G 295 145.25 -34.09 4.24
C LEU G 295 143.99 -34.53 3.51
N ASN G 296 143.45 -35.67 3.94
CA ASN G 296 142.25 -36.21 3.33
C ASN G 296 141.02 -35.35 3.62
N PRO G 297 140.21 -35.09 2.60
CA PRO G 297 139.00 -34.27 2.78
C PRO G 297 138.13 -34.77 3.92
N ASN G 298 138.06 -36.08 4.11
CA ASN G 298 137.26 -36.64 5.18
C ASN G 298 137.82 -36.21 6.54
N ALA G 299 139.13 -36.11 6.62
CA ALA G 299 139.78 -35.70 7.86
C ALA G 299 139.54 -34.20 8.07
N ALA G 300 139.59 -33.44 6.98
CA ALA G 300 139.37 -32.01 7.04
C ALA G 300 137.98 -31.67 7.54
N TYR G 301 137.00 -32.51 7.25
CA TYR G 301 135.64 -32.24 7.69
C TYR G 301 135.49 -32.57 9.16
N LEU G 302 136.19 -33.61 9.61
CA LEU G 302 136.12 -34.02 11.01
C LEU G 302 136.68 -32.93 11.93
N ILE G 303 137.57 -32.10 11.40
CA ILE G 303 138.14 -31.03 12.21
C ILE G 303 137.25 -29.81 12.15
N ILE G 304 136.69 -29.52 10.96
CA ILE G 304 135.79 -28.41 10.79
C ILE G 304 134.63 -28.59 11.78
N ARG G 305 134.07 -29.78 11.79
CA ARG G 305 132.97 -30.12 12.68
C ARG G 305 133.38 -30.00 14.15
N GLY G 306 134.54 -30.56 14.47
CA GLY G 306 135.03 -30.53 15.84
C GLY G 306 135.36 -29.15 16.35
N MET G 307 135.63 -28.23 15.43
CA MET G 307 135.96 -26.86 15.82
C MET G 307 134.71 -26.03 16.07
N LYS G 308 133.56 -26.58 15.72
CA LYS G 308 132.29 -25.90 15.93
C LYS G 308 132.04 -25.71 17.41
N THR G 309 132.73 -26.52 18.22
CA THR G 309 132.61 -26.45 19.68
C THR G 309 133.98 -26.30 20.35
N LEU G 310 134.92 -25.66 19.66
CA LEU G 310 136.24 -25.46 20.22
C LEU G 310 136.15 -24.65 21.50
N HIS G 311 135.68 -23.41 21.38
CA HIS G 311 135.53 -22.49 22.51
C HIS G 311 134.81 -23.10 23.69
N LEU G 312 133.79 -23.90 23.41
CA LEU G 312 133.04 -24.56 24.48
C LEU G 312 133.94 -25.56 25.20
N ARG G 313 134.56 -26.44 24.41
CA ARG G 313 135.44 -27.46 24.95
C ARG G 313 136.60 -26.84 25.70
N VAL G 314 137.33 -25.95 25.05
CA VAL G 314 138.47 -25.29 25.69
C VAL G 314 138.05 -24.73 27.04
N GLN G 315 137.05 -23.85 27.02
CA GLN G 315 136.53 -23.21 28.24
C GLN G 315 136.44 -24.18 29.42
N GLN G 316 135.74 -25.29 29.20
CA GLN G 316 135.55 -26.29 30.22
C GLN G 316 136.87 -26.95 30.64
N GLN G 317 137.71 -27.27 29.66
CA GLN G 317 138.99 -27.90 29.94
C GLN G 317 139.91 -26.97 30.74
N ASN G 318 139.83 -25.69 30.43
CA ASN G 318 140.65 -24.68 31.10
C ASN G 318 140.31 -24.62 32.58
N SER G 319 139.03 -24.75 32.90
CA SER G 319 138.56 -24.69 34.28
C SER G 319 138.94 -25.94 35.05
N THR G 320 138.47 -27.09 34.59
CA THR G 320 138.77 -28.35 35.25
C THR G 320 140.26 -28.47 35.52
N ALA G 321 141.07 -28.10 34.53
CA ALA G 321 142.51 -28.17 34.66
C ALA G 321 142.98 -27.32 35.83
N LEU G 322 142.74 -26.02 35.75
CA LEU G 322 143.15 -25.08 36.80
C LEU G 322 142.71 -25.51 38.20
N ARG G 323 141.42 -25.79 38.36
CA ARG G 323 140.89 -26.20 39.65
C ARG G 323 141.57 -27.46 40.15
N MET G 324 141.73 -28.44 39.27
CA MET G 324 142.36 -29.71 39.62
C MET G 324 143.85 -29.53 39.90
N ALA G 325 144.47 -28.56 39.23
CA ALA G 325 145.89 -28.27 39.43
C ALA G 325 146.12 -27.89 40.88
N GLU G 326 145.33 -26.93 41.36
CA GLU G 326 145.43 -26.46 42.73
C GLU G 326 145.18 -27.60 43.71
N ILE G 327 144.04 -28.27 43.55
CA ILE G 327 143.69 -29.37 44.43
C ILE G 327 144.84 -30.36 44.52
N LEU G 328 145.48 -30.65 43.39
CA LEU G 328 146.60 -31.57 43.33
C LEU G 328 147.80 -31.01 44.06
N GLU G 329 148.07 -29.73 43.86
CA GLU G 329 149.20 -29.05 44.49
C GLU G 329 149.14 -29.16 46.00
N ALA G 330 147.95 -28.97 46.56
CA ALA G 330 147.74 -29.05 48.00
C ALA G 330 147.70 -30.47 48.52
N HIS G 331 147.63 -31.45 47.63
CA HIS G 331 147.57 -32.84 48.05
C HIS G 331 148.89 -33.31 48.66
N PRO G 332 148.81 -34.03 49.78
CA PRO G 332 149.99 -34.56 50.48
C PRO G 332 150.73 -35.65 49.72
N LYS G 333 150.03 -36.31 48.80
CA LYS G 333 150.66 -37.38 48.03
C LYS G 333 151.22 -36.87 46.72
N VAL G 334 150.99 -35.60 46.42
CA VAL G 334 151.49 -35.00 45.19
C VAL G 334 152.72 -34.15 45.53
N ARG G 335 153.87 -34.55 45.03
CA ARG G 335 155.11 -33.84 45.30
C ARG G 335 155.23 -32.49 44.60
N HIS G 336 154.98 -32.47 43.30
CA HIS G 336 155.09 -31.25 42.51
C HIS G 336 154.07 -31.22 41.37
N VAL G 337 153.55 -30.02 41.06
CA VAL G 337 152.56 -29.86 40.00
C VAL G 337 152.96 -28.79 39.00
N TYR G 338 152.86 -29.13 37.72
CA TYR G 338 153.21 -28.20 36.66
C TYR G 338 151.96 -27.69 35.94
N TYR G 339 151.80 -26.37 35.94
CA TYR G 339 150.67 -25.71 35.29
C TYR G 339 150.89 -24.21 35.28
N PRO G 340 150.90 -23.60 34.08
CA PRO G 340 151.10 -22.15 33.96
C PRO G 340 150.12 -21.33 34.78
N GLY G 341 148.96 -21.92 35.08
CA GLY G 341 147.95 -21.23 35.84
C GLY G 341 148.30 -21.08 37.31
N LEU G 342 149.15 -21.96 37.81
CA LEU G 342 149.57 -21.90 39.22
C LEU G 342 150.60 -20.81 39.45
N GLN G 343 150.69 -20.35 40.69
CA GLN G 343 151.63 -19.30 41.05
C GLN G 343 153.05 -19.87 41.19
N SER G 344 153.12 -21.19 41.42
CA SER G 344 154.40 -21.88 41.58
C SER G 344 155.10 -22.18 40.25
N HIS G 345 154.47 -21.82 39.14
CA HIS G 345 155.08 -22.07 37.84
C HIS G 345 156.13 -21.02 37.49
N PRO G 346 157.34 -21.48 37.12
CA PRO G 346 158.47 -20.63 36.74
C PRO G 346 158.12 -19.41 35.89
N GLU G 347 157.28 -19.60 34.87
CA GLU G 347 156.88 -18.50 34.00
C GLU G 347 155.41 -18.13 34.15
N HIS G 348 154.90 -18.25 35.37
CA HIS G 348 153.51 -17.91 35.65
C HIS G 348 153.23 -16.46 35.28
N HIS G 349 154.22 -15.60 35.47
CA HIS G 349 154.05 -14.19 35.15
C HIS G 349 153.95 -13.96 33.64
N ILE G 350 154.63 -14.81 32.88
CA ILE G 350 154.61 -14.71 31.42
C ILE G 350 153.27 -15.24 30.90
N ALA G 351 152.90 -16.42 31.37
CA ALA G 351 151.65 -17.06 30.97
C ALA G 351 150.49 -16.12 31.23
N LYS G 352 150.51 -15.48 32.40
CA LYS G 352 149.46 -14.55 32.80
C LYS G 352 149.40 -13.32 31.89
N LYS G 353 150.55 -12.92 31.36
CA LYS G 353 150.63 -11.75 30.50
C LYS G 353 150.29 -12.01 29.04
N GLN G 354 150.56 -13.21 28.54
CA GLN G 354 150.28 -13.53 27.14
C GLN G 354 149.22 -14.61 26.92
N MET G 355 148.57 -15.05 27.98
CA MET G 355 147.54 -16.08 27.87
C MET G 355 146.26 -15.71 28.62
N THR G 356 145.13 -16.17 28.09
CA THR G 356 143.83 -15.91 28.70
C THR G 356 143.37 -17.20 29.36
N GLY G 357 144.05 -18.28 29.02
CA GLY G 357 143.75 -19.60 29.57
C GLY G 357 145.05 -20.35 29.77
N PHE G 358 144.99 -21.48 30.46
CA PHE G 358 146.22 -22.21 30.69
C PHE G 358 146.18 -23.66 30.24
N GLY G 359 145.29 -23.95 29.28
CA GLY G 359 145.18 -25.30 28.74
C GLY G 359 144.51 -26.35 29.61
N GLY G 360 144.24 -27.51 29.02
CA GLY G 360 143.60 -28.59 29.75
C GLY G 360 144.59 -29.65 30.20
N ALA G 361 145.87 -29.41 29.91
CA ALA G 361 146.93 -30.35 30.27
C ALA G 361 147.60 -29.96 31.57
N VAL G 362 147.74 -30.94 32.46
CA VAL G 362 148.35 -30.73 33.77
C VAL G 362 149.32 -31.87 34.08
N SER G 363 150.56 -31.52 34.43
CA SER G 363 151.56 -32.52 34.76
C SER G 363 151.94 -32.40 36.22
N PHE G 364 152.09 -33.52 36.90
CA PHE G 364 152.45 -33.51 38.31
C PHE G 364 153.21 -34.75 38.72
N GLU G 365 154.05 -34.61 39.74
CA GLU G 365 154.86 -35.72 40.24
C GLU G 365 154.25 -36.31 41.51
N VAL G 366 154.01 -37.62 41.49
CA VAL G 366 153.44 -38.30 42.65
C VAL G 366 154.55 -38.57 43.66
N ASP G 367 154.18 -38.75 44.92
CA ASP G 367 155.15 -39.03 45.99
C ASP G 367 155.49 -40.51 46.07
N GLY G 368 156.20 -41.01 45.06
CA GLY G 368 156.57 -42.41 45.04
C GLY G 368 157.60 -42.76 43.97
N ASP G 369 157.53 -43.99 43.47
CA ASP G 369 158.47 -44.44 42.46
C ASP G 369 157.76 -44.91 41.21
N LEU G 370 158.53 -45.32 40.20
CA LEU G 370 158.00 -45.79 38.94
C LEU G 370 156.84 -46.75 39.18
N LEU G 371 157.01 -47.67 40.13
CA LEU G 371 155.98 -48.66 40.43
C LEU G 371 154.75 -48.09 41.13
N THR G 372 154.97 -47.26 42.15
CA THR G 372 153.85 -46.66 42.88
C THR G 372 153.07 -45.71 41.99
N THR G 373 153.79 -44.86 41.27
CA THR G 373 153.15 -43.91 40.37
C THR G 373 152.22 -44.65 39.41
N ALA G 374 152.67 -45.79 38.92
CA ALA G 374 151.88 -46.59 38.00
C ALA G 374 150.61 -47.09 38.68
N LYS G 375 150.76 -47.46 39.94
CA LYS G 375 149.63 -47.95 40.73
C LYS G 375 148.53 -46.88 40.74
N PHE G 376 148.94 -45.62 40.81
CA PHE G 376 147.98 -44.51 40.83
C PHE G 376 147.19 -44.45 39.53
N VAL G 377 147.89 -44.39 38.41
CA VAL G 377 147.24 -44.31 37.10
C VAL G 377 146.42 -45.57 36.81
N ASP G 378 146.84 -46.69 37.39
CA ASP G 378 146.12 -47.94 37.20
C ASP G 378 144.82 -47.92 37.98
N ALA G 379 144.74 -47.00 38.95
CA ALA G 379 143.56 -46.86 39.79
C ALA G 379 142.47 -46.00 39.16
N LEU G 380 142.88 -45.05 38.33
CA LEU G 380 141.91 -44.17 37.66
C LEU G 380 140.93 -45.01 36.86
N LYS G 381 139.71 -44.51 36.71
CA LYS G 381 138.67 -45.23 35.99
C LYS G 381 138.06 -44.48 34.80
N ILE G 382 138.19 -43.15 34.80
CA ILE G 382 137.63 -42.35 33.73
C ILE G 382 138.58 -42.13 32.56
N PRO G 383 139.80 -41.63 32.83
CA PRO G 383 140.73 -41.41 31.72
C PRO G 383 141.34 -42.69 31.15
N TYR G 384 141.71 -42.63 29.87
CA TYR G 384 142.31 -43.75 29.17
C TYR G 384 143.83 -43.62 29.31
N ILE G 385 144.52 -44.75 29.41
CA ILE G 385 145.97 -44.71 29.52
C ILE G 385 146.49 -44.80 28.10
N ALA G 386 146.91 -43.68 27.54
CA ALA G 386 147.39 -43.66 26.18
C ALA G 386 148.06 -42.33 25.86
N PRO G 387 148.69 -42.22 24.67
CA PRO G 387 149.33 -40.96 24.36
C PRO G 387 148.29 -39.94 23.88
N SER G 388 148.77 -38.80 23.38
CA SER G 388 147.90 -37.74 22.90
C SER G 388 147.19 -37.01 24.04
N PHE G 389 146.41 -36.00 23.67
CA PHE G 389 145.67 -35.18 24.63
C PHE G 389 144.85 -34.15 23.87
N GLY G 390 143.84 -33.59 24.52
CA GLY G 390 143.02 -32.58 23.88
C GLY G 390 141.61 -32.99 23.53
N GLY G 391 141.32 -34.28 23.62
CA GLY G 391 139.99 -34.75 23.28
C GLY G 391 139.00 -34.74 24.43
N CYS G 392 137.73 -34.95 24.12
CA CYS G 392 136.68 -34.98 25.13
C CYS G 392 136.99 -36.03 26.19
N GLU G 393 137.56 -37.15 25.76
CA GLU G 393 137.92 -38.23 26.67
C GLU G 393 139.20 -37.85 27.41
N SER G 394 139.21 -38.04 28.73
CA SER G 394 140.38 -37.72 29.52
C SER G 394 141.43 -38.80 29.35
N ILE G 395 142.69 -38.39 29.29
CA ILE G 395 143.79 -39.33 29.11
C ILE G 395 144.90 -39.13 30.12
N VAL G 396 145.58 -40.24 30.46
CA VAL G 396 146.69 -40.23 31.41
C VAL G 396 147.85 -41.09 30.89
N ASP G 397 149.05 -40.77 31.35
CA ASP G 397 150.24 -41.53 30.95
C ASP G 397 151.47 -41.12 31.74
N GLN G 398 152.47 -42.00 31.77
CA GLN G 398 153.71 -41.73 32.46
C GLN G 398 154.75 -41.51 31.37
N PRO G 399 155.02 -40.24 31.00
CA PRO G 399 155.99 -39.94 29.94
C PRO G 399 157.24 -40.80 30.00
N ALA G 400 157.64 -41.18 31.21
CA ALA G 400 158.81 -42.02 31.41
C ALA G 400 158.67 -43.30 30.62
N ILE G 401 157.56 -43.99 30.85
CA ILE G 401 157.27 -45.26 30.18
C ILE G 401 156.74 -45.06 28.77
N MET G 402 155.79 -44.14 28.61
CA MET G 402 155.19 -43.88 27.32
C MET G 402 156.10 -43.39 26.21
N SER G 403 157.04 -42.50 26.53
CA SER G 403 157.90 -41.96 25.47
C SER G 403 159.40 -41.90 25.73
N TYR G 404 159.89 -42.56 26.77
CA TYR G 404 161.32 -42.54 27.07
C TYR G 404 161.80 -43.86 27.66
N TRP G 405 161.00 -44.91 27.47
CA TRP G 405 161.35 -46.23 27.99
C TRP G 405 162.58 -46.81 27.32
N ASP G 406 162.84 -46.35 26.10
CA ASP G 406 164.00 -46.82 25.34
C ASP G 406 165.31 -46.32 25.94
N LEU G 407 165.23 -45.30 26.79
CA LEU G 407 166.42 -44.73 27.41
C LEU G 407 166.67 -45.29 28.80
N SER G 408 167.88 -45.07 29.30
CA SER G 408 168.28 -45.54 30.61
C SER G 408 167.81 -44.55 31.67
N GLN G 409 167.46 -45.07 32.85
CA GLN G 409 166.99 -44.23 33.94
C GLN G 409 167.86 -42.99 34.08
N SER G 410 169.16 -43.16 33.83
CA SER G 410 170.12 -42.06 33.93
C SER G 410 169.98 -41.10 32.76
N ASP G 411 169.79 -41.66 31.56
CA ASP G 411 169.64 -40.85 30.36
C ASP G 411 168.30 -40.12 30.36
N ARG G 412 167.33 -40.70 31.07
CA ARG G 412 165.99 -40.13 31.18
C ARG G 412 166.02 -38.89 32.08
N ALA G 413 166.55 -39.06 33.28
CA ALA G 413 166.65 -37.97 34.23
C ALA G 413 167.52 -36.88 33.63
N LYS G 414 168.38 -37.26 32.68
CA LYS G 414 169.27 -36.33 31.99
C LYS G 414 168.46 -35.19 31.36
N TYR G 415 167.15 -35.39 31.24
CA TYR G 415 166.28 -34.38 30.67
C TYR G 415 164.94 -34.20 31.35
N GLY G 416 164.99 -34.06 32.68
CA GLY G 416 163.79 -33.84 33.48
C GLY G 416 162.76 -34.93 33.63
N ILE G 417 162.75 -35.91 32.74
CA ILE G 417 161.76 -36.98 32.85
C ILE G 417 162.04 -37.90 34.02
N MET G 418 161.08 -37.98 34.94
CA MET G 418 161.21 -38.81 36.14
C MET G 418 160.14 -39.89 36.14
N ASP G 419 160.43 -41.00 36.83
CA ASP G 419 159.46 -42.09 36.92
C ASP G 419 158.26 -41.61 37.74
N ASN G 420 158.39 -40.40 38.27
CA ASN G 420 157.37 -39.78 39.09
C ASN G 420 156.33 -39.01 38.28
N LEU G 421 156.81 -38.33 37.24
CA LEU G 421 155.98 -37.52 36.37
C LEU G 421 154.77 -38.22 35.79
N VAL G 422 153.63 -37.53 35.85
CA VAL G 422 152.38 -38.04 35.30
C VAL G 422 151.72 -36.90 34.54
N ARG G 423 151.38 -37.15 33.28
CA ARG G 423 150.73 -36.14 32.46
C ARG G 423 149.24 -36.41 32.37
N PHE G 424 148.44 -35.47 32.86
CA PHE G 424 147.00 -35.62 32.83
C PHE G 424 146.35 -34.68 31.82
N SER G 425 145.65 -35.26 30.86
CA SER G 425 144.95 -34.47 29.85
C SER G 425 143.48 -34.52 30.23
N PHE G 426 143.01 -33.47 30.88
CA PHE G 426 141.63 -33.42 31.29
C PHE G 426 140.67 -33.32 30.13
N GLY G 427 139.73 -34.25 30.09
CA GLY G 427 138.75 -34.28 29.02
C GLY G 427 137.71 -33.20 29.18
N VAL G 428 136.45 -33.56 28.94
CA VAL G 428 135.36 -32.61 29.04
C VAL G 428 134.30 -33.10 30.02
N GLU G 429 134.54 -34.29 30.59
CA GLU G 429 133.62 -34.86 31.56
C GLU G 429 133.37 -33.86 32.68
N ASP G 430 132.41 -34.17 33.55
CA ASP G 430 132.08 -33.29 34.65
C ASP G 430 133.22 -33.23 35.67
N PHE G 431 133.52 -32.01 36.12
CA PHE G 431 134.60 -31.79 37.08
C PHE G 431 134.50 -32.70 38.30
N ASP G 432 133.34 -32.71 38.95
CA ASP G 432 133.13 -33.53 40.13
C ASP G 432 133.48 -34.98 39.87
N ASP G 433 133.01 -35.50 38.73
CA ASP G 433 133.28 -36.88 38.36
C ASP G 433 134.77 -37.13 38.25
N LEU G 434 135.47 -36.17 37.66
CA LEU G 434 136.91 -36.27 37.47
C LEU G 434 137.65 -36.18 38.80
N LYS G 435 137.44 -35.08 39.50
CA LYS G 435 138.08 -34.85 40.79
C LYS G 435 137.92 -36.06 41.70
N ALA G 436 136.70 -36.58 41.80
CA ALA G 436 136.42 -37.73 42.64
C ALA G 436 137.30 -38.93 42.28
N ASP G 437 137.47 -39.16 40.98
CA ASP G 437 138.29 -40.27 40.51
C ASP G 437 139.75 -40.08 40.89
N ILE G 438 140.30 -38.93 40.53
CA ILE G 438 141.68 -38.63 40.85
C ILE G 438 141.96 -38.80 42.34
N LEU G 439 141.09 -38.24 43.17
CA LEU G 439 141.25 -38.34 44.62
C LEU G 439 141.22 -39.79 45.09
N GLN G 440 140.18 -40.52 44.67
CA GLN G 440 140.02 -41.91 45.04
C GLN G 440 141.27 -42.72 44.66
N ALA G 441 141.96 -42.30 43.61
CA ALA G 441 143.16 -42.98 43.14
C ALA G 441 144.35 -42.63 44.03
N LEU G 442 144.56 -41.34 44.27
CA LEU G 442 145.66 -40.87 45.09
C LEU G 442 145.59 -41.46 46.50
N ASP G 443 144.59 -42.31 46.74
CA ASP G 443 144.39 -42.93 48.04
C ASP G 443 144.94 -44.34 48.10
N SER G 444 145.30 -44.90 46.95
CA SER G 444 145.85 -46.26 46.92
C SER G 444 147.35 -46.16 47.08
N ILE G 445 147.85 -44.93 47.03
CA ILE G 445 149.28 -44.69 47.16
C ILE G 445 149.69 -44.66 48.63
N TYR H 50 120.19 -40.36 -21.25
CA TYR H 50 121.09 -39.32 -20.66
C TYR H 50 121.74 -38.52 -21.77
N ALA H 51 122.81 -39.07 -22.31
CA ALA H 51 123.54 -38.45 -23.39
C ALA H 51 123.48 -39.35 -24.62
N SER H 52 123.76 -38.76 -25.78
CA SER H 52 123.74 -39.51 -27.03
C SER H 52 125.05 -40.24 -27.25
N PHE H 53 126.15 -39.63 -26.80
CA PHE H 53 127.46 -40.24 -26.96
C PHE H 53 127.67 -41.45 -26.05
N LEU H 54 126.63 -41.83 -25.34
CA LEU H 54 126.69 -42.98 -24.45
C LEU H 54 125.54 -43.92 -24.81
N ASN H 55 125.85 -44.97 -25.56
CA ASN H 55 124.84 -45.92 -26.00
C ASN H 55 124.87 -47.23 -25.21
N SER H 56 125.83 -47.37 -24.31
CA SER H 56 125.95 -48.59 -23.50
C SER H 56 125.57 -48.35 -22.04
N ASP H 57 124.97 -49.36 -21.42
CA ASP H 57 124.57 -49.26 -20.02
C ASP H 57 125.76 -49.02 -19.12
N GLY H 58 126.84 -49.75 -19.38
CA GLY H 58 128.05 -49.60 -18.59
C GLY H 58 128.52 -48.16 -18.57
N SER H 59 128.55 -47.54 -19.74
CA SER H 59 128.96 -46.14 -19.85
C SER H 59 127.99 -45.27 -19.07
N VAL H 60 126.71 -45.62 -19.11
CA VAL H 60 125.70 -44.86 -18.40
C VAL H 60 125.92 -44.98 -16.90
N ALA H 61 125.90 -46.21 -16.41
CA ALA H 61 126.09 -46.48 -14.99
C ALA H 61 127.26 -45.68 -14.41
N ILE H 62 128.14 -45.21 -15.27
CA ILE H 62 129.30 -44.46 -14.82
C ILE H 62 129.07 -42.96 -14.83
N HIS H 63 128.68 -42.42 -15.98
CA HIS H 63 128.47 -40.99 -16.15
C HIS H 63 127.06 -40.47 -15.99
N ALA H 64 126.08 -41.35 -15.94
CA ALA H 64 124.69 -40.94 -15.80
C ALA H 64 124.52 -40.12 -14.52
N GLY H 65 124.09 -38.88 -14.67
CA GLY H 65 123.87 -38.00 -13.54
C GLY H 65 125.09 -37.24 -13.05
N GLU H 66 126.17 -37.25 -13.83
CA GLU H 66 127.38 -36.56 -13.43
C GLU H 66 128.13 -35.88 -14.57
N ARG H 67 128.43 -36.65 -15.60
CA ARG H 67 129.18 -36.15 -16.75
C ARG H 67 128.70 -34.85 -17.38
N LEU H 68 127.39 -34.62 -17.37
CA LEU H 68 126.84 -33.41 -17.97
C LEU H 68 126.55 -32.29 -16.97
N GLY H 69 126.41 -32.64 -15.69
CA GLY H 69 126.12 -31.65 -14.67
C GLY H 69 125.62 -32.31 -13.39
N ARG H 70 125.67 -31.60 -12.27
CA ARG H 70 125.24 -32.20 -11.01
C ARG H 70 124.24 -31.38 -10.19
N GLY H 71 124.13 -30.09 -10.47
CA GLY H 71 123.21 -29.26 -9.70
C GLY H 71 123.97 -28.71 -8.52
N ILE H 72 125.09 -29.36 -8.21
CA ILE H 72 125.98 -28.95 -7.13
C ILE H 72 127.35 -28.78 -7.80
N VAL H 73 127.51 -27.66 -8.48
CA VAL H 73 128.70 -27.31 -9.23
C VAL H 73 130.06 -27.52 -8.56
N THR H 74 130.98 -28.10 -9.33
CA THR H 74 132.35 -28.37 -8.89
C THR H 74 133.18 -28.72 -10.11
N ASP H 75 134.49 -28.47 -10.02
CA ASP H 75 135.40 -28.82 -11.09
C ASP H 75 135.98 -30.18 -10.71
N ALA H 76 135.30 -30.86 -9.79
CA ALA H 76 135.72 -32.17 -9.32
C ALA H 76 135.15 -33.24 -10.24
N ILE H 77 135.82 -34.39 -10.29
CA ILE H 77 135.39 -35.50 -11.13
C ILE H 77 134.28 -36.30 -10.48
N THR H 78 134.35 -36.46 -9.16
CA THR H 78 133.34 -37.20 -8.43
C THR H 78 132.29 -36.31 -7.80
N THR H 79 131.25 -36.94 -7.28
CA THR H 79 130.16 -36.25 -6.62
C THR H 79 130.50 -35.96 -5.17
N PRO H 80 130.26 -34.72 -4.71
CA PRO H 80 130.54 -34.32 -3.34
C PRO H 80 129.48 -34.81 -2.36
N VAL H 81 129.93 -35.32 -1.22
CA VAL H 81 129.03 -35.82 -0.20
C VAL H 81 128.57 -34.63 0.62
N VAL H 82 127.26 -34.37 0.61
CA VAL H 82 126.72 -33.25 1.37
C VAL H 82 126.08 -33.70 2.66
N ASN H 83 126.78 -33.47 3.77
CA ASN H 83 126.30 -33.85 5.09
C ASN H 83 125.60 -32.66 5.75
N THR H 84 124.34 -32.46 5.41
CA THR H 84 123.58 -31.36 5.97
C THR H 84 122.19 -31.84 6.30
N SER H 85 121.60 -31.30 7.35
CA SER H 85 120.26 -31.68 7.78
C SER H 85 119.24 -30.72 7.22
N ALA H 86 119.70 -29.52 6.87
CA ALA H 86 118.81 -28.51 6.33
C ALA H 86 119.49 -27.65 5.26
N TYR H 87 118.71 -26.82 4.58
CA TYR H 87 119.22 -25.95 3.53
C TYR H 87 118.70 -24.54 3.78
N PHE H 88 119.60 -23.56 3.78
CA PHE H 88 119.22 -22.17 4.03
C PHE H 88 118.74 -21.40 2.83
N PHE H 89 118.24 -20.20 3.10
CA PHE H 89 117.74 -19.27 2.07
C PHE H 89 118.41 -17.93 2.34
N ASN H 90 118.66 -17.17 1.28
CA ASN H 90 119.33 -15.88 1.42
C ASN H 90 118.44 -14.80 2.04
N LYS H 91 117.16 -14.82 1.72
CA LYS H 91 116.22 -13.84 2.26
C LYS H 91 114.79 -14.37 2.18
N THR H 92 113.93 -13.92 3.10
CA THR H 92 112.54 -14.36 3.15
C THR H 92 111.91 -14.33 1.77
N SER H 93 112.27 -13.33 0.97
CA SER H 93 111.73 -13.19 -0.38
C SER H 93 111.89 -14.48 -1.17
N GLU H 94 113.11 -15.01 -1.20
CA GLU H 94 113.42 -16.24 -1.92
C GLU H 94 112.70 -17.44 -1.30
N LEU H 95 112.63 -17.46 0.03
CA LEU H 95 111.95 -18.55 0.72
C LEU H 95 110.55 -18.67 0.15
N ILE H 96 109.85 -17.54 0.06
CA ILE H 96 108.50 -17.48 -0.49
C ILE H 96 108.50 -17.98 -1.93
N ASP H 97 109.52 -17.56 -2.68
CA ASP H 97 109.65 -17.96 -4.07
C ASP H 97 109.61 -19.48 -4.15
N PHE H 98 110.45 -20.13 -3.35
CA PHE H 98 110.51 -21.59 -3.33
C PHE H 98 109.20 -22.20 -2.87
N LYS H 99 108.54 -21.55 -1.93
CA LYS H 99 107.26 -22.03 -1.39
C LYS H 99 106.14 -21.88 -2.41
N GLU H 100 106.37 -21.02 -3.40
CA GLU H 100 105.38 -20.78 -4.46
C GLU H 100 105.81 -21.40 -5.79
N LYS H 101 106.68 -22.39 -5.73
CA LYS H 101 107.18 -23.12 -6.90
C LYS H 101 107.91 -22.30 -7.97
N ARG H 102 108.62 -21.24 -7.54
CA ARG H 102 109.36 -20.40 -8.48
C ARG H 102 110.87 -20.60 -8.35
N ARG H 103 111.29 -21.28 -7.28
CA ARG H 103 112.70 -21.57 -7.01
C ARG H 103 112.86 -23.02 -6.56
N ALA H 104 114.06 -23.58 -6.74
CA ALA H 104 114.31 -24.96 -6.35
C ALA H 104 115.09 -25.08 -5.06
N SER H 105 114.70 -26.02 -4.21
CA SER H 105 115.36 -26.26 -2.93
C SER H 105 114.81 -27.50 -2.24
N PHE H 106 115.68 -28.18 -1.48
CA PHE H 106 115.27 -29.38 -0.77
C PHE H 106 114.66 -28.98 0.58
N GLU H 107 114.98 -27.77 1.02
CA GLU H 107 114.48 -27.23 2.27
C GLU H 107 115.02 -28.00 3.46
N TYR H 108 114.56 -29.23 3.61
CA TYR H 108 114.98 -30.08 4.71
C TYR H 108 115.62 -31.35 4.16
N GLY H 109 116.53 -31.94 4.94
CA GLY H 109 117.20 -33.15 4.50
C GLY H 109 116.29 -34.33 4.27
N ARG H 110 115.15 -34.35 4.95
CA ARG H 110 114.20 -35.45 4.81
C ARG H 110 113.47 -35.39 3.48
N TYR H 111 113.65 -34.29 2.76
CA TYR H 111 112.99 -34.10 1.48
C TYR H 111 113.93 -34.16 0.30
N GLY H 112 115.22 -34.39 0.58
CA GLY H 112 116.17 -34.47 -0.50
C GLY H 112 117.61 -34.17 -0.12
N ASN H 113 118.50 -34.38 -1.08
CA ASN H 113 119.92 -34.15 -0.88
C ASN H 113 120.64 -34.13 -2.24
N PRO H 114 121.57 -33.18 -2.43
CA PRO H 114 122.32 -33.06 -3.70
C PRO H 114 123.06 -34.33 -4.09
N THR H 115 123.75 -34.93 -3.11
CA THR H 115 124.52 -36.14 -3.35
C THR H 115 123.64 -37.38 -3.51
N THR H 116 122.35 -37.23 -3.23
CA THR H 116 121.42 -38.34 -3.35
C THR H 116 120.68 -38.34 -4.68
N VAL H 117 120.35 -37.14 -5.18
CA VAL H 117 119.65 -37.04 -6.46
C VAL H 117 120.50 -37.61 -7.58
N VAL H 118 121.82 -37.45 -7.47
CA VAL H 118 122.71 -37.95 -8.50
C VAL H 118 122.50 -39.45 -8.67
N LEU H 119 122.37 -40.16 -7.55
CA LEU H 119 122.15 -41.60 -7.60
C LEU H 119 120.74 -41.90 -8.10
N GLU H 120 119.82 -40.97 -7.87
CA GLU H 120 118.45 -41.11 -8.31
C GLU H 120 118.38 -40.99 -9.82
N GLU H 121 119.07 -39.98 -10.35
CA GLU H 121 119.11 -39.74 -11.78
C GLU H 121 119.88 -40.84 -12.49
N LYS H 122 120.94 -41.32 -11.85
CA LYS H 122 121.76 -42.39 -12.43
C LYS H 122 120.95 -43.65 -12.67
N ILE H 123 120.23 -44.09 -11.63
CA ILE H 123 119.43 -45.30 -11.76
C ILE H 123 118.29 -45.06 -12.74
N SER H 124 117.77 -43.84 -12.73
CA SER H 124 116.66 -43.46 -13.60
C SER H 124 117.03 -43.63 -15.06
N ALA H 125 118.30 -43.39 -15.36
CA ALA H 125 118.78 -43.51 -16.74
C ALA H 125 119.00 -44.97 -17.10
N LEU H 126 119.51 -45.75 -16.15
CA LEU H 126 119.75 -47.17 -16.39
C LEU H 126 118.46 -47.90 -16.69
N GLU H 127 117.40 -47.57 -15.94
CA GLU H 127 116.11 -48.21 -16.13
C GLU H 127 115.27 -47.49 -17.18
N GLY H 128 115.75 -46.34 -17.64
CA GLY H 128 115.01 -45.58 -18.63
C GLY H 128 113.69 -45.11 -18.05
N ALA H 129 113.72 -44.78 -16.77
CA ALA H 129 112.53 -44.32 -16.06
C ALA H 129 112.38 -42.81 -16.12
N GLU H 130 111.26 -42.35 -15.59
CA GLU H 130 110.95 -40.92 -15.55
C GLU H 130 111.49 -40.34 -14.25
N SER H 131 111.51 -41.14 -13.20
CA SER H 131 112.01 -40.70 -11.91
C SER H 131 112.31 -41.90 -11.00
N THR H 132 113.30 -41.76 -10.13
CA THR H 132 113.66 -42.82 -9.21
C THR H 132 113.74 -42.32 -7.78
N LEU H 133 113.18 -43.08 -6.85
CA LEU H 133 113.17 -42.71 -5.44
C LEU H 133 114.01 -43.66 -4.60
N LEU H 134 114.93 -43.10 -3.81
CA LEU H 134 115.80 -43.90 -2.96
C LEU H 134 115.45 -43.83 -1.48
N MET H 135 115.45 -44.99 -0.83
CA MET H 135 115.12 -45.08 0.59
C MET H 135 116.22 -45.72 1.42
N ALA H 136 115.96 -45.87 2.70
CA ALA H 136 116.90 -46.46 3.64
C ALA H 136 117.19 -47.94 3.39
N SER H 137 116.28 -48.63 2.70
CA SER H 137 116.48 -50.05 2.42
C SER H 137 115.42 -50.63 1.48
N GLY H 138 115.74 -51.76 0.87
CA GLY H 138 114.80 -52.41 -0.04
C GLY H 138 113.42 -52.57 0.58
N MET H 139 113.37 -53.12 1.78
CA MET H 139 112.11 -53.33 2.50
C MET H 139 111.34 -52.02 2.63
N CYS H 140 112.06 -50.96 2.95
CA CYS H 140 111.46 -49.65 3.10
C CYS H 140 110.76 -49.26 1.80
N ALA H 141 111.43 -49.53 0.69
CA ALA H 141 110.89 -49.22 -0.63
C ALA H 141 109.56 -49.91 -0.89
N SER H 142 109.56 -51.23 -0.82
CA SER H 142 108.34 -52.00 -1.05
C SER H 142 107.26 -51.56 -0.07
N THR H 143 107.62 -51.52 1.21
CA THR H 143 106.72 -51.12 2.28
C THR H 143 106.01 -49.81 1.97
N VAL H 144 106.79 -48.75 1.79
CA VAL H 144 106.21 -47.44 1.50
C VAL H 144 105.42 -47.45 0.20
N MET H 145 105.92 -48.18 -0.78
CA MET H 145 105.26 -48.26 -2.08
C MET H 145 103.86 -48.85 -1.94
N LEU H 146 103.73 -49.89 -1.13
CA LEU H 146 102.45 -50.54 -0.92
C LEU H 146 101.50 -49.64 -0.14
N LEU H 147 102.01 -49.02 0.92
CA LEU H 147 101.20 -48.13 1.75
C LEU H 147 100.75 -46.88 1.02
N ALA H 148 101.40 -46.57 -0.11
CA ALA H 148 101.07 -45.38 -0.87
C ALA H 148 100.21 -45.60 -2.11
N LEU H 149 100.33 -46.77 -2.73
CA LEU H 149 99.55 -47.03 -3.94
C LEU H 149 98.28 -47.83 -3.73
N VAL H 150 98.30 -48.77 -2.79
CA VAL H 150 97.11 -49.58 -2.52
C VAL H 150 96.23 -48.87 -1.48
N PRO H 151 94.96 -48.63 -1.82
CA PRO H 151 94.01 -47.97 -0.92
C PRO H 151 93.46 -48.91 0.13
N ALA H 152 92.82 -48.35 1.15
CA ALA H 152 92.25 -49.16 2.22
C ALA H 152 91.14 -50.04 1.64
N GLY H 153 91.10 -51.30 2.05
CA GLY H 153 90.10 -52.21 1.54
C GLY H 153 90.41 -52.67 0.13
N GLY H 154 91.52 -52.19 -0.41
CA GLY H 154 91.91 -52.56 -1.76
C GLY H 154 92.42 -53.99 -1.83
N HIS H 155 92.62 -54.49 -3.05
CA HIS H 155 93.11 -55.86 -3.24
C HIS H 155 94.47 -55.88 -3.90
N ILE H 156 95.24 -56.92 -3.59
CA ILE H 156 96.58 -57.08 -4.15
C ILE H 156 96.82 -58.50 -4.65
N VAL H 157 97.66 -58.63 -5.68
CA VAL H 157 97.98 -59.93 -6.25
C VAL H 157 99.50 -60.14 -6.31
N THR H 158 99.96 -61.26 -5.77
CA THR H 158 101.37 -61.58 -5.77
C THR H 158 101.59 -63.07 -5.97
N THR H 159 102.85 -63.47 -6.01
CA THR H 159 103.18 -64.87 -6.20
C THR H 159 103.42 -65.56 -4.86
N THR H 160 103.61 -66.88 -4.90
CA THR H 160 103.84 -67.67 -3.70
C THR H 160 105.31 -67.62 -3.30
N ASP H 161 106.15 -67.20 -4.24
CA ASP H 161 107.59 -67.11 -4.02
C ASP H 161 108.03 -65.73 -3.57
N CYS H 162 107.07 -64.94 -3.07
CA CYS H 162 107.35 -63.60 -2.59
C CYS H 162 108.35 -63.63 -1.44
N TYR H 163 109.19 -62.60 -1.38
CA TYR H 163 110.21 -62.47 -0.32
C TYR H 163 109.53 -62.57 1.04
N ARG H 164 109.97 -63.53 1.84
CA ARG H 164 109.41 -63.78 3.17
C ARG H 164 108.93 -62.54 3.92
N LYS H 165 109.87 -61.67 4.30
CA LYS H 165 109.50 -60.46 5.02
C LYS H 165 108.39 -59.67 4.32
N THR H 166 108.48 -59.55 3.00
CA THR H 166 107.46 -58.80 2.25
C THR H 166 106.11 -59.50 2.36
N ARG H 167 106.14 -60.83 2.45
CA ARG H 167 104.92 -61.61 2.56
C ARG H 167 104.28 -61.31 3.91
N ILE H 168 105.11 -61.28 4.95
CA ILE H 168 104.65 -61.00 6.30
C ILE H 168 103.94 -59.65 6.33
N PHE H 169 104.56 -58.62 5.77
CA PHE H 169 103.98 -57.28 5.76
C PHE H 169 102.61 -57.29 5.11
N ILE H 170 102.49 -58.02 4.00
CA ILE H 170 101.23 -58.10 3.28
C ILE H 170 100.17 -58.91 3.99
N GLU H 171 100.60 -59.93 4.73
CA GLU H 171 99.68 -60.81 5.44
C GLU H 171 99.36 -60.41 6.88
N THR H 172 100.04 -59.41 7.41
CA THR H 172 99.77 -58.99 8.78
C THR H 172 99.52 -57.49 8.97
N ILE H 173 100.16 -56.68 8.15
CA ILE H 173 100.00 -55.24 8.28
C ILE H 173 98.90 -54.65 7.39
N LEU H 174 98.97 -54.94 6.09
CA LEU H 174 97.98 -54.41 5.16
C LEU H 174 96.53 -54.74 5.53
N PRO H 175 96.28 -55.97 6.00
CA PRO H 175 94.90 -56.31 6.36
C PRO H 175 94.29 -55.30 7.33
N LYS H 176 95.12 -54.67 8.15
CA LYS H 176 94.68 -53.69 9.12
C LYS H 176 93.96 -52.56 8.41
N MET H 177 94.33 -52.33 7.15
CA MET H 177 93.73 -51.29 6.34
C MET H 177 92.67 -51.89 5.43
N GLY H 178 92.30 -53.14 5.73
CA GLY H 178 91.30 -53.83 4.95
C GLY H 178 91.80 -54.34 3.62
N ILE H 179 93.10 -54.23 3.39
CA ILE H 179 93.67 -54.68 2.14
C ILE H 179 93.79 -56.21 2.13
N THR H 180 93.10 -56.82 1.17
CA THR H 180 93.10 -58.27 1.01
C THR H 180 93.99 -58.61 -0.19
N ALA H 181 94.61 -59.79 -0.14
CA ALA H 181 95.50 -60.20 -1.21
C ALA H 181 95.18 -61.58 -1.79
N THR H 182 95.69 -61.82 -3.00
CA THR H 182 95.50 -63.08 -3.70
C THR H 182 96.89 -63.60 -4.05
N VAL H 183 97.22 -64.80 -3.57
CA VAL H 183 98.53 -65.38 -3.84
C VAL H 183 98.48 -66.46 -4.91
N ILE H 184 99.16 -66.20 -6.02
CA ILE H 184 99.20 -67.14 -7.14
C ILE H 184 100.60 -67.63 -7.43
N ASP H 185 100.70 -68.71 -8.21
CA ASP H 185 101.99 -69.27 -8.57
C ASP H 185 102.62 -68.38 -9.64
N PRO H 186 103.95 -68.20 -9.57
CA PRO H 186 104.65 -67.36 -10.54
C PRO H 186 104.26 -67.63 -11.99
N ALA H 187 104.16 -68.91 -12.34
CA ALA H 187 103.83 -69.31 -13.71
C ALA H 187 102.34 -69.35 -14.04
N ASP H 188 101.50 -69.53 -13.02
CA ASP H 188 100.05 -69.59 -13.22
C ASP H 188 99.47 -68.27 -13.71
N VAL H 189 99.42 -68.12 -15.03
CA VAL H 189 98.86 -66.92 -15.65
C VAL H 189 97.35 -66.94 -15.55
N GLY H 190 96.78 -68.14 -15.58
CA GLY H 190 95.33 -68.28 -15.50
C GLY H 190 94.81 -67.67 -14.22
N ALA H 191 95.42 -68.06 -13.11
CA ALA H 191 95.03 -67.56 -11.79
C ALA H 191 95.02 -66.03 -11.81
N LEU H 192 96.03 -65.43 -12.42
CA LEU H 192 96.12 -63.99 -12.51
C LEU H 192 94.94 -63.41 -13.28
N GLU H 193 94.67 -64.00 -14.44
CA GLU H 193 93.58 -63.55 -15.29
C GLU H 193 92.26 -63.74 -14.55
N LEU H 194 92.16 -64.84 -13.82
CA LEU H 194 90.94 -65.14 -13.07
C LEU H 194 90.75 -64.07 -11.99
N ALA H 195 91.70 -64.00 -11.07
CA ALA H 195 91.67 -63.02 -9.99
C ALA H 195 91.43 -61.63 -10.55
N LEU H 196 92.05 -61.36 -11.70
CA LEU H 196 91.90 -60.07 -12.36
C LEU H 196 90.44 -59.75 -12.63
N ASN H 197 89.65 -60.79 -12.88
CA ASN H 197 88.23 -60.62 -13.16
C ASN H 197 87.33 -60.71 -11.93
N GLN H 198 87.62 -61.68 -11.04
CA GLN H 198 86.84 -61.86 -9.83
C GLN H 198 86.78 -60.57 -9.02
N LYS H 199 87.84 -60.32 -8.26
CA LYS H 199 87.93 -59.12 -7.45
C LYS H 199 88.51 -57.99 -8.29
N LYS H 200 88.59 -56.79 -7.71
CA LYS H 200 89.14 -55.64 -8.41
C LYS H 200 90.58 -55.45 -7.98
N VAL H 201 91.52 -56.01 -8.74
CA VAL H 201 92.93 -55.91 -8.43
C VAL H 201 93.45 -54.48 -8.55
N ASN H 202 94.09 -54.01 -7.48
CA ASN H 202 94.65 -52.66 -7.43
C ASN H 202 96.06 -52.66 -8.00
N LEU H 203 96.84 -53.68 -7.64
CA LEU H 203 98.21 -53.78 -8.10
C LEU H 203 98.77 -55.21 -7.99
N PHE H 204 99.49 -55.63 -9.01
CA PHE H 204 100.11 -56.95 -9.05
C PHE H 204 101.58 -56.77 -8.72
N PHE H 205 102.01 -57.34 -7.61
CA PHE H 205 103.40 -57.21 -7.22
C PHE H 205 104.13 -58.55 -7.23
N THR H 206 105.36 -58.53 -7.75
CA THR H 206 106.17 -59.73 -7.82
C THR H 206 107.60 -59.42 -8.25
N GLU H 207 108.51 -60.33 -7.94
CA GLU H 207 109.90 -60.17 -8.31
C GLU H 207 110.20 -61.15 -9.44
N SER H 208 111.24 -60.85 -10.22
CA SER H 208 111.63 -61.72 -11.33
C SER H 208 113.06 -61.42 -11.75
N PRO H 209 113.97 -62.38 -11.56
CA PRO H 209 113.77 -63.72 -10.97
C PRO H 209 113.28 -63.69 -9.53
N THR H 210 112.82 -64.85 -9.08
CA THR H 210 112.28 -65.02 -7.73
C THR H 210 113.28 -65.62 -6.75
N ASN H 211 113.01 -65.46 -5.46
CA ASN H 211 113.88 -66.01 -4.41
C ASN H 211 113.18 -67.20 -3.74
N PRO H 212 113.88 -68.33 -3.58
CA PRO H 212 115.27 -68.61 -3.95
C PRO H 212 115.35 -69.49 -5.19
N PHE H 213 114.20 -69.80 -5.77
CA PHE H 213 114.13 -70.66 -6.95
C PHE H 213 114.19 -69.91 -8.28
N LEU H 214 114.52 -68.62 -8.21
CA LEU H 214 114.65 -67.79 -9.39
C LEU H 214 113.59 -67.98 -10.46
N ARG H 215 112.33 -68.04 -10.05
CA ARG H 215 111.23 -68.20 -11.00
C ARG H 215 111.08 -66.87 -11.73
N CYS H 216 110.76 -66.92 -13.02
CA CYS H 216 110.58 -65.69 -13.79
C CYS H 216 109.13 -65.50 -14.19
N VAL H 217 108.77 -64.26 -14.45
CA VAL H 217 107.41 -63.93 -14.85
C VAL H 217 107.44 -63.21 -16.18
N ASP H 218 106.59 -63.64 -17.11
CA ASP H 218 106.53 -62.99 -18.41
C ASP H 218 105.99 -61.58 -18.19
N ILE H 219 106.90 -60.66 -17.88
CA ILE H 219 106.54 -59.28 -17.61
C ILE H 219 105.63 -58.70 -18.69
N GLU H 220 106.09 -58.78 -19.94
CA GLU H 220 105.31 -58.25 -21.06
C GLU H 220 103.87 -58.71 -21.04
N LEU H 221 103.68 -60.02 -20.88
CA LEU H 221 102.35 -60.63 -20.85
C LEU H 221 101.56 -60.17 -19.62
N VAL H 222 102.11 -60.46 -18.44
CA VAL H 222 101.48 -60.11 -17.17
C VAL H 222 101.02 -58.65 -17.13
N SER H 223 101.84 -57.77 -17.69
CA SER H 223 101.51 -56.34 -17.71
C SER H 223 100.25 -56.10 -18.54
N LYS H 224 100.19 -56.74 -19.71
CA LYS H 224 99.05 -56.60 -20.60
C LYS H 224 97.74 -56.97 -19.92
N LEU H 225 97.71 -58.15 -19.29
CA LEU H 225 96.52 -58.62 -18.60
C LEU H 225 96.10 -57.67 -17.51
N CYS H 226 97.06 -57.26 -16.70
CA CYS H 226 96.79 -56.36 -15.59
C CYS H 226 96.24 -55.02 -16.07
N HIS H 227 96.97 -54.34 -16.94
CA HIS H 227 96.54 -53.05 -17.47
C HIS H 227 95.15 -53.11 -18.12
N GLU H 228 94.80 -54.26 -18.67
CA GLU H 228 93.49 -54.42 -19.31
C GLU H 228 92.38 -54.23 -18.29
N LYS H 229 92.65 -54.65 -17.05
CA LYS H 229 91.66 -54.53 -15.99
C LYS H 229 91.95 -53.36 -15.04
N GLY H 230 92.89 -52.50 -15.43
CA GLY H 230 93.23 -51.34 -14.60
C GLY H 230 94.18 -51.55 -13.44
N ALA H 231 94.73 -52.76 -13.32
CA ALA H 231 95.68 -53.06 -12.25
C ALA H 231 97.07 -52.49 -12.55
N LEU H 232 97.85 -52.28 -11.49
CA LEU H 232 99.20 -51.76 -11.63
C LEU H 232 100.19 -52.91 -11.48
N VAL H 233 101.32 -52.79 -12.16
CA VAL H 233 102.34 -53.85 -12.11
C VAL H 233 103.67 -53.37 -11.56
N CYS H 234 104.11 -53.98 -10.47
CA CYS H 234 105.37 -53.62 -9.86
C CYS H 234 106.27 -54.85 -9.82
N ILE H 235 107.47 -54.73 -10.40
CA ILE H 235 108.41 -55.83 -10.44
C ILE H 235 109.64 -55.56 -9.60
N ASP H 236 110.11 -56.59 -8.92
CA ASP H 236 111.30 -56.49 -8.07
C ASP H 236 112.49 -57.10 -8.81
N GLY H 237 113.16 -56.29 -9.62
CA GLY H 237 114.29 -56.77 -10.38
C GLY H 237 115.60 -56.83 -9.62
N THR H 238 115.53 -57.04 -8.32
CA THR H 238 116.72 -57.12 -7.49
C THR H 238 117.70 -58.13 -8.06
N PHE H 239 117.25 -59.38 -8.18
CA PHE H 239 118.09 -60.46 -8.69
C PHE H 239 118.54 -60.20 -10.13
N ALA H 240 117.70 -59.52 -10.89
CA ALA H 240 117.98 -59.22 -12.29
C ALA H 240 119.03 -58.14 -12.50
N THR H 241 118.78 -56.96 -11.93
CA THR H 241 119.66 -55.82 -12.07
C THR H 241 119.23 -55.11 -13.34
N PRO H 242 119.24 -53.76 -13.32
CA PRO H 242 118.84 -52.99 -14.51
C PRO H 242 119.67 -53.27 -15.76
N LEU H 243 120.63 -54.19 -15.65
CA LEU H 243 121.48 -54.51 -16.79
C LEU H 243 121.02 -55.75 -17.52
N ASN H 244 120.50 -56.72 -16.76
CA ASN H 244 120.03 -57.97 -17.33
C ASN H 244 118.59 -57.92 -17.84
N GLN H 245 117.88 -56.84 -17.52
CA GLN H 245 116.51 -56.70 -17.96
C GLN H 245 115.94 -55.32 -17.67
N LYS H 246 115.02 -54.88 -18.51
CA LYS H 246 114.38 -53.58 -18.36
C LYS H 246 112.89 -53.78 -18.16
N ALA H 247 112.49 -54.15 -16.94
CA ALA H 247 111.08 -54.39 -16.63
C ALA H 247 110.23 -53.21 -17.09
N LEU H 248 110.75 -52.00 -16.92
CA LEU H 248 110.01 -50.80 -17.31
C LEU H 248 109.68 -50.82 -18.80
N ALA H 249 110.65 -51.24 -19.61
CA ALA H 249 110.46 -51.30 -21.05
C ALA H 249 109.56 -52.48 -21.45
N LEU H 250 109.52 -53.49 -20.59
CA LEU H 250 108.71 -54.66 -20.85
C LEU H 250 107.23 -54.45 -20.50
N GLY H 251 106.91 -53.27 -19.98
CA GLY H 251 105.52 -52.97 -19.65
C GLY H 251 105.22 -52.61 -18.20
N ALA H 252 106.08 -53.02 -17.27
CA ALA H 252 105.85 -52.73 -15.86
C ALA H 252 105.68 -51.23 -15.60
N ASP H 253 104.91 -50.92 -14.57
CA ASP H 253 104.66 -49.53 -14.19
C ASP H 253 105.79 -49.08 -13.30
N LEU H 254 106.14 -49.94 -12.34
CA LEU H 254 107.20 -49.65 -11.39
C LEU H 254 108.18 -50.80 -11.22
N VAL H 255 109.45 -50.45 -11.11
CA VAL H 255 110.50 -51.42 -10.92
C VAL H 255 111.32 -51.01 -9.72
N LEU H 256 111.37 -51.88 -8.71
CA LEU H 256 112.13 -51.58 -7.51
C LEU H 256 113.26 -52.59 -7.32
N HIS H 257 114.33 -52.14 -6.68
CA HIS H 257 115.50 -52.97 -6.41
C HIS H 257 115.89 -52.84 -4.96
N SER H 258 116.97 -53.50 -4.62
CA SER H 258 117.52 -53.45 -3.28
C SER H 258 119.00 -53.16 -3.48
N ALA H 259 119.35 -51.88 -3.59
CA ALA H 259 120.74 -51.48 -3.80
C ALA H 259 121.69 -52.19 -2.86
N THR H 260 121.15 -52.74 -1.79
CA THR H 260 121.93 -53.47 -0.81
C THR H 260 122.65 -54.66 -1.42
N LYS H 261 122.15 -55.10 -2.57
CA LYS H 261 122.71 -56.27 -3.24
C LYS H 261 123.70 -55.97 -4.36
N PHE H 262 123.21 -56.02 -5.60
CA PHE H 262 124.05 -55.80 -6.77
C PHE H 262 124.43 -54.35 -7.04
N LEU H 263 123.46 -53.44 -6.92
CA LEU H 263 123.73 -52.04 -7.18
C LEU H 263 124.92 -51.49 -6.39
N GLY H 264 125.01 -51.84 -5.11
CA GLY H 264 126.11 -51.39 -4.28
C GLY H 264 127.27 -52.33 -4.56
N GLY H 265 126.94 -53.62 -4.59
CA GLY H 265 127.90 -54.65 -4.88
C GLY H 265 129.13 -54.83 -4.01
N HIS H 266 129.18 -54.17 -2.86
CA HIS H 266 130.34 -54.32 -2.00
C HIS H 266 130.01 -54.78 -0.59
N ASN H 267 128.74 -55.13 -0.37
CA ASN H 267 128.28 -55.60 0.92
C ASN H 267 128.65 -54.68 2.07
N ASP H 268 128.39 -53.38 1.92
CA ASP H 268 128.74 -52.44 2.98
C ASP H 268 127.75 -51.28 3.14
N VAL H 269 126.57 -51.42 2.56
CA VAL H 269 125.56 -50.37 2.65
C VAL H 269 124.19 -50.87 2.23
N LEU H 270 123.15 -50.35 2.88
CA LEU H 270 121.77 -50.73 2.59
C LEU H 270 121.06 -49.58 1.87
N ALA H 271 120.12 -49.90 0.99
CA ALA H 271 119.37 -48.89 0.25
C ALA H 271 118.16 -49.48 -0.50
N GLY H 272 117.18 -48.62 -0.74
CA GLY H 272 115.99 -49.04 -1.46
C GLY H 272 115.93 -48.34 -2.81
N CYS H 273 115.28 -48.97 -3.78
CA CYS H 273 115.18 -48.41 -5.11
C CYS H 273 113.80 -48.53 -5.73
N ILE H 274 113.26 -47.41 -6.21
CA ILE H 274 111.96 -47.44 -6.84
C ILE H 274 111.97 -46.50 -8.04
N SER H 275 111.86 -47.09 -9.23
CA SER H 275 111.87 -46.31 -10.46
C SER H 275 110.58 -46.49 -11.24
N GLY H 276 110.11 -45.41 -11.85
CA GLY H 276 108.88 -45.48 -12.62
C GLY H 276 108.46 -44.11 -13.12
N PRO H 277 107.22 -43.97 -13.59
CA PRO H 277 106.74 -42.68 -14.10
C PRO H 277 106.60 -41.67 -12.96
N LEU H 278 106.76 -40.39 -13.27
CA LEU H 278 106.66 -39.34 -12.26
C LEU H 278 105.33 -39.42 -11.51
N LYS H 279 104.23 -39.36 -12.25
CA LYS H 279 102.89 -39.42 -11.66
C LYS H 279 102.77 -40.46 -10.56
N LEU H 280 103.39 -41.60 -10.76
CA LEU H 280 103.34 -42.67 -9.77
C LEU H 280 104.38 -42.52 -8.67
N VAL H 281 105.66 -42.53 -9.07
CA VAL H 281 106.76 -42.41 -8.13
C VAL H 281 106.67 -41.19 -7.21
N SER H 282 106.07 -40.11 -7.69
CA SER H 282 105.93 -38.91 -6.89
C SER H 282 104.95 -39.19 -5.75
N GLU H 283 103.93 -39.99 -6.02
CA GLU H 283 102.95 -40.32 -5.01
C GLU H 283 103.64 -40.98 -3.82
N ILE H 284 104.51 -41.94 -4.11
CA ILE H 284 105.25 -42.66 -3.06
C ILE H 284 106.22 -41.75 -2.32
N ARG H 285 106.84 -40.84 -3.06
CA ARG H 285 107.79 -39.90 -2.47
C ARG H 285 107.11 -39.02 -1.43
N ASN H 286 105.81 -38.76 -1.62
CA ASN H 286 105.04 -37.94 -0.70
C ASN H 286 104.85 -38.64 0.64
N LEU H 287 104.46 -39.91 0.60
CA LEU H 287 104.25 -40.67 1.82
C LEU H 287 105.61 -40.90 2.46
N HIS H 288 106.65 -40.91 1.63
CA HIS H 288 108.02 -41.10 2.08
C HIS H 288 108.47 -39.92 2.94
N HIS H 289 108.13 -38.71 2.52
CA HIS H 289 108.49 -37.51 3.27
C HIS H 289 107.86 -37.50 4.64
N ILE H 290 106.90 -38.40 4.86
CA ILE H 290 106.24 -38.47 6.15
C ILE H 290 106.79 -39.63 6.98
N LEU H 291 106.84 -40.82 6.39
CA LEU H 291 107.36 -41.98 7.11
C LEU H 291 108.83 -41.78 7.45
N GLY H 292 109.48 -40.91 6.68
CA GLY H 292 110.90 -40.60 6.89
C GLY H 292 111.88 -41.75 6.88
N GLY H 293 112.08 -42.36 5.72
CA GLY H 293 113.04 -43.45 5.61
C GLY H 293 114.22 -42.97 4.80
N ALA H 294 114.55 -41.69 4.95
CA ALA H 294 115.64 -41.07 4.22
C ALA H 294 116.92 -41.89 4.20
N LEU H 295 117.68 -41.72 3.12
CA LEU H 295 118.95 -42.41 2.92
C LEU H 295 120.09 -41.44 3.18
N ASN H 296 121.04 -41.83 4.01
CA ASN H 296 122.18 -40.97 4.33
C ASN H 296 123.06 -40.70 3.12
N PRO H 297 123.55 -39.46 2.99
CA PRO H 297 124.42 -39.05 1.87
C PRO H 297 125.68 -39.90 1.72
N ASN H 298 126.24 -40.33 2.86
CA ASN H 298 127.44 -41.16 2.80
C ASN H 298 127.08 -42.47 2.11
N ALA H 299 125.89 -42.99 2.43
CA ALA H 299 125.43 -44.25 1.84
C ALA H 299 125.22 -44.08 0.35
N ALA H 300 124.58 -42.98 -0.03
CA ALA H 300 124.31 -42.69 -1.42
C ALA H 300 125.58 -42.65 -2.25
N TYR H 301 126.65 -42.08 -1.69
CA TYR H 301 127.91 -42.00 -2.41
C TYR H 301 128.53 -43.38 -2.57
N LEU H 302 128.41 -44.21 -1.54
CA LEU H 302 128.97 -45.55 -1.58
C LEU H 302 128.33 -46.34 -2.71
N ILE H 303 127.08 -46.03 -3.02
CA ILE H 303 126.39 -46.71 -4.10
C ILE H 303 126.79 -46.11 -5.44
N ILE H 304 126.89 -44.79 -5.48
CA ILE H 304 127.28 -44.10 -6.71
C ILE H 304 128.63 -44.63 -7.16
N ARG H 305 129.51 -44.87 -6.18
CA ARG H 305 130.85 -45.38 -6.43
C ARG H 305 130.74 -46.84 -6.85
N GLY H 306 129.97 -47.60 -6.07
CA GLY H 306 129.81 -49.02 -6.37
C GLY H 306 129.26 -49.29 -7.75
N MET H 307 128.47 -48.36 -8.26
CA MET H 307 127.87 -48.53 -9.58
C MET H 307 128.80 -48.20 -10.74
N LYS H 308 129.93 -47.57 -10.44
CA LYS H 308 130.89 -47.21 -11.48
C LYS H 308 131.43 -48.48 -12.13
N THR H 309 131.27 -49.60 -11.45
CA THR H 309 131.74 -50.87 -11.96
C THR H 309 130.62 -51.90 -11.96
N LEU H 310 129.40 -51.45 -12.13
CA LEU H 310 128.27 -52.36 -12.15
C LEU H 310 128.44 -53.36 -13.28
N HIS H 311 128.34 -52.88 -14.51
CA HIS H 311 128.48 -53.73 -15.68
C HIS H 311 129.63 -54.72 -15.59
N LEU H 312 130.78 -54.26 -15.11
CA LEU H 312 131.94 -55.13 -14.99
C LEU H 312 131.65 -56.27 -14.03
N ARG H 313 131.08 -55.93 -12.88
CA ARG H 313 130.76 -56.92 -11.86
C ARG H 313 129.69 -57.87 -12.34
N VAL H 314 128.59 -57.32 -12.83
CA VAL H 314 127.49 -58.13 -13.33
C VAL H 314 127.98 -59.10 -14.40
N GLN H 315 128.70 -58.59 -15.38
CA GLN H 315 129.24 -59.39 -16.48
C GLN H 315 129.92 -60.65 -15.95
N GLN H 316 130.89 -60.47 -15.06
CA GLN H 316 131.64 -61.57 -14.46
C GLN H 316 130.71 -62.54 -13.72
N GLN H 317 129.91 -62.00 -12.81
CA GLN H 317 128.98 -62.80 -12.03
C GLN H 317 128.00 -63.59 -12.90
N ASN H 318 127.60 -62.99 -14.01
CA ASN H 318 126.68 -63.66 -14.93
C ASN H 318 127.33 -64.91 -15.51
N SER H 319 128.61 -64.81 -15.88
CA SER H 319 129.34 -65.94 -16.43
C SER H 319 129.53 -67.03 -15.39
N THR H 320 130.32 -66.74 -14.36
CA THR H 320 130.58 -67.68 -13.28
C THR H 320 129.32 -68.46 -12.89
N ALA H 321 128.22 -67.73 -12.67
CA ALA H 321 126.96 -68.33 -12.26
C ALA H 321 126.47 -69.39 -13.25
N LEU H 322 126.34 -68.99 -14.51
CA LEU H 322 125.89 -69.89 -15.55
C LEU H 322 126.80 -71.13 -15.64
N ARG H 323 128.08 -70.90 -15.88
CA ARG H 323 129.04 -71.99 -15.99
C ARG H 323 128.97 -72.92 -14.79
N MET H 324 129.01 -72.35 -13.59
CA MET H 324 128.95 -73.15 -12.38
C MET H 324 127.64 -73.92 -12.27
N ALA H 325 126.57 -73.31 -12.78
CA ALA H 325 125.25 -73.94 -12.76
C ALA H 325 125.33 -75.27 -13.48
N GLU H 326 125.74 -75.24 -14.75
CA GLU H 326 125.86 -76.45 -15.55
C GLU H 326 126.72 -77.48 -14.83
N ILE H 327 127.95 -77.10 -14.51
CA ILE H 327 128.86 -78.01 -13.81
C ILE H 327 128.15 -78.65 -12.63
N LEU H 328 127.37 -77.86 -11.91
CA LEU H 328 126.65 -78.37 -10.75
C LEU H 328 125.55 -79.33 -11.19
N GLU H 329 124.80 -78.94 -12.22
CA GLU H 329 123.71 -79.75 -12.72
C GLU H 329 124.17 -81.14 -13.11
N ALA H 330 125.34 -81.22 -13.75
CA ALA H 330 125.88 -82.50 -14.19
C ALA H 330 126.46 -83.32 -13.03
N HIS H 331 126.81 -82.65 -11.94
CA HIS H 331 127.39 -83.33 -10.78
C HIS H 331 126.49 -84.40 -10.19
N PRO H 332 127.07 -85.57 -9.84
CA PRO H 332 126.33 -86.70 -9.26
C PRO H 332 125.81 -86.44 -7.85
N LYS H 333 126.45 -85.52 -7.14
CA LYS H 333 126.04 -85.22 -5.78
C LYS H 333 125.01 -84.09 -5.75
N VAL H 334 124.73 -83.50 -6.91
CA VAL H 334 123.74 -82.43 -6.97
C VAL H 334 122.44 -82.98 -7.54
N ARG H 335 121.40 -82.98 -6.71
CA ARG H 335 120.10 -83.49 -7.10
C ARG H 335 119.39 -82.55 -8.08
N HIS H 336 119.38 -81.26 -7.78
CA HIS H 336 118.71 -80.30 -8.65
C HIS H 336 119.38 -78.93 -8.60
N VAL H 337 119.34 -78.21 -9.72
CA VAL H 337 119.94 -76.89 -9.82
C VAL H 337 118.96 -75.89 -10.41
N TYR H 338 118.79 -74.76 -9.73
CA TYR H 338 117.88 -73.72 -10.18
C TYR H 338 118.66 -72.55 -10.78
N TYR H 339 118.32 -72.19 -12.02
CA TYR H 339 118.94 -71.09 -12.72
C TYR H 339 118.26 -70.84 -14.07
N PRO H 340 117.72 -69.63 -14.27
CA PRO H 340 117.03 -69.25 -15.51
C PRO H 340 117.86 -69.51 -16.76
N GLY H 341 119.17 -69.56 -16.60
CA GLY H 341 120.04 -69.80 -17.72
C GLY H 341 120.03 -71.23 -18.20
N LEU H 342 119.72 -72.15 -17.31
CA LEU H 342 119.69 -73.57 -17.66
C LEU H 342 118.43 -73.89 -18.46
N GLN H 343 118.52 -74.93 -19.30
CA GLN H 343 117.39 -75.35 -20.11
C GLN H 343 116.36 -76.09 -19.26
N SER H 344 116.82 -76.59 -18.12
CA SER H 344 115.96 -77.33 -17.21
C SER H 344 115.07 -76.40 -16.38
N HIS H 345 115.24 -75.09 -16.55
CA HIS H 345 114.44 -74.15 -15.77
C HIS H 345 113.06 -73.96 -16.37
N PRO H 346 112.03 -74.09 -15.52
CA PRO H 346 110.62 -73.93 -15.90
C PRO H 346 110.36 -72.78 -16.87
N GLU H 347 110.82 -71.58 -16.53
CA GLU H 347 110.60 -70.43 -17.41
C GLU H 347 111.87 -70.03 -18.17
N HIS H 348 112.67 -71.02 -18.53
CA HIS H 348 113.89 -70.74 -19.26
C HIS H 348 113.58 -70.02 -20.58
N HIS H 349 112.42 -70.32 -21.17
CA HIS H 349 112.04 -69.70 -22.43
C HIS H 349 111.68 -68.22 -22.23
N ILE H 350 111.12 -67.91 -21.06
CA ILE H 350 110.74 -66.54 -20.73
C ILE H 350 112.02 -65.77 -20.42
N ALA H 351 112.81 -66.30 -19.50
CA ALA H 351 114.08 -65.67 -19.11
C ALA H 351 114.87 -65.32 -20.36
N LYS H 352 114.97 -66.29 -21.26
CA LYS H 352 115.71 -66.10 -22.50
C LYS H 352 115.13 -64.99 -23.37
N LYS H 353 113.81 -64.80 -23.30
CA LYS H 353 113.13 -63.80 -24.11
C LYS H 353 113.14 -62.38 -23.53
N GLN H 354 113.29 -62.25 -22.22
CA GLN H 354 113.29 -60.92 -21.60
C GLN H 354 114.55 -60.59 -20.81
N MET H 355 115.54 -61.46 -20.87
CA MET H 355 116.78 -61.22 -20.15
C MET H 355 118.00 -61.37 -21.06
N THR H 356 119.05 -60.62 -20.76
CA THR H 356 120.28 -60.70 -21.54
C THR H 356 121.31 -61.38 -20.66
N GLY H 357 120.90 -61.64 -19.43
CA GLY H 357 121.75 -62.29 -18.46
C GLY H 357 120.84 -63.03 -17.50
N PHE H 358 121.40 -63.80 -16.59
CA PHE H 358 120.57 -64.55 -15.68
C PHE H 358 120.96 -64.39 -14.21
N GLY H 359 121.75 -63.37 -13.91
CA GLY H 359 122.15 -63.13 -12.54
C GLY H 359 123.33 -63.92 -12.01
N GLY H 360 123.82 -63.54 -10.84
CA GLY H 360 124.95 -64.21 -10.25
C GLY H 360 124.53 -65.12 -9.11
N ALA H 361 123.21 -65.28 -8.98
CA ALA H 361 122.66 -66.13 -7.93
C ALA H 361 122.33 -67.51 -8.50
N VAL H 362 122.65 -68.55 -7.75
CA VAL H 362 122.38 -69.91 -8.19
C VAL H 362 121.97 -70.78 -7.01
N SER H 363 120.82 -71.43 -7.14
CA SER H 363 120.32 -72.30 -6.08
C SER H 363 120.34 -73.73 -6.56
N PHE H 364 120.62 -74.66 -5.65
CA PHE H 364 120.69 -76.08 -5.99
C PHE H 364 120.55 -76.95 -4.74
N GLU H 365 120.01 -78.14 -4.93
CA GLU H 365 119.81 -79.07 -3.83
C GLU H 365 120.87 -80.16 -3.82
N VAL H 366 121.48 -80.34 -2.66
CA VAL H 366 122.52 -81.36 -2.50
C VAL H 366 121.88 -82.72 -2.24
N ASP H 367 122.55 -83.79 -2.67
CA ASP H 367 122.05 -85.15 -2.48
C ASP H 367 122.31 -85.57 -1.03
N GLY H 368 121.52 -85.03 -0.11
CA GLY H 368 121.69 -85.38 1.30
C GLY H 368 120.58 -84.86 2.19
N ASP H 369 120.91 -84.61 3.46
CA ASP H 369 119.92 -84.10 4.40
C ASP H 369 120.43 -82.82 5.06
N LEU H 370 119.59 -82.23 5.91
CA LEU H 370 119.94 -80.99 6.61
C LEU H 370 121.36 -81.03 7.15
N LEU H 371 121.77 -82.17 7.69
CA LEU H 371 123.10 -82.31 8.26
C LEU H 371 124.19 -82.43 7.21
N THR H 372 123.95 -83.26 6.21
CA THR H 372 124.91 -83.47 5.13
C THR H 372 125.15 -82.18 4.33
N THR H 373 124.06 -81.54 3.94
CA THR H 373 124.11 -80.30 3.17
C THR H 373 124.90 -79.25 3.94
N ALA H 374 124.76 -79.25 5.26
CA ALA H 374 125.48 -78.31 6.10
C ALA H 374 126.96 -78.63 6.00
N LYS H 375 127.26 -79.92 5.98
CA LYS H 375 128.64 -80.39 5.88
C LYS H 375 129.32 -79.88 4.61
N PHE H 376 128.54 -79.72 3.55
CA PHE H 376 129.07 -79.22 2.28
C PHE H 376 129.43 -77.74 2.36
N VAL H 377 128.52 -76.94 2.90
CA VAL H 377 128.74 -75.51 3.03
C VAL H 377 129.84 -75.22 4.06
N ASP H 378 129.96 -76.11 5.05
CA ASP H 378 130.98 -75.96 6.08
C ASP H 378 132.36 -76.28 5.51
N ALA H 379 132.36 -76.91 4.34
CA ALA H 379 133.61 -77.29 3.68
C ALA H 379 134.18 -76.20 2.76
N LEU H 380 133.31 -75.38 2.20
CA LEU H 380 133.73 -74.30 1.32
C LEU H 380 134.70 -73.38 2.05
N LYS H 381 135.58 -72.72 1.29
CA LYS H 381 136.57 -71.83 1.89
C LYS H 381 136.51 -70.37 1.42
N ILE H 382 136.00 -70.12 0.23
CA ILE H 382 135.94 -68.77 -0.31
C ILE H 382 134.72 -67.94 0.12
N PRO H 383 133.51 -68.47 -0.12
CA PRO H 383 132.31 -67.73 0.26
C PRO H 383 132.08 -67.70 1.76
N TYR H 384 131.38 -66.65 2.20
CA TYR H 384 131.04 -66.47 3.60
C TYR H 384 129.67 -67.11 3.82
N ILE H 385 129.44 -67.61 5.03
CA ILE H 385 128.14 -68.20 5.36
C ILE H 385 127.34 -67.06 5.96
N ALA H 386 126.54 -66.40 5.12
CA ALA H 386 125.73 -65.28 5.59
C ALA H 386 124.58 -64.98 4.64
N PRO H 387 123.68 -64.08 5.03
CA PRO H 387 122.54 -63.75 4.16
C PRO H 387 122.99 -62.75 3.08
N SER H 388 122.02 -62.17 2.38
CA SER H 388 122.32 -61.21 1.32
C SER H 388 123.06 -61.84 0.15
N PHE H 389 123.31 -61.04 -0.88
CA PHE H 389 124.00 -61.50 -2.07
C PHE H 389 124.26 -60.34 -3.02
N GLY H 390 125.08 -60.57 -4.04
CA GLY H 390 125.36 -59.53 -5.01
C GLY H 390 126.71 -58.85 -4.90
N GLY H 391 127.36 -59.02 -3.75
CA GLY H 391 128.66 -58.40 -3.56
C GLY H 391 129.82 -59.09 -4.23
N CYS H 392 130.96 -58.42 -4.22
CA CYS H 392 132.17 -58.97 -4.81
C CYS H 392 132.60 -60.22 -4.07
N GLU H 393 132.29 -60.29 -2.77
CA GLU H 393 132.62 -61.45 -1.97
C GLU H 393 131.55 -62.51 -2.19
N SER H 394 131.96 -63.77 -2.30
CA SER H 394 130.99 -64.84 -2.51
C SER H 394 130.35 -65.20 -1.18
N ILE H 395 129.08 -65.59 -1.22
CA ILE H 395 128.34 -65.96 -0.01
C ILE H 395 127.47 -67.21 -0.22
N VAL H 396 127.28 -67.98 0.84
CA VAL H 396 126.46 -69.19 0.79
C VAL H 396 125.57 -69.28 2.01
N ASP H 397 124.50 -70.05 1.91
CA ASP H 397 123.58 -70.23 3.03
C ASP H 397 122.51 -71.27 2.73
N GLN H 398 121.85 -71.73 3.78
CA GLN H 398 120.79 -72.72 3.64
C GLN H 398 119.48 -72.02 4.07
N PRO H 399 118.70 -71.53 3.09
CA PRO H 399 117.43 -70.84 3.37
C PRO H 399 116.62 -71.52 4.48
N ALA H 400 116.65 -72.85 4.47
CA ALA H 400 115.93 -73.64 5.47
C ALA H 400 116.33 -73.22 6.87
N ILE H 401 117.62 -73.02 7.08
CA ILE H 401 118.14 -72.61 8.38
C ILE H 401 118.21 -71.08 8.50
N MET H 402 118.76 -70.45 7.47
CA MET H 402 118.92 -69.00 7.46
C MET H 402 117.67 -68.14 7.54
N SER H 403 116.58 -68.56 6.89
CA SER H 403 115.37 -67.74 6.92
C SER H 403 114.05 -68.45 7.19
N TYR H 404 114.10 -69.71 7.60
CA TYR H 404 112.88 -70.45 7.88
C TYR H 404 113.01 -71.39 9.07
N TRP H 405 114.08 -71.25 9.83
CA TRP H 405 114.30 -72.11 10.99
C TRP H 405 113.20 -72.01 12.05
N ASP H 406 112.49 -70.89 12.03
CA ASP H 406 111.40 -70.66 12.98
C ASP H 406 110.17 -71.50 12.69
N LEU H 407 110.10 -72.05 11.48
CA LEU H 407 108.95 -72.88 11.07
C LEU H 407 109.25 -74.36 11.24
N SER H 408 108.20 -75.17 11.26
CA SER H 408 108.37 -76.62 11.41
C SER H 408 108.74 -77.23 10.07
N GLN H 409 109.52 -78.31 10.10
CA GLN H 409 109.95 -78.99 8.89
C GLN H 409 108.79 -79.13 7.90
N SER H 410 107.62 -79.45 8.44
CA SER H 410 106.42 -79.62 7.63
C SER H 410 105.94 -78.27 7.08
N ASP H 411 105.95 -77.25 7.94
CA ASP H 411 105.53 -75.92 7.55
C ASP H 411 106.50 -75.34 6.54
N ARG H 412 107.75 -75.78 6.60
CA ARG H 412 108.78 -75.32 5.69
C ARG H 412 108.57 -75.95 4.32
N ALA H 413 108.41 -77.26 4.30
CA ALA H 413 108.19 -77.98 3.06
C ALA H 413 106.89 -77.50 2.42
N LYS H 414 106.03 -76.89 3.25
CA LYS H 414 104.76 -76.35 2.80
C LYS H 414 104.97 -75.26 1.75
N TYR H 415 106.21 -74.78 1.62
CA TYR H 415 106.51 -73.74 0.64
C TYR H 415 107.84 -73.87 -0.10
N GLY H 416 108.13 -75.09 -0.56
CA GLY H 416 109.34 -75.34 -1.33
C GLY H 416 110.68 -75.40 -0.63
N ILE H 417 110.83 -74.74 0.51
CA ILE H 417 112.10 -74.75 1.21
C ILE H 417 112.44 -76.11 1.81
N MET H 418 113.50 -76.72 1.30
CA MET H 418 113.95 -78.03 1.77
C MET H 418 115.28 -77.88 2.49
N ASP H 419 115.57 -78.83 3.37
CA ASP H 419 116.82 -78.82 4.11
C ASP H 419 117.97 -79.10 3.14
N ASN H 420 117.60 -79.35 1.88
CA ASN H 420 118.54 -79.64 0.80
C ASN H 420 118.97 -78.38 0.07
N LEU H 421 118.04 -77.44 -0.05
CA LEU H 421 118.30 -76.19 -0.76
C LEU H 421 119.51 -75.41 -0.27
N VAL H 422 120.33 -74.99 -1.23
CA VAL H 422 121.52 -74.19 -0.96
C VAL H 422 121.53 -73.04 -1.96
N ARG H 423 121.64 -71.83 -1.44
CA ARG H 423 121.66 -70.66 -2.30
C ARG H 423 123.09 -70.15 -2.40
N PHE H 424 123.65 -70.18 -3.60
CA PHE H 424 125.01 -69.69 -3.81
C PHE H 424 125.04 -68.36 -4.55
N SER H 425 125.59 -67.34 -3.90
CA SER H 425 125.72 -66.02 -4.50
C SER H 425 127.17 -65.88 -4.92
N PHE H 426 127.45 -66.16 -6.19
CA PHE H 426 128.80 -66.08 -6.69
C PHE H 426 129.37 -64.67 -6.63
N GLY H 427 130.57 -64.56 -6.04
CA GLY H 427 131.22 -63.28 -5.93
C GLY H 427 131.81 -62.82 -7.26
N VAL H 428 132.98 -62.21 -7.19
CA VAL H 428 133.63 -61.72 -8.38
C VAL H 428 135.01 -62.39 -8.51
N GLU H 429 135.30 -63.28 -7.57
CA GLU H 429 136.56 -64.03 -7.54
C GLU H 429 136.74 -64.83 -8.83
N ASP H 430 137.97 -65.24 -9.09
CA ASP H 430 138.29 -66.00 -10.29
C ASP H 430 137.53 -67.32 -10.35
N PHE H 431 136.88 -67.56 -11.50
CA PHE H 431 136.09 -68.77 -11.72
C PHE H 431 136.80 -70.03 -11.23
N ASP H 432 138.02 -70.23 -11.72
CA ASP H 432 138.81 -71.40 -11.35
C ASP H 432 138.93 -71.57 -9.83
N ASP H 433 139.24 -70.48 -9.14
CA ASP H 433 139.39 -70.54 -7.70
C ASP H 433 138.07 -70.96 -7.07
N LEU H 434 136.97 -70.42 -7.59
CA LEU H 434 135.64 -70.74 -7.08
C LEU H 434 135.25 -72.16 -7.43
N LYS H 435 135.33 -72.50 -8.72
CA LYS H 435 134.97 -73.83 -9.19
C LYS H 435 135.66 -74.94 -8.39
N ALA H 436 136.98 -74.83 -8.26
CA ALA H 436 137.76 -75.81 -7.51
C ALA H 436 137.26 -75.91 -6.08
N ASP H 437 136.93 -74.78 -5.49
CA ASP H 437 136.45 -74.76 -4.10
C ASP H 437 135.17 -75.57 -3.95
N ILE H 438 134.16 -75.22 -4.75
CA ILE H 438 132.88 -75.91 -4.71
C ILE H 438 133.05 -77.41 -4.96
N LEU H 439 133.93 -77.76 -5.88
CA LEU H 439 134.18 -79.16 -6.17
C LEU H 439 134.84 -79.84 -4.98
N GLN H 440 135.95 -79.28 -4.53
CA GLN H 440 136.69 -79.82 -3.38
C GLN H 440 135.78 -80.05 -2.18
N ALA H 441 134.79 -79.17 -2.01
CA ALA H 441 133.86 -79.28 -0.91
C ALA H 441 132.78 -80.32 -1.18
N LEU H 442 132.51 -80.56 -2.46
CA LEU H 442 131.50 -81.54 -2.87
C LEU H 442 132.05 -82.96 -2.76
N ASP H 443 133.30 -83.08 -2.33
CA ASP H 443 133.93 -84.38 -2.19
C ASP H 443 133.80 -84.89 -0.77
N SER H 444 133.96 -83.98 0.19
CA SER H 444 133.88 -84.31 1.61
C SER H 444 132.63 -85.10 1.95
N ILE H 445 131.65 -85.11 1.05
CA ILE H 445 130.41 -85.83 1.30
C ILE H 445 130.56 -87.30 0.88
N TYR I 50 -132.42 -9.19 -35.28
CA TYR I 50 -131.41 -8.74 -34.28
C TYR I 50 -130.09 -8.49 -35.00
N ALA I 51 -129.29 -9.54 -35.11
CA ALA I 51 -127.99 -9.44 -35.75
C ALA I 51 -127.99 -10.07 -37.14
N SER I 52 -127.01 -9.67 -37.95
CA SER I 52 -126.86 -10.17 -39.31
C SER I 52 -126.11 -11.49 -39.30
N PHE I 53 -125.38 -11.76 -38.22
CA PHE I 53 -124.61 -12.99 -38.10
C PHE I 53 -125.38 -14.09 -37.38
N LEU I 54 -126.67 -13.84 -37.13
CA LEU I 54 -127.53 -14.81 -36.46
C LEU I 54 -128.78 -15.05 -37.29
N ASN I 55 -128.80 -16.16 -38.02
CA ASN I 55 -129.92 -16.52 -38.89
C ASN I 55 -130.71 -17.71 -38.37
N SER I 56 -130.22 -18.33 -37.31
CA SER I 56 -130.90 -19.49 -36.72
C SER I 56 -131.53 -19.16 -35.37
N ASP I 57 -132.76 -19.64 -35.17
CA ASP I 57 -133.49 -19.39 -33.93
C ASP I 57 -132.71 -19.85 -32.69
N GLY I 58 -131.94 -20.92 -32.83
CA GLY I 58 -131.17 -21.43 -31.71
C GLY I 58 -130.17 -20.41 -31.22
N SER I 59 -129.43 -19.84 -32.16
CA SER I 59 -128.42 -18.83 -31.86
C SER I 59 -129.07 -17.57 -31.30
N VAL I 60 -130.22 -17.20 -31.87
CA VAL I 60 -130.96 -16.02 -31.44
C VAL I 60 -131.42 -16.18 -29.99
N ALA I 61 -132.13 -17.25 -29.71
CA ALA I 61 -132.62 -17.52 -28.37
C ALA I 61 -131.51 -17.37 -27.35
N ILE I 62 -130.26 -17.54 -27.80
CA ILE I 62 -129.12 -17.44 -26.91
C ILE I 62 -128.57 -16.03 -26.76
N HIS I 63 -128.22 -15.41 -27.89
CA HIS I 63 -127.64 -14.07 -27.85
C HIS I 63 -128.58 -12.90 -28.08
N ALA I 64 -129.80 -13.17 -28.54
CA ALA I 64 -130.75 -12.10 -28.77
C ALA I 64 -130.92 -11.28 -27.49
N GLY I 65 -130.78 -9.96 -27.62
CA GLY I 65 -130.92 -9.09 -26.49
C GLY I 65 -129.78 -9.12 -25.49
N GLU I 66 -128.61 -9.58 -25.91
CA GLU I 66 -127.46 -9.64 -25.01
C GLU I 66 -126.12 -9.44 -25.70
N ARG I 67 -125.83 -10.26 -26.70
CA ARG I 67 -124.56 -10.18 -27.41
C ARG I 67 -124.13 -8.80 -27.91
N LEU I 68 -125.06 -7.99 -28.39
CA LEU I 68 -124.73 -6.67 -28.93
C LEU I 68 -124.84 -5.53 -27.92
N GLY I 69 -125.51 -5.76 -26.80
CA GLY I 69 -125.66 -4.73 -25.79
C GLY I 69 -126.77 -5.09 -24.82
N ARG I 70 -126.84 -4.39 -23.70
CA ARG I 70 -127.87 -4.70 -22.72
C ARG I 70 -128.59 -3.47 -22.14
N GLY I 71 -127.98 -2.30 -22.25
CA GLY I 71 -128.60 -1.10 -21.69
C GLY I 71 -128.05 -0.92 -20.30
N ILE I 72 -127.66 -2.04 -19.70
CA ILE I 72 -127.08 -2.07 -18.37
C ILE I 72 -125.67 -2.66 -18.57
N VAL I 73 -124.75 -1.79 -18.98
CA VAL I 73 -123.38 -2.16 -19.27
C VAL I 73 -122.64 -3.01 -18.24
N THR I 74 -121.88 -3.98 -18.75
CA THR I 74 -121.08 -4.88 -17.92
C THR I 74 -120.13 -5.65 -18.82
N ASP I 75 -119.03 -6.12 -18.25
CA ASP I 75 -118.09 -6.91 -19.01
C ASP I 75 -118.40 -8.37 -18.72
N ALA I 76 -119.55 -8.57 -18.08
CA ALA I 76 -120.02 -9.91 -17.73
C ALA I 76 -120.67 -10.56 -18.95
N ILE I 77 -120.67 -11.88 -18.99
CA ILE I 77 -121.25 -12.60 -20.11
C ILE I 77 -122.77 -12.72 -19.97
N THR I 78 -123.24 -12.79 -18.72
CA THR I 78 -124.66 -12.92 -18.44
C THR I 78 -125.33 -11.60 -18.11
N THR I 79 -126.65 -11.65 -17.97
CA THR I 79 -127.44 -10.48 -17.63
C THR I 79 -127.52 -10.37 -16.10
N PRO I 80 -127.26 -9.17 -15.57
CA PRO I 80 -127.32 -8.98 -14.12
C PRO I 80 -128.75 -8.88 -13.63
N VAL I 81 -129.00 -9.42 -12.44
CA VAL I 81 -130.32 -9.38 -11.84
C VAL I 81 -130.44 -8.09 -11.03
N VAL I 82 -131.33 -7.20 -11.45
CA VAL I 82 -131.53 -5.95 -10.76
C VAL I 82 -132.73 -6.02 -9.83
N ASN I 83 -132.47 -6.14 -8.53
CA ASN I 83 -133.55 -6.21 -7.54
C ASN I 83 -133.81 -4.83 -6.98
N THR I 84 -134.53 -4.02 -7.75
CA THR I 84 -134.83 -2.67 -7.32
C THR I 84 -136.31 -2.39 -7.45
N SER I 85 -136.81 -1.51 -6.58
CA SER I 85 -138.22 -1.14 -6.59
C SER I 85 -138.39 0.16 -7.35
N ALA I 86 -137.41 1.04 -7.25
CA ALA I 86 -137.45 2.33 -7.93
C ALA I 86 -136.11 2.69 -8.54
N TYR I 87 -136.11 3.74 -9.35
CA TYR I 87 -134.90 4.23 -10.01
C TYR I 87 -134.73 5.72 -9.72
N PHE I 88 -133.52 6.10 -9.31
CA PHE I 88 -133.23 7.49 -8.98
C PHE I 88 -132.80 8.36 -10.15
N PHE I 89 -132.75 9.66 -9.90
CA PHE I 89 -132.35 10.66 -10.88
C PHE I 89 -131.27 11.53 -10.25
N ASN I 90 -130.31 11.95 -11.05
CA ASN I 90 -129.22 12.77 -10.53
C ASN I 90 -129.65 14.15 -10.05
N LYS I 91 -130.57 14.77 -10.78
CA LYS I 91 -131.07 16.09 -10.42
C LYS I 91 -132.44 16.34 -11.03
N THR I 92 -133.23 17.18 -10.36
CA THR I 92 -134.56 17.51 -10.83
C THR I 92 -134.61 17.87 -12.32
N SER I 93 -133.52 18.45 -12.82
CA SER I 93 -133.43 18.83 -14.23
C SER I 93 -133.59 17.60 -15.13
N GLU I 94 -132.92 16.52 -14.77
CA GLU I 94 -132.97 15.27 -15.51
C GLU I 94 -134.34 14.63 -15.36
N LEU I 95 -134.89 14.70 -14.14
CA LEU I 95 -136.21 14.13 -13.89
C LEU I 95 -137.21 14.74 -14.85
N ILE I 96 -137.11 16.05 -15.07
CA ILE I 96 -138.01 16.72 -15.98
C ILE I 96 -137.74 16.23 -17.40
N ASP I 97 -136.46 16.10 -17.74
CA ASP I 97 -136.07 15.63 -19.06
C ASP I 97 -136.76 14.31 -19.38
N PHE I 98 -136.74 13.40 -18.41
CA PHE I 98 -137.37 12.09 -18.57
C PHE I 98 -138.87 12.24 -18.73
N LYS I 99 -139.45 13.10 -17.91
CA LYS I 99 -140.88 13.34 -17.95
C LYS I 99 -141.31 14.01 -19.26
N GLU I 100 -140.37 14.69 -19.90
CA GLU I 100 -140.64 15.37 -21.16
C GLU I 100 -140.13 14.56 -22.36
N LYS I 101 -139.96 13.26 -22.17
CA LYS I 101 -139.49 12.35 -23.22
C LYS I 101 -138.15 12.66 -23.86
N ARG I 102 -137.25 13.29 -23.10
CA ARG I 102 -135.92 13.62 -23.60
C ARG I 102 -134.86 12.68 -23.02
N ARG I 103 -135.27 11.89 -22.03
CA ARG I 103 -134.37 10.94 -21.37
C ARG I 103 -135.11 9.63 -21.11
N ALA I 104 -134.36 8.54 -21.01
CA ALA I 104 -134.96 7.24 -20.76
C ALA I 104 -134.80 6.80 -19.30
N SER I 105 -135.81 6.10 -18.79
CA SER I 105 -135.80 5.60 -17.42
C SER I 105 -137.09 4.81 -17.15
N PHE I 106 -137.01 3.86 -16.23
CA PHE I 106 -138.17 3.04 -15.88
C PHE I 106 -138.96 3.72 -14.76
N GLU I 107 -138.30 4.67 -14.09
CA GLU I 107 -138.90 5.42 -13.00
C GLU I 107 -139.25 4.51 -11.83
N TYR I 108 -140.26 3.66 -12.04
CA TYR I 108 -140.71 2.75 -11.01
C TYR I 108 -140.64 1.31 -11.48
N GLY I 109 -140.41 0.39 -10.54
CA GLY I 109 -140.30 -1.02 -10.88
C GLY I 109 -141.51 -1.63 -11.55
N ARG I 110 -142.68 -1.07 -11.32
CA ARG I 110 -143.90 -1.59 -11.93
C ARG I 110 -143.96 -1.20 -13.40
N TYR I 111 -143.09 -0.27 -13.81
CA TYR I 111 -143.07 0.21 -15.18
C TYR I 111 -141.93 -0.38 -16.01
N GLY I 112 -141.14 -1.24 -15.39
CA GLY I 112 -140.03 -1.85 -16.13
C GLY I 112 -138.84 -2.22 -15.28
N ASN I 113 -137.89 -2.90 -15.92
CA ASN I 113 -136.68 -3.34 -15.23
C ASN I 113 -135.64 -3.74 -16.27
N PRO I 114 -134.37 -3.37 -16.04
CA PRO I 114 -133.28 -3.69 -16.96
C PRO I 114 -133.09 -5.18 -17.26
N THR I 115 -133.16 -6.02 -16.23
CA THR I 115 -132.98 -7.44 -16.42
C THR I 115 -134.21 -8.07 -17.07
N THR I 116 -135.32 -7.34 -17.09
CA THR I 116 -136.54 -7.85 -17.70
C THR I 116 -136.64 -7.52 -19.19
N VAL I 117 -136.28 -6.31 -19.57
CA VAL I 117 -136.35 -5.93 -20.97
C VAL I 117 -135.54 -6.89 -21.82
N VAL I 118 -134.39 -7.31 -21.30
CA VAL I 118 -133.55 -8.24 -22.04
C VAL I 118 -134.41 -9.37 -22.54
N LEU I 119 -135.15 -9.99 -21.61
CA LEU I 119 -136.02 -11.09 -21.96
C LEU I 119 -137.09 -10.65 -22.94
N GLU I 120 -137.51 -9.40 -22.83
CA GLU I 120 -138.53 -8.88 -23.74
C GLU I 120 -137.97 -8.85 -25.15
N GLU I 121 -136.79 -8.27 -25.31
CA GLU I 121 -136.15 -8.17 -26.61
C GLU I 121 -135.75 -9.54 -27.16
N LYS I 122 -135.35 -10.44 -26.27
CA LYS I 122 -134.95 -11.79 -26.67
C LYS I 122 -136.11 -12.49 -27.35
N ILE I 123 -137.25 -12.49 -26.68
CA ILE I 123 -138.44 -13.14 -27.21
C ILE I 123 -138.94 -12.39 -28.44
N SER I 124 -138.77 -11.07 -28.43
CA SER I 124 -139.20 -10.27 -29.56
C SER I 124 -138.47 -10.71 -30.81
N ALA I 125 -137.19 -11.02 -30.65
CA ALA I 125 -136.37 -11.45 -31.77
C ALA I 125 -136.82 -12.80 -32.31
N LEU I 126 -137.13 -13.72 -31.39
CA LEU I 126 -137.57 -15.06 -31.78
C LEU I 126 -138.86 -15.06 -32.60
N GLU I 127 -139.85 -14.30 -32.13
CA GLU I 127 -141.12 -14.23 -32.83
C GLU I 127 -141.05 -13.28 -34.00
N GLY I 128 -140.02 -12.44 -34.04
CA GLY I 128 -139.87 -11.49 -35.12
C GLY I 128 -140.88 -10.37 -34.97
N ALA I 129 -141.19 -10.03 -33.72
CA ALA I 129 -142.16 -8.98 -33.41
C ALA I 129 -141.51 -7.62 -33.26
N GLU I 130 -142.34 -6.61 -33.04
CA GLU I 130 -141.88 -5.25 -32.88
C GLU I 130 -141.61 -4.99 -31.40
N SER I 131 -142.42 -5.63 -30.56
CA SER I 131 -142.29 -5.49 -29.12
C SER I 131 -142.93 -6.64 -28.36
N THR I 132 -142.40 -6.92 -27.18
CA THR I 132 -142.91 -8.00 -26.34
C THR I 132 -143.08 -7.49 -24.93
N LEU I 133 -144.14 -7.92 -24.27
CA LEU I 133 -144.43 -7.52 -22.90
C LEU I 133 -144.40 -8.75 -22.02
N LEU I 134 -143.91 -8.60 -20.79
CA LEU I 134 -143.86 -9.74 -19.89
C LEU I 134 -144.66 -9.49 -18.63
N MET I 135 -145.40 -10.52 -18.20
CA MET I 135 -146.23 -10.41 -17.00
C MET I 135 -145.92 -11.49 -15.99
N ALA I 136 -146.70 -11.51 -14.91
CA ALA I 136 -146.51 -12.47 -13.84
C ALA I 136 -146.88 -13.90 -14.22
N SER I 137 -147.74 -14.05 -15.21
CA SER I 137 -148.17 -15.38 -15.65
C SER I 137 -148.92 -15.35 -16.97
N GLY I 138 -149.13 -16.52 -17.56
CA GLY I 138 -149.84 -16.61 -18.81
C GLY I 138 -151.24 -16.04 -18.72
N MET I 139 -151.96 -16.44 -17.67
CA MET I 139 -153.32 -15.97 -17.44
C MET I 139 -153.33 -14.44 -17.40
N CYS I 140 -152.37 -13.87 -16.69
CA CYS I 140 -152.26 -12.43 -16.56
C CYS I 140 -152.23 -11.80 -17.96
N ALA I 141 -151.42 -12.38 -18.84
CA ALA I 141 -151.29 -11.89 -20.21
C ALA I 141 -152.63 -11.86 -20.94
N SER I 142 -153.24 -13.03 -21.10
CA SER I 142 -154.52 -13.12 -21.78
C SER I 142 -155.51 -12.15 -21.16
N THR I 143 -155.61 -12.24 -19.84
CA THR I 143 -156.51 -11.38 -19.07
C THR I 143 -156.33 -9.92 -19.45
N VAL I 144 -155.17 -9.38 -19.13
CA VAL I 144 -154.86 -7.98 -19.43
C VAL I 144 -155.02 -7.63 -20.90
N MET I 145 -154.61 -8.55 -21.77
CA MET I 145 -154.70 -8.32 -23.20
C MET I 145 -156.15 -8.15 -23.61
N LEU I 146 -157.02 -8.97 -23.01
CA LEU I 146 -158.44 -8.91 -23.32
C LEU I 146 -159.06 -7.64 -22.80
N LEU I 147 -158.81 -7.33 -21.52
CA LEU I 147 -159.35 -6.15 -20.89
C LEU I 147 -158.88 -4.85 -21.54
N ALA I 148 -157.77 -4.93 -22.27
CA ALA I 148 -157.22 -3.75 -22.91
C ALA I 148 -157.57 -3.55 -24.37
N LEU I 149 -157.79 -4.65 -25.08
CA LEU I 149 -158.10 -4.54 -26.50
C LEU I 149 -159.59 -4.58 -26.83
N VAL I 150 -160.35 -5.37 -26.07
CA VAL I 150 -161.78 -5.45 -26.32
C VAL I 150 -162.55 -4.36 -25.56
N PRO I 151 -163.25 -3.48 -26.29
CA PRO I 151 -164.01 -2.40 -25.64
C PRO I 151 -165.29 -2.94 -25.05
N ALA I 152 -165.93 -2.14 -24.19
CA ALA I 152 -167.17 -2.56 -23.57
C ALA I 152 -168.23 -2.72 -24.66
N GLY I 153 -169.10 -3.71 -24.47
CA GLY I 153 -170.15 -3.97 -25.45
C GLY I 153 -169.63 -4.65 -26.69
N GLY I 154 -168.31 -4.71 -26.82
CA GLY I 154 -167.68 -5.33 -27.97
C GLY I 154 -167.92 -6.83 -28.03
N HIS I 155 -167.57 -7.43 -29.17
CA HIS I 155 -167.75 -8.87 -29.35
C HIS I 155 -166.42 -9.58 -29.56
N ILE I 156 -166.35 -10.82 -29.09
CA ILE I 156 -165.14 -11.63 -29.20
C ILE I 156 -165.47 -13.00 -29.79
N VAL I 157 -164.51 -13.57 -30.50
CA VAL I 157 -164.71 -14.90 -31.09
C VAL I 157 -163.58 -15.81 -30.67
N THR I 158 -163.94 -17.01 -30.22
CA THR I 158 -162.93 -17.98 -29.80
C THR I 158 -163.41 -19.38 -30.11
N THR I 159 -162.57 -20.37 -29.84
CA THR I 159 -162.89 -21.77 -30.10
C THR I 159 -163.44 -22.51 -28.88
N THR I 160 -164.01 -23.68 -29.13
CA THR I 160 -164.57 -24.50 -28.06
C THR I 160 -163.49 -25.16 -27.22
N ASP I 161 -162.29 -25.29 -27.78
CA ASP I 161 -161.18 -25.93 -27.09
C ASP I 161 -160.34 -24.96 -26.28
N CYS I 162 -160.86 -23.75 -26.10
CA CYS I 162 -160.15 -22.72 -25.34
C CYS I 162 -159.76 -23.25 -23.96
N TYR I 163 -158.66 -22.73 -23.43
CA TYR I 163 -158.18 -23.13 -22.11
C TYR I 163 -159.24 -22.82 -21.08
N ARG I 164 -159.60 -23.82 -20.28
CA ARG I 164 -160.63 -23.68 -19.26
C ARG I 164 -160.69 -22.33 -18.53
N LYS I 165 -159.66 -22.01 -17.76
CA LYS I 165 -159.62 -20.76 -17.02
C LYS I 165 -159.90 -19.55 -17.91
N THR I 166 -159.33 -19.55 -19.10
CA THR I 166 -159.54 -18.44 -20.01
C THR I 166 -161.01 -18.36 -20.38
N ARG I 167 -161.62 -19.53 -20.57
CA ARG I 167 -163.04 -19.61 -20.91
C ARG I 167 -163.84 -18.91 -19.82
N ILE I 168 -163.62 -19.34 -18.58
CA ILE I 168 -164.30 -18.77 -17.43
C ILE I 168 -164.22 -17.25 -17.46
N PHE I 169 -163.01 -16.72 -17.60
CA PHE I 169 -162.81 -15.27 -17.64
C PHE I 169 -163.70 -14.62 -18.69
N ILE I 170 -163.82 -15.26 -19.84
CA ILE I 170 -164.62 -14.71 -20.94
C ILE I 170 -166.13 -14.88 -20.77
N GLU I 171 -166.54 -15.89 -20.02
CA GLU I 171 -167.95 -16.16 -19.79
C GLU I 171 -168.50 -15.63 -18.48
N THR I 172 -167.64 -15.12 -17.62
CA THR I 172 -168.09 -14.61 -16.33
C THR I 172 -167.68 -13.17 -16.00
N ILE I 173 -166.54 -12.73 -16.53
CA ILE I 173 -166.06 -11.39 -16.27
C ILE I 173 -166.34 -10.39 -17.39
N LEU I 174 -165.90 -10.70 -18.60
CA LEU I 174 -166.11 -9.82 -19.74
C LEU I 174 -167.56 -9.38 -19.91
N PRO I 175 -168.53 -10.28 -19.70
CA PRO I 175 -169.94 -9.87 -19.86
C PRO I 175 -170.31 -8.69 -18.96
N LYS I 176 -169.61 -8.56 -17.83
CA LYS I 176 -169.86 -7.45 -16.91
C LYS I 176 -169.62 -6.13 -17.64
N MET I 177 -168.72 -6.18 -18.62
CA MET I 177 -168.39 -5.01 -19.42
C MET I 177 -169.21 -5.05 -20.71
N GLY I 178 -170.24 -5.89 -20.71
CA GLY I 178 -171.12 -6.00 -21.87
C GLY I 178 -170.48 -6.67 -23.08
N ILE I 179 -169.32 -7.28 -22.87
CA ILE I 179 -168.63 -7.95 -23.95
C ILE I 179 -169.27 -9.32 -24.19
N THR I 180 -169.78 -9.52 -25.41
CA THR I 180 -170.43 -10.77 -25.79
C THR I 180 -169.45 -11.60 -26.63
N ALA I 181 -169.59 -12.93 -26.57
CA ALA I 181 -168.70 -13.82 -27.31
C ALA I 181 -169.37 -14.89 -28.18
N THR I 182 -168.63 -15.37 -29.18
CA THR I 182 -169.12 -16.41 -30.08
C THR I 182 -168.12 -17.55 -30.07
N VAL I 183 -168.54 -18.71 -29.60
CA VAL I 183 -167.66 -19.86 -29.53
C VAL I 183 -167.89 -20.86 -30.67
N ILE I 184 -166.89 -20.99 -31.53
CA ILE I 184 -166.95 -21.88 -32.68
C ILE I 184 -166.00 -23.07 -32.53
N ASP I 185 -166.07 -23.99 -33.49
CA ASP I 185 -165.18 -25.13 -33.47
C ASP I 185 -163.88 -24.69 -34.13
N PRO I 186 -162.74 -25.16 -33.61
CA PRO I 186 -161.42 -24.79 -34.16
C PRO I 186 -161.31 -24.90 -35.68
N ALA I 187 -161.93 -25.92 -36.26
CA ALA I 187 -161.88 -26.13 -37.70
C ALA I 187 -162.98 -25.43 -38.47
N ASP I 188 -164.10 -25.16 -37.82
CA ASP I 188 -165.25 -24.49 -38.45
C ASP I 188 -164.93 -23.08 -38.93
N VAL I 189 -164.38 -22.98 -40.13
CA VAL I 189 -164.03 -21.69 -40.71
C VAL I 189 -165.28 -20.95 -41.18
N GLY I 190 -166.32 -21.72 -41.51
CA GLY I 190 -167.56 -21.12 -41.96
C GLY I 190 -168.19 -20.34 -40.82
N ALA I 191 -168.18 -20.95 -39.63
CA ALA I 191 -168.74 -20.32 -38.45
C ALA I 191 -168.04 -19.00 -38.23
N LEU I 192 -166.71 -19.01 -38.33
CA LEU I 192 -165.94 -17.81 -38.16
C LEU I 192 -166.36 -16.74 -39.17
N GLU I 193 -166.45 -17.13 -40.44
CA GLU I 193 -166.84 -16.20 -41.50
C GLU I 193 -168.24 -15.65 -41.28
N LEU I 194 -169.13 -16.49 -40.77
CA LEU I 194 -170.50 -16.08 -40.51
C LEU I 194 -170.49 -15.03 -39.42
N ALA I 195 -169.96 -15.40 -38.26
CA ALA I 195 -169.88 -14.51 -37.12
C ALA I 195 -169.25 -13.17 -37.50
N LEU I 196 -168.24 -13.23 -38.36
CA LEU I 196 -167.55 -12.04 -38.82
C LEU I 196 -168.52 -11.10 -39.54
N ASN I 197 -169.52 -11.66 -40.17
CA ASN I 197 -170.50 -10.88 -40.92
C ASN I 197 -171.71 -10.48 -40.09
N GLN I 198 -172.21 -11.38 -39.25
CA GLN I 198 -173.35 -11.08 -38.41
C GLN I 198 -172.99 -9.96 -37.42
N LYS I 199 -172.38 -10.31 -36.30
CA LYS I 199 -171.99 -9.31 -35.32
C LYS I 199 -170.69 -8.67 -35.77
N LYS I 200 -170.31 -7.57 -35.12
CA LYS I 200 -169.08 -6.88 -35.46
C LYS I 200 -168.00 -7.41 -34.53
N VAL I 201 -167.21 -8.37 -35.02
CA VAL I 201 -166.15 -8.98 -34.22
C VAL I 201 -165.01 -8.02 -33.95
N ASN I 202 -164.63 -7.91 -32.69
CA ASN I 202 -163.54 -7.03 -32.27
C ASN I 202 -162.21 -7.76 -32.33
N LEU I 203 -162.21 -9.01 -31.88
CA LEU I 203 -160.98 -9.79 -31.87
C LEU I 203 -161.25 -11.29 -31.79
N PHE I 204 -160.52 -12.05 -32.58
CA PHE I 204 -160.63 -13.51 -32.61
C PHE I 204 -159.47 -14.04 -31.80
N PHE I 205 -159.77 -14.78 -30.75
CA PHE I 205 -158.72 -15.32 -29.92
C PHE I 205 -158.75 -16.84 -29.89
N THR I 206 -157.58 -17.45 -30.00
CA THR I 206 -157.48 -18.90 -29.97
C THR I 206 -156.04 -19.38 -29.89
N GLU I 207 -155.85 -20.58 -29.37
CA GLU I 207 -154.53 -21.17 -29.27
C GLU I 207 -154.37 -22.20 -30.37
N SER I 208 -153.13 -22.50 -30.74
CA SER I 208 -152.86 -23.48 -31.78
C SER I 208 -151.41 -23.93 -31.67
N PRO I 209 -151.18 -25.21 -31.34
CA PRO I 209 -152.18 -26.25 -31.09
C PRO I 209 -153.07 -25.93 -29.89
N THR I 210 -154.18 -26.65 -29.83
CA THR I 210 -155.16 -26.49 -28.77
C THR I 210 -154.94 -27.47 -27.63
N ASN I 211 -155.63 -27.23 -26.51
CA ASN I 211 -155.53 -28.10 -25.35
C ASN I 211 -156.90 -28.72 -25.09
N PRO I 212 -156.95 -30.03 -24.85
CA PRO I 212 -155.81 -30.94 -24.81
C PRO I 212 -155.74 -31.79 -26.08
N PHE I 213 -156.62 -31.49 -27.03
CA PHE I 213 -156.68 -32.24 -28.28
C PHE I 213 -155.78 -31.69 -29.37
N LEU I 214 -154.86 -30.81 -28.98
CA LEU I 214 -153.92 -30.19 -29.91
C LEU I 214 -154.48 -29.85 -31.28
N ARG I 215 -155.66 -29.25 -31.30
CA ARG I 215 -156.28 -28.88 -32.56
C ARG I 215 -155.57 -27.63 -33.10
N CYS I 216 -155.35 -27.59 -34.41
CA CYS I 216 -154.66 -26.46 -35.01
C CYS I 216 -155.58 -25.59 -35.85
N VAL I 217 -155.22 -24.32 -35.99
CA VAL I 217 -155.99 -23.36 -36.75
C VAL I 217 -155.15 -22.78 -37.88
N ASP I 218 -155.70 -22.76 -39.10
CA ASP I 218 -154.98 -22.21 -40.24
C ASP I 218 -154.80 -20.73 -39.96
N ILE I 219 -153.73 -20.39 -39.26
CA ILE I 219 -153.45 -18.99 -38.91
C ILE I 219 -153.49 -18.06 -40.11
N GLU I 220 -152.89 -18.48 -41.22
CA GLU I 220 -152.85 -17.66 -42.43
C GLU I 220 -154.24 -17.33 -42.96
N LEU I 221 -155.09 -18.35 -43.03
CA LEU I 221 -156.45 -18.17 -43.53
C LEU I 221 -157.28 -17.31 -42.58
N VAL I 222 -157.45 -17.79 -41.35
CA VAL I 222 -158.22 -17.11 -40.32
C VAL I 222 -157.87 -15.64 -40.25
N SER I 223 -156.58 -15.33 -40.30
CA SER I 223 -156.11 -13.95 -40.23
C SER I 223 -156.66 -13.12 -41.37
N LYS I 224 -156.66 -13.68 -42.57
CA LYS I 224 -157.16 -12.98 -43.73
C LYS I 224 -158.65 -12.68 -43.61
N LEU I 225 -159.42 -13.67 -43.17
CA LEU I 225 -160.85 -13.51 -43.00
C LEU I 225 -161.14 -12.42 -41.98
N CYS I 226 -160.44 -12.48 -40.85
CA CYS I 226 -160.60 -11.52 -39.77
C CYS I 226 -160.25 -10.09 -40.18
N HIS I 227 -159.05 -9.88 -40.70
CA HIS I 227 -158.61 -8.55 -41.13
C HIS I 227 -159.50 -7.97 -42.21
N GLU I 228 -160.22 -8.82 -42.93
CA GLU I 228 -161.11 -8.38 -43.99
C GLU I 228 -162.28 -7.62 -43.37
N LYS I 229 -162.70 -8.07 -42.19
CA LYS I 229 -163.81 -7.44 -41.47
C LYS I 229 -163.35 -6.54 -40.33
N GLY I 230 -162.05 -6.24 -40.30
CA GLY I 230 -161.52 -5.37 -39.28
C GLY I 230 -161.27 -5.98 -37.91
N ALA I 231 -161.38 -7.31 -37.82
CA ALA I 231 -161.16 -8.01 -36.55
C ALA I 231 -159.67 -8.20 -36.27
N LEU I 232 -159.35 -8.44 -35.00
CA LEU I 232 -157.96 -8.65 -34.59
C LEU I 232 -157.74 -10.14 -34.35
N VAL I 233 -156.52 -10.60 -34.59
CA VAL I 233 -156.21 -12.01 -34.39
C VAL I 233 -155.09 -12.20 -33.37
N CYS I 234 -155.38 -12.98 -32.35
CA CYS I 234 -154.39 -13.25 -31.32
C CYS I 234 -154.30 -14.75 -31.14
N ILE I 235 -153.11 -15.30 -31.34
CA ILE I 235 -152.90 -16.72 -31.20
C ILE I 235 -152.12 -17.02 -29.94
N ASP I 236 -152.46 -18.13 -29.30
CA ASP I 236 -151.77 -18.55 -28.10
C ASP I 236 -150.88 -19.74 -28.50
N GLY I 237 -149.65 -19.43 -28.89
CA GLY I 237 -148.72 -20.46 -29.32
C GLY I 237 -147.93 -21.12 -28.21
N THR I 238 -148.56 -21.29 -27.06
CA THR I 238 -147.91 -21.92 -25.92
C THR I 238 -147.36 -23.28 -26.32
N PHE I 239 -148.26 -24.18 -26.69
CA PHE I 239 -147.90 -25.53 -27.09
C PHE I 239 -146.88 -25.59 -28.23
N ALA I 240 -146.97 -24.66 -29.16
CA ALA I 240 -146.07 -24.65 -30.31
C ALA I 240 -144.66 -24.18 -30.03
N THR I 241 -144.52 -23.07 -29.31
CA THR I 241 -143.23 -22.48 -29.00
C THR I 241 -142.82 -21.64 -30.21
N PRO I 242 -142.22 -20.47 -29.95
CA PRO I 242 -141.80 -19.61 -31.07
C PRO I 242 -140.86 -20.29 -32.08
N LEU I 243 -140.48 -21.52 -31.79
CA LEU I 243 -139.57 -22.26 -32.67
C LEU I 243 -140.30 -23.13 -33.69
N ASN I 244 -141.42 -23.72 -33.27
CA ASN I 244 -142.19 -24.60 -34.15
C ASN I 244 -143.16 -23.88 -35.07
N GLN I 245 -143.27 -22.57 -34.94
CA GLN I 245 -144.17 -21.81 -35.79
C GLN I 245 -144.05 -20.32 -35.50
N LYS I 246 -144.27 -19.51 -36.52
CA LYS I 246 -144.20 -18.07 -36.39
C LYS I 246 -145.57 -17.49 -36.67
N ALA I 247 -146.46 -17.55 -35.67
CA ALA I 247 -147.81 -17.05 -35.83
C ALA I 247 -147.82 -15.62 -36.37
N LEU I 248 -146.90 -14.79 -35.88
CA LEU I 248 -146.82 -13.41 -36.33
C LEU I 248 -146.57 -13.31 -37.82
N ALA I 249 -145.66 -14.16 -38.32
CA ALA I 249 -145.31 -14.16 -39.73
C ALA I 249 -146.46 -14.72 -40.57
N LEU I 250 -147.29 -15.55 -39.95
CA LEU I 250 -148.42 -16.15 -40.64
C LEU I 250 -149.63 -15.21 -40.77
N GLY I 251 -149.55 -14.04 -40.13
CA GLY I 251 -150.63 -13.09 -40.22
C GLY I 251 -151.23 -12.58 -38.91
N ALA I 252 -151.10 -13.36 -37.85
CA ALA I 252 -151.64 -12.97 -36.55
C ALA I 252 -151.19 -11.58 -36.16
N ASP I 253 -151.99 -10.91 -35.34
CA ASP I 253 -151.64 -9.56 -34.88
C ASP I 253 -150.83 -9.66 -33.60
N LEU I 254 -151.20 -10.62 -32.75
CA LEU I 254 -150.52 -10.83 -31.48
C LEU I 254 -150.36 -12.31 -31.20
N VAL I 255 -149.24 -12.65 -30.58
CA VAL I 255 -148.97 -14.03 -30.22
C VAL I 255 -148.56 -14.04 -28.77
N LEU I 256 -149.27 -14.80 -27.95
CA LEU I 256 -148.94 -14.86 -26.54
C LEU I 256 -148.60 -16.29 -26.13
N HIS I 257 -147.70 -16.39 -25.15
CA HIS I 257 -147.27 -17.68 -24.65
C HIS I 257 -147.40 -17.69 -23.15
N SER I 258 -146.89 -18.78 -22.57
CA SER I 258 -146.88 -18.97 -21.14
C SER I 258 -145.48 -19.48 -20.83
N ALA I 259 -144.55 -18.55 -20.63
CA ALA I 259 -143.16 -18.92 -20.34
C ALA I 259 -143.07 -19.96 -19.24
N THR I 260 -144.17 -20.14 -18.51
CA THR I 260 -144.22 -21.10 -17.42
C THR I 260 -143.97 -22.51 -17.94
N LYS I 261 -144.22 -22.70 -19.22
CA LYS I 261 -144.07 -24.01 -19.85
C LYS I 261 -142.74 -24.28 -20.58
N PHE I 262 -142.76 -24.12 -21.90
CA PHE I 262 -141.59 -24.40 -22.73
C PHE I 262 -140.50 -23.33 -22.66
N LEU I 263 -140.89 -22.06 -22.58
CA LEU I 263 -139.89 -21.00 -22.52
C LEU I 263 -139.01 -21.13 -21.28
N GLY I 264 -139.63 -21.35 -20.13
CA GLY I 264 -138.84 -21.51 -18.92
C GLY I 264 -138.19 -22.87 -18.99
N GLY I 265 -138.99 -23.86 -19.37
CA GLY I 265 -138.49 -25.23 -19.52
C GLY I 265 -138.03 -26.01 -18.31
N HIS I 266 -137.94 -25.40 -17.14
CA HIS I 266 -137.48 -26.12 -15.97
C HIS I 266 -138.49 -26.26 -14.83
N ASN I 267 -139.75 -25.95 -15.12
CA ASN I 267 -140.82 -26.05 -14.13
C ASN I 267 -140.44 -25.44 -12.78
N ASP I 268 -139.99 -24.19 -12.80
CA ASP I 268 -139.59 -23.52 -11.57
C ASP I 268 -139.87 -22.03 -11.59
N VAL I 269 -140.75 -21.60 -12.49
CA VAL I 269 -141.09 -20.18 -12.58
C VAL I 269 -142.31 -19.94 -13.47
N LEU I 270 -143.10 -18.94 -13.11
CA LEU I 270 -144.29 -18.59 -13.88
C LEU I 270 -144.06 -17.27 -14.59
N ALA I 271 -144.63 -17.12 -15.78
CA ALA I 271 -144.48 -15.90 -16.54
C ALA I 271 -145.43 -15.85 -17.72
N GLY I 272 -145.82 -14.63 -18.10
CA GLY I 272 -146.74 -14.44 -19.21
C GLY I 272 -146.00 -13.80 -20.37
N CYS I 273 -146.53 -13.99 -21.58
CA CYS I 273 -145.90 -13.46 -22.78
C CYS I 273 -146.88 -12.92 -23.80
N ILE I 274 -146.56 -11.74 -24.35
CA ILE I 274 -147.39 -11.13 -25.38
C ILE I 274 -146.47 -10.37 -26.32
N SER I 275 -146.48 -10.76 -27.59
CA SER I 275 -145.65 -10.11 -28.60
C SER I 275 -146.47 -9.67 -29.79
N GLY I 276 -146.07 -8.58 -30.41
CA GLY I 276 -146.77 -8.08 -31.57
C GLY I 276 -146.28 -6.69 -31.92
N PRO I 277 -147.04 -5.94 -32.74
CA PRO I 277 -146.65 -4.57 -33.13
C PRO I 277 -146.64 -3.64 -31.92
N LEU I 278 -145.91 -2.54 -32.03
CA LEU I 278 -145.80 -1.57 -30.96
C LEU I 278 -147.13 -0.90 -30.65
N LYS I 279 -147.76 -0.37 -31.70
CA LYS I 279 -149.04 0.32 -31.57
C LYS I 279 -150.02 -0.49 -30.71
N LEU I 280 -149.95 -1.81 -30.84
CA LEU I 280 -150.83 -2.70 -30.10
C LEU I 280 -150.31 -3.06 -28.72
N VAL I 281 -149.17 -3.75 -28.68
CA VAL I 281 -148.58 -4.18 -27.42
C VAL I 281 -148.43 -3.05 -26.41
N SER I 282 -148.20 -1.83 -26.90
CA SER I 282 -148.06 -0.68 -26.02
C SER I 282 -149.37 -0.44 -25.30
N GLU I 283 -150.47 -0.56 -26.03
CA GLU I 283 -151.80 -0.35 -25.47
C GLU I 283 -152.01 -1.25 -24.25
N ILE I 284 -151.59 -2.50 -24.39
CA ILE I 284 -151.71 -3.47 -23.31
C ILE I 284 -150.79 -3.08 -22.16
N ARG I 285 -149.57 -2.67 -22.52
CA ARG I 285 -148.57 -2.26 -21.54
C ARG I 285 -149.10 -1.14 -20.63
N ASN I 286 -149.94 -0.27 -21.19
CA ASN I 286 -150.49 0.84 -20.42
C ASN I 286 -151.44 0.34 -19.32
N LEU I 287 -152.32 -0.57 -19.67
CA LEU I 287 -153.26 -1.11 -18.70
C LEU I 287 -152.48 -1.95 -17.72
N HIS I 288 -151.41 -2.58 -18.20
CA HIS I 288 -150.57 -3.43 -17.39
C HIS I 288 -149.96 -2.62 -16.25
N HIS I 289 -149.60 -1.38 -16.55
CA HIS I 289 -148.99 -0.50 -15.56
C HIS I 289 -149.95 -0.12 -14.46
N ILE I 290 -151.23 -0.37 -14.67
CA ILE I 290 -152.22 -0.05 -13.65
C ILE I 290 -152.63 -1.29 -12.87
N LEU I 291 -152.86 -2.40 -13.56
CA LEU I 291 -153.24 -3.65 -12.91
C LEU I 291 -152.09 -4.22 -12.08
N GLY I 292 -150.88 -3.81 -12.42
CA GLY I 292 -149.69 -4.25 -11.70
C GLY I 292 -149.39 -5.72 -11.63
N GLY I 293 -149.26 -6.38 -12.78
CA GLY I 293 -148.95 -7.79 -12.80
C GLY I 293 -147.50 -7.96 -13.19
N ALA I 294 -146.66 -7.07 -12.67
CA ALA I 294 -145.23 -7.08 -12.95
C ALA I 294 -144.55 -8.43 -12.69
N LEU I 295 -143.49 -8.69 -13.44
CA LEU I 295 -142.72 -9.92 -13.30
C LEU I 295 -141.46 -9.60 -12.50
N ASN I 296 -141.09 -10.52 -11.58
CA ASN I 296 -139.92 -10.33 -10.75
C ASN I 296 -138.63 -10.55 -11.52
N PRO I 297 -137.63 -9.69 -11.32
CA PRO I 297 -136.33 -9.78 -11.99
C PRO I 297 -135.67 -11.14 -11.86
N ASN I 298 -135.86 -11.78 -10.71
CA ASN I 298 -135.29 -13.08 -10.48
C ASN I 298 -135.93 -14.06 -11.44
N ALA I 299 -137.24 -13.96 -11.58
CA ALA I 299 -137.98 -14.82 -12.48
C ALA I 299 -137.53 -14.58 -13.91
N ALA I 300 -137.36 -13.31 -14.26
CA ALA I 300 -136.92 -12.93 -15.58
C ALA I 300 -135.60 -13.58 -15.96
N TYR I 301 -134.70 -13.67 -14.99
CA TYR I 301 -133.39 -14.28 -15.25
C TYR I 301 -133.54 -15.79 -15.40
N LEU I 302 -134.40 -16.38 -14.59
CA LEU I 302 -134.63 -17.81 -14.64
C LEU I 302 -135.12 -18.23 -16.04
N ILE I 303 -135.84 -17.33 -16.70
CA ILE I 303 -136.33 -17.63 -18.04
C ILE I 303 -135.23 -17.39 -19.06
N ILE I 304 -134.56 -16.25 -18.95
CA ILE I 304 -133.47 -15.91 -19.86
C ILE I 304 -132.52 -17.09 -19.90
N ARG I 305 -132.18 -17.58 -18.72
CA ARG I 305 -131.26 -18.71 -18.57
C ARG I 305 -131.84 -19.97 -19.21
N GLY I 306 -133.11 -20.22 -18.95
CA GLY I 306 -133.75 -21.40 -19.49
C GLY I 306 -133.86 -21.41 -21.00
N MET I 307 -133.92 -20.23 -21.59
CA MET I 307 -134.04 -20.14 -23.04
C MET I 307 -132.74 -20.39 -23.79
N LYS I 308 -131.62 -20.28 -23.07
CA LYS I 308 -130.32 -20.51 -23.68
C LYS I 308 -130.25 -21.89 -24.31
N THR I 309 -131.15 -22.77 -23.91
CA THR I 309 -131.20 -24.12 -24.44
C THR I 309 -132.60 -24.44 -24.94
N LEU I 310 -133.31 -23.42 -25.41
CA LEU I 310 -134.67 -23.63 -25.89
C LEU I 310 -134.70 -24.56 -27.08
N HIS I 311 -133.93 -24.21 -28.11
CA HIS I 311 -133.87 -25.00 -29.33
C HIS I 311 -133.45 -26.44 -29.05
N LEU I 312 -132.48 -26.62 -28.16
CA LEU I 312 -132.02 -27.95 -27.82
C LEU I 312 -133.14 -28.77 -27.22
N ARG I 313 -133.81 -28.21 -26.22
CA ARG I 313 -134.91 -28.88 -25.55
C ARG I 313 -136.02 -29.22 -26.53
N VAL I 314 -136.60 -28.19 -27.14
CA VAL I 314 -137.67 -28.38 -28.10
C VAL I 314 -137.36 -29.50 -29.09
N GLN I 315 -136.18 -29.42 -29.70
CA GLN I 315 -135.74 -30.41 -30.68
C GLN I 315 -135.94 -31.83 -30.18
N GLN I 316 -135.45 -32.10 -28.97
CA GLN I 316 -135.56 -33.42 -28.36
C GLN I 316 -136.99 -33.81 -28.04
N GLN I 317 -137.73 -32.90 -27.42
CA GLN I 317 -139.12 -33.17 -27.06
C GLN I 317 -139.92 -33.44 -28.33
N ASN I 318 -139.65 -32.67 -29.38
CA ASN I 318 -140.35 -32.83 -30.64
C ASN I 318 -140.24 -34.25 -31.14
N SER I 319 -139.05 -34.83 -31.06
CA SER I 319 -138.79 -36.19 -31.51
C SER I 319 -139.50 -37.21 -30.63
N THR I 320 -139.13 -37.21 -29.36
CA THR I 320 -139.73 -38.12 -28.40
C THR I 320 -141.25 -38.16 -28.59
N ALA I 321 -141.84 -36.98 -28.61
CA ALA I 321 -143.29 -36.85 -28.79
C ALA I 321 -143.78 -37.62 -30.01
N LEU I 322 -143.33 -37.19 -31.19
CA LEU I 322 -143.71 -37.81 -32.45
C LEU I 322 -143.52 -39.32 -32.47
N ARG I 323 -142.32 -39.77 -32.17
CA ARG I 323 -142.02 -41.20 -32.16
C ARG I 323 -142.97 -41.95 -31.23
N MET I 324 -143.10 -41.47 -30.00
CA MET I 324 -143.96 -42.12 -29.04
C MET I 324 -145.41 -42.08 -29.47
N ALA I 325 -145.77 -41.05 -30.22
CA ALA I 325 -147.13 -40.92 -30.71
C ALA I 325 -147.48 -42.11 -31.58
N GLU I 326 -146.64 -42.38 -32.56
CA GLU I 326 -146.85 -43.50 -33.47
C GLU I 326 -146.91 -44.82 -32.74
N ILE I 327 -145.95 -45.06 -31.85
CA ILE I 327 -145.93 -46.30 -31.10
C ILE I 327 -147.25 -46.44 -30.34
N LEU I 328 -147.66 -45.36 -29.69
CA LEU I 328 -148.90 -45.38 -28.92
C LEU I 328 -150.11 -45.63 -29.82
N GLU I 329 -150.15 -44.98 -30.97
CA GLU I 329 -151.27 -45.15 -31.90
C GLU I 329 -151.37 -46.61 -32.34
N ALA I 330 -150.21 -47.25 -32.52
CA ALA I 330 -150.18 -48.64 -32.97
C ALA I 330 -150.45 -49.61 -31.83
N HIS I 331 -150.38 -49.12 -30.60
CA HIS I 331 -150.63 -49.96 -29.44
C HIS I 331 -152.08 -50.41 -29.37
N PRO I 332 -152.30 -51.70 -29.06
CA PRO I 332 -153.65 -52.29 -28.96
C PRO I 332 -154.44 -51.83 -27.74
N LYS I 333 -153.75 -51.32 -26.73
CA LYS I 333 -154.42 -50.85 -25.53
C LYS I 333 -154.71 -49.36 -25.62
N VAL I 334 -154.31 -48.74 -26.72
CA VAL I 334 -154.54 -47.32 -26.92
C VAL I 334 -155.62 -47.10 -27.98
N ARG I 335 -156.77 -46.62 -27.53
CA ARG I 335 -157.91 -46.36 -28.41
C ARG I 335 -157.67 -45.25 -29.42
N HIS I 336 -157.20 -44.10 -28.95
CA HIS I 336 -156.96 -42.97 -29.84
C HIS I 336 -155.75 -42.15 -29.40
N VAL I 337 -155.10 -41.51 -30.36
CA VAL I 337 -153.93 -40.68 -30.08
C VAL I 337 -154.03 -39.34 -30.79
N TYR I 338 -153.87 -38.27 -30.01
CA TYR I 338 -153.94 -36.92 -30.55
C TYR I 338 -152.56 -36.30 -30.68
N TYR I 339 -152.22 -35.89 -31.90
CA TYR I 339 -150.94 -35.26 -32.15
C TYR I 339 -150.90 -34.73 -33.57
N PRO I 340 -150.57 -33.44 -33.73
CA PRO I 340 -150.49 -32.80 -35.05
C PRO I 340 -149.56 -33.52 -36.01
N GLY I 341 -148.58 -34.21 -35.47
CA GLY I 341 -147.62 -34.93 -36.29
C GLY I 341 -148.18 -36.17 -36.95
N LEU I 342 -149.16 -36.81 -36.32
CA LEU I 342 -149.77 -38.02 -36.88
C LEU I 342 -150.62 -37.68 -38.09
N GLN I 343 -150.79 -38.64 -38.98
CA GLN I 343 -151.60 -38.43 -40.17
C GLN I 343 -153.08 -38.51 -39.84
N SER I 344 -153.38 -39.13 -38.71
CA SER I 344 -154.75 -39.29 -38.25
C SER I 344 -155.33 -38.03 -37.63
N HIS I 345 -154.50 -37.00 -37.50
CA HIS I 345 -154.97 -35.76 -36.90
C HIS I 345 -155.81 -34.97 -37.90
N PRO I 346 -156.95 -34.43 -37.44
CA PRO I 346 -157.89 -33.64 -38.24
C PRO I 346 -157.24 -32.54 -39.07
N GLU I 347 -156.37 -31.75 -38.45
CA GLU I 347 -155.70 -30.67 -39.17
C GLU I 347 -154.21 -30.96 -39.37
N HIS I 348 -153.90 -32.23 -39.64
CA HIS I 348 -152.52 -32.64 -39.87
C HIS I 348 -151.96 -31.93 -41.10
N HIS I 349 -152.83 -31.60 -42.04
CA HIS I 349 -152.40 -30.90 -43.25
C HIS I 349 -152.09 -29.44 -42.95
N ILE I 350 -152.76 -28.89 -41.95
CA ILE I 350 -152.54 -27.49 -41.58
C ILE I 350 -151.27 -27.38 -40.75
N ALA I 351 -151.13 -28.29 -39.78
CA ALA I 351 -149.97 -28.32 -38.92
C ALA I 351 -148.71 -28.48 -39.77
N LYS I 352 -148.79 -29.37 -40.75
CA LYS I 352 -147.67 -29.63 -41.64
C LYS I 352 -147.27 -28.41 -42.47
N LYS I 353 -148.25 -27.59 -42.83
CA LYS I 353 -148.01 -26.40 -43.64
C LYS I 353 -147.53 -25.18 -42.86
N GLN I 354 -147.95 -25.06 -41.61
CA GLN I 354 -147.58 -23.92 -40.77
C GLN I 354 -146.72 -24.26 -39.55
N MET I 355 -146.24 -25.50 -39.47
CA MET I 355 -145.40 -25.90 -38.35
C MET I 355 -144.14 -26.60 -38.83
N THR I 356 -143.06 -26.47 -38.06
CA THR I 356 -141.79 -27.11 -38.39
C THR I 356 -141.62 -28.27 -37.43
N GLY I 357 -142.40 -28.24 -36.36
CA GLY I 357 -142.37 -29.27 -35.34
C GLY I 357 -143.79 -29.46 -34.86
N PHE I 358 -144.01 -30.34 -33.89
CA PHE I 358 -145.36 -30.56 -33.43
C PHE I 358 -145.51 -30.59 -31.91
N GLY I 359 -144.55 -29.99 -31.22
CA GLY I 359 -144.61 -29.94 -29.76
C GLY I 359 -144.19 -31.23 -29.07
N GLY I 360 -144.08 -31.17 -27.74
CA GLY I 360 -143.68 -32.33 -26.98
C GLY I 360 -144.86 -32.91 -26.21
N ALA I 361 -146.03 -32.33 -26.40
CA ALA I 361 -147.24 -32.78 -25.71
C ALA I 361 -148.00 -33.77 -26.57
N VAL I 362 -148.40 -34.88 -25.96
CA VAL I 362 -149.15 -35.92 -26.65
C VAL I 362 -150.29 -36.41 -25.78
N SER I 363 -151.50 -36.37 -26.32
CA SER I 363 -152.69 -36.84 -25.60
C SER I 363 -153.21 -38.10 -26.26
N PHE I 364 -153.74 -39.00 -25.46
CA PHE I 364 -154.28 -40.25 -25.98
C PHE I 364 -155.26 -40.88 -25.00
N GLU I 365 -156.21 -41.63 -25.54
CA GLU I 365 -157.21 -42.28 -24.72
C GLU I 365 -156.84 -43.75 -24.54
N VAL I 366 -156.87 -44.22 -23.31
CA VAL I 366 -156.55 -45.61 -22.99
C VAL I 366 -157.80 -46.47 -23.17
N ASP I 367 -157.61 -47.75 -23.47
CA ASP I 367 -158.73 -48.65 -23.67
C ASP I 367 -159.29 -49.12 -22.33
N GLY I 368 -159.91 -48.22 -21.59
CA GLY I 368 -160.48 -48.58 -20.30
C GLY I 368 -161.47 -47.56 -19.79
N ASP I 369 -161.49 -47.39 -18.47
CA ASP I 369 -162.38 -46.44 -17.83
C ASP I 369 -161.61 -45.61 -16.82
N LEU I 370 -162.29 -44.64 -16.22
CA LEU I 370 -161.69 -43.75 -15.23
C LEU I 370 -160.72 -44.50 -14.31
N LEU I 371 -161.14 -45.64 -13.79
CA LEU I 371 -160.31 -46.43 -12.88
C LEU I 371 -159.10 -47.10 -13.54
N THR I 372 -159.34 -47.73 -14.68
CA THR I 372 -158.27 -48.42 -15.40
C THR I 372 -157.22 -47.41 -15.86
N THR I 373 -157.68 -46.37 -16.54
CA THR I 373 -156.78 -45.34 -17.03
C THR I 373 -155.88 -44.83 -15.91
N ALA I 374 -156.45 -44.68 -14.72
CA ALA I 374 -155.70 -44.21 -13.57
C ALA I 374 -154.65 -45.21 -13.18
N LYS I 375 -155.00 -46.49 -13.31
CA LYS I 375 -154.08 -47.57 -12.98
C LYS I 375 -152.87 -47.50 -13.90
N PHE I 376 -153.08 -46.99 -15.12
CA PHE I 376 -151.99 -46.87 -16.08
C PHE I 376 -151.02 -45.79 -15.61
N VAL I 377 -151.53 -44.58 -15.44
CA VAL I 377 -150.70 -43.46 -15.01
C VAL I 377 -150.03 -43.73 -13.67
N ASP I 378 -150.69 -44.51 -12.81
CA ASP I 378 -150.15 -44.84 -11.50
C ASP I 378 -148.97 -45.78 -11.65
N ALA I 379 -148.89 -46.46 -12.79
CA ALA I 379 -147.81 -47.41 -13.06
C ALA I 379 -146.52 -46.74 -13.51
N LEU I 380 -146.64 -45.69 -14.31
CA LEU I 380 -145.48 -44.97 -14.82
C LEU I 380 -144.52 -44.65 -13.68
N LYS I 381 -143.23 -44.52 -14.00
CA LYS I 381 -142.24 -44.24 -12.97
C LYS I 381 -141.41 -43.00 -13.20
N ILE I 382 -141.32 -42.55 -14.46
CA ILE I 382 -140.52 -41.37 -14.79
C ILE I 382 -141.24 -40.03 -14.68
N PRO I 383 -142.40 -39.90 -15.33
CA PRO I 383 -143.12 -38.62 -15.25
C PRO I 383 -143.78 -38.41 -13.90
N TYR I 384 -144.03 -37.14 -13.59
CA TYR I 384 -144.69 -36.77 -12.35
C TYR I 384 -146.18 -36.63 -12.64
N ILE I 385 -147.01 -36.93 -11.67
CA ILE I 385 -148.46 -36.77 -11.85
C ILE I 385 -148.81 -35.36 -11.36
N ALA I 386 -148.91 -34.42 -12.30
CA ALA I 386 -149.22 -33.05 -11.95
C ALA I 386 -149.62 -32.23 -13.16
N PRO I 387 -150.06 -30.97 -12.94
CA PRO I 387 -150.45 -30.13 -14.07
C PRO I 387 -149.22 -29.50 -14.72
N SER I 388 -149.45 -28.64 -15.71
CA SER I 388 -148.36 -27.97 -16.41
C SER I 388 -147.70 -28.92 -17.41
N PHE I 389 -146.69 -28.42 -18.12
CA PHE I 389 -145.98 -29.22 -19.12
C PHE I 389 -144.89 -28.39 -19.78
N GLY I 390 -143.99 -29.06 -20.50
CA GLY I 390 -142.94 -28.36 -21.19
C GLY I 390 -141.59 -28.31 -20.48
N GLY I 391 -141.55 -28.87 -19.28
CA GLY I 391 -140.30 -28.86 -18.53
C GLY I 391 -139.46 -30.09 -18.81
N CYS I 392 -138.20 -30.03 -18.42
CA CYS I 392 -137.29 -31.14 -18.63
C CYS I 392 -137.87 -32.42 -18.04
N GLU I 393 -138.55 -32.29 -16.90
CA GLU I 393 -139.16 -33.45 -16.26
C GLU I 393 -140.47 -33.80 -16.96
N SER I 394 -140.69 -35.08 -17.22
CA SER I 394 -141.90 -35.52 -17.89
C SER I 394 -143.08 -35.48 -16.91
N ILE I 395 -144.26 -35.17 -17.44
CA ILE I 395 -145.46 -35.09 -16.61
C ILE I 395 -146.67 -35.76 -17.26
N VAL I 396 -147.54 -36.33 -16.43
CA VAL I 396 -148.75 -36.99 -16.90
C VAL I 396 -149.94 -36.55 -16.06
N ASP I 397 -151.13 -36.66 -16.61
CA ASP I 397 -152.33 -36.29 -15.89
C ASP I 397 -153.59 -36.68 -16.65
N GLN I 398 -154.71 -36.75 -15.93
CA GLN I 398 -155.98 -37.09 -16.53
C GLN I 398 -156.86 -35.86 -16.46
N PRO I 399 -156.84 -35.03 -17.51
CA PRO I 399 -157.63 -33.80 -17.58
C PRO I 399 -159.00 -33.94 -16.92
N ALA I 400 -159.59 -35.12 -17.01
CA ALA I 400 -160.89 -35.39 -16.42
C ALA I 400 -160.86 -35.16 -14.92
N ILE I 401 -159.84 -35.68 -14.27
CA ILE I 401 -159.68 -35.54 -12.83
C ILE I 401 -158.95 -34.25 -12.46
N MET I 402 -157.88 -33.97 -13.17
CA MET I 402 -157.06 -32.81 -12.91
C MET I 402 -157.71 -31.44 -13.08
N SER I 403 -158.48 -31.26 -14.14
CA SER I 403 -159.09 -29.95 -14.38
C SER I 403 -160.58 -29.93 -14.67
N TYR I 404 -161.27 -31.06 -14.50
CA TYR I 404 -162.69 -31.09 -14.77
C TYR I 404 -163.44 -31.97 -13.77
N TRP I 405 -162.82 -32.24 -12.63
CA TRP I 405 -163.45 -33.07 -11.62
C TRP I 405 -164.67 -32.39 -11.00
N ASP I 406 -164.69 -31.06 -11.04
CA ASP I 406 -165.79 -30.29 -10.46
C ASP I 406 -167.10 -30.43 -11.24
N LEU I 407 -167.02 -30.91 -12.47
CA LEU I 407 -168.20 -31.09 -13.30
C LEU I 407 -168.69 -32.53 -13.26
N SER I 408 -169.93 -32.73 -13.72
CA SER I 408 -170.54 -34.06 -13.74
C SER I 408 -170.08 -34.79 -14.99
N GLN I 409 -169.94 -36.12 -14.88
CA GLN I 409 -169.50 -36.93 -16.00
C GLN I 409 -170.18 -36.47 -17.29
N SER I 410 -171.48 -36.17 -17.20
CA SER I 410 -172.26 -35.73 -18.35
C SER I 410 -171.80 -34.36 -18.84
N ASP I 411 -171.55 -33.45 -17.90
CA ASP I 411 -171.11 -32.09 -18.22
C ASP I 411 -169.69 -32.11 -18.79
N ARG I 412 -168.90 -33.09 -18.37
CA ARG I 412 -167.53 -33.22 -18.83
C ARG I 412 -167.52 -33.65 -20.29
N ALA I 413 -168.22 -34.74 -20.56
CA ALA I 413 -168.32 -35.27 -21.92
C ALA I 413 -168.93 -34.21 -22.83
N LYS I 414 -169.64 -33.27 -22.23
CA LYS I 414 -170.27 -32.19 -22.97
C LYS I 414 -169.20 -31.41 -23.72
N TYR I 415 -167.94 -31.63 -23.35
CA TYR I 415 -166.86 -30.93 -24.02
C TYR I 415 -165.60 -31.73 -24.32
N GLY I 416 -165.79 -32.94 -24.83
CA GLY I 416 -164.69 -33.80 -25.20
C GLY I 416 -163.91 -34.52 -24.11
N ILE I 417 -163.90 -33.99 -22.90
CA ILE I 417 -163.13 -34.61 -21.82
C ILE I 417 -163.67 -35.96 -21.35
N MET I 418 -162.92 -37.01 -21.65
CA MET I 418 -163.29 -38.38 -21.28
C MET I 418 -162.42 -38.91 -20.14
N ASP I 419 -162.98 -39.85 -19.38
CA ASP I 419 -162.26 -40.44 -18.27
C ASP I 419 -161.13 -41.27 -18.85
N ASN I 420 -161.10 -41.33 -20.18
CA ASN I 420 -160.09 -42.09 -20.92
C ASN I 420 -158.86 -41.24 -21.21
N LEU I 421 -159.10 -39.97 -21.55
CA LEU I 421 -158.05 -39.04 -21.90
C LEU I 421 -156.86 -38.94 -20.95
N VAL I 422 -155.66 -39.03 -21.52
CA VAL I 422 -154.41 -38.94 -20.77
C VAL I 422 -153.48 -38.00 -21.53
N ARG I 423 -153.07 -36.92 -20.87
CA ARG I 423 -152.18 -35.96 -21.49
C ARG I 423 -150.77 -36.19 -21.04
N PHE I 424 -149.89 -36.48 -21.98
CA PHE I 424 -148.50 -36.73 -21.66
C PHE I 424 -147.58 -35.62 -22.16
N SER I 425 -146.87 -34.99 -21.23
CA SER I 425 -145.92 -33.93 -21.59
C SER I 425 -144.54 -34.56 -21.49
N PHE I 426 -143.98 -34.93 -22.62
CA PHE I 426 -142.67 -35.57 -22.65
C PHE I 426 -141.57 -34.63 -22.24
N GLY I 427 -140.82 -35.05 -21.22
CA GLY I 427 -139.73 -34.25 -20.73
C GLY I 427 -138.60 -34.22 -21.72
N VAL I 428 -137.38 -34.34 -21.20
CA VAL I 428 -136.18 -34.31 -22.03
C VAL I 428 -135.33 -35.56 -21.78
N GLU I 429 -135.88 -36.50 -21.00
CA GLU I 429 -135.18 -37.73 -20.68
C GLU I 429 -134.96 -38.54 -21.94
N ASP I 430 -134.09 -39.55 -21.85
CA ASP I 430 -133.79 -40.39 -22.99
C ASP I 430 -135.02 -41.15 -23.47
N PHE I 431 -135.19 -41.17 -24.79
CA PHE I 431 -136.32 -41.84 -25.41
C PHE I 431 -136.53 -43.24 -24.86
N ASP I 432 -135.55 -44.11 -25.07
CA ASP I 432 -135.65 -45.48 -24.60
C ASP I 432 -136.19 -45.58 -23.18
N ASP I 433 -135.66 -44.75 -22.29
CA ASP I 433 -136.08 -44.76 -20.91
C ASP I 433 -137.57 -44.45 -20.77
N LEU I 434 -138.04 -43.49 -21.55
CA LEU I 434 -139.44 -43.10 -21.52
C LEU I 434 -140.30 -44.17 -22.16
N LYS I 435 -139.94 -44.57 -23.38
CA LYS I 435 -140.66 -45.60 -24.13
C LYS I 435 -140.85 -46.87 -23.32
N ALA I 436 -139.78 -47.34 -22.70
CA ALA I 436 -139.82 -48.56 -21.91
C ALA I 436 -140.80 -48.39 -20.74
N ASP I 437 -140.80 -47.21 -20.14
CA ASP I 437 -141.68 -46.92 -19.02
C ASP I 437 -143.15 -46.94 -19.43
N ILE I 438 -143.47 -46.25 -20.52
CA ILE I 438 -144.84 -46.19 -21.01
C ILE I 438 -145.33 -47.58 -21.43
N LEU I 439 -144.45 -48.36 -22.05
CA LEU I 439 -144.83 -49.70 -22.49
C LEU I 439 -145.10 -50.62 -21.30
N GLN I 440 -144.21 -50.57 -20.31
CA GLN I 440 -144.31 -51.38 -19.11
C GLN I 440 -145.58 -51.09 -18.31
N ALA I 441 -145.94 -49.82 -18.23
CA ALA I 441 -147.13 -49.41 -17.49
C ALA I 441 -148.41 -49.88 -18.18
N LEU I 442 -148.31 -50.05 -19.49
CA LEU I 442 -149.45 -50.50 -20.30
C LEU I 442 -149.61 -52.01 -20.20
N ASP I 443 -148.55 -52.69 -19.75
CA ASP I 443 -148.56 -54.14 -19.61
C ASP I 443 -149.27 -54.51 -18.32
N SER I 444 -149.43 -53.52 -17.45
CA SER I 444 -150.10 -53.72 -16.16
C SER I 444 -151.60 -53.49 -16.32
N ILE I 445 -152.00 -53.14 -17.53
CA ILE I 445 -153.40 -52.90 -17.85
C ILE I 445 -153.94 -54.12 -18.60
N TYR J 50 -115.37 7.37 3.65
CA TYR J 50 -116.06 7.18 2.33
C TYR J 50 -116.68 8.52 1.91
N ALA J 51 -117.71 8.91 2.65
CA ALA J 51 -118.41 10.14 2.37
C ALA J 51 -118.20 11.12 3.52
N SER J 52 -118.28 12.41 3.22
CA SER J 52 -118.11 13.45 4.23
C SER J 52 -119.41 13.67 4.99
N PHE J 53 -120.53 13.59 4.28
CA PHE J 53 -121.84 13.79 4.88
C PHE J 53 -122.32 12.58 5.67
N LEU J 54 -121.46 11.57 5.77
CA LEU J 54 -121.80 10.36 6.52
C LEU J 54 -120.83 10.20 7.68
N ASN J 55 -121.16 10.80 8.82
CA ASN J 55 -120.29 10.73 9.99
C ASN J 55 -120.71 9.68 11.01
N SER J 56 -121.70 8.87 10.66
CA SER J 56 -122.14 7.82 11.58
C SER J 56 -121.96 6.47 10.91
N ASP J 57 -121.68 5.46 11.72
CA ASP J 57 -121.47 4.11 11.21
C ASP J 57 -122.74 3.62 10.51
N GLY J 58 -123.87 3.80 11.17
CA GLY J 58 -125.13 3.36 10.58
C GLY J 58 -125.29 3.84 9.16
N SER J 59 -125.17 5.15 8.98
CA SER J 59 -125.32 5.77 7.67
C SER J 59 -124.34 5.16 6.68
N VAL J 60 -123.16 4.78 7.18
CA VAL J 60 -122.12 4.18 6.35
C VAL J 60 -122.53 2.76 5.95
N ALA J 61 -122.92 1.97 6.94
CA ALA J 61 -123.32 0.59 6.70
C ALA J 61 -124.44 0.50 5.67
N ILE J 62 -125.05 1.64 5.35
CA ILE J 62 -126.15 1.67 4.40
C ILE J 62 -125.72 2.14 3.01
N HIS J 63 -125.03 3.28 2.96
CA HIS J 63 -124.61 3.84 1.68
C HIS J 63 -123.19 3.59 1.27
N ALA J 64 -122.37 3.10 2.20
CA ALA J 64 -120.96 2.83 1.88
C ALA J 64 -120.82 1.89 0.70
N GLY J 65 -120.14 2.37 -0.34
CA GLY J 65 -119.93 1.57 -1.53
C GLY J 65 -121.12 1.50 -2.47
N GLU J 66 -121.99 2.50 -2.41
CA GLU J 66 -123.17 2.53 -3.27
C GLU J 66 -123.64 3.94 -3.61
N ARG J 67 -123.96 4.72 -2.57
CA ARG J 67 -124.47 6.07 -2.76
C ARG J 67 -123.70 6.96 -3.72
N LEU J 68 -122.36 6.85 -3.72
CA LEU J 68 -121.55 7.68 -4.59
C LEU J 68 -121.25 7.04 -5.94
N GLY J 69 -121.38 5.72 -6.01
CA GLY J 69 -121.11 5.01 -7.25
C GLY J 69 -120.97 3.52 -6.99
N ARG J 70 -120.82 2.72 -8.05
CA ARG J 70 -120.70 1.28 -7.88
C ARG J 70 -119.72 0.59 -8.83
N GLY J 71 -119.39 1.25 -9.94
CA GLY J 71 -118.48 0.63 -10.90
C GLY J 71 -119.32 -0.08 -11.95
N ILE J 72 -120.51 -0.48 -11.54
CA ILE J 72 -121.46 -1.14 -12.42
C ILE J 72 -122.66 -0.20 -12.46
N VAL J 73 -122.57 0.80 -13.33
CA VAL J 73 -123.59 1.84 -13.48
C VAL J 73 -125.03 1.38 -13.60
N THR J 74 -125.92 2.11 -12.94
CA THR J 74 -127.35 1.84 -12.94
C THR J 74 -128.07 3.00 -12.29
N ASP J 75 -129.34 3.16 -12.63
CA ASP J 75 -130.16 4.20 -12.04
C ASP J 75 -131.00 3.49 -10.98
N ALA J 76 -130.53 2.30 -10.60
CA ALA J 76 -131.20 1.48 -9.59
C ALA J 76 -130.70 1.86 -8.21
N ILE J 77 -131.59 1.78 -7.22
CA ILE J 77 -131.24 2.13 -5.85
C ILE J 77 -130.33 1.09 -5.21
N THR J 78 -130.60 -0.18 -5.51
CA THR J 78 -129.82 -1.28 -4.96
C THR J 78 -128.71 -1.74 -5.88
N THR J 79 -127.89 -2.67 -5.39
CA THR J 79 -126.79 -3.22 -6.15
C THR J 79 -127.31 -4.39 -6.97
N PRO J 80 -126.92 -4.48 -8.25
CA PRO J 80 -127.37 -5.57 -9.11
C PRO J 80 -126.50 -6.81 -8.92
N VAL J 81 -127.14 -7.96 -8.87
CA VAL J 81 -126.44 -9.24 -8.69
C VAL J 81 -125.90 -9.71 -10.03
N VAL J 82 -124.59 -9.91 -10.09
CA VAL J 82 -123.99 -10.37 -11.33
C VAL J 82 -123.63 -11.85 -11.25
N ASN J 83 -124.42 -12.66 -11.93
CA ASN J 83 -124.22 -14.10 -11.95
C ASN J 83 -123.42 -14.46 -13.19
N THR J 84 -122.11 -14.22 -13.14
CA THR J 84 -121.25 -14.54 -14.25
C THR J 84 -120.01 -15.28 -13.78
N SER J 85 -119.54 -16.19 -14.62
CA SER J 85 -118.35 -16.98 -14.30
C SER J 85 -117.12 -16.32 -14.89
N ALA J 86 -117.30 -15.57 -15.97
CA ALA J 86 -116.20 -14.89 -16.63
C ALA J 86 -116.59 -13.50 -17.13
N TYR J 87 -115.60 -12.74 -17.58
CA TYR J 87 -115.81 -11.39 -18.10
C TYR J 87 -115.14 -11.29 -19.46
N PHE J 88 -115.86 -10.79 -20.45
CA PHE J 88 -115.33 -10.67 -21.80
C PHE J 88 -114.61 -9.35 -22.07
N PHE J 89 -113.92 -9.32 -23.22
CA PHE J 89 -113.19 -8.15 -23.67
C PHE J 89 -113.67 -7.85 -25.09
N ASN J 90 -113.69 -6.58 -25.46
CA ASN J 90 -114.15 -6.18 -26.79
C ASN J 90 -113.19 -6.59 -27.91
N LYS J 91 -111.89 -6.51 -27.65
CA LYS J 91 -110.91 -6.88 -28.64
C LYS J 91 -109.57 -7.23 -28.00
N THR J 92 -108.81 -8.08 -28.68
CA THR J 92 -107.50 -8.53 -28.19
C THR J 92 -106.68 -7.37 -27.66
N SER J 93 -106.79 -6.23 -28.32
CA SER J 93 -106.05 -5.03 -27.92
C SER J 93 -106.31 -4.71 -26.45
N GLU J 94 -107.58 -4.51 -26.11
CA GLU J 94 -107.97 -4.19 -24.75
C GLU J 94 -107.54 -5.27 -23.75
N LEU J 95 -107.62 -6.54 -24.16
CA LEU J 95 -107.23 -7.63 -23.28
C LEU J 95 -105.78 -7.45 -22.86
N ILE J 96 -104.95 -7.04 -23.82
CA ILE J 96 -103.53 -6.82 -23.54
C ILE J 96 -103.44 -5.65 -22.58
N ASP J 97 -104.21 -4.61 -22.85
CA ASP J 97 -104.22 -3.42 -22.01
C ASP J 97 -104.46 -3.82 -20.56
N PHE J 98 -105.46 -4.66 -20.32
CA PHE J 98 -105.79 -5.13 -18.98
C PHE J 98 -104.64 -5.94 -18.42
N LYS J 99 -104.05 -6.78 -19.27
CA LYS J 99 -102.95 -7.62 -18.86
C LYS J 99 -101.73 -6.77 -18.51
N GLU J 100 -101.62 -5.61 -19.14
CA GLU J 100 -100.52 -4.69 -18.91
C GLU J 100 -100.86 -3.56 -17.92
N LYS J 101 -101.82 -3.83 -17.02
CA LYS J 101 -102.24 -2.87 -16.01
C LYS J 101 -102.67 -1.49 -16.50
N ARG J 102 -103.25 -1.43 -17.70
CA ARG J 102 -103.72 -0.16 -18.26
C ARG J 102 -105.23 -0.09 -18.25
N ARG J 103 -105.88 -1.21 -17.96
CA ARG J 103 -107.35 -1.29 -17.90
C ARG J 103 -107.74 -2.15 -16.71
N ALA J 104 -108.99 -2.01 -16.27
CA ALA J 104 -109.46 -2.79 -15.13
C ALA J 104 -110.45 -3.86 -15.57
N SER J 105 -110.40 -5.01 -14.91
CA SER J 105 -111.29 -6.11 -15.23
C SER J 105 -111.02 -7.26 -14.26
N PHE J 106 -112.07 -8.02 -13.93
CA PHE J 106 -111.92 -9.15 -13.02
C PHE J 106 -111.47 -10.38 -13.79
N GLU J 107 -111.63 -10.34 -15.11
CA GLU J 107 -111.24 -11.44 -15.99
C GLU J 107 -112.01 -12.73 -15.73
N TYR J 108 -111.78 -13.31 -14.55
CA TYR J 108 -112.44 -14.54 -14.17
C TYR J 108 -113.16 -14.38 -12.83
N GLY J 109 -114.30 -15.04 -12.71
CA GLY J 109 -115.09 -14.94 -11.50
C GLY J 109 -114.35 -15.27 -10.22
N ARG J 110 -113.29 -16.07 -10.32
CA ARG J 110 -112.51 -16.43 -9.14
C ARG J 110 -111.66 -15.28 -8.64
N TYR J 111 -111.55 -14.25 -9.46
CA TYR J 111 -110.73 -13.10 -9.12
C TYR J 111 -111.51 -11.86 -8.70
N GLY J 112 -112.83 -11.96 -8.72
CA GLY J 112 -113.63 -10.81 -8.33
C GLY J 112 -114.99 -10.75 -9.01
N ASN J 113 -115.82 -9.85 -8.51
CA ASN J 113 -117.17 -9.69 -9.03
C ASN J 113 -117.72 -8.32 -8.64
N PRO J 114 -118.44 -7.66 -9.57
CA PRO J 114 -119.04 -6.34 -9.31
C PRO J 114 -119.92 -6.26 -8.06
N THR J 115 -120.83 -7.22 -7.92
CA THR J 115 -121.71 -7.23 -6.77
C THR J 115 -121.01 -7.67 -5.48
N THR J 116 -119.74 -8.02 -5.57
CA THR J 116 -118.99 -8.44 -4.39
C THR J 116 -118.09 -7.33 -3.86
N VAL J 117 -117.47 -6.59 -4.76
CA VAL J 117 -116.58 -5.50 -4.37
C VAL J 117 -117.35 -4.46 -3.55
N VAL J 118 -118.62 -4.27 -3.86
CA VAL J 118 -119.44 -3.31 -3.14
C VAL J 118 -119.39 -3.65 -1.66
N LEU J 119 -119.59 -4.92 -1.34
CA LEU J 119 -119.56 -5.38 0.03
C LEU J 119 -118.16 -5.20 0.59
N GLU J 120 -117.17 -5.41 -0.26
CA GLU J 120 -115.77 -5.26 0.16
C GLU J 120 -115.51 -3.83 0.58
N GLU J 121 -115.89 -2.88 -0.27
CA GLU J 121 -115.71 -1.47 0.03
C GLU J 121 -116.57 -1.07 1.24
N LYS J 122 -117.79 -1.60 1.28
CA LYS J 122 -118.72 -1.30 2.38
C LYS J 122 -118.12 -1.64 3.74
N ILE J 123 -117.57 -2.85 3.88
CA ILE J 123 -116.97 -3.27 5.14
C ILE J 123 -115.65 -2.54 5.33
N SER J 124 -115.03 -2.15 4.22
CA SER J 124 -113.77 -1.43 4.26
C SER J 124 -114.00 -0.08 4.92
N ALA J 125 -115.16 0.50 4.64
CA ALA J 125 -115.55 1.80 5.18
C ALA J 125 -115.80 1.74 6.67
N LEU J 126 -116.58 0.75 7.10
CA LEU J 126 -116.89 0.60 8.51
C LEU J 126 -115.63 0.41 9.34
N GLU J 127 -114.79 -0.53 8.91
CA GLU J 127 -113.54 -0.83 9.61
C GLU J 127 -112.50 0.27 9.43
N GLY J 128 -112.76 1.17 8.48
CA GLY J 128 -111.84 2.25 8.22
C GLY J 128 -110.54 1.69 7.67
N ALA J 129 -110.67 0.53 7.03
CA ALA J 129 -109.52 -0.16 6.44
C ALA J 129 -109.18 0.38 5.04
N GLU J 130 -108.07 -0.12 4.51
CA GLU J 130 -107.57 0.27 3.20
C GLU J 130 -108.18 -0.64 2.13
N SER J 131 -108.45 -1.88 2.51
CA SER J 131 -109.03 -2.87 1.61
C SER J 131 -109.57 -4.07 2.40
N THR J 132 -110.66 -4.66 1.90
CA THR J 132 -111.28 -5.81 2.56
C THR J 132 -111.44 -6.95 1.56
N LEU J 133 -111.26 -8.18 2.02
CA LEU J 133 -111.41 -9.35 1.16
C LEU J 133 -112.55 -10.21 1.69
N LEU J 134 -113.32 -10.80 0.78
CA LEU J 134 -114.44 -11.65 1.16
C LEU J 134 -114.29 -13.08 0.65
N MET J 135 -114.58 -14.04 1.52
CA MET J 135 -114.47 -15.44 1.16
C MET J 135 -115.76 -16.21 1.39
N ALA J 136 -115.69 -17.52 1.14
CA ALA J 136 -116.83 -18.40 1.30
C ALA J 136 -117.32 -18.47 2.73
N SER J 137 -116.40 -18.38 3.68
CA SER J 137 -116.77 -18.45 5.10
C SER J 137 -115.70 -17.87 6.01
N GLY J 138 -116.02 -17.76 7.30
CA GLY J 138 -115.07 -17.23 8.25
C GLY J 138 -113.84 -18.12 8.31
N MET J 139 -114.06 -19.41 8.55
CA MET J 139 -112.98 -20.38 8.62
C MET J 139 -112.04 -20.22 7.42
N CYS J 140 -112.61 -20.07 6.24
CA CYS J 140 -111.83 -19.89 5.03
C CYS J 140 -110.95 -18.67 5.12
N ALA J 141 -111.45 -17.64 5.79
CA ALA J 141 -110.71 -16.40 5.94
C ALA J 141 -109.50 -16.59 6.86
N SER J 142 -109.72 -17.14 8.04
CA SER J 142 -108.62 -17.37 8.98
C SER J 142 -107.60 -18.28 8.30
N THR J 143 -108.10 -19.41 7.79
CA THR J 143 -107.29 -20.39 7.11
C THR J 143 -106.32 -19.77 6.10
N VAL J 144 -106.88 -19.19 5.05
CA VAL J 144 -106.07 -18.56 4.00
C VAL J 144 -105.13 -17.49 4.55
N MET J 145 -105.64 -16.68 5.47
CA MET J 145 -104.84 -15.61 6.06
C MET J 145 -103.59 -16.19 6.70
N LEU J 146 -103.77 -17.25 7.49
CA LEU J 146 -102.66 -17.91 8.15
C LEU J 146 -101.69 -18.47 7.12
N LEU J 147 -102.21 -19.28 6.20
CA LEU J 147 -101.39 -19.89 5.16
C LEU J 147 -100.64 -18.88 4.30
N ALA J 148 -101.16 -17.67 4.21
CA ALA J 148 -100.53 -16.66 3.38
C ALA J 148 -99.53 -15.74 4.08
N LEU J 149 -99.74 -15.49 5.37
CA LEU J 149 -98.86 -14.61 6.12
C LEU J 149 -97.75 -15.29 6.90
N VAL J 150 -98.08 -16.42 7.53
CA VAL J 150 -97.08 -17.17 8.30
C VAL J 150 -96.28 -18.07 7.36
N PRO J 151 -94.95 -17.95 7.37
CA PRO J 151 -94.10 -18.76 6.50
C PRO J 151 -93.76 -20.12 7.14
N ALA J 152 -93.17 -21.01 6.35
CA ALA J 152 -92.80 -22.32 6.86
C ALA J 152 -91.80 -22.18 8.00
N GLY J 153 -91.94 -23.04 9.01
CA GLY J 153 -91.04 -23.00 10.15
C GLY J 153 -91.25 -21.76 11.01
N GLY J 154 -92.25 -20.96 10.65
CA GLY J 154 -92.54 -19.75 11.40
C GLY J 154 -93.25 -20.02 12.71
N HIS J 155 -93.32 -19.02 13.56
CA HIS J 155 -93.99 -19.16 14.86
C HIS J 155 -95.22 -18.27 14.97
N ILE J 156 -96.23 -18.78 15.69
CA ILE J 156 -97.47 -18.07 15.88
C ILE J 156 -97.87 -18.05 17.35
N VAL J 157 -98.55 -16.99 17.76
CA VAL J 157 -98.99 -16.86 19.13
C VAL J 157 -100.49 -16.59 19.16
N THR J 158 -101.19 -17.29 20.04
CA THR J 158 -102.62 -17.14 20.19
C THR J 158 -103.01 -17.40 21.63
N THR J 159 -104.31 -17.31 21.91
CA THR J 159 -104.81 -17.54 23.26
C THR J 159 -105.36 -18.95 23.42
N THR J 160 -105.74 -19.28 24.65
CA THR J 160 -106.27 -20.59 24.98
C THR J 160 -107.76 -20.68 24.66
N ASP J 161 -108.38 -19.52 24.50
CA ASP J 161 -109.81 -19.46 24.21
C ASP J 161 -110.12 -19.35 22.72
N CYS J 162 -109.15 -19.68 21.89
CA CYS J 162 -109.34 -19.61 20.44
C CYS J 162 -110.47 -20.53 19.99
N TYR J 163 -111.11 -20.16 18.89
CA TYR J 163 -112.21 -20.94 18.33
C TYR J 163 -111.69 -22.37 18.06
N ARG J 164 -112.43 -23.36 18.54
CA ARG J 164 -112.03 -24.76 18.39
C ARG J 164 -111.47 -25.12 17.01
N LYS J 165 -112.31 -25.09 15.99
CA LYS J 165 -111.87 -25.42 14.63
C LYS J 165 -110.57 -24.73 14.26
N THR J 166 -110.45 -23.44 14.59
CA THR J 166 -109.23 -22.70 14.27
C THR J 166 -108.04 -23.28 15.03
N ARG J 167 -108.29 -23.75 16.24
CA ARG J 167 -107.24 -24.34 17.07
C ARG J 167 -106.70 -25.60 16.39
N ILE J 168 -107.62 -26.45 15.95
CA ILE J 168 -107.27 -27.69 15.26
C ILE J 168 -106.36 -27.38 14.06
N PHE J 169 -106.80 -26.44 13.21
CA PHE J 169 -106.05 -26.05 12.01
C PHE J 169 -104.62 -25.67 12.35
N ILE J 170 -104.44 -24.93 13.44
CA ILE J 170 -103.11 -24.49 13.86
C ILE J 170 -102.33 -25.62 14.52
N GLU J 171 -103.03 -26.54 15.16
CA GLU J 171 -102.38 -27.65 15.85
C GLU J 171 -102.24 -28.94 15.04
N THR J 172 -102.82 -28.99 13.84
CA THR J 172 -102.72 -30.20 13.04
C THR J 172 -102.32 -29.99 11.59
N ILE J 173 -102.51 -28.77 11.08
CA ILE J 173 -102.16 -28.50 9.69
C ILE J 173 -100.89 -27.67 9.60
N LEU J 174 -100.89 -26.50 10.23
CA LEU J 174 -99.73 -25.61 10.21
C LEU J 174 -98.40 -26.26 10.54
N PRO J 175 -98.40 -27.24 11.47
CA PRO J 175 -97.13 -27.89 11.81
C PRO J 175 -96.49 -28.60 10.61
N LYS J 176 -97.33 -29.07 9.68
CA LYS J 176 -96.82 -29.74 8.49
C LYS J 176 -95.86 -28.84 7.74
N MET J 177 -96.04 -27.53 7.89
CA MET J 177 -95.17 -26.54 7.24
C MET J 177 -94.11 -26.10 8.23
N GLY J 178 -94.04 -26.81 9.35
CA GLY J 178 -93.06 -26.51 10.38
C GLY J 178 -93.43 -25.31 11.22
N ILE J 179 -94.68 -24.85 11.08
CA ILE J 179 -95.13 -23.70 11.84
C ILE J 179 -95.47 -24.10 13.28
N THR J 180 -94.73 -23.53 14.23
CA THR J 180 -94.91 -23.81 15.66
C THR J 180 -95.73 -22.68 16.28
N ALA J 181 -96.50 -22.99 17.32
CA ALA J 181 -97.34 -22.00 17.99
C ALA J 181 -97.21 -21.93 19.52
N THR J 182 -97.52 -20.76 20.05
CA THR J 182 -97.46 -20.51 21.50
C THR J 182 -98.86 -20.10 21.97
N VAL J 183 -99.48 -20.94 22.80
CA VAL J 183 -100.81 -20.66 23.32
C VAL J 183 -100.74 -20.03 24.71
N ILE J 184 -101.18 -18.79 24.83
CA ILE J 184 -101.17 -18.07 26.09
C ILE J 184 -102.58 -17.69 26.53
N ASP J 185 -102.74 -17.35 27.80
CA ASP J 185 -104.05 -16.95 28.29
C ASP J 185 -104.34 -15.56 27.73
N PRO J 186 -105.61 -15.30 27.38
CA PRO J 186 -106.01 -13.99 26.83
C PRO J 186 -105.57 -12.76 27.63
N ALA J 187 -105.53 -12.88 28.95
CA ALA J 187 -105.14 -11.77 29.82
C ALA J 187 -103.64 -11.74 30.08
N ASP J 188 -103.02 -12.91 30.07
CA ASP J 188 -101.58 -13.02 30.32
C ASP J 188 -100.74 -12.23 29.32
N VAL J 189 -100.51 -10.95 29.61
CA VAL J 189 -99.71 -10.09 28.72
C VAL J 189 -98.21 -10.41 28.88
N GLY J 190 -97.83 -10.86 30.07
CA GLY J 190 -96.44 -11.20 30.32
C GLY J 190 -96.02 -12.37 29.47
N ALA J 191 -96.90 -13.36 29.35
CA ALA J 191 -96.63 -14.53 28.53
C ALA J 191 -96.33 -14.08 27.12
N LEU J 192 -97.17 -13.19 26.61
CA LEU J 192 -97.01 -12.66 25.26
C LEU J 192 -95.67 -11.95 25.14
N GLU J 193 -95.34 -11.14 26.14
CA GLU J 193 -94.10 -10.39 26.12
C GLU J 193 -92.91 -11.33 26.13
N LEU J 194 -93.02 -12.42 26.89
CA LEU J 194 -91.95 -13.41 26.98
C LEU J 194 -91.75 -14.08 25.63
N ALA J 195 -92.82 -14.72 25.15
CA ALA J 195 -92.80 -15.42 23.87
C ALA J 195 -92.26 -14.49 22.78
N LEU J 196 -92.60 -13.21 22.89
CA LEU J 196 -92.18 -12.20 21.93
C LEU J 196 -90.67 -12.07 21.89
N ASN J 197 -90.02 -12.41 23.00
CA ASN J 197 -88.57 -12.32 23.10
C ASN J 197 -87.87 -13.65 22.82
N GLN J 198 -88.33 -14.72 23.48
CA GLN J 198 -87.74 -16.03 23.28
C GLN J 198 -87.67 -16.37 21.79
N LYS J 199 -88.77 -16.89 21.25
CA LYS J 199 -88.82 -17.22 19.83
C LYS J 199 -89.17 -15.97 19.03
N LYS J 200 -89.04 -16.07 17.71
CA LYS J 200 -89.36 -14.94 16.84
C LYS J 200 -90.81 -15.06 16.40
N VAL J 201 -91.70 -14.34 17.07
CA VAL J 201 -93.11 -14.38 16.73
C VAL J 201 -93.38 -13.75 15.39
N ASN J 202 -94.10 -14.48 14.53
CA ASN J 202 -94.43 -14.03 13.19
C ASN J 202 -95.72 -13.23 13.21
N LEU J 203 -96.71 -13.72 13.94
CA LEU J 203 -98.00 -13.06 14.03
C LEU J 203 -98.76 -13.51 15.26
N PHE J 204 -99.43 -12.57 15.91
CA PHE J 204 -100.23 -12.88 17.09
C PHE J 204 -101.67 -12.86 16.61
N PHE J 205 -102.37 -13.97 16.80
CA PHE J 205 -103.76 -14.04 16.39
C PHE J 205 -104.69 -14.33 17.55
N THR J 206 -105.83 -13.65 17.56
CA THR J 206 -106.82 -13.83 18.60
C THR J 206 -108.10 -13.08 18.29
N GLU J 207 -109.17 -13.46 18.98
CA GLU J 207 -110.47 -12.84 18.81
C GLU J 207 -110.80 -12.06 20.08
N SER J 208 -111.61 -11.02 19.96
CA SER J 208 -111.98 -10.22 21.12
C SER J 208 -113.28 -9.48 20.84
N PRO J 209 -114.36 -9.81 21.58
CA PRO J 209 -114.46 -10.82 22.64
C PRO J 209 -114.08 -12.22 22.22
N THR J 210 -113.94 -13.09 23.21
CA THR J 210 -113.56 -14.47 23.00
C THR J 210 -114.76 -15.41 23.12
N ASN J 211 -114.63 -16.62 22.59
CA ASN J 211 -115.70 -17.60 22.66
C ASN J 211 -115.31 -18.75 23.57
N PRO J 212 -116.20 -19.15 24.50
CA PRO J 212 -117.54 -18.59 24.74
C PRO J 212 -117.56 -17.70 25.99
N PHE J 213 -116.39 -17.46 26.58
CA PHE J 213 -116.28 -16.66 27.78
C PHE J 213 -116.04 -15.19 27.51
N LEU J 214 -116.28 -14.77 26.28
CA LEU J 214 -116.14 -13.38 25.87
C LEU J 214 -114.97 -12.66 26.52
N ARG J 215 -113.81 -13.30 26.57
CA ARG J 215 -112.63 -12.69 27.15
C ARG J 215 -112.14 -11.61 26.19
N CYS J 216 -111.63 -10.51 26.74
CA CYS J 216 -111.14 -9.42 25.90
C CYS J 216 -109.65 -9.19 26.00
N VAL J 217 -109.08 -8.69 24.91
CA VAL J 217 -107.65 -8.42 24.85
C VAL J 217 -107.40 -6.95 24.62
N ASP J 218 -106.52 -6.36 25.42
CA ASP J 218 -106.21 -4.95 25.27
C ASP J 218 -105.51 -4.75 23.92
N ILE J 219 -106.30 -4.65 22.87
CA ILE J 219 -105.81 -4.48 21.51
C ILE J 219 -104.70 -3.42 21.40
N GLU J 220 -104.95 -2.24 21.94
CA GLU J 220 -103.95 -1.18 21.88
C GLU J 220 -102.59 -1.60 22.41
N LEU J 221 -102.59 -2.18 23.61
CA LEU J 221 -101.38 -2.64 24.26
C LEU J 221 -100.70 -3.77 23.48
N VAL J 222 -101.40 -4.89 23.37
CA VAL J 222 -100.91 -6.07 22.66
C VAL J 222 -100.24 -5.67 21.35
N SER J 223 -100.90 -4.82 20.58
CA SER J 223 -100.36 -4.35 19.31
C SER J 223 -98.98 -3.73 19.49
N LYS J 224 -98.87 -2.85 20.49
CA LYS J 224 -97.61 -2.17 20.79
C LYS J 224 -96.46 -3.13 21.05
N LEU J 225 -96.67 -4.07 21.96
CA LEU J 225 -95.65 -5.07 22.30
C LEU J 225 -95.22 -5.87 21.07
N CYS J 226 -96.19 -6.29 20.27
CA CYS J 226 -95.91 -7.07 19.07
C CYS J 226 -95.12 -6.30 18.03
N HIS J 227 -95.61 -5.11 17.67
CA HIS J 227 -94.95 -4.29 16.67
C HIS J 227 -93.52 -3.91 17.09
N GLU J 228 -93.25 -4.00 18.39
CA GLU J 228 -91.93 -3.68 18.91
C GLU J 228 -90.96 -4.78 18.50
N LYS J 229 -91.48 -6.01 18.41
CA LYS J 229 -90.67 -7.15 18.03
C LYS J 229 -90.95 -7.62 16.59
N GLY J 230 -91.63 -6.77 15.81
CA GLY J 230 -91.92 -7.07 14.43
C GLY J 230 -93.01 -8.09 14.13
N ALA J 231 -93.76 -8.49 15.16
CA ALA J 231 -94.84 -9.46 14.99
C ALA J 231 -96.08 -8.76 14.43
N LEU J 232 -96.96 -9.54 13.81
CA LEU J 232 -98.19 -9.00 13.24
C LEU J 232 -99.35 -9.28 14.17
N VAL J 233 -100.37 -8.42 14.13
CA VAL J 233 -101.54 -8.60 14.98
C VAL J 233 -102.82 -8.69 14.16
N CYS J 234 -103.56 -9.76 14.41
CA CYS J 234 -104.82 -10.00 13.73
C CYS J 234 -105.89 -10.29 14.77
N ILE J 235 -106.95 -9.49 14.76
CA ILE J 235 -108.05 -9.65 15.71
C ILE J 235 -109.33 -10.11 15.04
N ASP J 236 -109.98 -11.09 15.66
CA ASP J 236 -111.23 -11.63 15.15
C ASP J 236 -112.37 -10.93 15.89
N GLY J 237 -112.87 -9.85 15.30
CA GLY J 237 -113.94 -9.09 15.91
C GLY J 237 -115.33 -9.61 15.59
N THR J 238 -115.45 -10.91 15.39
CA THR J 238 -116.74 -11.51 15.07
C THR J 238 -117.79 -11.12 16.12
N PHE J 239 -117.50 -11.43 17.38
CA PHE J 239 -118.41 -11.12 18.48
C PHE J 239 -118.67 -9.64 18.66
N ALA J 240 -117.63 -8.84 18.44
CA ALA J 240 -117.73 -7.39 18.60
C ALA J 240 -118.51 -6.67 17.51
N THR J 241 -118.13 -6.92 16.26
CA THR J 241 -118.77 -6.27 15.10
C THR J 241 -118.04 -4.95 14.88
N PRO J 242 -117.89 -4.52 13.63
CA PRO J 242 -117.19 -3.26 13.33
C PRO J 242 -117.89 -2.01 13.88
N LEU J 243 -118.99 -2.20 14.58
CA LEU J 243 -119.73 -1.09 15.16
C LEU J 243 -119.36 -0.89 16.61
N ASN J 244 -119.17 -1.99 17.33
CA ASN J 244 -118.83 -1.96 18.75
C ASN J 244 -117.35 -1.71 19.07
N GLN J 245 -116.49 -1.77 18.06
CA GLN J 245 -115.07 -1.54 18.26
C GLN J 245 -114.35 -1.45 16.91
N LYS J 246 -113.23 -0.75 16.91
CA LYS J 246 -112.44 -0.58 15.68
C LYS J 246 -111.03 -1.09 15.90
N ALA J 247 -110.88 -2.41 15.97
CA ALA J 247 -109.59 -3.04 16.17
C ALA J 247 -108.50 -2.39 15.33
N LEU J 248 -108.81 -2.08 14.07
CA LEU J 248 -107.84 -1.47 13.17
C LEU J 248 -107.34 -0.12 13.68
N ALA J 249 -108.22 0.64 14.30
CA ALA J 249 -107.86 1.95 14.83
C ALA J 249 -107.09 1.78 16.13
N LEU J 250 -107.33 0.67 16.83
CA LEU J 250 -106.66 0.40 18.09
C LEU J 250 -105.22 -0.07 17.89
N GLY J 251 -104.82 -0.29 16.63
CA GLY J 251 -103.47 -0.72 16.34
C GLY J 251 -103.31 -2.03 15.60
N ALA J 252 -104.37 -2.84 15.55
CA ALA J 252 -104.31 -4.13 14.86
C ALA J 252 -103.94 -3.99 13.38
N ASP J 253 -103.23 -4.98 12.86
CA ASP J 253 -102.84 -4.97 11.45
C ASP J 253 -104.00 -5.47 10.59
N LEU J 254 -104.65 -6.51 11.07
CA LEU J 254 -105.78 -7.11 10.36
C LEU J 254 -106.94 -7.43 11.28
N VAL J 255 -108.14 -7.23 10.77
CA VAL J 255 -109.34 -7.54 11.53
C VAL J 255 -110.20 -8.40 10.64
N LEU J 256 -110.53 -9.58 11.13
CA LEU J 256 -111.37 -10.49 10.36
C LEU J 256 -112.65 -10.81 11.11
N HIS J 257 -113.71 -11.02 10.33
CA HIS J 257 -115.01 -11.35 10.89
C HIS J 257 -115.57 -12.59 10.23
N SER J 258 -116.80 -12.92 10.61
CA SER J 258 -117.52 -14.05 10.05
C SER J 258 -118.91 -13.50 9.74
N ALA J 259 -119.06 -12.91 8.55
CA ALA J 259 -120.33 -12.32 8.14
C ALA J 259 -121.50 -13.25 8.42
N THR J 260 -121.20 -14.53 8.57
CA THR J 260 -122.19 -15.56 8.85
C THR J 260 -122.97 -15.27 10.13
N LYS J 261 -122.39 -14.43 10.98
CA LYS J 261 -123.00 -14.08 12.27
C LYS J 261 -123.81 -12.79 12.26
N PHE J 262 -123.18 -11.71 12.70
CA PHE J 262 -123.84 -10.41 12.79
C PHE J 262 -123.96 -9.66 11.46
N LEU J 263 -122.88 -9.63 10.69
CA LEU J 263 -122.91 -8.91 9.41
C LEU J 263 -124.07 -9.31 8.51
N GLY J 264 -124.35 -10.61 8.42
CA GLY J 264 -125.47 -11.06 7.61
C GLY J 264 -126.72 -10.85 8.43
N GLY J 265 -126.62 -11.20 9.72
CA GLY J 265 -127.70 -11.03 10.65
C GLY J 265 -129.01 -11.77 10.47
N HIS J 266 -129.16 -12.52 9.39
CA HIS J 266 -130.43 -13.21 9.18
C HIS J 266 -130.34 -14.73 9.16
N ASN J 267 -129.20 -15.26 9.59
CA ASN J 267 -128.99 -16.69 9.65
C ASN J 267 -129.36 -17.41 8.35
N ASP J 268 -128.86 -16.92 7.22
CA ASP J 268 -129.20 -17.56 5.96
C ASP J 268 -128.06 -17.56 4.93
N VAL J 269 -126.85 -17.21 5.36
CA VAL J 269 -125.72 -17.19 4.45
C VAL J 269 -124.38 -17.16 5.18
N LEU J 270 -123.39 -17.82 4.58
CA LEU J 270 -122.05 -17.89 5.15
C LEU J 270 -121.10 -16.97 4.38
N ALA J 271 -120.08 -16.46 5.06
CA ALA J 271 -119.10 -15.58 4.42
C ALA J 271 -117.97 -15.19 5.36
N GLY J 272 -116.79 -14.96 4.78
CA GLY J 272 -115.64 -14.58 5.56
C GLY J 272 -115.30 -13.12 5.36
N CYS J 273 -114.58 -12.54 6.31
CA CYS J 273 -114.22 -11.14 6.24
C CYS J 273 -112.79 -10.87 6.71
N ILE J 274 -112.03 -10.13 5.90
CA ILE J 274 -110.66 -9.79 6.26
C ILE J 274 -110.38 -8.38 5.79
N SER J 275 -110.16 -7.49 6.75
CA SER J 275 -109.91 -6.09 6.45
C SER J 275 -108.58 -5.61 7.05
N GLY J 276 -107.88 -4.76 6.30
CA GLY J 276 -106.61 -4.24 6.76
C GLY J 276 -105.93 -3.43 5.68
N PRO J 277 -104.62 -3.15 5.81
CA PRO J 277 -103.88 -2.37 4.81
C PRO J 277 -103.72 -3.15 3.51
N LEU J 278 -103.65 -2.44 2.40
CA LEU J 278 -103.51 -3.07 1.09
C LEU J 278 -102.32 -4.04 1.00
N LYS J 279 -101.11 -3.53 1.24
CA LYS J 279 -99.91 -4.34 1.19
C LYS J 279 -100.12 -5.73 1.81
N LEU J 280 -100.93 -5.79 2.86
CA LEU J 280 -101.17 -7.04 3.55
C LEU J 280 -102.32 -7.85 2.96
N VAL J 281 -103.52 -7.30 3.00
CA VAL J 281 -104.70 -7.99 2.47
C VAL J 281 -104.54 -8.46 1.03
N SER J 282 -103.66 -7.80 0.28
CA SER J 282 -103.45 -8.18 -1.12
C SER J 282 -102.62 -9.46 -1.19
N GLU J 283 -101.78 -9.69 -0.18
CA GLU J 283 -100.96 -10.88 -0.11
C GLU J 283 -101.86 -12.09 0.09
N ILE J 284 -102.91 -11.90 0.88
CA ILE J 284 -103.87 -12.96 1.16
C ILE J 284 -104.76 -13.20 -0.07
N ARG J 285 -105.14 -12.11 -0.72
CA ARG J 285 -105.99 -12.18 -1.90
C ARG J 285 -105.34 -13.05 -2.98
N ASN J 286 -104.01 -13.03 -3.03
CA ASN J 286 -103.26 -13.80 -4.02
C ASN J 286 -103.35 -15.30 -3.77
N LEU J 287 -103.23 -15.71 -2.52
CA LEU J 287 -103.33 -17.12 -2.18
C LEU J 287 -104.79 -17.52 -2.34
N HIS J 288 -105.67 -16.56 -2.10
CA HIS J 288 -107.10 -16.78 -2.22
C HIS J 288 -107.44 -17.11 -3.67
N HIS J 289 -106.81 -16.40 -4.59
CA HIS J 289 -107.06 -16.62 -6.02
C HIS J 289 -106.63 -18.02 -6.46
N ILE J 290 -105.88 -18.70 -5.60
CA ILE J 290 -105.42 -20.04 -5.93
C ILE J 290 -106.25 -21.09 -5.21
N LEU J 291 -106.43 -20.90 -3.90
CA LEU J 291 -107.21 -21.84 -3.10
C LEU J 291 -108.67 -21.89 -3.57
N GLY J 292 -109.12 -20.80 -4.17
CA GLY J 292 -110.48 -20.71 -4.70
C GLY J 292 -111.60 -20.82 -3.68
N GLY J 293 -111.68 -19.86 -2.76
CA GLY J 293 -112.74 -19.88 -1.77
C GLY J 293 -113.71 -18.75 -2.05
N ALA J 294 -113.87 -18.43 -3.32
CA ALA J 294 -114.74 -17.35 -3.77
C ALA J 294 -116.12 -17.33 -3.14
N LEU J 295 -116.69 -16.14 -3.04
CA LEU J 295 -118.03 -15.93 -2.48
C LEU J 295 -119.03 -15.70 -3.61
N ASN J 296 -120.15 -16.40 -3.55
CA ASN J 296 -121.18 -16.27 -4.57
C ASN J 296 -121.87 -14.91 -4.52
N PRO J 297 -122.03 -14.26 -5.68
CA PRO J 297 -122.67 -12.96 -5.78
C PRO J 297 -124.02 -12.89 -5.07
N ASN J 298 -124.76 -13.99 -5.11
CA ASN J 298 -126.07 -14.06 -4.46
C ASN J 298 -125.90 -13.94 -2.96
N ALA J 299 -124.84 -14.55 -2.44
CA ALA J 299 -124.55 -14.49 -1.01
C ALA J 299 -124.12 -13.07 -0.70
N ALA J 300 -123.28 -12.53 -1.58
CA ALA J 300 -122.76 -11.17 -1.42
C ALA J 300 -123.87 -10.17 -1.24
N TYR J 301 -124.96 -10.35 -1.98
CA TYR J 301 -126.09 -9.43 -1.89
C TYR J 301 -126.87 -9.62 -0.61
N LEU J 302 -127.06 -10.88 -0.21
CA LEU J 302 -127.78 -11.18 1.01
C LEU J 302 -127.15 -10.49 2.22
N ILE J 303 -125.85 -10.22 2.14
CA ILE J 303 -125.15 -9.56 3.23
C ILE J 303 -125.25 -8.05 3.10
N ILE J 304 -125.11 -7.55 1.88
CA ILE J 304 -125.20 -6.13 1.63
C ILE J 304 -126.54 -5.67 2.16
N ARG J 305 -127.56 -6.47 1.91
CA ARG J 305 -128.91 -6.18 2.33
C ARG J 305 -129.00 -6.27 3.85
N GLY J 306 -128.55 -7.38 4.41
CA GLY J 306 -128.59 -7.57 5.85
C GLY J 306 -127.83 -6.52 6.60
N MET J 307 -126.84 -5.90 5.95
CA MET J 307 -126.05 -4.87 6.59
C MET J 307 -126.73 -3.51 6.56
N LYS J 308 -127.79 -3.39 5.76
CA LYS J 308 -128.53 -2.14 5.66
C LYS J 308 -129.18 -1.80 6.99
N THR J 309 -129.28 -2.81 7.86
CA THR J 309 -129.88 -2.65 9.18
C THR J 309 -128.94 -3.16 10.26
N LEU J 310 -127.64 -3.05 10.02
CA LEU J 310 -126.68 -3.52 10.99
C LEU J 310 -126.82 -2.75 12.31
N HIS J 311 -126.53 -1.46 12.27
CA HIS J 311 -126.61 -0.60 13.44
C HIS J 311 -127.89 -0.79 14.23
N LEU J 312 -129.02 -0.89 13.53
CA LEU J 312 -130.30 -1.07 14.17
C LEU J 312 -130.32 -2.37 14.95
N ARG J 313 -129.94 -3.44 14.28
CA ARG J 313 -129.90 -4.77 14.88
C ARG J 313 -128.94 -4.78 16.06
N VAL J 314 -127.68 -4.44 15.79
CA VAL J 314 -126.68 -4.42 16.86
C VAL J 314 -127.20 -3.65 18.07
N GLN J 315 -127.61 -2.41 17.85
CA GLN J 315 -128.13 -1.56 18.92
C GLN J 315 -129.05 -2.37 19.85
N GLN J 316 -130.12 -2.90 19.28
CA GLN J 316 -131.09 -3.67 20.04
C GLN J 316 -130.51 -4.89 20.76
N GLN J 317 -129.60 -5.59 20.08
CA GLN J 317 -128.97 -6.77 20.65
C GLN J 317 -128.07 -6.41 21.82
N ASN J 318 -127.38 -5.28 21.70
CA ASN J 318 -126.48 -4.81 22.76
C ASN J 318 -127.22 -4.57 24.07
N SER J 319 -128.42 -4.00 23.97
CA SER J 319 -129.25 -3.70 25.15
C SER J 319 -129.81 -4.96 25.78
N THR J 320 -130.61 -5.69 25.00
CA THR J 320 -131.22 -6.92 25.48
C THR J 320 -130.18 -7.80 26.16
N ALA J 321 -128.99 -7.84 25.59
CA ALA J 321 -127.90 -8.63 26.12
C ALA J 321 -127.47 -8.11 27.49
N LEU J 322 -127.10 -6.84 27.54
CA LEU J 322 -126.66 -6.21 28.77
C LEU J 322 -127.68 -6.36 29.89
N ARG J 323 -128.90 -5.92 29.63
CA ARG J 323 -129.96 -6.00 30.63
C ARG J 323 -130.19 -7.44 31.12
N MET J 324 -130.37 -8.36 30.18
CA MET J 324 -130.60 -9.77 30.49
C MET J 324 -129.43 -10.37 31.27
N ALA J 325 -128.23 -9.83 31.05
CA ALA J 325 -127.05 -10.32 31.73
C ALA J 325 -127.21 -10.06 33.22
N GLU J 326 -127.41 -8.79 33.56
CA GLU J 326 -127.60 -8.37 34.95
C GLU J 326 -128.67 -9.22 35.61
N ILE J 327 -129.86 -9.24 35.01
CA ILE J 327 -130.98 -10.02 35.53
C ILE J 327 -130.56 -11.46 35.82
N LEU J 328 -129.82 -12.05 34.89
CA LEU J 328 -129.35 -13.42 35.04
C LEU J 328 -128.36 -13.51 36.20
N GLU J 329 -127.46 -12.53 36.28
CA GLU J 329 -126.44 -12.48 37.34
C GLU J 329 -127.07 -12.50 38.72
N ALA J 330 -128.13 -11.69 38.88
CA ALA J 330 -128.84 -11.60 40.14
C ALA J 330 -129.70 -12.82 40.43
N HIS J 331 -129.99 -13.60 39.40
CA HIS J 331 -130.80 -14.79 39.58
C HIS J 331 -130.13 -15.81 40.50
N PRO J 332 -130.91 -16.42 41.41
CA PRO J 332 -130.41 -17.43 42.36
C PRO J 332 -130.08 -18.77 41.72
N LYS J 333 -130.67 -19.04 40.56
CA LYS J 333 -130.44 -20.28 39.85
C LYS J 333 -129.29 -20.16 38.85
N VAL J 334 -128.75 -18.95 38.71
CA VAL J 334 -127.63 -18.71 37.80
C VAL J 334 -126.34 -18.56 38.60
N ARG J 335 -125.48 -19.58 38.51
CA ARG J 335 -124.21 -19.59 39.23
C ARG J 335 -123.23 -18.51 38.77
N HIS J 336 -123.02 -18.40 37.47
CA HIS J 336 -122.09 -17.41 36.93
C HIS J 336 -122.60 -16.85 35.59
N VAL J 337 -122.17 -15.64 35.27
CA VAL J 337 -122.57 -14.99 34.03
C VAL J 337 -121.37 -14.27 33.40
N TYR J 338 -121.12 -14.57 32.14
CA TYR J 338 -120.00 -13.96 31.40
C TYR J 338 -120.49 -12.93 30.40
N TYR J 339 -120.02 -11.69 30.55
CA TYR J 339 -120.39 -10.62 29.65
C TYR J 339 -119.51 -9.40 29.90
N PRO J 340 -118.82 -8.93 28.86
CA PRO J 340 -117.94 -7.76 29.00
C PRO J 340 -118.63 -6.56 29.64
N GLY J 341 -119.94 -6.45 29.44
CA GLY J 341 -120.69 -5.34 29.99
C GLY J 341 -120.76 -5.33 31.51
N LEU J 342 -120.77 -6.53 32.11
CA LEU J 342 -120.84 -6.65 33.56
C LEU J 342 -119.56 -6.21 34.25
N GLN J 343 -119.68 -5.82 35.51
CA GLN J 343 -118.54 -5.37 36.29
C GLN J 343 -117.75 -6.57 36.81
N SER J 344 -118.42 -7.73 36.80
CA SER J 344 -117.81 -8.97 37.27
C SER J 344 -116.92 -9.63 36.22
N HIS J 345 -116.80 -8.99 35.05
CA HIS J 345 -115.99 -9.55 33.99
C HIS J 345 -114.51 -9.19 34.13
N PRO J 346 -113.64 -10.21 34.04
CA PRO J 346 -112.18 -10.09 34.14
C PRO J 346 -111.59 -8.88 33.44
N GLU J 347 -111.97 -8.65 32.18
CA GLU J 347 -111.44 -7.51 31.44
C GLU J 347 -112.51 -6.45 31.16
N HIS J 348 -113.39 -6.26 32.13
CA HIS J 348 -114.46 -5.27 32.00
C HIS J 348 -113.87 -3.87 31.78
N HIS J 349 -112.76 -3.59 32.44
CA HIS J 349 -112.11 -2.29 32.31
C HIS J 349 -111.57 -2.09 30.90
N ILE J 350 -111.10 -3.18 30.30
CA ILE J 350 -110.57 -3.13 28.94
C ILE J 350 -111.73 -2.95 27.98
N ALA J 351 -112.73 -3.80 28.13
CA ALA J 351 -113.92 -3.75 27.28
C ALA J 351 -114.49 -2.34 27.29
N LYS J 352 -114.57 -1.76 28.49
CA LYS J 352 -115.10 -0.42 28.67
C LYS J 352 -114.23 0.66 28.05
N LYS J 353 -112.96 0.34 27.82
CA LYS J 353 -112.03 1.30 27.26
C LYS J 353 -111.91 1.24 25.74
N GLN J 354 -112.08 0.05 25.16
CA GLN J 354 -111.98 -0.12 23.71
C GLN J 354 -113.28 -0.53 23.02
N MET J 355 -114.38 -0.55 23.75
CA MET J 355 -115.67 -0.92 23.17
C MET J 355 -116.76 0.10 23.47
N THR J 356 -117.73 0.18 22.59
CA THR J 356 -118.86 1.09 22.75
C THR J 356 -120.09 0.25 23.06
N GLY J 357 -119.99 -1.04 22.77
CA GLY J 357 -121.06 -1.98 23.02
C GLY J 357 -120.44 -3.26 23.54
N PHE J 358 -121.25 -4.26 23.84
CA PHE J 358 -120.70 -5.51 24.35
C PHE J 358 -121.31 -6.74 23.70
N GLY J 359 -121.77 -6.59 22.46
CA GLY J 359 -122.35 -7.70 21.74
C GLY J 359 -123.64 -8.24 22.31
N GLY J 360 -124.34 -9.04 21.50
CA GLY J 360 -125.60 -9.61 21.93
C GLY J 360 -125.44 -11.03 22.42
N ALA J 361 -124.19 -11.47 22.52
CA ALA J 361 -123.91 -12.82 22.99
C ALA J 361 -123.67 -12.80 24.48
N VAL J 362 -124.36 -13.69 25.19
CA VAL J 362 -124.21 -13.81 26.63
C VAL J 362 -124.08 -15.26 27.03
N SER J 363 -123.08 -15.56 27.85
CA SER J 363 -122.85 -16.92 28.32
C SER J 363 -123.00 -16.94 29.83
N PHE J 364 -123.55 -18.03 30.36
CA PHE J 364 -123.72 -18.13 31.79
C PHE J 364 -123.82 -19.60 32.19
N GLU J 365 -123.56 -19.88 33.47
CA GLU J 365 -123.63 -21.23 33.98
C GLU J 365 -124.86 -21.39 34.88
N VAL J 366 -125.57 -22.50 34.71
CA VAL J 366 -126.75 -22.76 35.50
C VAL J 366 -126.38 -23.55 36.77
N ASP J 367 -127.21 -23.43 37.79
CA ASP J 367 -126.98 -24.12 39.06
C ASP J 367 -127.47 -25.57 39.00
N GLY J 368 -126.73 -26.40 38.26
CA GLY J 368 -127.10 -27.79 38.13
C GLY J 368 -126.04 -28.62 37.42
N ASP J 369 -126.48 -29.65 36.71
CA ASP J 369 -125.57 -30.51 35.96
C ASP J 369 -125.97 -30.58 34.49
N LEU J 370 -125.22 -31.36 33.72
CA LEU J 370 -125.50 -31.55 32.30
C LEU J 370 -126.99 -31.75 32.07
N LEU J 371 -127.56 -32.71 32.79
CA LEU J 371 -128.97 -33.03 32.66
C LEU J 371 -129.92 -31.89 33.02
N THR J 372 -129.66 -31.24 34.16
CA THR J 372 -130.50 -30.14 34.59
C THR J 372 -130.38 -28.95 33.66
N THR J 373 -129.16 -28.57 33.31
CA THR J 373 -128.92 -27.44 32.43
C THR J 373 -129.68 -27.61 31.11
N ALA J 374 -129.70 -28.84 30.59
CA ALA J 374 -130.41 -29.12 29.35
C ALA J 374 -131.90 -28.89 29.54
N LYS J 375 -132.42 -29.33 30.68
CA LYS J 375 -133.83 -29.17 31.02
C LYS J 375 -134.26 -27.70 30.96
N PHE J 376 -133.31 -26.81 31.24
CA PHE J 376 -133.59 -25.38 31.19
C PHE J 376 -133.76 -24.94 29.75
N VAL J 377 -132.76 -25.27 28.91
CA VAL J 377 -132.81 -24.89 27.51
C VAL J 377 -134.00 -25.55 26.80
N ASP J 378 -134.31 -26.78 27.20
CA ASP J 378 -135.42 -27.51 26.59
C ASP J 378 -136.73 -26.81 26.92
N ALA J 379 -136.73 -26.03 27.99
CA ALA J 379 -137.91 -25.30 28.42
C ALA J 379 -138.13 -24.05 27.58
N LEU J 380 -137.04 -23.40 27.18
CA LEU J 380 -137.13 -22.18 26.38
C LEU J 380 -138.07 -22.40 25.19
N LYS J 381 -138.68 -21.31 24.72
CA LYS J 381 -139.63 -21.41 23.61
C LYS J 381 -139.31 -20.52 22.41
N ILE J 382 -138.67 -19.39 22.65
CA ILE J 382 -138.34 -18.46 21.56
C ILE J 382 -137.07 -18.80 20.78
N PRO J 383 -135.93 -18.96 21.48
CA PRO J 383 -134.68 -19.27 20.76
C PRO J 383 -134.62 -20.70 20.27
N TYR J 384 -133.88 -20.89 19.18
CA TYR J 384 -133.69 -22.21 18.57
C TYR J 384 -132.46 -22.86 19.18
N ILE J 385 -132.51 -24.17 19.37
CA ILE J 385 -131.36 -24.88 19.90
C ILE J 385 -130.49 -25.23 18.71
N ALA J 386 -129.43 -24.43 18.48
CA ALA J 386 -128.54 -24.66 17.36
C ALA J 386 -127.26 -23.87 17.50
N PRO J 387 -126.29 -24.10 16.60
CA PRO J 387 -125.03 -23.37 16.68
C PRO J 387 -125.17 -22.00 16.02
N SER J 388 -124.06 -21.28 15.89
CA SER J 388 -124.06 -19.96 15.29
C SER J 388 -124.74 -18.94 16.19
N PHE J 389 -124.72 -17.68 15.79
CA PHE J 389 -125.31 -16.60 16.56
C PHE J 389 -125.22 -15.30 15.77
N GLY J 390 -125.96 -14.28 16.18
CA GLY J 390 -125.92 -13.00 15.49
C GLY J 390 -127.11 -12.68 14.61
N GLY J 391 -128.04 -13.63 14.51
CA GLY J 391 -129.22 -13.42 13.68
C GLY J 391 -130.39 -12.86 14.44
N CYS J 392 -131.39 -12.39 13.70
CA CYS J 392 -132.60 -11.81 14.27
C CYS J 392 -133.28 -12.80 15.20
N GLU J 393 -133.19 -14.07 14.87
CA GLU J 393 -133.79 -15.12 15.70
C GLU J 393 -132.83 -15.41 16.83
N SER J 394 -133.36 -15.70 18.01
CA SER J 394 -132.52 -15.99 19.17
C SER J 394 -132.10 -17.44 19.16
N ILE J 395 -130.90 -17.72 19.66
CA ILE J 395 -130.39 -19.09 19.70
C ILE J 395 -129.75 -19.44 21.03
N VAL J 396 -129.79 -20.73 21.37
CA VAL J 396 -129.22 -21.24 22.62
C VAL J 396 -128.57 -22.60 22.40
N ASP J 397 -127.56 -22.90 23.20
CA ASP J 397 -126.88 -24.18 23.10
C ASP J 397 -125.94 -24.41 24.29
N GLN J 398 -125.54 -25.66 24.47
CA GLN J 398 -124.65 -26.05 25.55
C GLN J 398 -123.33 -26.47 24.90
N PRO J 399 -122.40 -25.51 24.74
CA PRO J 399 -121.10 -25.76 24.11
C PRO J 399 -120.53 -27.15 24.45
N ALA J 400 -120.78 -27.61 25.68
CA ALA J 400 -120.31 -28.92 26.12
C ALA J 400 -120.83 -30.00 25.18
N ILE J 401 -122.12 -29.93 24.87
CA ILE J 401 -122.75 -30.91 24.00
C ILE J 401 -122.61 -30.53 22.53
N MET J 402 -122.82 -29.25 22.23
CA MET J 402 -122.75 -28.75 20.87
C MET J 402 -121.40 -28.79 20.19
N SER J 403 -120.34 -28.42 20.89
CA SER J 403 -119.01 -28.41 20.27
C SER J 403 -117.89 -29.10 21.03
N TYR J 404 -118.23 -29.92 22.01
CA TYR J 404 -117.20 -30.62 22.77
C TYR J 404 -117.63 -32.00 23.24
N TRP J 405 -118.71 -32.52 22.64
CA TRP J 405 -119.21 -33.83 23.01
C TRP J 405 -118.26 -34.98 22.64
N ASP J 406 -117.36 -34.72 21.70
CA ASP J 406 -116.40 -35.73 21.26
C ASP J 406 -115.29 -35.97 22.29
N LEU J 407 -115.17 -35.07 23.26
CA LEU J 407 -114.15 -35.19 24.29
C LEU J 407 -114.69 -35.75 25.60
N SER J 408 -113.78 -36.22 26.46
CA SER J 408 -114.16 -36.76 27.76
C SER J 408 -114.42 -35.62 28.72
N GLN J 409 -115.35 -35.83 29.66
CA GLN J 409 -115.70 -34.82 30.65
C GLN J 409 -114.43 -34.14 31.21
N SER J 410 -113.41 -34.96 31.44
CA SER J 410 -112.14 -34.50 31.97
C SER J 410 -111.41 -33.61 30.96
N ASP J 411 -111.34 -34.08 29.71
CA ASP J 411 -110.69 -33.34 28.65
C ASP J 411 -111.42 -32.03 28.38
N ARG J 412 -112.73 -32.05 28.65
CA ARG J 412 -113.56 -30.86 28.45
C ARG J 412 -113.21 -29.83 29.50
N ALA J 413 -113.32 -30.22 30.76
CA ALA J 413 -113.01 -29.32 31.86
C ALA J 413 -111.59 -28.79 31.71
N LYS J 414 -110.74 -29.57 31.02
CA LYS J 414 -109.35 -29.22 30.79
C LYS J 414 -109.26 -27.86 30.12
N TYR J 415 -110.37 -27.36 29.59
CA TYR J 415 -110.37 -26.06 28.94
C TYR J 415 -111.57 -25.17 29.19
N GLY J 416 -112.03 -25.15 30.44
CA GLY J 416 -113.16 -24.31 30.82
C GLY J 416 -114.59 -24.72 30.49
N ILE J 417 -114.77 -25.57 29.49
CA ILE J 417 -116.11 -26.00 29.10
C ILE J 417 -116.78 -26.89 30.14
N MET J 418 -117.82 -26.38 30.77
CA MET J 418 -118.56 -27.12 31.79
C MET J 418 -119.94 -27.51 31.29
N ASP J 419 -120.44 -28.64 31.80
CA ASP J 419 -121.77 -29.12 31.41
C ASP J 419 -122.79 -28.08 31.83
N ASN J 420 -122.33 -27.13 32.63
CA ASN J 420 -123.15 -26.04 33.15
C ASN J 420 -123.28 -24.90 32.16
N LEU J 421 -122.22 -24.67 31.39
CA LEU J 421 -122.19 -23.57 30.43
C LEU J 421 -123.33 -23.55 29.41
N VAL J 422 -123.89 -22.35 29.22
CA VAL J 422 -124.97 -22.11 28.29
C VAL J 422 -124.65 -20.82 27.57
N ARG J 423 -124.61 -20.87 26.24
CA ARG J 423 -124.33 -19.69 25.45
C ARG J 423 -125.60 -19.18 24.77
N PHE J 424 -126.09 -18.05 25.25
CA PHE J 424 -127.30 -17.45 24.70
C PHE J 424 -127.02 -16.36 23.68
N SER J 425 -127.53 -16.57 22.47
CA SER J 425 -127.37 -15.59 21.39
C SER J 425 -128.70 -14.87 21.27
N PHE J 426 -128.78 -13.69 21.87
CA PHE J 426 -130.00 -12.92 21.85
C PHE J 426 -130.32 -12.37 20.47
N GLY J 427 -131.49 -12.74 19.96
CA GLY J 427 -131.91 -12.29 18.65
C GLY J 427 -132.29 -10.82 18.67
N VAL J 428 -133.41 -10.49 18.02
CA VAL J 428 -133.86 -9.11 17.96
C VAL J 428 -135.31 -8.97 18.44
N GLU J 429 -135.86 -10.08 18.94
CA GLU J 429 -137.23 -10.11 19.45
C GLU J 429 -137.35 -9.10 20.59
N ASP J 430 -138.58 -8.82 21.01
CA ASP J 430 -138.83 -7.87 22.10
C ASP J 430 -138.23 -8.35 23.41
N PHE J 431 -137.56 -7.44 24.11
CA PHE J 431 -136.94 -7.76 25.39
C PHE J 431 -137.87 -8.48 26.35
N ASP J 432 -139.02 -7.88 26.61
CA ASP J 432 -140.01 -8.45 27.52
C ASP J 432 -140.35 -9.89 27.16
N ASP J 433 -140.58 -10.13 25.89
CA ASP J 433 -140.91 -11.46 25.40
C ASP J 433 -139.79 -12.43 25.71
N LEU J 434 -138.56 -12.00 25.49
CA LEU J 434 -137.37 -12.81 25.74
C LEU J 434 -137.17 -13.04 27.23
N LYS J 435 -137.15 -11.93 27.98
CA LYS J 435 -136.97 -11.96 29.42
C LYS J 435 -137.95 -12.93 30.08
N ALA J 436 -139.23 -12.76 29.77
CA ALA J 436 -140.27 -13.61 30.33
C ALA J 436 -140.02 -15.08 30.01
N ASP J 437 -139.45 -15.34 28.83
CA ASP J 437 -139.16 -16.70 28.41
C ASP J 437 -138.05 -17.31 29.25
N ILE J 438 -136.93 -16.60 29.31
CA ILE J 438 -135.78 -17.06 30.08
C ILE J 438 -136.18 -17.34 31.53
N LEU J 439 -136.93 -16.40 32.12
CA LEU J 439 -137.37 -16.56 33.49
C LEU J 439 -138.26 -17.77 33.69
N GLN J 440 -139.24 -17.93 32.81
CA GLN J 440 -140.16 -19.06 32.89
C GLN J 440 -139.44 -20.41 32.82
N ALA J 441 -138.38 -20.48 32.04
CA ALA J 441 -137.61 -21.72 31.89
C ALA J 441 -136.59 -21.87 33.02
N LEU J 442 -136.43 -20.80 33.80
CA LEU J 442 -135.50 -20.79 34.92
C LEU J 442 -136.24 -21.10 36.23
N ASP J 443 -137.48 -21.56 36.09
CA ASP J 443 -138.28 -21.90 37.26
C ASP J 443 -138.72 -23.35 37.24
N SER J 444 -138.05 -24.16 36.41
CA SER J 444 -138.34 -25.59 36.32
C SER J 444 -137.12 -26.37 36.78
N ILE J 445 -136.07 -25.63 37.15
CA ILE J 445 -134.82 -26.22 37.62
C ILE J 445 -134.86 -26.42 39.13
N TYR K 50 -150.84 -15.64 17.41
CA TYR K 50 -149.99 -16.76 16.90
C TYR K 50 -149.52 -17.63 18.05
N ALA K 51 -148.65 -17.05 18.89
CA ALA K 51 -148.11 -17.76 20.03
C ALA K 51 -148.35 -17.01 21.35
N SER K 52 -148.52 -17.78 22.42
CA SER K 52 -148.77 -17.23 23.75
C SER K 52 -147.55 -16.54 24.34
N PHE K 53 -146.36 -17.08 24.05
CA PHE K 53 -145.12 -16.52 24.58
C PHE K 53 -144.65 -15.31 23.76
N LEU K 54 -145.39 -15.01 22.70
CA LEU K 54 -145.08 -13.88 21.84
C LEU K 54 -146.21 -12.88 21.98
N ASN K 55 -145.98 -11.81 22.73
CA ASN K 55 -147.00 -10.79 22.96
C ASN K 55 -146.64 -9.44 22.35
N SER K 56 -145.50 -9.38 21.67
CA SER K 56 -145.07 -8.14 21.05
C SER K 56 -145.05 -8.25 19.54
N ASP K 57 -145.42 -7.17 18.87
CA ASP K 57 -145.46 -7.14 17.42
C ASP K 57 -144.12 -7.50 16.80
N GLY K 58 -143.05 -6.96 17.37
CA GLY K 58 -141.71 -7.24 16.85
C GLY K 58 -141.39 -8.72 16.86
N SER K 59 -141.62 -9.37 18.00
CA SER K 59 -141.35 -10.80 18.13
C SER K 59 -142.16 -11.55 17.09
N VAL K 60 -143.39 -11.12 16.89
CA VAL K 60 -144.27 -11.76 15.91
C VAL K 60 -143.72 -11.63 14.49
N ALA K 61 -143.46 -10.40 14.07
CA ALA K 61 -142.94 -10.14 12.74
C ALA K 61 -141.72 -11.01 12.43
N ILE K 62 -141.15 -11.60 13.48
CA ILE K 62 -139.98 -12.45 13.31
C ILE K 62 -140.35 -13.92 13.22
N HIS K 63 -140.99 -14.43 14.26
CA HIS K 63 -141.36 -15.84 14.31
C HIS K 63 -142.75 -16.22 13.83
N ALA K 64 -143.58 -15.24 13.51
CA ALA K 64 -144.93 -15.55 13.04
C ALA K 64 -144.90 -16.34 11.74
N GLY K 65 -145.39 -17.58 11.79
CA GLY K 65 -145.42 -18.43 10.62
C GLY K 65 -144.17 -19.25 10.39
N GLU K 66 -143.34 -19.38 11.41
CA GLU K 66 -142.09 -20.14 11.28
C GLU K 66 -141.70 -20.90 12.53
N ARG K 67 -141.50 -20.17 13.62
CA ARG K 67 -141.08 -20.76 14.89
C ARG K 67 -141.84 -21.99 15.36
N LEU K 68 -143.11 -22.10 15.01
CA LEU K 68 -143.90 -23.26 15.45
C LEU K 68 -144.05 -24.32 14.35
N GLY K 69 -143.80 -23.93 13.11
CA GLY K 69 -143.94 -24.86 12.00
C GLY K 69 -144.03 -24.13 10.68
N ARG K 70 -143.99 -24.86 9.56
CA ARG K 70 -144.05 -24.22 8.26
C ARG K 70 -144.87 -24.97 7.20
N GLY K 71 -145.16 -26.24 7.44
CA GLY K 71 -145.91 -27.00 6.46
C GLY K 71 -144.91 -27.65 5.51
N ILE K 72 -143.73 -27.03 5.45
CA ILE K 72 -142.62 -27.52 4.63
C ILE K 72 -141.49 -27.80 5.62
N VAL K 73 -141.54 -29.01 6.19
CA VAL K 73 -140.57 -29.47 7.20
C VAL K 73 -139.09 -29.35 6.88
N THR K 74 -138.34 -28.85 7.87
CA THR K 74 -136.91 -28.67 7.76
C THR K 74 -136.33 -28.40 9.14
N ASP K 75 -135.06 -28.71 9.32
CA ASP K 75 -134.40 -28.45 10.61
C ASP K 75 -133.63 -27.15 10.44
N ALA K 76 -134.00 -26.39 9.41
CA ALA K 76 -133.35 -25.12 9.13
C ALA K 76 -134.09 -23.99 9.85
N ILE K 77 -133.33 -22.99 10.27
CA ILE K 77 -133.89 -21.85 10.97
C ILE K 77 -134.79 -21.00 10.06
N THR K 78 -134.32 -20.75 8.84
CA THR K 78 -135.09 -19.95 7.89
C THR K 78 -136.04 -20.76 7.01
N THR K 79 -136.84 -20.04 6.24
CA THR K 79 -137.81 -20.66 5.33
C THR K 79 -137.12 -20.96 4.00
N PRO K 80 -137.37 -22.15 3.45
CA PRO K 80 -136.77 -22.56 2.17
C PRO K 80 -137.54 -21.99 0.97
N VAL K 81 -136.80 -21.51 -0.01
CA VAL K 81 -137.40 -20.95 -1.22
C VAL K 81 -137.76 -22.09 -2.16
N VAL K 82 -139.03 -22.17 -2.52
CA VAL K 82 -139.50 -23.23 -3.41
C VAL K 82 -139.77 -22.72 -4.83
N ASN K 83 -138.81 -22.98 -5.72
CA ASN K 83 -138.93 -22.57 -7.11
C ASN K 83 -139.57 -23.68 -7.93
N THR K 84 -140.88 -23.77 -7.84
CA THR K 84 -141.60 -24.81 -8.58
C THR K 84 -142.81 -24.20 -9.28
N SER K 85 -143.15 -24.75 -10.44
CA SER K 85 -144.28 -24.26 -11.21
C SER K 85 -145.51 -25.10 -10.94
N ALA K 86 -145.30 -26.34 -10.52
CA ALA K 86 -146.39 -27.25 -10.24
C ALA K 86 -146.06 -28.14 -9.06
N TYR K 87 -147.03 -28.96 -8.65
CA TYR K 87 -146.84 -29.87 -7.53
C TYR K 87 -147.40 -31.23 -7.95
N PHE K 88 -146.65 -32.28 -7.66
CA PHE K 88 -147.05 -33.63 -8.04
C PHE K 88 -147.81 -34.39 -6.95
N PHE K 89 -148.37 -35.52 -7.36
CA PHE K 89 -149.12 -36.41 -6.48
C PHE K 89 -148.55 -37.81 -6.67
N ASN K 90 -148.48 -38.58 -5.59
CA ASN K 90 -147.92 -39.92 -5.64
C ASN K 90 -148.74 -40.90 -6.48
N LYS K 91 -150.06 -40.76 -6.45
CA LYS K 91 -150.94 -41.64 -7.22
C LYS K 91 -152.31 -41.01 -7.44
N THR K 92 -152.92 -41.34 -8.57
CA THR K 92 -154.22 -40.81 -8.94
C THR K 92 -155.22 -40.84 -7.79
N SER K 93 -155.06 -41.80 -6.89
CA SER K 93 -155.96 -41.91 -5.74
C SER K 93 -155.90 -40.63 -4.92
N GLU K 94 -154.68 -40.26 -4.53
CA GLU K 94 -154.47 -39.05 -3.74
C GLU K 94 -154.89 -37.80 -4.49
N LEU K 95 -154.73 -37.82 -5.81
CA LEU K 95 -155.12 -36.68 -6.63
C LEU K 95 -156.62 -36.44 -6.40
N ILE K 96 -157.39 -37.51 -6.47
CA ILE K 96 -158.84 -37.43 -6.27
C ILE K 96 -159.09 -36.92 -4.86
N ASP K 97 -158.36 -37.47 -3.90
CA ASP K 97 -158.51 -37.08 -2.50
C ASP K 97 -158.42 -35.57 -2.38
N PHE K 98 -157.36 -34.99 -2.94
CA PHE K 98 -157.17 -33.55 -2.90
C PHE K 98 -158.33 -32.84 -3.58
N LYS K 99 -158.73 -33.36 -4.74
CA LYS K 99 -159.82 -32.78 -5.51
C LYS K 99 -161.14 -32.83 -4.74
N GLU K 100 -161.27 -33.81 -3.84
CA GLU K 100 -162.49 -33.95 -3.04
C GLU K 100 -162.34 -33.35 -1.64
N LYS K 101 -161.36 -32.46 -1.47
CA LYS K 101 -161.09 -31.78 -0.21
C LYS K 101 -160.70 -32.67 0.97
N ARG K 102 -160.09 -33.81 0.69
CA ARG K 102 -159.65 -34.71 1.74
C ARG K 102 -158.14 -34.62 1.98
N ARG K 103 -157.44 -33.94 1.08
CA ARG K 103 -156.00 -33.76 1.17
C ARG K 103 -155.62 -32.32 0.79
N ALA K 104 -154.47 -31.85 1.26
CA ALA K 104 -154.01 -30.50 0.96
C ALA K 104 -152.93 -30.47 -0.12
N SER K 105 -152.98 -29.45 -0.97
CA SER K 105 -152.00 -29.29 -2.05
C SER K 105 -152.27 -27.99 -2.78
N PHE K 106 -151.23 -27.38 -3.32
CA PHE K 106 -151.38 -26.14 -4.07
C PHE K 106 -151.69 -26.46 -5.53
N GLU K 107 -151.45 -27.73 -5.90
CA GLU K 107 -151.68 -28.23 -7.24
C GLU K 107 -150.80 -27.51 -8.26
N TYR K 108 -151.09 -26.23 -8.48
CA TYR K 108 -150.34 -25.42 -9.42
C TYR K 108 -149.77 -24.21 -8.73
N GLY K 109 -148.65 -23.70 -9.25
CA GLY K 109 -148.02 -22.54 -8.65
C GLY K 109 -148.84 -21.26 -8.60
N ARG K 110 -149.82 -21.13 -9.50
CA ARG K 110 -150.67 -19.94 -9.54
C ARG K 110 -151.70 -19.96 -8.43
N TYR K 111 -151.78 -21.08 -7.70
CA TYR K 111 -152.73 -21.24 -6.63
C TYR K 111 -152.12 -21.27 -5.24
N GLY K 112 -150.82 -21.03 -5.16
CA GLY K 112 -150.17 -21.03 -3.86
C GLY K 112 -148.75 -21.53 -3.90
N ASN K 113 -148.04 -21.36 -2.79
CA ASN K 113 -146.66 -21.77 -2.68
C ASN K 113 -146.20 -21.85 -1.23
N PRO K 114 -145.48 -22.92 -0.86
CA PRO K 114 -145.01 -23.10 0.52
C PRO K 114 -144.24 -21.90 1.11
N THR K 115 -143.30 -21.36 0.36
CA THR K 115 -142.52 -20.23 0.85
C THR K 115 -143.32 -18.92 0.80
N THR K 116 -144.52 -18.97 0.23
CA THR K 116 -145.34 -17.78 0.15
C THR K 116 -146.36 -17.74 1.30
N VAL K 117 -146.96 -18.89 1.59
CA VAL K 117 -147.95 -18.93 2.66
C VAL K 117 -147.35 -18.47 3.98
N VAL K 118 -146.07 -18.73 4.17
CA VAL K 118 -145.42 -18.32 5.40
C VAL K 118 -145.58 -16.80 5.57
N LEU K 119 -145.33 -16.07 4.48
CA LEU K 119 -145.46 -14.63 4.53
C LEU K 119 -146.93 -14.24 4.69
N GLU K 120 -147.82 -15.08 4.17
CA GLU K 120 -149.25 -14.83 4.29
C GLU K 120 -149.65 -14.95 5.75
N GLU K 121 -149.23 -16.02 6.39
CA GLU K 121 -149.53 -16.26 7.81
C GLU K 121 -148.85 -15.20 8.67
N LYS K 122 -147.61 -14.89 8.34
CA LYS K 122 -146.83 -13.91 9.07
C LYS K 122 -147.58 -12.58 9.18
N ILE K 123 -147.97 -12.02 8.03
CA ILE K 123 -148.68 -10.76 7.99
C ILE K 123 -150.06 -10.89 8.64
N SER K 124 -150.64 -12.08 8.51
CA SER K 124 -151.95 -12.35 9.08
C SER K 124 -151.89 -12.22 10.60
N ALA K 125 -150.77 -12.61 11.18
CA ALA K 125 -150.61 -12.53 12.63
C ALA K 125 -150.47 -11.08 13.08
N LEU K 126 -149.65 -10.32 12.37
CA LEU K 126 -149.42 -8.93 12.71
C LEU K 126 -150.72 -8.13 12.70
N GLU K 127 -151.51 -8.30 11.64
CA GLU K 127 -152.76 -7.58 11.52
C GLU K 127 -153.87 -8.24 12.34
N GLY K 128 -153.57 -9.42 12.88
CA GLY K 128 -154.57 -10.13 13.67
C GLY K 128 -155.73 -10.56 12.79
N ALA K 129 -155.41 -10.82 11.52
CA ALA K 129 -156.41 -11.23 10.53
C ALA K 129 -156.65 -12.73 10.51
N GLU K 130 -157.72 -13.11 9.82
CA GLU K 130 -158.10 -14.51 9.68
C GLU K 130 -157.31 -15.12 8.54
N SER K 131 -156.98 -14.29 7.55
CA SER K 131 -156.24 -14.74 6.37
C SER K 131 -155.69 -13.55 5.57
N THR K 132 -154.53 -13.75 4.94
CA THR K 132 -153.90 -12.70 4.13
C THR K 132 -153.57 -13.23 2.74
N LEU K 133 -153.74 -12.40 1.72
CA LEU K 133 -153.44 -12.79 0.35
C LEU K 133 -152.29 -11.92 -0.17
N LEU K 134 -151.37 -12.55 -0.88
CA LEU K 134 -150.23 -11.82 -1.42
C LEU K 134 -150.25 -11.80 -2.94
N MET K 135 -149.98 -10.64 -3.52
CA MET K 135 -149.98 -10.48 -4.96
C MET K 135 -148.69 -9.89 -5.48
N ALA K 136 -148.62 -9.74 -6.81
CA ALA K 136 -147.46 -9.20 -7.47
C ALA K 136 -147.12 -7.78 -7.05
N SER K 137 -148.13 -6.99 -6.70
CA SER K 137 -147.88 -5.61 -6.27
C SER K 137 -149.06 -4.99 -5.54
N GLY K 138 -148.86 -3.81 -4.97
CA GLY K 138 -149.92 -3.12 -4.26
C GLY K 138 -151.10 -2.85 -5.18
N MET K 139 -150.80 -2.31 -6.36
CA MET K 139 -151.82 -2.01 -7.35
C MET K 139 -152.62 -3.27 -7.66
N CYS K 140 -151.92 -4.38 -7.78
CA CYS K 140 -152.54 -5.66 -8.07
C CYS K 140 -153.59 -5.98 -7.00
N ALA K 141 -153.23 -5.74 -5.74
CA ALA K 141 -154.10 -6.00 -4.61
C ALA K 141 -155.40 -5.19 -4.69
N SER K 142 -155.24 -3.87 -4.76
CA SER K 142 -156.39 -2.98 -4.85
C SER K 142 -157.24 -3.38 -6.05
N THR K 143 -156.61 -3.43 -7.21
CA THR K 143 -157.27 -3.78 -8.46
C THR K 143 -158.14 -5.03 -8.35
N VAL K 144 -157.52 -6.14 -8.00
CA VAL K 144 -158.20 -7.42 -7.85
C VAL K 144 -159.28 -7.36 -6.79
N MET K 145 -158.96 -6.72 -5.67
CA MET K 145 -159.91 -6.60 -4.57
C MET K 145 -161.15 -5.82 -5.03
N LEU K 146 -160.94 -4.78 -5.83
CA LEU K 146 -162.05 -4.00 -6.32
C LEU K 146 -162.90 -4.82 -7.29
N LEU K 147 -162.24 -5.40 -8.29
CA LEU K 147 -162.91 -6.21 -9.31
C LEU K 147 -163.65 -7.42 -8.75
N ALA K 148 -163.29 -7.83 -7.53
CA ALA K 148 -163.92 -8.98 -6.92
C ALA K 148 -165.07 -8.68 -5.97
N LEU K 149 -164.95 -7.61 -5.20
CA LEU K 149 -165.98 -7.27 -4.22
C LEU K 149 -167.12 -6.39 -4.75
N VAL K 150 -166.78 -5.39 -5.55
CA VAL K 150 -167.79 -4.50 -6.10
C VAL K 150 -168.44 -5.09 -7.34
N PRO K 151 -169.77 -5.31 -7.28
CA PRO K 151 -170.51 -5.88 -8.40
C PRO K 151 -170.78 -4.86 -9.50
N ALA K 152 -171.20 -5.34 -10.66
CA ALA K 152 -171.50 -4.46 -11.79
C ALA K 152 -172.63 -3.53 -11.40
N GLY K 153 -172.55 -2.27 -11.84
CA GLY K 153 -173.58 -1.31 -11.51
C GLY K 153 -173.53 -0.83 -10.07
N GLY K 154 -172.68 -1.45 -9.27
CA GLY K 154 -172.56 -1.07 -7.87
C GLY K 154 -171.95 0.30 -7.68
N HIS K 155 -171.95 0.78 -6.44
CA HIS K 155 -171.41 2.10 -6.14
C HIS K 155 -170.24 1.99 -5.18
N ILE K 156 -169.27 2.88 -5.35
CA ILE K 156 -168.10 2.88 -4.48
C ILE K 156 -167.89 4.25 -3.87
N VAL K 157 -167.26 4.30 -2.71
CA VAL K 157 -166.99 5.57 -2.04
C VAL K 157 -165.53 5.68 -1.65
N THR K 158 -164.91 6.80 -2.01
CA THR K 158 -163.50 7.03 -1.70
C THR K 158 -163.22 8.50 -1.47
N THR K 159 -162.00 8.80 -1.03
CA THR K 159 -161.58 10.17 -0.74
C THR K 159 -160.92 10.86 -1.93
N THR K 160 -160.76 12.18 -1.83
CA THR K 160 -160.14 12.96 -2.90
C THR K 160 -158.63 12.80 -2.95
N ASP K 161 -158.05 12.29 -1.87
CA ASP K 161 -156.60 12.09 -1.77
C ASP K 161 -156.18 10.69 -2.18
N CYS K 162 -157.12 9.93 -2.74
CA CYS K 162 -156.83 8.57 -3.18
C CYS K 162 -155.59 8.54 -4.05
N TYR K 163 -154.86 7.43 -3.99
CA TYR K 163 -153.65 7.23 -4.77
C TYR K 163 -153.99 7.44 -6.25
N ARG K 164 -153.22 8.29 -6.91
CA ARG K 164 -153.44 8.60 -8.33
C ARG K 164 -153.84 7.41 -9.20
N LYS K 165 -152.92 6.46 -9.37
CA LYS K 165 -153.18 5.28 -10.21
C LYS K 165 -154.48 4.58 -9.86
N THR K 166 -154.74 4.42 -8.56
CA THR K 166 -155.97 3.78 -8.10
C THR K 166 -157.18 4.61 -8.51
N ARG K 167 -157.02 5.93 -8.46
CA ARG K 167 -158.09 6.83 -8.85
C ARG K 167 -158.41 6.60 -10.32
N ILE K 168 -157.37 6.51 -11.14
CA ILE K 168 -157.53 6.28 -12.58
C ILE K 168 -158.33 4.99 -12.82
N PHE K 169 -157.93 3.91 -12.16
CA PHE K 169 -158.60 2.63 -12.32
C PHE K 169 -160.09 2.75 -12.02
N ILE K 170 -160.41 3.44 -10.94
CA ILE K 170 -161.81 3.60 -10.53
C ILE K 170 -162.61 4.52 -11.44
N GLU K 171 -161.93 5.48 -12.07
CA GLU K 171 -162.61 6.44 -12.95
C GLU K 171 -162.58 6.10 -14.43
N THR K 172 -161.89 5.02 -14.81
CA THR K 172 -161.81 4.65 -16.22
C THR K 172 -162.06 3.17 -16.55
N ILE K 173 -161.89 2.30 -15.57
CA ILE K 173 -162.09 0.88 -15.79
C ILE K 173 -163.37 0.35 -15.16
N LEU K 174 -163.57 0.69 -13.89
CA LEU K 174 -164.77 0.25 -13.17
C LEU K 174 -166.07 0.72 -13.83
N PRO K 175 -166.07 1.94 -14.39
CA PRO K 175 -167.31 2.41 -15.03
C PRO K 175 -167.77 1.46 -16.14
N LYS K 176 -166.81 0.82 -16.80
CA LYS K 176 -167.10 -0.11 -17.87
C LYS K 176 -168.05 -1.20 -17.38
N MET K 177 -167.99 -1.49 -16.08
CA MET K 177 -168.84 -2.51 -15.49
C MET K 177 -170.07 -1.88 -14.84
N GLY K 178 -170.30 -0.61 -15.14
CA GLY K 178 -171.43 0.10 -14.59
C GLY K 178 -171.20 0.61 -13.17
N ILE K 179 -170.02 0.37 -12.63
CA ILE K 179 -169.71 0.81 -11.28
C ILE K 179 -169.51 2.32 -11.17
N THR K 180 -170.28 2.94 -10.29
CA THR K 180 -170.20 4.38 -10.07
C THR K 180 -169.52 4.66 -8.73
N ALA K 181 -168.86 5.81 -8.65
CA ALA K 181 -168.15 6.18 -7.43
C ALA K 181 -168.48 7.59 -6.93
N THR K 182 -168.34 7.78 -5.62
CA THR K 182 -168.59 9.07 -5.00
C THR K 182 -167.31 9.43 -4.25
N VAL K 183 -166.72 10.57 -4.61
CA VAL K 183 -165.49 11.00 -3.97
C VAL K 183 -165.72 12.12 -2.95
N ILE K 184 -165.35 11.84 -1.70
CA ILE K 184 -165.50 12.80 -0.63
C ILE K 184 -164.15 13.17 -0.03
N ASP K 185 -164.12 14.25 0.73
CA ASP K 185 -162.91 14.70 1.39
C ASP K 185 -162.65 13.74 2.55
N PRO K 186 -161.38 13.44 2.85
CA PRO K 186 -161.02 12.54 3.94
C PRO K 186 -161.72 12.81 5.28
N ALA K 187 -161.80 14.08 5.65
CA ALA K 187 -162.43 14.47 6.91
C ALA K 187 -163.95 14.52 6.86
N ASP K 188 -164.51 14.99 5.74
CA ASP K 188 -165.95 15.09 5.58
C ASP K 188 -166.69 13.81 5.91
N VAL K 189 -167.13 13.69 7.16
CA VAL K 189 -167.88 12.51 7.60
C VAL K 189 -169.34 12.67 7.22
N GLY K 190 -169.79 13.92 7.10
CA GLY K 190 -171.17 14.18 6.74
C GLY K 190 -171.42 13.72 5.32
N ALA K 191 -170.45 13.95 4.43
CA ALA K 191 -170.55 13.56 3.02
C ALA K 191 -170.69 12.05 2.90
N LEU K 192 -169.95 11.34 3.75
CA LEU K 192 -169.97 9.88 3.77
C LEU K 192 -171.34 9.40 4.21
N GLU K 193 -171.84 9.98 5.30
CA GLU K 193 -173.14 9.62 5.84
C GLU K 193 -174.26 9.90 4.84
N LEU K 194 -174.12 11.00 4.09
CA LEU K 194 -175.11 11.38 3.09
C LEU K 194 -175.06 10.36 1.96
N ALA K 195 -173.88 10.19 1.38
CA ALA K 195 -173.66 9.24 0.30
C ALA K 195 -174.16 7.87 0.72
N LEU K 196 -173.91 7.52 1.97
CA LEU K 196 -174.32 6.24 2.53
C LEU K 196 -175.84 6.04 2.44
N ASN K 197 -176.58 7.15 2.46
CA ASN K 197 -178.05 7.10 2.41
C ASN K 197 -178.61 7.27 0.99
N GLN K 198 -178.12 8.26 0.26
CA GLN K 198 -178.59 8.51 -1.10
C GLN K 198 -178.52 7.23 -1.94
N LYS K 199 -177.32 6.91 -2.43
CA LYS K 199 -177.12 5.70 -3.23
C LYS K 199 -176.83 4.53 -2.29
N LYS K 200 -176.80 3.32 -2.83
CA LYS K 200 -176.51 2.14 -2.03
C LYS K 200 -175.03 1.81 -2.15
N VAL K 201 -174.25 2.27 -1.17
CA VAL K 201 -172.80 2.03 -1.17
C VAL K 201 -172.42 0.57 -0.97
N ASN K 202 -171.57 0.06 -1.86
CA ASN K 202 -171.11 -1.32 -1.80
C ASN K 202 -169.88 -1.44 -0.92
N LEU K 203 -168.97 -0.47 -1.05
CA LEU K 203 -167.76 -0.47 -0.27
C LEU K 203 -167.09 0.90 -0.21
N PHE K 204 -166.57 1.22 0.96
CA PHE K 204 -165.88 2.48 1.17
C PHE K 204 -164.40 2.15 1.21
N PHE K 205 -163.65 2.71 0.29
CA PHE K 205 -162.22 2.45 0.24
C PHE K 205 -161.40 3.71 0.42
N THR K 206 -160.40 3.62 1.28
CA THR K 206 -159.50 4.73 1.55
C THR K 206 -158.24 4.26 2.25
N GLU K 207 -157.22 5.11 2.19
CA GLU K 207 -155.94 4.84 2.83
C GLU K 207 -155.85 5.78 4.04
N SER K 208 -155.00 5.44 5.00
CA SER K 208 -154.85 6.27 6.19
C SER K 208 -153.60 5.86 6.97
N PRO K 209 -152.58 6.74 7.00
CA PRO K 209 -152.51 8.07 6.40
C PRO K 209 -152.74 8.11 4.90
N THR K 210 -152.93 9.32 4.38
CA THR K 210 -153.18 9.57 2.97
C THR K 210 -151.93 10.06 2.25
N ASN K 211 -151.92 9.99 0.92
CA ASN K 211 -150.77 10.46 0.14
C ASN K 211 -151.16 11.67 -0.70
N PRO K 212 -150.35 12.74 -0.66
CA PRO K 212 -149.12 12.91 0.10
C PRO K 212 -149.28 13.75 1.36
N PHE K 213 -150.50 14.17 1.66
CA PHE K 213 -150.74 15.00 2.82
C PHE K 213 -151.05 14.24 4.11
N LEU K 214 -150.79 12.95 4.09
CA LEU K 214 -151.00 12.09 5.25
C LEU K 214 -152.28 12.40 6.03
N ARG K 215 -153.38 12.57 5.33
CA ARG K 215 -154.64 12.84 5.99
C ARG K 215 -155.10 11.54 6.63
N CYS K 216 -155.74 11.63 7.79
CA CYS K 216 -156.21 10.43 8.48
C CYS K 216 -157.73 10.36 8.56
N VAL K 217 -158.25 9.14 8.63
CA VAL K 217 -159.68 8.91 8.70
C VAL K 217 -160.01 8.14 9.97
N ASP K 218 -161.04 8.60 10.69
CA ASP K 218 -161.45 7.93 11.91
C ASP K 218 -162.00 6.55 11.51
N ILE K 219 -161.11 5.58 11.42
CA ILE K 219 -161.48 4.21 11.04
C ILE K 219 -162.65 3.68 11.86
N GLU K 220 -162.55 3.76 13.18
CA GLU K 220 -163.59 3.27 14.07
C GLU K 220 -164.97 3.85 13.76
N LEU K 221 -165.00 5.16 13.57
CA LEU K 221 -166.26 5.86 13.27
C LEU K 221 -166.77 5.47 11.88
N VAL K 222 -165.97 5.81 10.87
CA VAL K 222 -166.30 5.52 9.48
C VAL K 222 -166.80 4.08 9.32
N SER K 223 -166.16 3.14 10.01
CA SER K 223 -166.55 1.74 9.94
C SER K 223 -168.00 1.57 10.38
N LYS K 224 -168.31 2.15 11.54
CA LYS K 224 -169.65 2.06 12.11
C LYS K 224 -170.72 2.55 11.14
N LEU K 225 -170.54 3.78 10.64
CA LEU K 225 -171.49 4.36 9.71
C LEU K 225 -171.75 3.44 8.53
N CYS K 226 -170.66 2.94 7.94
CA CYS K 226 -170.78 2.06 6.79
C CYS K 226 -171.51 0.77 7.11
N HIS K 227 -171.02 0.05 8.13
CA HIS K 227 -171.63 -1.20 8.54
C HIS K 227 -173.11 -1.05 8.85
N GLU K 228 -173.52 0.17 9.19
CA GLU K 228 -174.91 0.44 9.50
C GLU K 228 -175.75 0.36 8.24
N LYS K 229 -175.17 0.76 7.11
CA LYS K 229 -175.87 0.75 5.85
C LYS K 229 -175.49 -0.42 4.96
N GLY K 230 -174.69 -1.34 5.49
CA GLY K 230 -174.29 -2.51 4.74
C GLY K 230 -173.07 -2.38 3.84
N ALA K 231 -172.42 -1.21 3.85
CA ALA K 231 -171.24 -1.01 3.03
C ALA K 231 -170.03 -1.73 3.62
N LEU K 232 -169.00 -1.90 2.81
CA LEU K 232 -167.78 -2.57 3.26
C LEU K 232 -166.68 -1.54 3.42
N VAL K 233 -165.78 -1.79 4.36
CA VAL K 233 -164.68 -0.87 4.63
C VAL K 233 -163.33 -1.50 4.37
N CYS K 234 -162.53 -0.83 3.54
CA CYS K 234 -161.20 -1.29 3.23
C CYS K 234 -160.21 -0.14 3.42
N ILE K 235 -159.25 -0.33 4.31
CA ILE K 235 -158.25 0.70 4.58
C ILE K 235 -156.87 0.31 4.04
N ASP K 236 -156.19 1.28 3.44
CA ASP K 236 -154.86 1.06 2.88
C ASP K 236 -153.83 1.56 3.88
N GLY K 237 -153.46 0.70 4.82
CA GLY K 237 -152.50 1.07 5.84
C GLY K 237 -151.06 1.07 5.41
N THR K 238 -150.82 1.31 4.12
CA THR K 238 -149.46 1.33 3.60
C THR K 238 -148.57 2.23 4.43
N PHE K 239 -148.89 3.53 4.45
CA PHE K 239 -148.11 4.51 5.21
C PHE K 239 -148.01 4.18 6.69
N ALA K 240 -149.09 3.65 7.24
CA ALA K 240 -149.15 3.31 8.65
C ALA K 240 -148.28 2.14 9.08
N THR K 241 -148.44 1.00 8.41
CA THR K 241 -147.71 -0.22 8.73
C THR K 241 -148.53 -0.95 9.79
N PRO K 242 -148.60 -2.28 9.70
CA PRO K 242 -149.39 -3.01 10.71
C PRO K 242 -148.91 -2.80 12.14
N LEU K 243 -147.78 -2.12 12.30
CA LEU K 243 -147.21 -1.85 13.62
C LEU K 243 -147.74 -0.58 14.26
N ASN K 244 -147.94 0.43 13.42
CA ASN K 244 -148.41 1.72 13.88
C ASN K 244 -149.92 1.81 14.07
N GLN K 245 -150.66 0.86 13.52
CA GLN K 245 -152.10 0.85 13.64
C GLN K 245 -152.69 -0.49 13.22
N LYS K 246 -153.83 -0.84 13.81
CA LYS K 246 -154.51 -2.09 13.50
C LYS K 246 -155.91 -1.77 12.96
N ALA K 247 -155.97 -1.39 11.70
CA ALA K 247 -157.24 -1.04 11.06
C ALA K 247 -158.28 -2.13 11.24
N LEU K 248 -157.84 -3.38 11.22
CA LEU K 248 -158.74 -4.50 11.39
C LEU K 248 -159.39 -4.50 12.77
N ALA K 249 -158.63 -4.04 13.76
CA ALA K 249 -159.13 -3.99 15.14
C ALA K 249 -160.03 -2.77 15.35
N LEU K 250 -159.83 -1.75 14.52
CA LEU K 250 -160.63 -0.54 14.62
C LEU K 250 -161.98 -0.69 13.92
N GLY K 251 -162.21 -1.84 13.30
CA GLY K 251 -163.49 -2.06 12.64
C GLY K 251 -163.46 -2.35 11.15
N ALA K 252 -162.38 -1.95 10.47
CA ALA K 252 -162.25 -2.17 9.03
C ALA K 252 -162.51 -3.62 8.66
N ASP K 253 -163.02 -3.86 7.46
CA ASP K 253 -163.29 -5.21 7.02
C ASP K 253 -162.02 -5.78 6.41
N LEU K 254 -161.33 -4.96 5.64
CA LEU K 254 -160.10 -5.36 4.99
C LEU K 254 -159.01 -4.30 5.11
N VAL K 255 -157.78 -4.75 5.24
CA VAL K 255 -156.64 -3.86 5.32
C VAL K 255 -155.61 -4.33 4.31
N LEU K 256 -155.25 -3.46 3.38
CA LEU K 256 -154.29 -3.83 2.36
C LEU K 256 -153.07 -2.92 2.43
N HIS K 257 -151.92 -3.49 2.07
CA HIS K 257 -150.68 -2.76 2.09
C HIS K 257 -149.96 -2.87 0.75
N SER K 258 -148.75 -2.36 0.74
CA SER K 258 -147.90 -2.40 -0.43
C SER K 258 -146.54 -2.79 0.13
N ALA K 259 -146.32 -4.10 0.28
CA ALA K 259 -145.08 -4.61 0.82
C ALA K 259 -143.88 -3.94 0.14
N THR K 260 -144.11 -3.40 -1.04
CA THR K 260 -143.08 -2.71 -1.81
C THR K 260 -142.44 -1.58 -1.00
N LYS K 261 -143.15 -1.14 0.04
CA LYS K 261 -142.67 -0.05 0.86
C LYS K 261 -141.99 -0.44 2.15
N PHE K 262 -142.74 -0.34 3.25
CA PHE K 262 -142.22 -0.64 4.57
C PHE K 262 -142.01 -2.13 4.85
N LEU K 263 -142.99 -2.94 4.48
CA LEU K 263 -142.91 -4.38 4.73
C LEU K 263 -141.62 -5.00 4.19
N GLY K 264 -141.26 -4.66 2.95
CA GLY K 264 -140.04 -5.19 2.38
C GLY K 264 -138.87 -4.44 3.01
N GLY K 265 -139.04 -3.12 3.08
CA GLY K 265 -138.06 -2.24 3.70
C GLY K 265 -136.69 -2.08 3.10
N HIS K 266 -136.42 -2.73 1.96
CA HIS K 266 -135.10 -2.61 1.38
C HIS K 266 -135.08 -2.10 -0.06
N ASN K 267 -136.23 -1.67 -0.55
CA ASN K 267 -136.37 -1.14 -1.91
C ASN K 267 -135.82 -2.06 -2.99
N ASP K 268 -136.15 -3.34 -2.90
CA ASP K 268 -135.65 -4.31 -3.87
C ASP K 268 -136.67 -5.36 -4.29
N VAL K 269 -137.95 -5.09 -4.05
CA VAL K 269 -139.00 -6.05 -4.40
C VAL K 269 -140.39 -5.45 -4.28
N LEU K 270 -141.28 -5.86 -5.18
CA LEU K 270 -142.66 -5.39 -5.20
C LEU K 270 -143.57 -6.48 -4.70
N ALA K 271 -144.73 -6.11 -4.16
CA ALA K 271 -145.68 -7.09 -3.65
C ALA K 271 -146.94 -6.43 -3.11
N GLY K 272 -148.05 -7.16 -3.20
CA GLY K 272 -149.32 -6.64 -2.71
C GLY K 272 -149.75 -7.36 -1.45
N CYS K 273 -150.59 -6.72 -0.67
CA CYS K 273 -151.05 -7.31 0.58
C CYS K 273 -152.52 -7.02 0.84
N ILE K 274 -153.24 -8.05 1.26
CA ILE K 274 -154.66 -7.89 1.60
C ILE K 274 -154.96 -8.85 2.74
N SER K 275 -155.32 -8.30 3.88
CA SER K 275 -155.64 -9.12 5.05
C SER K 275 -157.05 -8.81 5.53
N GLY K 276 -157.74 -9.85 5.99
CA GLY K 276 -159.10 -9.68 6.47
C GLY K 276 -159.75 -11.00 6.79
N PRO K 277 -161.09 -11.05 6.93
CA PRO K 277 -161.78 -12.31 7.23
C PRO K 277 -161.71 -13.30 6.06
N LEU K 278 -161.73 -14.60 6.37
CA LEU K 278 -161.67 -15.63 5.34
C LEU K 278 -162.77 -15.45 4.30
N LYS K 279 -164.01 -15.45 4.75
CA LYS K 279 -165.14 -15.30 3.84
C LYS K 279 -164.91 -14.23 2.79
N LEU K 280 -164.24 -13.14 3.17
CA LEU K 280 -163.98 -12.05 2.24
C LEU K 280 -162.69 -12.23 1.42
N VAL K 281 -161.56 -12.37 2.12
CA VAL K 281 -160.27 -12.52 1.44
C VAL K 281 -160.26 -13.69 0.46
N SER K 282 -161.06 -14.71 0.73
CA SER K 282 -161.14 -15.88 -0.13
C SER K 282 -161.79 -15.57 -1.48
N GLU K 283 -162.80 -14.70 -1.44
CA GLU K 283 -163.51 -14.29 -2.65
C GLU K 283 -162.53 -13.61 -3.60
N ILE K 284 -161.60 -12.86 -3.04
CA ILE K 284 -160.60 -12.16 -3.83
C ILE K 284 -159.58 -13.15 -4.37
N ARG K 285 -159.17 -14.09 -3.52
CA ARG K 285 -158.20 -15.10 -3.92
C ARG K 285 -158.73 -15.89 -5.12
N ASN K 286 -160.04 -16.08 -5.16
CA ASN K 286 -160.65 -16.82 -6.25
C ASN K 286 -160.48 -16.12 -7.59
N LEU K 287 -160.68 -14.80 -7.61
CA LEU K 287 -160.53 -14.03 -8.84
C LEU K 287 -159.05 -13.90 -9.11
N HIS K 288 -158.26 -13.95 -8.04
CA HIS K 288 -156.81 -13.85 -8.13
C HIS K 288 -156.30 -15.04 -8.93
N HIS K 289 -156.82 -16.22 -8.61
CA HIS K 289 -156.41 -17.44 -9.29
C HIS K 289 -156.71 -17.43 -10.78
N ILE K 290 -157.44 -16.42 -11.23
CA ILE K 290 -157.78 -16.32 -12.65
C ILE K 290 -156.98 -15.21 -13.30
N LEU K 291 -156.95 -14.04 -12.66
CA LEU K 291 -156.21 -12.91 -13.20
C LEU K 291 -154.71 -13.18 -13.19
N GLY K 292 -154.31 -14.14 -12.38
CA GLY K 292 -152.92 -14.52 -12.29
C GLY K 292 -151.91 -13.43 -12.01
N GLY K 293 -151.93 -12.89 -10.80
CA GLY K 293 -150.97 -11.87 -10.43
C GLY K 293 -150.06 -12.44 -9.35
N ALA K 294 -149.76 -13.74 -9.50
CA ALA K 294 -148.92 -14.48 -8.55
C ALA K 294 -147.57 -13.86 -8.21
N LEU K 295 -147.18 -14.01 -6.95
CA LEU K 295 -145.93 -13.48 -6.44
C LEU K 295 -144.86 -14.57 -6.47
N ASN K 296 -143.68 -14.21 -6.97
CA ASN K 296 -142.57 -15.14 -7.07
C ASN K 296 -141.96 -15.49 -5.72
N PRO K 297 -141.74 -16.79 -5.48
CA PRO K 297 -141.18 -17.28 -4.22
C PRO K 297 -139.93 -16.52 -3.75
N ASN K 298 -139.11 -16.09 -4.71
CA ASN K 298 -137.89 -15.35 -4.39
C ASN K 298 -138.23 -14.00 -3.79
N ALA K 299 -139.34 -13.43 -4.23
CA ALA K 299 -139.80 -12.14 -3.72
C ALA K 299 -140.37 -12.37 -2.33
N ALA K 300 -141.17 -13.42 -2.20
CA ALA K 300 -141.78 -13.77 -0.94
C ALA K 300 -140.73 -13.87 0.18
N TYR K 301 -139.57 -14.42 -0.16
CA TYR K 301 -138.50 -14.58 0.82
C TYR K 301 -137.84 -13.25 1.16
N LEU K 302 -137.69 -12.41 0.15
CA LEU K 302 -137.07 -11.12 0.36
C LEU K 302 -137.88 -10.31 1.35
N ILE K 303 -139.19 -10.52 1.34
CA ILE K 303 -140.08 -9.81 2.25
C ILE K 303 -140.10 -10.46 3.63
N ILE K 304 -140.05 -11.78 3.66
CA ILE K 304 -140.02 -12.51 4.92
C ILE K 304 -138.77 -12.07 5.67
N ARG K 305 -137.68 -11.93 4.92
CA ARG K 305 -136.39 -11.51 5.47
C ARG K 305 -136.44 -10.07 5.96
N GLY K 306 -136.90 -9.18 5.10
CA GLY K 306 -136.98 -7.79 5.47
C GLY K 306 -137.83 -7.53 6.70
N MET K 307 -138.86 -8.35 6.87
CA MET K 307 -139.77 -8.21 8.01
C MET K 307 -139.13 -8.61 9.33
N LYS K 308 -138.03 -9.33 9.26
CA LYS K 308 -137.36 -9.77 10.48
C LYS K 308 -136.87 -8.56 11.26
N THR K 309 -136.83 -7.42 10.59
CA THR K 309 -136.38 -6.18 11.23
C THR K 309 -137.40 -5.06 11.04
N LEU K 310 -138.67 -5.43 10.86
CA LEU K 310 -139.72 -4.44 10.67
C LEU K 310 -139.77 -3.47 11.83
N HIS K 311 -140.18 -3.98 12.99
CA HIS K 311 -140.30 -3.16 14.19
C HIS K 311 -139.09 -2.26 14.41
N LEU K 312 -137.91 -2.80 14.19
CA LEU K 312 -136.68 -2.03 14.37
C LEU K 312 -136.65 -0.84 13.42
N ARG K 313 -136.87 -1.12 12.14
CA ARG K 313 -136.87 -0.09 11.11
C ARG K 313 -137.94 0.95 11.35
N VAL K 314 -139.17 0.49 11.54
CA VAL K 314 -140.30 1.38 11.80
C VAL K 314 -139.99 2.29 12.99
N GLN K 315 -139.58 1.68 14.10
CA GLN K 315 -139.24 2.40 15.32
C GLN K 315 -138.36 3.61 15.07
N GLN K 316 -137.26 3.40 14.35
CA GLN K 316 -136.31 4.46 14.05
C GLN K 316 -136.88 5.50 13.10
N GLN K 317 -137.58 5.04 12.07
CA GLN K 317 -138.17 5.96 11.10
C GLN K 317 -139.21 6.83 11.79
N ASN K 318 -140.03 6.22 12.64
CA ASN K 318 -141.06 6.95 13.37
C ASN K 318 -140.47 8.14 14.10
N SER K 319 -139.27 7.96 14.65
CA SER K 319 -138.58 9.01 15.40
C SER K 319 -138.06 10.10 14.47
N THR K 320 -137.08 9.73 13.65
CA THR K 320 -136.48 10.66 12.71
C THR K 320 -137.56 11.50 12.06
N ALA K 321 -138.65 10.85 11.68
CA ALA K 321 -139.78 11.51 11.03
C ALA K 321 -140.32 12.62 11.90
N LEU K 322 -140.81 12.25 13.08
CA LEU K 322 -141.37 13.21 14.02
C LEU K 322 -140.39 14.35 14.30
N ARG K 323 -139.25 14.01 14.88
CA ARG K 323 -138.22 15.00 15.20
C ARG K 323 -137.91 15.96 14.04
N MET K 324 -137.68 15.40 12.85
CA MET K 324 -137.37 16.22 11.70
C MET K 324 -138.56 17.07 11.31
N ALA K 325 -139.76 16.54 11.53
CA ALA K 325 -140.99 17.25 11.19
C ALA K 325 -141.00 18.59 11.92
N GLU K 326 -140.96 18.51 13.25
CA GLU K 326 -140.96 19.71 14.09
C GLU K 326 -139.91 20.70 13.62
N ILE K 327 -138.66 20.25 13.60
CA ILE K 327 -137.55 21.07 13.15
C ILE K 327 -137.92 21.80 11.86
N LEU K 328 -138.52 21.05 10.94
CA LEU K 328 -138.92 21.60 9.66
C LEU K 328 -140.02 22.65 9.81
N GLU K 329 -140.96 22.37 10.71
CA GLU K 329 -142.07 23.28 10.96
C GLU K 329 -141.55 24.62 11.48
N ALA K 330 -140.61 24.56 12.40
CA ALA K 330 -140.03 25.75 13.01
C ALA K 330 -139.07 26.48 12.07
N HIS K 331 -138.66 25.84 10.99
CA HIS K 331 -137.75 26.45 10.03
C HIS K 331 -138.43 27.58 9.28
N PRO K 332 -137.73 28.71 9.11
CA PRO K 332 -138.24 29.90 8.41
C PRO K 332 -138.41 29.70 6.90
N LYS K 333 -137.66 28.76 6.33
CA LYS K 333 -137.73 28.51 4.88
C LYS K 333 -138.77 27.45 4.54
N VAL K 334 -139.41 26.88 5.56
CA VAL K 334 -140.44 25.87 5.37
C VAL K 334 -141.80 26.50 5.62
N ARG K 335 -142.58 26.68 4.55
CA ARG K 335 -143.90 27.29 4.64
C ARG K 335 -144.93 26.45 5.41
N HIS K 336 -145.02 25.17 5.09
CA HIS K 336 -145.97 24.28 5.75
C HIS K 336 -145.41 22.85 5.87
N VAL K 337 -145.82 22.15 6.92
CA VAL K 337 -145.37 20.77 7.13
C VAL K 337 -146.56 19.87 7.45
N TYR K 338 -146.61 18.72 6.78
CA TYR K 338 -147.69 17.75 6.98
C TYR K 338 -147.17 16.51 7.68
N TYR K 339 -147.75 16.20 8.83
CA TYR K 339 -147.36 15.03 9.59
C TYR K 339 -148.31 14.78 10.73
N PRO K 340 -148.97 13.62 10.74
CA PRO K 340 -149.92 13.27 11.80
C PRO K 340 -149.39 13.52 13.21
N GLY K 341 -148.08 13.34 13.40
CA GLY K 341 -147.49 13.55 14.70
C GLY K 341 -147.54 14.98 15.19
N LEU K 342 -147.60 15.92 14.26
CA LEU K 342 -147.66 17.33 14.60
C LEU K 342 -149.03 17.74 15.12
N GLN K 343 -149.07 18.80 15.92
CA GLN K 343 -150.32 19.29 16.48
C GLN K 343 -151.06 20.11 15.43
N SER K 344 -150.32 20.57 14.43
CA SER K 344 -150.86 21.37 13.36
C SER K 344 -151.63 20.56 12.33
N HIS K 345 -151.60 19.24 12.46
CA HIS K 345 -152.29 18.39 11.51
C HIS K 345 -153.80 18.32 11.76
N PRO K 346 -154.59 18.53 10.69
CA PRO K 346 -156.05 18.50 10.77
C PRO K 346 -156.63 17.36 11.61
N GLU K 347 -156.16 16.13 11.40
CA GLU K 347 -156.68 15.00 12.15
C GLU K 347 -155.72 14.48 13.22
N HIS K 348 -154.83 15.35 13.68
CA HIS K 348 -153.86 14.97 14.71
C HIS K 348 -154.53 14.25 15.88
N HIS K 349 -155.75 14.67 16.20
CA HIS K 349 -156.48 14.06 17.30
C HIS K 349 -156.89 12.63 16.96
N ILE K 350 -157.19 12.39 15.69
CA ILE K 350 -157.59 11.07 15.23
C ILE K 350 -156.35 10.19 15.21
N ALA K 351 -155.30 10.69 14.56
CA ALA K 351 -154.05 9.96 14.48
C ALA K 351 -153.60 9.55 15.87
N LYS K 352 -153.67 10.50 16.81
CA LYS K 352 -153.27 10.26 18.19
C LYS K 352 -154.13 9.20 18.87
N LYS K 353 -155.37 9.08 18.45
CA LYS K 353 -156.30 8.13 19.06
C LYS K 353 -156.23 6.73 18.46
N GLN K 354 -155.91 6.63 17.18
CA GLN K 354 -155.85 5.31 16.53
C GLN K 354 -154.46 4.86 16.10
N MET K 355 -153.45 5.67 16.38
CA MET K 355 -152.09 5.32 16.00
C MET K 355 -151.16 5.30 17.21
N THR K 356 -150.10 4.51 17.10
CA THR K 356 -149.10 4.43 18.16
C THR K 356 -147.83 5.08 17.61
N GLY K 357 -147.85 5.33 16.30
CA GLY K 357 -146.74 5.96 15.62
C GLY K 357 -147.31 6.79 14.49
N PHE K 358 -146.47 7.50 13.74
CA PHE K 358 -146.99 8.34 12.67
C PHE K 358 -146.25 8.19 11.33
N GLY K 359 -145.59 7.04 11.15
CA GLY K 359 -144.88 6.78 9.91
C GLY K 359 -143.54 7.48 9.80
N GLY K 360 -142.84 7.20 8.71
CA GLY K 360 -141.54 7.79 8.49
C GLY K 360 -141.60 8.74 7.31
N ALA K 361 -142.80 8.93 6.77
CA ALA K 361 -142.99 9.81 5.65
C ALA K 361 -143.39 11.19 6.17
N VAL K 362 -142.83 12.23 5.56
CA VAL K 362 -143.12 13.60 5.95
C VAL K 362 -143.18 14.50 4.73
N SER K 363 -144.28 15.24 4.58
CA SER K 363 -144.42 16.14 3.46
C SER K 363 -144.37 17.56 3.99
N PHE K 364 -143.84 18.47 3.19
CA PHE K 364 -143.74 19.86 3.58
C PHE K 364 -143.57 20.73 2.35
N GLU K 365 -143.93 22.00 2.48
CA GLU K 365 -143.82 22.93 1.38
C GLU K 365 -142.70 23.91 1.68
N VAL K 366 -141.82 24.12 0.70
CA VAL K 366 -140.71 25.03 0.85
C VAL K 366 -141.19 26.44 0.49
N ASP K 367 -140.51 27.46 1.01
CA ASP K 367 -140.86 28.84 0.73
C ASP K 367 -140.28 29.32 -0.60
N GLY K 368 -140.79 28.77 -1.70
CA GLY K 368 -140.29 29.15 -3.00
C GLY K 368 -141.20 28.70 -4.14
N ASP K 369 -140.63 28.46 -5.31
CA ASP K 369 -141.40 28.02 -6.46
C ASP K 369 -140.86 26.71 -7.01
N LEU K 370 -141.44 26.25 -8.11
CA LEU K 370 -141.03 25.01 -8.76
C LEU K 370 -139.51 24.94 -8.88
N LEU K 371 -138.91 26.00 -9.40
CA LEU K 371 -137.46 26.04 -9.58
C LEU K 371 -136.70 26.04 -8.26
N THR K 372 -137.06 26.93 -7.35
CA THR K 372 -136.38 27.02 -6.06
C THR K 372 -136.49 25.70 -5.29
N THR K 373 -137.71 25.20 -5.15
CA THR K 373 -137.94 23.96 -4.43
C THR K 373 -137.03 22.86 -4.96
N ALA K 374 -136.92 22.79 -6.29
CA ALA K 374 -136.07 21.79 -6.92
C ALA K 374 -134.65 21.98 -6.43
N LYS K 375 -134.21 23.24 -6.42
CA LYS K 375 -132.87 23.60 -5.99
C LYS K 375 -132.58 23.05 -4.59
N PHE K 376 -133.60 22.88 -3.78
CA PHE K 376 -133.41 22.34 -2.43
C PHE K 376 -133.12 20.85 -2.48
N VAL K 377 -133.99 20.10 -3.14
CA VAL K 377 -133.83 18.66 -3.25
C VAL K 377 -132.52 18.30 -3.95
N ASP K 378 -132.10 19.14 -4.89
CA ASP K 378 -130.87 18.90 -5.64
C ASP K 378 -129.65 19.08 -4.73
N ALA K 379 -129.83 19.84 -3.66
CA ALA K 379 -128.76 20.10 -2.72
C ALA K 379 -128.55 18.91 -1.78
N LEU K 380 -129.62 18.19 -1.49
CA LEU K 380 -129.54 17.05 -0.60
C LEU K 380 -128.47 16.08 -1.09
N LYS K 381 -127.87 15.33 -0.17
CA LYS K 381 -126.81 14.40 -0.54
C LYS K 381 -127.02 12.96 -0.05
N ILE K 382 -127.91 12.77 0.91
CA ILE K 382 -128.15 11.43 1.44
C ILE K 382 -129.27 10.68 0.73
N PRO K 383 -130.48 11.27 0.66
CA PRO K 383 -131.60 10.61 0.00
C PRO K 383 -131.51 10.61 -1.53
N TYR K 384 -132.18 9.64 -2.14
CA TYR K 384 -132.20 9.52 -3.59
C TYR K 384 -133.43 10.25 -4.14
N ILE K 385 -133.32 10.81 -5.32
CA ILE K 385 -134.44 11.50 -5.94
C ILE K 385 -135.21 10.46 -6.74
N ALA K 386 -136.25 9.88 -6.13
CA ALA K 386 -137.02 8.84 -6.80
C ALA K 386 -138.37 8.60 -6.13
N PRO K 387 -139.24 7.79 -6.77
CA PRO K 387 -140.55 7.49 -6.20
C PRO K 387 -140.43 6.51 -5.05
N SER K 388 -141.54 5.88 -4.69
CA SER K 388 -141.57 4.91 -3.60
C SER K 388 -141.07 5.51 -2.28
N PHE K 389 -141.13 4.70 -1.23
CA PHE K 389 -140.70 5.14 0.10
C PHE K 389 -140.83 3.97 1.07
N GLY K 390 -140.20 4.10 2.24
CA GLY K 390 -140.27 3.06 3.25
C GLY K 390 -139.00 2.27 3.48
N GLY K 391 -138.07 2.34 2.54
CA GLY K 391 -136.82 1.60 2.67
C GLY K 391 -135.76 2.23 3.55
N CYS K 392 -134.70 1.48 3.81
CA CYS K 392 -133.60 1.95 4.63
C CYS K 392 -132.99 3.22 4.03
N GLU K 393 -132.94 3.27 2.72
CA GLU K 393 -132.39 4.44 2.04
C GLU K 393 -133.45 5.53 2.03
N SER K 394 -133.04 6.76 2.34
CA SER K 394 -133.98 7.88 2.36
C SER K 394 -134.23 8.31 0.93
N ILE K 395 -135.45 8.77 0.66
CA ILE K 395 -135.82 9.22 -0.68
C ILE K 395 -136.59 10.56 -0.65
N VAL K 396 -136.46 11.32 -1.72
CA VAL K 396 -137.12 12.61 -1.85
C VAL K 396 -137.68 12.77 -3.25
N ASP K 397 -138.66 13.64 -3.39
CA ASP K 397 -139.26 13.89 -4.69
C ASP K 397 -140.29 15.00 -4.62
N GLN K 398 -140.59 15.59 -5.77
CA GLN K 398 -141.56 16.65 -5.86
C GLN K 398 -142.78 16.09 -6.56
N PRO K 399 -143.75 15.58 -5.79
CA PRO K 399 -144.96 15.00 -6.36
C PRO K 399 -145.43 15.76 -7.60
N ALA K 400 -145.31 17.08 -7.56
CA ALA K 400 -145.71 17.91 -8.68
C ALA K 400 -145.04 17.39 -9.96
N ILE K 401 -143.73 17.21 -9.89
CA ILE K 401 -142.96 16.74 -11.02
C ILE K 401 -142.98 15.23 -11.18
N MET K 402 -142.82 14.52 -10.07
CA MET K 402 -142.80 13.07 -10.08
C MET K 402 -144.05 12.40 -10.62
N SER K 403 -145.22 12.75 -10.08
CA SER K 403 -146.45 12.11 -10.50
C SER K 403 -147.58 12.96 -11.05
N TYR K 404 -147.33 14.23 -11.31
CA TYR K 404 -148.39 15.09 -11.84
C TYR K 404 -147.92 16.04 -12.95
N TRP K 405 -146.72 15.78 -13.46
CA TRP K 405 -146.18 16.64 -14.51
C TRP K 405 -147.05 16.63 -15.76
N ASP K 406 -147.82 15.56 -15.92
CA ASP K 406 -148.68 15.41 -17.10
C ASP K 406 -149.87 16.36 -17.10
N LEU K 407 -150.13 16.99 -15.96
CA LEU K 407 -151.24 17.93 -15.84
C LEU K 407 -150.77 19.38 -15.93
N SER K 408 -151.69 20.27 -16.23
CA SER K 408 -151.39 21.69 -16.33
C SER K 408 -151.32 22.26 -14.92
N GLN K 409 -150.49 23.28 -14.72
CA GLN K 409 -150.34 23.90 -13.41
C GLN K 409 -151.67 24.15 -12.70
N SER K 410 -152.68 24.50 -13.48
CA SER K 410 -154.01 24.78 -12.94
C SER K 410 -154.72 23.50 -12.53
N ASP K 411 -154.63 22.48 -13.38
CA ASP K 411 -155.26 21.19 -13.11
C ASP K 411 -154.59 20.54 -11.90
N ARG K 412 -153.32 20.85 -11.70
CA ARG K 412 -152.54 20.32 -10.59
C ARG K 412 -153.02 20.91 -9.28
N ALA K 413 -153.11 22.24 -9.24
CA ALA K 413 -153.56 22.94 -8.05
C ALA K 413 -155.00 22.55 -7.73
N LYS K 414 -155.74 22.16 -8.78
CA LYS K 414 -157.12 21.74 -8.63
C LYS K 414 -157.22 20.61 -7.60
N TYR K 415 -156.09 19.97 -7.28
CA TYR K 415 -156.11 18.89 -6.29
C TYR K 415 -155.01 18.94 -5.22
N GLY K 416 -154.70 20.14 -4.76
CA GLY K 416 -153.71 20.35 -3.72
C GLY K 416 -152.23 20.28 -4.06
N ILE K 417 -151.89 19.57 -5.14
CA ILE K 417 -150.49 19.43 -5.52
C ILE K 417 -149.87 20.75 -5.95
N MET K 418 -148.90 21.21 -5.16
CA MET K 418 -148.22 22.47 -5.46
C MET K 418 -146.77 22.26 -5.85
N ASP K 419 -146.24 23.16 -6.67
CA ASP K 419 -144.85 23.09 -7.10
C ASP K 419 -143.97 23.24 -5.88
N ASN K 420 -144.61 23.52 -4.74
CA ASN K 420 -143.91 23.71 -3.48
C ASN K 420 -143.69 22.41 -2.72
N LEU K 421 -144.71 21.56 -2.75
CA LEU K 421 -144.71 20.28 -2.05
C LEU K 421 -143.49 19.39 -2.28
N VAL K 422 -142.98 18.85 -1.18
CA VAL K 422 -141.83 17.97 -1.19
C VAL K 422 -142.12 16.82 -0.24
N ARG K 423 -142.11 15.61 -0.77
CA ARG K 423 -142.36 14.43 0.04
C ARG K 423 -141.02 13.83 0.41
N PHE K 424 -140.76 13.72 1.70
CA PHE K 424 -139.51 13.15 2.17
C PHE K 424 -139.74 11.81 2.84
N SER K 425 -139.06 10.78 2.35
CA SER K 425 -139.18 9.44 2.91
C SER K 425 -137.91 9.16 3.71
N PHE K 426 -137.99 9.36 5.02
CA PHE K 426 -136.84 9.15 5.89
C PHE K 426 -136.41 7.69 5.97
N GLY K 427 -135.16 7.46 5.59
CA GLY K 427 -134.61 6.13 5.60
C GLY K 427 -134.38 5.61 7.01
N VAL K 428 -133.21 5.02 7.21
CA VAL K 428 -132.87 4.46 8.52
C VAL K 428 -131.53 5.01 9.00
N GLU K 429 -130.93 5.84 8.15
CA GLU K 429 -129.65 6.46 8.47
C GLU K 429 -129.71 7.15 9.84
N ASP K 430 -128.57 7.65 10.31
CA ASP K 430 -128.52 8.32 11.59
C ASP K 430 -129.18 9.68 11.53
N PHE K 431 -130.03 9.97 12.50
CA PHE K 431 -130.75 11.24 12.55
C PHE K 431 -129.85 12.44 12.28
N ASP K 432 -128.78 12.55 13.06
CA ASP K 432 -127.85 13.66 12.91
C ASP K 432 -127.39 13.87 11.47
N ASP K 433 -126.99 12.79 10.82
CA ASP K 433 -126.52 12.87 9.44
C ASP K 433 -127.60 13.41 8.51
N LEU K 434 -128.83 12.94 8.71
CA LEU K 434 -129.97 13.36 7.90
C LEU K 434 -130.33 14.81 8.22
N LYS K 435 -130.49 15.10 9.50
CA LYS K 435 -130.82 16.45 9.95
C LYS K 435 -129.86 17.45 9.31
N ALA K 436 -128.57 17.25 9.57
CA ALA K 436 -127.53 18.13 9.03
C ALA K 436 -127.68 18.30 7.54
N ASP K 437 -127.96 17.21 6.83
CA ASP K 437 -128.15 17.24 5.38
C ASP K 437 -129.32 18.15 5.00
N ILE K 438 -130.47 17.90 5.60
CA ILE K 438 -131.65 18.70 5.32
C ILE K 438 -131.41 20.18 5.61
N LEU K 439 -130.81 20.47 6.76
CA LEU K 439 -130.52 21.85 7.13
C LEU K 439 -129.57 22.49 6.15
N GLN K 440 -128.40 21.88 5.98
CA GLN K 440 -127.39 22.37 5.05
C GLN K 440 -128.05 22.65 3.70
N ALA K 441 -128.95 21.76 3.31
CA ALA K 441 -129.66 21.91 2.05
C ALA K 441 -130.61 23.10 2.13
N LEU K 442 -131.30 23.20 3.26
CA LEU K 442 -132.25 24.29 3.49
C LEU K 442 -131.54 25.61 3.73
N ASP K 443 -130.37 25.78 3.11
CA ASP K 443 -129.60 27.00 3.27
C ASP K 443 -129.12 27.53 1.93
N SER K 444 -129.45 26.82 0.86
CA SER K 444 -129.02 27.22 -0.47
C SER K 444 -130.18 27.85 -1.24
N ILE K 445 -131.35 27.87 -0.62
CA ILE K 445 -132.52 28.43 -1.27
C ILE K 445 -132.39 29.95 -1.45
N TYR L 50 -128.67 -45.56 -9.18
CA TYR L 50 -129.82 -44.78 -8.63
C TYR L 50 -131.13 -45.50 -8.89
N ALA L 51 -131.44 -45.71 -10.16
CA ALA L 51 -132.65 -46.38 -10.54
C ALA L 51 -132.42 -47.42 -11.63
N SER L 52 -133.37 -48.33 -11.75
CA SER L 52 -133.31 -49.40 -12.75
C SER L 52 -134.00 -48.92 -14.03
N PHE L 53 -135.06 -48.15 -13.86
CA PHE L 53 -135.81 -47.63 -15.01
C PHE L 53 -135.08 -46.48 -15.69
N LEU L 54 -133.91 -46.12 -15.17
CA LEU L 54 -133.10 -45.05 -15.74
C LEU L 54 -131.74 -45.63 -16.16
N ASN L 55 -131.63 -46.01 -17.43
CA ASN L 55 -130.38 -46.59 -17.93
C ASN L 55 -129.50 -45.61 -18.69
N SER L 56 -130.09 -44.51 -19.15
CA SER L 56 -129.33 -43.52 -19.90
C SER L 56 -128.81 -42.39 -19.03
N ASP L 57 -127.66 -41.83 -19.42
CA ASP L 57 -127.00 -40.74 -18.70
C ASP L 57 -127.82 -39.46 -18.65
N GLY L 58 -128.58 -39.22 -19.72
CA GLY L 58 -129.41 -38.03 -19.78
C GLY L 58 -130.52 -38.09 -18.75
N SER L 59 -131.23 -39.22 -18.71
CA SER L 59 -132.33 -39.39 -17.77
C SER L 59 -131.83 -39.25 -16.35
N VAL L 60 -130.61 -39.73 -16.10
CA VAL L 60 -129.99 -39.65 -14.78
C VAL L 60 -129.67 -38.22 -14.40
N ALA L 61 -128.98 -37.51 -15.29
CA ALA L 61 -128.60 -36.13 -15.05
C ALA L 61 -129.82 -35.28 -14.71
N ILE L 62 -131.00 -35.79 -15.04
CA ILE L 62 -132.23 -35.07 -14.77
C ILE L 62 -132.85 -35.48 -13.44
N HIS L 63 -133.20 -36.75 -13.32
CA HIS L 63 -133.85 -37.26 -12.11
C HIS L 63 -132.99 -37.82 -10.99
N ALA L 64 -131.70 -37.96 -11.24
CA ALA L 64 -130.82 -38.50 -10.20
C ALA L 64 -130.81 -37.60 -8.97
N GLY L 65 -131.15 -38.19 -7.82
CA GLY L 65 -131.17 -37.46 -6.58
C GLY L 65 -132.39 -36.58 -6.40
N GLU L 66 -133.48 -36.92 -7.08
CA GLU L 66 -134.69 -36.13 -6.98
C GLU L 66 -135.95 -36.96 -7.15
N ARG L 67 -136.14 -37.53 -8.33
CA ARG L 67 -137.31 -38.34 -8.63
C ARG L 67 -137.75 -39.32 -7.53
N LEU L 68 -136.79 -39.99 -6.90
CA LEU L 68 -137.12 -40.98 -5.87
C LEU L 68 -137.21 -40.41 -4.45
N GLY L 69 -136.61 -39.25 -4.24
CA GLY L 69 -136.64 -38.63 -2.93
C GLY L 69 -135.64 -37.50 -2.88
N ARG L 70 -135.61 -36.75 -1.78
CA ARG L 70 -134.68 -35.64 -1.63
C ARG L 70 -134.17 -35.45 -0.21
N GLY L 71 -134.89 -35.99 0.76
CA GLY L 71 -134.49 -35.83 2.15
C GLY L 71 -135.22 -34.64 2.75
N ILE L 72 -135.59 -33.72 1.86
CA ILE L 72 -136.32 -32.52 2.23
C ILE L 72 -137.63 -32.64 1.45
N VAL L 73 -138.61 -33.27 2.10
CA VAL L 73 -139.93 -33.54 1.51
C VAL L 73 -140.72 -32.35 0.97
N THR L 74 -141.28 -32.54 -0.23
CA THR L 74 -142.08 -31.52 -0.92
C THR L 74 -142.82 -32.16 -2.07
N ASP L 75 -144.03 -31.68 -2.35
CA ASP L 75 -144.81 -32.21 -3.47
C ASP L 75 -144.42 -31.36 -4.67
N ALA L 76 -143.25 -30.73 -4.57
CA ALA L 76 -142.74 -29.86 -5.62
C ALA L 76 -141.89 -30.67 -6.61
N ILE L 77 -141.92 -30.26 -7.87
CA ILE L 77 -141.17 -30.95 -8.91
C ILE L 77 -139.68 -30.69 -8.83
N THR L 78 -139.32 -29.48 -8.42
CA THR L 78 -137.93 -29.09 -8.32
C THR L 78 -137.38 -29.18 -6.89
N THR L 79 -136.09 -28.89 -6.74
CA THR L 79 -135.44 -28.92 -5.44
C THR L 79 -135.54 -27.55 -4.79
N PRO L 80 -135.94 -27.51 -3.51
CA PRO L 80 -136.04 -26.22 -2.81
C PRO L 80 -134.69 -25.70 -2.36
N VAL L 81 -134.51 -24.40 -2.51
CA VAL L 81 -133.28 -23.74 -2.11
C VAL L 81 -133.41 -23.41 -0.62
N VAL L 82 -132.51 -23.96 0.18
CA VAL L 82 -132.54 -23.73 1.61
C VAL L 82 -131.44 -22.74 2.02
N ASN L 83 -131.82 -21.50 2.27
CA ASN L 83 -130.87 -20.48 2.67
C ASN L 83 -130.79 -20.43 4.19
N THR L 84 -130.00 -21.33 4.76
CA THR L 84 -129.85 -21.38 6.20
C THR L 84 -128.39 -21.48 6.57
N SER L 85 -128.02 -20.91 7.72
CA SER L 85 -126.64 -20.93 8.16
C SER L 85 -126.44 -21.99 9.26
N ALA L 86 -127.55 -22.37 9.89
CA ALA L 86 -127.51 -23.37 10.94
C ALA L 86 -128.78 -24.21 10.93
N TYR L 87 -128.73 -25.33 11.64
CA TYR L 87 -129.87 -26.24 11.72
C TYR L 87 -130.18 -26.51 13.19
N PHE L 88 -131.45 -26.31 13.56
CA PHE L 88 -131.86 -26.49 14.95
C PHE L 88 -132.25 -27.92 15.33
N PHE L 89 -132.42 -28.12 16.63
CA PHE L 89 -132.80 -29.42 17.19
C PHE L 89 -133.97 -29.17 18.13
N ASN L 90 -134.95 -30.07 18.11
CA ASN L 90 -136.13 -29.95 18.95
C ASN L 90 -135.82 -29.93 20.44
N LYS L 91 -135.01 -30.87 20.92
CA LYS L 91 -134.64 -30.93 22.32
C LYS L 91 -133.23 -31.48 22.52
N THR L 92 -132.57 -31.04 23.59
CA THR L 92 -131.22 -31.45 23.90
C THR L 92 -131.00 -32.96 23.70
N SER L 93 -132.04 -33.74 23.96
CA SER L 93 -131.96 -35.18 23.80
C SER L 93 -131.56 -35.53 22.37
N GLU L 94 -132.34 -35.02 21.41
CA GLU L 94 -132.09 -35.27 19.99
C GLU L 94 -130.70 -34.79 19.59
N LEU L 95 -130.27 -33.66 20.15
CA LEU L 95 -128.96 -33.11 19.85
C LEU L 95 -127.89 -34.16 20.17
N ILE L 96 -128.06 -34.84 21.30
CA ILE L 96 -127.12 -35.86 21.71
C ILE L 96 -127.20 -37.04 20.76
N ASP L 97 -128.43 -37.45 20.43
CA ASP L 97 -128.64 -38.56 19.51
C ASP L 97 -127.82 -38.36 18.24
N PHE L 98 -127.84 -37.13 17.72
CA PHE L 98 -127.11 -36.78 16.51
C PHE L 98 -125.60 -36.86 16.77
N LYS L 99 -125.18 -36.31 17.90
CA LYS L 99 -123.77 -36.31 18.28
C LYS L 99 -123.26 -37.72 18.47
N GLU L 100 -124.17 -38.64 18.79
CA GLU L 100 -123.82 -40.03 19.01
C GLU L 100 -124.15 -40.90 17.80
N LYS L 101 -124.23 -40.27 16.63
CA LYS L 101 -124.51 -40.97 15.37
C LYS L 101 -125.83 -41.75 15.30
N ARG L 102 -126.83 -41.32 16.06
CA ARG L 102 -128.13 -42.00 16.06
C ARG L 102 -129.16 -41.22 15.25
N ARG L 103 -128.84 -39.96 14.94
CA ARG L 103 -129.74 -39.10 14.18
C ARG L 103 -128.98 -38.33 13.10
N ALA L 104 -129.68 -37.97 12.03
CA ALA L 104 -129.07 -37.23 10.92
C ALA L 104 -129.32 -35.73 10.97
N SER L 105 -128.31 -34.96 10.60
CA SER L 105 -128.40 -33.50 10.59
C SER L 105 -127.09 -32.90 10.10
N PHE L 106 -127.17 -31.72 9.50
CA PHE L 106 -125.97 -31.04 9.00
C PHE L 106 -125.40 -30.17 10.09
N GLU L 107 -126.21 -29.93 11.12
CA GLU L 107 -125.81 -29.11 12.25
C GLU L 107 -125.52 -27.69 11.80
N TYR L 108 -124.38 -27.50 11.14
CA TYR L 108 -123.97 -26.18 10.66
C TYR L 108 -123.94 -26.14 9.12
N GLY L 109 -124.13 -24.95 8.57
CA GLY L 109 -124.13 -24.82 7.12
C GLY L 109 -122.81 -25.17 6.44
N ARG L 110 -121.72 -25.07 7.19
CA ARG L 110 -120.41 -25.38 6.64
C ARG L 110 -120.24 -26.89 6.46
N TYR L 111 -121.13 -27.66 7.09
CA TYR L 111 -121.05 -29.11 7.02
C TYR L 111 -122.03 -29.77 6.07
N GLY L 112 -122.77 -28.97 5.32
CA GLY L 112 -123.74 -29.54 4.41
C GLY L 112 -124.98 -28.71 4.24
N ASN L 113 -125.84 -29.13 3.31
CA ASN L 113 -127.07 -28.42 3.03
C ASN L 113 -127.99 -29.30 2.19
N PRO L 114 -129.28 -29.32 2.52
CA PRO L 114 -130.27 -30.13 1.79
C PRO L 114 -130.32 -29.91 0.28
N THR L 115 -130.23 -28.65 -0.15
CA THR L 115 -130.27 -28.35 -1.56
C THR L 115 -128.94 -28.61 -2.24
N THR L 116 -127.92 -28.92 -1.45
CA THR L 116 -126.60 -29.17 -1.99
C THR L 116 -126.38 -30.67 -2.18
N VAL L 117 -126.77 -31.46 -1.19
CA VAL L 117 -126.58 -32.91 -1.26
C VAL L 117 -127.24 -33.51 -2.50
N VAL L 118 -128.34 -32.88 -2.93
CA VAL L 118 -129.05 -33.37 -4.10
C VAL L 118 -128.08 -33.37 -5.28
N LEU L 119 -127.37 -32.27 -5.44
CA LEU L 119 -126.41 -32.14 -6.52
C LEU L 119 -125.29 -33.14 -6.33
N GLU L 120 -124.95 -33.40 -5.07
CA GLU L 120 -123.88 -34.34 -4.74
C GLU L 120 -124.29 -35.73 -5.19
N GLU L 121 -125.52 -36.10 -4.86
CA GLU L 121 -126.02 -37.41 -5.23
C GLU L 121 -126.22 -37.48 -6.73
N LYS L 122 -126.64 -36.37 -7.33
CA LYS L 122 -126.87 -36.33 -8.76
C LYS L 122 -125.59 -36.63 -9.51
N ILE L 123 -124.52 -35.93 -9.18
CA ILE L 123 -123.24 -36.13 -9.82
C ILE L 123 -122.66 -37.51 -9.50
N SER L 124 -122.92 -37.97 -8.29
CA SER L 124 -122.43 -39.28 -7.86
C SER L 124 -122.97 -40.38 -8.76
N ALA L 125 -124.23 -40.23 -9.19
CA ALA L 125 -124.87 -41.22 -10.05
C ALA L 125 -124.28 -41.22 -11.45
N LEU L 126 -124.06 -40.03 -11.99
CA LEU L 126 -123.52 -39.88 -13.34
C LEU L 126 -122.15 -40.55 -13.45
N GLU L 127 -121.30 -40.31 -12.46
CA GLU L 127 -119.98 -40.90 -12.47
C GLU L 127 -119.99 -42.32 -11.90
N GLY L 128 -121.12 -42.73 -11.36
CA GLY L 128 -121.22 -44.06 -10.78
C GLY L 128 -120.31 -44.16 -9.57
N ALA L 129 -120.17 -43.04 -8.86
CA ALA L 129 -119.32 -42.98 -7.68
C ALA L 129 -120.07 -43.34 -6.39
N GLU L 130 -119.30 -43.57 -5.34
CA GLU L 130 -119.83 -43.91 -4.04
C GLU L 130 -120.28 -42.65 -3.31
N SER L 131 -119.56 -41.55 -3.54
CA SER L 131 -119.88 -40.28 -2.90
C SER L 131 -119.20 -39.11 -3.61
N THR L 132 -119.89 -37.98 -3.68
CA THR L 132 -119.33 -36.79 -4.32
C THR L 132 -119.30 -35.60 -3.36
N LEU L 133 -118.28 -34.77 -3.49
CA LEU L 133 -118.14 -33.59 -2.65
C LEU L 133 -118.17 -32.33 -3.53
N LEU L 134 -118.89 -31.31 -3.07
CA LEU L 134 -119.00 -30.06 -3.82
C LEU L 134 -118.40 -28.87 -3.07
N MET L 135 -117.57 -28.10 -3.78
CA MET L 135 -116.91 -26.96 -3.18
C MET L 135 -117.18 -25.64 -3.90
N ALA L 136 -116.58 -24.58 -3.38
CA ALA L 136 -116.74 -23.25 -3.93
C ALA L 136 -116.29 -23.12 -5.38
N SER L 137 -115.26 -23.87 -5.76
CA SER L 137 -114.76 -23.82 -7.12
C SER L 137 -113.85 -24.98 -7.47
N GLY L 138 -113.55 -25.14 -8.76
CA GLY L 138 -112.67 -26.20 -9.21
C GLY L 138 -111.33 -26.20 -8.53
N MET L 139 -110.72 -25.02 -8.41
CA MET L 139 -109.43 -24.87 -7.76
C MET L 139 -109.48 -25.37 -6.31
N CYS L 140 -110.55 -25.00 -5.62
CA CYS L 140 -110.78 -25.40 -4.24
C CYS L 140 -110.71 -26.93 -4.12
N ALA L 141 -111.39 -27.61 -5.05
CA ALA L 141 -111.44 -29.06 -5.08
C ALA L 141 -110.06 -29.73 -5.20
N SER L 142 -109.31 -29.37 -6.24
CA SER L 142 -107.97 -29.93 -6.43
C SER L 142 -107.08 -29.58 -5.24
N THR L 143 -107.14 -28.30 -4.84
CA THR L 143 -106.36 -27.78 -3.73
C THR L 143 -106.58 -28.56 -2.44
N VAL L 144 -107.85 -28.69 -2.04
CA VAL L 144 -108.20 -29.41 -0.81
C VAL L 144 -107.89 -30.90 -0.94
N MET L 145 -108.16 -31.45 -2.12
CA MET L 145 -107.91 -32.87 -2.36
C MET L 145 -106.45 -33.19 -2.12
N LEU L 146 -105.57 -32.39 -2.72
CA LEU L 146 -104.14 -32.57 -2.58
C LEU L 146 -103.72 -32.46 -1.13
N LEU L 147 -104.11 -31.35 -0.50
CA LEU L 147 -103.78 -31.08 0.90
C LEU L 147 -104.28 -32.17 1.83
N ALA L 148 -105.32 -32.89 1.40
CA ALA L 148 -105.91 -33.94 2.23
C ALA L 148 -105.33 -35.32 2.05
N LEU L 149 -105.07 -35.70 0.81
CA LEU L 149 -104.57 -37.04 0.52
C LEU L 149 -103.05 -37.22 0.56
N VAL L 150 -102.32 -36.21 0.08
CA VAL L 150 -100.87 -36.26 0.05
C VAL L 150 -100.27 -35.84 1.41
N PRO L 151 -99.49 -36.72 2.04
CA PRO L 151 -98.88 -36.41 3.34
C PRO L 151 -97.64 -35.53 3.18
N ALA L 152 -97.15 -35.00 4.29
CA ALA L 152 -95.96 -34.15 4.27
C ALA L 152 -94.74 -34.97 3.88
N GLY L 153 -93.92 -34.41 2.99
CA GLY L 153 -92.74 -35.11 2.55
C GLY L 153 -93.02 -36.14 1.48
N GLY L 154 -94.31 -36.37 1.21
CA GLY L 154 -94.71 -37.33 0.21
C GLY L 154 -94.33 -36.92 -1.21
N HIS L 155 -94.57 -37.80 -2.17
CA HIS L 155 -94.25 -37.51 -3.56
C HIS L 155 -95.47 -37.57 -4.45
N ILE L 156 -95.50 -36.69 -5.44
CA ILE L 156 -96.62 -36.62 -6.37
C ILE L 156 -96.13 -36.69 -7.82
N VAL L 157 -97.02 -37.08 -8.71
CA VAL L 157 -96.68 -37.18 -10.12
C VAL L 157 -97.81 -36.59 -10.95
N THR L 158 -97.44 -35.73 -11.90
CA THR L 158 -98.42 -35.09 -12.77
C THR L 158 -97.79 -34.88 -14.13
N THR L 159 -98.58 -34.36 -15.05
CA THR L 159 -98.10 -34.13 -16.40
C THR L 159 -97.53 -32.71 -16.57
N THR L 160 -97.06 -32.42 -17.78
CA THR L 160 -96.49 -31.12 -18.11
C THR L 160 -97.57 -30.15 -18.58
N ASP L 161 -98.70 -30.70 -18.99
CA ASP L 161 -99.82 -29.91 -19.50
C ASP L 161 -100.80 -29.52 -18.38
N CYS L 162 -100.39 -29.79 -17.15
CA CYS L 162 -101.21 -29.48 -15.97
C CYS L 162 -101.73 -28.06 -16.04
N TYR L 163 -102.93 -27.83 -15.50
CA TYR L 163 -103.53 -26.51 -15.49
C TYR L 163 -102.56 -25.57 -14.79
N ARG L 164 -102.29 -24.41 -15.40
CA ARG L 164 -101.35 -23.43 -14.85
C ARG L 164 -101.45 -23.21 -13.35
N LYS L 165 -102.59 -22.66 -12.90
CA LYS L 165 -102.79 -22.39 -11.49
C LYS L 165 -102.50 -23.60 -10.62
N THR L 166 -102.94 -24.77 -11.05
CA THR L 166 -102.70 -26.00 -10.28
C THR L 166 -101.21 -26.23 -10.17
N ARG L 167 -100.51 -26.02 -11.27
CA ARG L 167 -99.06 -26.20 -11.33
C ARG L 167 -98.41 -25.32 -10.27
N ILE L 168 -98.86 -24.07 -10.18
CA ILE L 168 -98.34 -23.12 -9.22
C ILE L 168 -98.53 -23.59 -7.78
N PHE L 169 -99.70 -24.16 -7.49
CA PHE L 169 -99.99 -24.63 -6.14
C PHE L 169 -99.05 -25.76 -5.76
N ILE L 170 -98.78 -26.65 -6.71
CA ILE L 170 -97.92 -27.79 -6.47
C ILE L 170 -96.44 -27.39 -6.42
N GLU L 171 -96.09 -26.36 -7.17
CA GLU L 171 -94.70 -25.90 -7.21
C GLU L 171 -94.32 -24.82 -6.22
N THR L 172 -95.30 -24.26 -5.50
CA THR L 172 -94.98 -23.20 -4.54
C THR L 172 -95.55 -23.41 -3.15
N ILE L 173 -96.64 -24.16 -3.05
CA ILE L 173 -97.25 -24.39 -1.75
C ILE L 173 -96.92 -25.76 -1.17
N LEU L 174 -97.19 -26.82 -1.93
CA LEU L 174 -96.92 -28.16 -1.45
C LEU L 174 -95.50 -28.37 -0.92
N PRO L 175 -94.50 -27.76 -1.57
CA PRO L 175 -93.11 -27.93 -1.09
C PRO L 175 -92.93 -27.56 0.37
N LYS L 176 -93.70 -26.56 0.82
CA LYS L 176 -93.64 -26.09 2.20
C LYS L 176 -93.93 -27.26 3.14
N MET L 177 -94.66 -28.25 2.63
CA MET L 177 -95.00 -29.43 3.42
C MET L 177 -94.05 -30.57 3.08
N GLY L 178 -92.95 -30.22 2.40
CA GLY L 178 -91.99 -31.22 2.02
C GLY L 178 -92.45 -32.14 0.91
N ILE L 179 -93.58 -31.82 0.28
CA ILE L 179 -94.09 -32.66 -0.80
C ILE L 179 -93.36 -32.35 -2.11
N THR L 180 -92.64 -33.35 -2.61
CA THR L 180 -91.91 -33.20 -3.87
C THR L 180 -92.71 -33.81 -5.00
N ALA L 181 -92.50 -33.31 -6.22
CA ALA L 181 -93.25 -33.79 -7.37
C ALA L 181 -92.41 -34.16 -8.59
N THR L 182 -92.98 -35.02 -9.43
CA THR L 182 -92.33 -35.46 -10.65
C THR L 182 -93.23 -35.13 -11.82
N VAL L 183 -92.75 -34.28 -12.72
CA VAL L 183 -93.52 -33.88 -13.88
C VAL L 183 -93.13 -34.68 -15.12
N ILE L 184 -94.11 -35.36 -15.71
CA ILE L 184 -93.88 -36.17 -16.89
C ILE L 184 -94.81 -35.77 -18.03
N ASP L 185 -94.47 -36.18 -19.25
CA ASP L 185 -95.30 -35.86 -20.40
C ASP L 185 -96.55 -36.74 -20.35
N PRO L 186 -97.71 -36.21 -20.76
CA PRO L 186 -98.97 -36.95 -20.75
C PRO L 186 -98.91 -38.33 -21.38
N ALA L 187 -98.11 -38.47 -22.44
CA ALA L 187 -97.97 -39.74 -23.14
C ALA L 187 -96.89 -40.64 -22.57
N ASP L 188 -95.78 -40.04 -22.16
CA ASP L 188 -94.65 -40.80 -21.61
C ASP L 188 -95.05 -41.73 -20.46
N VAL L 189 -95.40 -42.95 -20.80
CA VAL L 189 -95.81 -43.96 -19.81
C VAL L 189 -94.59 -44.52 -19.10
N GLY L 190 -93.47 -44.55 -19.81
CA GLY L 190 -92.24 -45.06 -19.24
C GLY L 190 -91.82 -44.21 -18.06
N ALA L 191 -91.87 -42.89 -18.25
CA ALA L 191 -91.49 -41.95 -17.21
C ALA L 191 -92.33 -42.22 -15.98
N LEU L 192 -93.60 -42.51 -16.18
CA LEU L 192 -94.50 -42.79 -15.08
C LEU L 192 -94.06 -44.06 -14.36
N GLU L 193 -93.81 -45.12 -15.13
CA GLU L 193 -93.37 -46.38 -14.55
C GLU L 193 -92.05 -46.23 -13.79
N LEU L 194 -91.14 -45.43 -14.36
CA LEU L 194 -89.84 -45.20 -13.74
C LEU L 194 -90.02 -44.50 -12.40
N ALA L 195 -90.67 -43.34 -12.43
CA ALA L 195 -90.91 -42.56 -11.23
C ALA L 195 -91.62 -43.42 -10.18
N LEU L 196 -92.48 -44.32 -10.66
CA LEU L 196 -93.23 -45.21 -9.79
C LEU L 196 -92.31 -46.16 -9.03
N ASN L 197 -91.14 -46.42 -9.59
CA ASN L 197 -90.18 -47.32 -8.97
C ASN L 197 -89.11 -46.59 -8.17
N GLN L 198 -88.61 -45.47 -8.71
CA GLN L 198 -87.58 -44.69 -8.03
C GLN L 198 -88.12 -44.21 -6.67
N LYS L 199 -88.87 -43.12 -6.70
CA LYS L 199 -89.45 -42.57 -5.47
C LYS L 199 -90.77 -43.26 -5.19
N LYS L 200 -91.27 -43.11 -3.97
CA LYS L 200 -92.53 -43.71 -3.57
C LYS L 200 -93.67 -42.74 -3.83
N VAL L 201 -94.27 -42.84 -5.02
CA VAL L 201 -95.38 -41.97 -5.42
C VAL L 201 -96.60 -42.11 -4.54
N ASN L 202 -97.13 -40.99 -4.07
CA ASN L 202 -98.31 -41.00 -3.21
C ASN L 202 -99.58 -40.93 -4.03
N LEU L 203 -99.54 -40.15 -5.10
CA LEU L 203 -100.71 -40.00 -5.96
C LEU L 203 -100.34 -39.40 -7.32
N PHE L 204 -100.95 -39.92 -8.37
CA PHE L 204 -100.73 -39.43 -9.71
C PHE L 204 -101.93 -38.60 -10.08
N PHE L 205 -101.71 -37.32 -10.37
CA PHE L 205 -102.79 -36.43 -10.71
C PHE L 205 -102.63 -35.87 -12.11
N THR L 206 -103.74 -35.85 -12.85
CA THR L 206 -103.72 -35.32 -14.21
C THR L 206 -105.12 -35.16 -14.76
N GLU L 207 -105.24 -34.37 -15.82
CA GLU L 207 -106.51 -34.15 -16.46
C GLU L 207 -106.48 -34.84 -17.83
N SER L 208 -107.65 -35.15 -18.36
CA SER L 208 -107.76 -35.80 -19.65
C SER L 208 -109.18 -35.69 -20.18
N PRO L 209 -109.39 -34.95 -21.27
CA PRO L 209 -108.36 -34.24 -22.03
C PRO L 209 -107.61 -33.20 -21.21
N THR L 210 -106.47 -32.78 -21.74
CA THR L 210 -105.61 -31.81 -21.10
C THR L 210 -105.84 -30.42 -21.69
N ASN L 211 -105.37 -29.39 -21.00
CA ASN L 211 -105.51 -28.02 -21.49
C ASN L 211 -104.13 -27.47 -21.85
N PRO L 212 -104.00 -26.81 -23.02
CA PRO L 212 -105.06 -26.56 -24.01
C PRO L 212 -104.94 -27.46 -25.24
N PHE L 213 -103.98 -28.39 -25.21
CA PHE L 213 -103.76 -29.29 -26.33
C PHE L 213 -104.61 -30.56 -26.29
N LEU L 214 -105.53 -30.61 -25.34
CA LEU L 214 -106.43 -31.75 -25.18
C LEU L 214 -105.75 -33.10 -25.24
N ARG L 215 -104.60 -33.22 -24.57
CA ARG L 215 -103.89 -34.49 -24.54
C ARG L 215 -104.66 -35.49 -23.67
N CYS L 216 -104.65 -36.75 -24.06
CA CYS L 216 -105.36 -37.77 -23.31
C CYS L 216 -104.42 -38.79 -22.69
N VAL L 217 -104.81 -39.30 -21.54
CA VAL L 217 -104.01 -40.29 -20.83
C VAL L 217 -104.78 -41.60 -20.74
N ASP L 218 -104.10 -42.70 -21.03
CA ASP L 218 -104.74 -44.01 -20.96
C ASP L 218 -105.09 -44.29 -19.48
N ILE L 219 -106.25 -43.82 -19.05
CA ILE L 219 -106.68 -44.01 -17.66
C ILE L 219 -106.55 -45.45 -17.21
N GLU L 220 -107.13 -46.37 -17.98
CA GLU L 220 -107.10 -47.79 -17.66
C GLU L 220 -105.68 -48.27 -17.37
N LEU L 221 -104.77 -48.00 -18.30
CA LEU L 221 -103.39 -48.41 -18.14
C LEU L 221 -102.74 -47.72 -16.95
N VAL L 222 -102.66 -46.39 -17.02
CA VAL L 222 -102.08 -45.57 -15.97
C VAL L 222 -102.50 -46.02 -14.59
N SER L 223 -103.79 -46.31 -14.43
CA SER L 223 -104.32 -46.75 -13.15
C SER L 223 -103.68 -48.06 -12.71
N LYS L 224 -103.55 -48.99 -13.65
CA LYS L 224 -102.96 -50.30 -13.40
C LYS L 224 -101.55 -50.18 -12.84
N LEU L 225 -100.72 -49.40 -13.52
CA LEU L 225 -99.34 -49.19 -13.11
C LEU L 225 -99.25 -48.58 -11.72
N CYS L 226 -100.04 -47.52 -11.50
CA CYS L 226 -100.04 -46.80 -10.22
C CYS L 226 -100.45 -47.68 -9.05
N HIS L 227 -101.62 -48.30 -9.15
CA HIS L 227 -102.14 -49.16 -8.10
C HIS L 227 -101.17 -50.30 -7.79
N GLU L 228 -100.41 -50.71 -8.80
CA GLU L 228 -99.43 -51.79 -8.65
C GLU L 228 -98.38 -51.37 -7.63
N LYS L 229 -98.10 -50.06 -7.58
CA LYS L 229 -97.10 -49.52 -6.67
C LYS L 229 -97.71 -48.74 -5.50
N GLY L 230 -99.00 -48.90 -5.28
CA GLY L 230 -99.66 -48.22 -4.17
C GLY L 230 -100.04 -46.77 -4.38
N ALA L 231 -99.76 -46.22 -5.54
CA ALA L 231 -100.08 -44.83 -5.83
C ALA L 231 -101.56 -44.65 -6.07
N LEU L 232 -102.04 -43.41 -5.91
CA LEU L 232 -103.44 -43.10 -6.12
C LEU L 232 -103.58 -42.38 -7.45
N VAL L 233 -104.74 -42.52 -8.07
CA VAL L 233 -104.99 -41.88 -9.36
C VAL L 233 -106.17 -40.93 -9.30
N CYS L 234 -105.93 -39.70 -9.75
CA CYS L 234 -106.96 -38.67 -9.77
C CYS L 234 -106.97 -38.04 -11.14
N ILE L 235 -108.11 -38.14 -11.81
CA ILE L 235 -108.27 -37.59 -13.15
C ILE L 235 -109.19 -36.39 -13.12
N ASP L 236 -108.82 -35.34 -13.86
CA ASP L 236 -109.64 -34.14 -13.93
C ASP L 236 -110.35 -34.19 -15.28
N GLY L 237 -111.57 -34.74 -15.27
CA GLY L 237 -112.34 -34.86 -16.49
C GLY L 237 -113.16 -33.63 -16.84
N THR L 238 -112.66 -32.46 -16.46
CA THR L 238 -113.36 -31.21 -16.73
C THR L 238 -113.77 -31.13 -18.21
N PHE L 239 -112.79 -31.22 -19.10
CA PHE L 239 -113.03 -31.15 -20.54
C PHE L 239 -113.89 -32.29 -21.07
N ALA L 240 -113.76 -33.45 -20.43
CA ALA L 240 -114.49 -34.64 -20.83
C ALA L 240 -115.95 -34.63 -20.47
N THR L 241 -116.24 -34.37 -19.21
CA THR L 241 -117.62 -34.36 -18.71
C THR L 241 -117.95 -35.81 -18.37
N PRO L 242 -118.74 -36.04 -17.30
CA PRO L 242 -119.09 -37.41 -16.92
C PRO L 242 -119.94 -38.16 -17.95
N LEU L 243 -120.21 -37.52 -19.07
CA LEU L 243 -121.01 -38.12 -20.13
C LEU L 243 -120.12 -38.73 -21.22
N ASN L 244 -119.02 -38.05 -21.52
CA ASN L 244 -118.10 -38.50 -22.55
C ASN L 244 -117.11 -39.57 -22.08
N GLN L 245 -116.99 -39.74 -20.77
CA GLN L 245 -116.07 -40.74 -20.23
C GLN L 245 -116.29 -40.98 -18.74
N LYS L 246 -116.02 -42.20 -18.30
CA LYS L 246 -116.19 -42.58 -16.90
C LYS L 246 -114.87 -42.97 -16.24
N ALA L 247 -114.04 -41.97 -15.95
CA ALA L 247 -112.75 -42.21 -15.33
C ALA L 247 -112.82 -43.21 -14.20
N LEU L 248 -113.88 -43.13 -13.40
CA LEU L 248 -114.04 -44.03 -12.28
C LEU L 248 -114.10 -45.49 -12.71
N ALA L 249 -114.87 -45.75 -13.76
CA ALA L 249 -115.03 -47.10 -14.27
C ALA L 249 -113.77 -47.60 -14.97
N LEU L 250 -112.96 -46.66 -15.43
CA LEU L 250 -111.73 -47.01 -16.13
C LEU L 250 -110.61 -47.38 -15.16
N GLY L 251 -110.81 -47.11 -13.87
CA GLY L 251 -109.79 -47.45 -12.90
C GLY L 251 -109.35 -46.36 -11.94
N ALA L 252 -109.61 -45.10 -12.30
CA ALA L 252 -109.22 -43.98 -11.45
C ALA L 252 -109.87 -44.09 -10.08
N ASP L 253 -109.18 -43.58 -9.07
CA ASP L 253 -109.68 -43.62 -7.71
C ASP L 253 -110.62 -42.44 -7.50
N LEU L 254 -110.21 -41.28 -8.02
CA LEU L 254 -111.00 -40.06 -7.90
C LEU L 254 -111.07 -39.32 -9.22
N VAL L 255 -112.23 -38.71 -9.48
CA VAL L 255 -112.44 -37.93 -10.68
C VAL L 255 -113.02 -36.59 -10.22
N LEU L 256 -112.37 -35.50 -10.62
CA LEU L 256 -112.87 -34.20 -10.22
C LEU L 256 -113.17 -33.33 -11.44
N HIS L 257 -114.12 -32.43 -11.28
CA HIS L 257 -114.51 -31.53 -12.36
C HIS L 257 -114.57 -30.10 -11.85
N SER L 258 -114.99 -29.22 -12.74
CA SER L 258 -115.15 -27.81 -12.45
C SER L 258 -116.55 -27.51 -12.96
N ALA L 259 -117.55 -27.63 -12.09
CA ALA L 259 -118.93 -27.37 -12.49
C ALA L 259 -119.05 -26.04 -13.22
N THR L 260 -118.09 -25.16 -12.97
CA THR L 260 -118.04 -23.83 -13.58
C THR L 260 -118.13 -23.89 -15.10
N LYS L 261 -117.69 -25.00 -15.67
CA LYS L 261 -117.66 -25.15 -17.11
C LYS L 261 -118.89 -25.82 -17.73
N PHE L 262 -118.77 -27.11 -18.02
CA PHE L 262 -119.87 -27.84 -18.65
C PHE L 262 -121.03 -28.17 -17.73
N LEU L 263 -120.73 -28.61 -16.52
CA LEU L 263 -121.79 -28.96 -15.57
C LEU L 263 -122.79 -27.82 -15.37
N GLY L 264 -122.28 -26.60 -15.18
CA GLY L 264 -123.14 -25.45 -15.02
C GLY L 264 -123.68 -25.05 -16.38
N GLY L 265 -122.79 -25.06 -17.36
CA GLY L 265 -123.14 -24.74 -18.73
C GLY L 265 -123.74 -23.41 -19.12
N HIS L 266 -123.96 -22.52 -18.15
CA HIS L 266 -124.55 -21.23 -18.48
C HIS L 266 -123.68 -20.03 -18.15
N ASN L 267 -122.42 -20.29 -17.82
CA ASN L 267 -121.48 -19.23 -17.51
C ASN L 267 -122.04 -18.24 -16.49
N ASP L 268 -122.47 -18.73 -15.35
CA ASP L 268 -123.02 -17.84 -14.33
C ASP L 268 -122.82 -18.34 -12.90
N VAL L 269 -122.00 -19.38 -12.74
CA VAL L 269 -121.76 -19.91 -11.40
C VAL L 269 -120.47 -20.73 -11.33
N LEU L 270 -119.78 -20.63 -10.20
CA LEU L 270 -118.54 -21.36 -9.98
C LEU L 270 -118.80 -22.49 -9.01
N ALA L 271 -118.04 -23.59 -9.13
CA ALA L 271 -118.21 -24.73 -8.25
C ALA L 271 -117.16 -25.82 -8.49
N GLY L 272 -116.90 -26.62 -7.47
CA GLY L 272 -115.94 -27.69 -7.58
C GLY L 272 -116.57 -29.05 -7.45
N CYS L 273 -115.92 -30.07 -8.01
CA CYS L 273 -116.47 -31.42 -7.95
C CYS L 273 -115.41 -32.48 -7.68
N ILE L 274 -115.74 -33.43 -6.81
CA ILE L 274 -114.83 -34.53 -6.50
C ILE L 274 -115.65 -35.76 -6.18
N SER L 275 -115.63 -36.72 -7.09
CA SER L 275 -116.37 -37.96 -6.90
C SER L 275 -115.43 -39.15 -6.79
N GLY L 276 -115.80 -40.11 -5.96
CA GLY L 276 -114.99 -41.29 -5.78
C GLY L 276 -115.53 -42.16 -4.66
N PRO L 277 -114.72 -43.06 -4.09
CA PRO L 277 -115.18 -43.93 -3.01
C PRO L 277 -115.37 -43.14 -1.71
N LEU L 278 -116.21 -43.64 -0.83
CA LEU L 278 -116.46 -42.98 0.45
C LEU L 278 -115.18 -42.83 1.26
N LYS L 279 -114.55 -43.97 1.56
CA LYS L 279 -113.31 -44.00 2.33
C LYS L 279 -112.39 -42.85 1.95
N LEU L 280 -112.33 -42.55 0.66
CA LEU L 280 -111.46 -41.49 0.17
C LEU L 280 -112.10 -40.11 0.21
N VAL L 281 -113.19 -39.93 -0.52
CA VAL L 281 -113.88 -38.64 -0.58
C VAL L 281 -114.23 -38.08 0.79
N SER L 282 -114.43 -38.96 1.76
CA SER L 282 -114.77 -38.56 3.12
C SER L 282 -113.60 -37.86 3.80
N GLU L 283 -112.39 -38.37 3.54
CA GLU L 283 -111.16 -37.81 4.09
C GLU L 283 -110.99 -36.35 3.64
N ILE L 284 -111.37 -36.07 2.40
CA ILE L 284 -111.26 -34.73 1.85
C ILE L 284 -112.34 -33.85 2.46
N ARG L 285 -113.54 -34.41 2.59
CA ARG L 285 -114.66 -33.69 3.16
C ARG L 285 -114.31 -33.19 4.57
N ASN L 286 -113.47 -33.95 5.27
CA ASN L 286 -113.08 -33.58 6.62
C ASN L 286 -112.21 -32.34 6.66
N LEU L 287 -111.23 -32.26 5.75
CA LEU L 287 -110.35 -31.10 5.69
C LEU L 287 -111.16 -29.95 5.13
N HIS L 288 -112.19 -30.28 4.35
CA HIS L 288 -113.06 -29.30 3.74
C HIS L 288 -113.84 -28.56 4.83
N HIS L 289 -114.33 -29.31 5.81
CA HIS L 289 -115.08 -28.75 6.92
C HIS L 289 -114.23 -27.79 7.75
N ILE L 290 -112.92 -27.78 7.50
CA ILE L 290 -112.04 -26.89 8.24
C ILE L 290 -111.60 -25.70 7.39
N LEU L 291 -111.17 -25.97 6.17
CA LEU L 291 -110.74 -24.89 5.28
C LEU L 291 -111.95 -24.02 4.96
N GLY L 292 -113.14 -24.62 5.01
CA GLY L 292 -114.37 -23.88 4.74
C GLY L 292 -114.52 -23.28 3.36
N GLY L 293 -114.66 -24.13 2.34
CA GLY L 293 -114.84 -23.65 0.99
C GLY L 293 -116.21 -24.04 0.51
N ALA L 294 -117.16 -24.03 1.44
CA ALA L 294 -118.55 -24.40 1.17
C ALA L 294 -119.19 -23.70 -0.01
N LEU L 295 -120.07 -24.42 -0.70
CA LEU L 295 -120.77 -23.91 -1.88
C LEU L 295 -122.14 -23.40 -1.45
N ASN L 296 -122.53 -22.24 -1.98
CA ASN L 296 -123.81 -21.62 -1.65
C ASN L 296 -124.98 -22.38 -2.28
N PRO L 297 -126.08 -22.54 -1.52
CA PRO L 297 -127.27 -23.25 -2.00
C PRO L 297 -127.86 -22.66 -3.27
N ASN L 298 -127.69 -21.36 -3.45
CA ASN L 298 -128.21 -20.70 -4.65
C ASN L 298 -127.42 -21.17 -5.84
N ALA L 299 -126.11 -21.33 -5.66
CA ALA L 299 -125.24 -21.80 -6.74
C ALA L 299 -125.53 -23.27 -6.99
N ALA L 300 -125.71 -24.01 -5.91
CA ALA L 300 -125.99 -25.44 -6.02
C ALA L 300 -127.20 -25.67 -6.92
N TYR L 301 -128.23 -24.84 -6.75
CA TYR L 301 -129.43 -24.99 -7.54
C TYR L 301 -129.18 -24.61 -9.00
N LEU L 302 -128.37 -23.57 -9.20
CA LEU L 302 -128.04 -23.10 -10.53
C LEU L 302 -127.37 -24.19 -11.35
N ILE L 303 -126.75 -25.14 -10.65
CA ILE L 303 -126.07 -26.25 -11.32
C ILE L 303 -127.06 -27.38 -11.50
N ILE L 304 -127.88 -27.62 -10.48
CA ILE L 304 -128.88 -28.67 -10.54
C ILE L 304 -129.77 -28.39 -11.74
N ARG L 305 -130.08 -27.11 -11.93
CA ARG L 305 -130.91 -26.68 -13.03
C ARG L 305 -130.18 -26.82 -14.35
N GLY L 306 -128.93 -26.37 -14.37
CA GLY L 306 -128.13 -26.44 -15.59
C GLY L 306 -127.83 -27.85 -16.03
N MET L 307 -127.82 -28.78 -15.09
CA MET L 307 -127.52 -30.17 -15.41
C MET L 307 -128.73 -30.89 -16.00
N LYS L 308 -129.89 -30.26 -15.93
CA LYS L 308 -131.11 -30.85 -16.47
C LYS L 308 -131.00 -31.00 -17.98
N THR L 309 -130.11 -30.22 -18.59
CA THR L 309 -129.91 -30.25 -20.03
C THR L 309 -128.46 -30.53 -20.38
N LEU L 310 -127.77 -31.25 -19.50
CA LEU L 310 -126.37 -31.57 -19.72
C LEU L 310 -126.23 -32.36 -21.01
N HIS L 311 -126.81 -33.56 -21.05
CA HIS L 311 -126.72 -34.41 -22.23
C HIS L 311 -127.10 -33.68 -23.51
N LEU L 312 -128.14 -32.87 -23.45
CA LEU L 312 -128.58 -32.14 -24.63
C LEU L 312 -127.49 -31.19 -25.07
N ARG L 313 -126.92 -30.47 -24.13
CA ARG L 313 -125.87 -29.51 -24.44
C ARG L 313 -124.64 -30.22 -24.97
N VAL L 314 -124.09 -31.13 -24.17
CA VAL L 314 -122.91 -31.89 -24.56
C VAL L 314 -123.06 -32.46 -25.96
N GLN L 315 -124.17 -33.17 -26.20
CA GLN L 315 -124.44 -33.78 -27.48
C GLN L 315 -124.17 -32.83 -28.64
N GLN L 316 -124.70 -31.61 -28.54
CA GLN L 316 -124.54 -30.60 -29.58
C GLN L 316 -123.12 -30.08 -29.68
N GLN L 317 -122.53 -29.81 -28.52
CA GLN L 317 -121.17 -29.29 -28.46
C GLN L 317 -120.20 -30.28 -29.07
N ASN L 318 -120.43 -31.56 -28.80
CA ASN L 318 -119.58 -32.62 -29.32
C ASN L 318 -119.57 -32.61 -30.84
N SER L 319 -120.73 -32.43 -31.45
CA SER L 319 -120.85 -32.39 -32.90
C SER L 319 -120.14 -31.17 -33.45
N THR L 320 -120.69 -29.99 -33.18
CA THR L 320 -120.12 -28.75 -33.65
C THR L 320 -118.59 -28.78 -33.54
N ALA L 321 -118.09 -29.20 -32.39
CA ALA L 321 -116.66 -29.27 -32.12
C ALA L 321 -115.91 -30.12 -33.14
N LEU L 322 -116.36 -31.36 -33.28
CA LEU L 322 -115.74 -32.31 -34.20
C LEU L 322 -115.80 -31.82 -35.64
N ARG L 323 -117.01 -31.50 -36.11
CA ARG L 323 -117.19 -31.02 -37.46
C ARG L 323 -116.34 -29.80 -37.78
N MET L 324 -116.30 -28.85 -36.86
CA MET L 324 -115.51 -27.63 -37.06
C MET L 324 -114.03 -27.93 -37.05
N ALA L 325 -113.62 -28.88 -36.21
CA ALA L 325 -112.23 -29.27 -36.11
C ALA L 325 -111.71 -29.70 -37.47
N GLU L 326 -112.46 -30.59 -38.13
CA GLU L 326 -112.08 -31.08 -39.44
C GLU L 326 -111.99 -29.91 -40.42
N ILE L 327 -113.07 -29.14 -40.53
CA ILE L 327 -113.11 -28.00 -41.41
C ILE L 327 -111.91 -27.10 -41.19
N LEU L 328 -111.54 -26.90 -39.93
CA LEU L 328 -110.40 -26.06 -39.59
C LEU L 328 -109.09 -26.71 -40.03
N GLU L 329 -108.99 -28.01 -39.83
CA GLU L 329 -107.79 -28.74 -40.21
C GLU L 329 -107.52 -28.59 -41.70
N ALA L 330 -108.56 -28.78 -42.51
CA ALA L 330 -108.45 -28.68 -43.95
C ALA L 330 -108.27 -27.25 -44.45
N HIS L 331 -108.45 -26.28 -43.57
CA HIS L 331 -108.30 -24.88 -43.96
C HIS L 331 -106.84 -24.52 -44.22
N PRO L 332 -106.57 -23.76 -45.28
CA PRO L 332 -105.22 -23.33 -45.64
C PRO L 332 -104.58 -22.34 -44.66
N LYS L 333 -105.40 -21.54 -44.01
CA LYS L 333 -104.91 -20.56 -43.06
C LYS L 333 -104.68 -21.12 -41.67
N VAL L 334 -105.06 -22.38 -41.48
CA VAL L 334 -104.88 -23.03 -40.18
C VAL L 334 -103.69 -23.97 -40.27
N ARG L 335 -102.68 -23.73 -39.45
CA ARG L 335 -101.46 -24.54 -39.43
C ARG L 335 -101.62 -25.90 -38.76
N HIS L 336 -102.26 -25.90 -37.59
CA HIS L 336 -102.45 -27.14 -36.84
C HIS L 336 -103.74 -27.11 -36.04
N VAL L 337 -104.35 -28.27 -35.84
CA VAL L 337 -105.59 -28.36 -35.08
C VAL L 337 -105.54 -29.47 -34.03
N TYR L 338 -105.84 -29.11 -32.79
CA TYR L 338 -105.84 -30.06 -31.69
C TYR L 338 -107.27 -30.45 -31.32
N TYR L 339 -107.54 -31.76 -31.35
CA TYR L 339 -108.85 -32.28 -31.01
C TYR L 339 -108.80 -33.79 -31.02
N PRO L 340 -109.03 -34.42 -29.86
CA PRO L 340 -109.00 -35.89 -29.72
C PRO L 340 -109.78 -36.62 -30.82
N GLY L 341 -110.82 -35.99 -31.33
CA GLY L 341 -111.64 -36.60 -32.36
C GLY L 341 -110.93 -36.78 -33.68
N LEU L 342 -110.01 -35.88 -33.98
CA LEU L 342 -109.26 -35.95 -35.22
C LEU L 342 -108.29 -37.13 -35.25
N GLN L 343 -107.95 -37.57 -36.45
CA GLN L 343 -107.03 -38.69 -36.61
C GLN L 343 -105.58 -38.24 -36.45
N SER L 344 -105.38 -36.93 -36.51
CA SER L 344 -104.04 -36.36 -36.38
C SER L 344 -103.64 -36.12 -34.93
N HIS L 345 -104.50 -36.53 -33.99
CA HIS L 345 -104.21 -36.34 -32.58
C HIS L 345 -103.32 -37.47 -32.04
N PRO L 346 -102.27 -37.10 -31.29
CA PRO L 346 -101.32 -38.05 -30.71
C PRO L 346 -101.94 -39.27 -30.03
N GLU L 347 -102.97 -39.04 -29.21
CA GLU L 347 -103.63 -40.15 -28.51
C GLU L 347 -105.05 -40.42 -29.01
N HIS L 348 -105.29 -40.15 -30.29
CA HIS L 348 -106.61 -40.37 -30.89
C HIS L 348 -107.09 -41.80 -30.68
N HIS L 349 -106.15 -42.73 -30.63
CA HIS L 349 -106.49 -44.13 -30.43
C HIS L 349 -106.96 -44.34 -29.00
N ILE L 350 -106.38 -43.57 -28.08
CA ILE L 350 -106.74 -43.67 -26.67
C ILE L 350 -108.12 -43.04 -26.48
N ALA L 351 -108.27 -41.81 -26.96
CA ALA L 351 -109.53 -41.10 -26.85
C ALA L 351 -110.67 -41.95 -27.41
N LYS L 352 -110.42 -42.57 -28.55
CA LYS L 352 -111.43 -43.39 -29.20
C LYS L 352 -111.79 -44.63 -28.40
N LYS L 353 -110.86 -45.07 -27.56
CA LYS L 353 -111.08 -46.27 -26.75
C LYS L 353 -111.75 -45.99 -25.42
N GLN L 354 -111.48 -44.83 -24.83
CA GLN L 354 -112.05 -44.48 -23.53
C GLN L 354 -113.07 -43.35 -23.53
N MET L 355 -113.40 -42.80 -24.69
CA MET L 355 -114.36 -41.72 -24.77
C MET L 355 -115.48 -42.04 -25.76
N THR L 356 -116.64 -41.43 -25.54
CA THR L 356 -117.78 -41.64 -26.43
C THR L 356 -117.98 -40.35 -27.24
N GLY L 357 -117.33 -39.29 -26.75
CA GLY L 357 -117.40 -37.99 -27.40
C GLY L 357 -116.03 -37.37 -27.20
N PHE L 358 -115.80 -36.19 -27.75
CA PHE L 358 -114.49 -35.57 -27.61
C PHE L 358 -114.49 -34.15 -27.11
N GLY L 359 -115.59 -33.73 -26.50
CA GLY L 359 -115.69 -32.38 -25.95
C GLY L 359 -116.10 -31.30 -26.93
N GLY L 360 -116.32 -30.10 -26.39
CA GLY L 360 -116.72 -28.98 -27.22
C GLY L 360 -115.59 -27.99 -27.37
N ALA L 361 -114.44 -28.31 -26.81
CA ALA L 361 -113.28 -27.44 -26.90
C ALA L 361 -112.39 -27.86 -28.06
N VAL L 362 -111.91 -26.89 -28.82
CA VAL L 362 -111.05 -27.15 -29.97
C VAL L 362 -109.94 -26.11 -30.05
N SER L 363 -108.69 -26.58 -30.03
CA SER L 363 -107.54 -25.69 -30.11
C SER L 363 -106.87 -25.79 -31.47
N PHE L 364 -106.42 -24.67 -32.00
CA PHE L 364 -105.75 -24.66 -33.29
C PHE L 364 -104.83 -23.46 -33.43
N GLU L 365 -103.79 -23.62 -34.25
CA GLU L 365 -102.82 -22.56 -34.48
C GLU L 365 -103.06 -21.93 -35.85
N VAL L 366 -103.18 -20.62 -35.88
CA VAL L 366 -103.41 -19.92 -37.14
C VAL L 366 -102.08 -19.71 -37.84
N ASP L 367 -102.14 -19.50 -39.15
CA ASP L 367 -100.94 -19.29 -39.96
C ASP L 367 -100.52 -17.81 -39.89
N GLY L 368 -100.01 -17.41 -38.73
CA GLY L 368 -99.58 -16.03 -38.56
C GLY L 368 -98.78 -15.79 -37.29
N ASP L 369 -98.88 -14.58 -36.77
CA ASP L 369 -98.16 -14.20 -35.56
C ASP L 369 -99.11 -13.66 -34.51
N LEU L 370 -98.56 -13.34 -33.35
CA LEU L 370 -99.33 -12.79 -32.25
C LEU L 370 -100.35 -11.78 -32.78
N LEU L 371 -99.86 -10.82 -33.56
CA LEU L 371 -100.71 -9.78 -34.11
C LEU L 371 -101.77 -10.28 -35.08
N THR L 372 -101.36 -11.09 -36.04
CA THR L 372 -102.31 -11.62 -37.03
C THR L 372 -103.35 -12.48 -36.35
N THR L 373 -102.89 -13.41 -35.50
CA THR L 373 -103.80 -14.30 -34.79
C THR L 373 -104.85 -13.48 -34.02
N ALA L 374 -104.41 -12.38 -33.42
CA ALA L 374 -105.32 -11.52 -32.69
C ALA L 374 -106.36 -10.94 -33.64
N LYS L 375 -105.90 -10.55 -34.82
CA LYS L 375 -106.78 -9.98 -35.84
C LYS L 375 -107.91 -10.93 -36.20
N PHE L 376 -107.64 -12.24 -36.15
CA PHE L 376 -108.64 -13.23 -36.48
C PHE L 376 -109.71 -13.32 -35.41
N VAL L 377 -109.29 -13.42 -34.15
CA VAL L 377 -110.24 -13.51 -33.05
C VAL L 377 -111.03 -12.21 -32.94
N ASP L 378 -110.38 -11.11 -33.30
CA ASP L 378 -111.02 -9.80 -33.25
C ASP L 378 -112.12 -9.68 -34.31
N ALA L 379 -112.05 -10.54 -35.30
CA ALA L 379 -113.03 -10.54 -36.39
C ALA L 379 -114.26 -11.39 -36.10
N LEU L 380 -114.17 -12.30 -35.13
CA LEU L 380 -115.30 -13.15 -34.79
C LEU L 380 -116.41 -12.29 -34.20
N LYS L 381 -117.65 -12.67 -34.45
CA LYS L 381 -118.79 -11.90 -33.97
C LYS L 381 -119.71 -12.63 -32.99
N ILE L 382 -119.65 -13.95 -32.96
CA ILE L 382 -120.49 -14.72 -32.06
C ILE L 382 -119.88 -15.05 -30.70
N PRO L 383 -118.66 -15.61 -30.69
CA PRO L 383 -118.04 -15.94 -29.41
C PRO L 383 -117.51 -14.74 -28.65
N TYR L 384 -117.44 -14.87 -27.33
CA TYR L 384 -116.94 -13.81 -26.48
C TYR L 384 -115.44 -14.04 -26.28
N ILE L 385 -114.68 -12.96 -26.19
CA ILE L 385 -113.23 -13.07 -25.96
C ILE L 385 -113.07 -13.06 -24.45
N ALA L 386 -112.98 -14.23 -23.85
CA ALA L 386 -112.82 -14.31 -22.40
C ALA L 386 -112.34 -15.69 -21.99
N PRO L 387 -112.03 -15.87 -20.70
CA PRO L 387 -111.56 -17.17 -20.23
C PRO L 387 -112.71 -18.16 -20.10
N SER L 388 -112.48 -19.27 -19.40
CA SER L 388 -113.51 -20.29 -19.20
C SER L 388 -114.00 -20.93 -20.50
N PHE L 389 -114.94 -21.86 -20.37
CA PHE L 389 -115.48 -22.57 -21.52
C PHE L 389 -116.54 -23.56 -21.05
N GLY L 390 -117.35 -24.05 -21.98
CA GLY L 390 -118.37 -25.02 -21.62
C GLY L 390 -119.78 -24.50 -21.58
N GLY L 391 -119.93 -23.17 -21.68
CA GLY L 391 -121.26 -22.56 -21.64
C GLY L 391 -121.96 -22.45 -22.97
N CYS L 392 -123.28 -22.24 -22.92
CA CYS L 392 -124.09 -22.12 -24.13
C CYS L 392 -123.52 -21.06 -25.07
N GLU L 393 -122.87 -20.05 -24.50
CA GLU L 393 -122.28 -19.00 -25.30
C GLU L 393 -120.88 -19.42 -25.73
N SER L 394 -120.53 -19.21 -26.99
CA SER L 394 -119.22 -19.58 -27.49
C SER L 394 -118.18 -18.58 -26.99
N ILE L 395 -116.97 -19.07 -26.78
CA ILE L 395 -115.88 -18.22 -26.29
C ILE L 395 -114.56 -18.54 -26.98
N VAL L 396 -113.71 -17.53 -27.10
CA VAL L 396 -112.40 -17.68 -27.74
C VAL L 396 -111.35 -16.93 -26.93
N ASP L 397 -110.10 -17.30 -27.13
CA ASP L 397 -109.00 -16.64 -26.42
C ASP L 397 -107.64 -17.15 -26.87
N GLN L 398 -106.63 -16.34 -26.65
CA GLN L 398 -105.26 -16.69 -27.00
C GLN L 398 -104.51 -16.98 -25.71
N PRO L 399 -104.47 -18.26 -25.32
CA PRO L 399 -103.80 -18.69 -24.10
C PRO L 399 -102.49 -17.94 -23.84
N ALA L 400 -101.77 -17.64 -24.91
CA ALA L 400 -100.51 -16.92 -24.81
C ALA L 400 -100.74 -15.59 -24.08
N ILE L 401 -101.76 -14.85 -24.53
CA ILE L 401 -102.10 -13.56 -23.93
C ILE L 401 -102.98 -13.72 -22.69
N MET L 402 -104.03 -14.51 -22.83
CA MET L 402 -104.98 -14.71 -21.73
C MET L 402 -104.42 -15.31 -20.45
N SER L 403 -103.50 -16.26 -20.56
CA SER L 403 -102.97 -16.88 -19.35
C SER L 403 -101.46 -17.03 -19.23
N TYR L 404 -100.71 -16.41 -20.13
CA TYR L 404 -99.26 -16.53 -20.08
C TYR L 404 -98.53 -15.24 -20.46
N TRP L 405 -99.24 -14.13 -20.43
CA TRP L 405 -98.64 -12.84 -20.78
C TRP L 405 -97.58 -12.38 -19.78
N ASP L 406 -97.61 -12.93 -18.58
CA ASP L 406 -96.65 -12.55 -17.56
C ASP L 406 -95.28 -13.16 -17.81
N LEU L 407 -95.24 -14.11 -18.74
CA LEU L 407 -93.99 -14.81 -19.08
C LEU L 407 -93.38 -14.24 -20.37
N SER L 408 -92.09 -14.49 -20.55
CA SER L 408 -91.38 -14.02 -21.74
C SER L 408 -91.65 -14.97 -22.89
N GLN L 409 -91.65 -14.44 -24.10
CA GLN L 409 -91.89 -15.25 -25.29
C GLN L 409 -91.10 -16.55 -25.23
N SER L 410 -89.91 -16.47 -24.66
CA SER L 410 -89.03 -17.64 -24.54
C SER L 410 -89.56 -18.62 -23.51
N ASP L 411 -89.97 -18.10 -22.35
CA ASP L 411 -90.50 -18.96 -21.29
C ASP L 411 -91.86 -19.55 -21.64
N ARG L 412 -92.60 -18.85 -22.49
CA ARG L 412 -93.94 -19.30 -22.92
C ARG L 412 -93.78 -20.51 -23.82
N ALA L 413 -92.96 -20.35 -24.86
CA ALA L 413 -92.69 -21.41 -25.82
C ALA L 413 -92.03 -22.58 -25.09
N LYS L 414 -91.45 -22.28 -23.93
CA LYS L 414 -90.79 -23.29 -23.10
C LYS L 414 -91.81 -24.35 -22.70
N TYR L 415 -93.10 -24.05 -22.91
CA TYR L 415 -94.16 -24.99 -22.59
C TYR L 415 -95.31 -25.07 -23.58
N GLY L 416 -94.96 -25.13 -24.86
CA GLY L 416 -95.94 -25.26 -25.92
C GLY L 416 -96.80 -24.08 -26.31
N ILE L 417 -97.03 -23.15 -25.38
CA ILE L 417 -97.88 -22.00 -25.69
C ILE L 417 -97.23 -21.11 -26.73
N MET L 418 -97.92 -20.96 -27.87
CA MET L 418 -97.41 -20.14 -28.96
C MET L 418 -98.35 -18.97 -29.20
N ASP L 419 -97.81 -17.90 -29.79
CA ASP L 419 -98.61 -16.72 -30.09
C ASP L 419 -99.61 -17.09 -31.17
N ASN L 420 -99.51 -18.32 -31.67
CA ASN L 420 -100.39 -18.81 -32.71
C ASN L 420 -101.63 -19.48 -32.16
N LEU L 421 -101.46 -20.17 -31.04
CA LEU L 421 -102.54 -20.91 -30.40
C LEU L 421 -103.80 -20.11 -30.09
N VAL L 422 -104.93 -20.72 -30.41
CA VAL L 422 -106.25 -20.14 -30.19
C VAL L 422 -107.13 -21.25 -29.64
N ARG L 423 -107.77 -20.99 -28.50
CA ARG L 423 -108.64 -21.99 -27.89
C ARG L 423 -110.11 -21.64 -28.09
N PHE L 424 -110.80 -22.42 -28.90
CA PHE L 424 -112.21 -22.18 -29.17
C PHE L 424 -113.13 -23.08 -28.38
N SER L 425 -113.99 -22.46 -27.57
CA SER L 425 -114.96 -23.22 -26.77
C SER L 425 -116.31 -23.07 -27.45
N PHE L 426 -116.64 -24.00 -28.32
CA PHE L 426 -117.90 -23.93 -29.04
C PHE L 426 -119.09 -23.96 -28.11
N GLY L 427 -119.98 -23.00 -28.30
CA GLY L 427 -121.17 -22.91 -27.48
C GLY L 427 -122.24 -23.90 -27.88
N VAL L 428 -123.47 -23.42 -27.99
CA VAL L 428 -124.59 -24.25 -28.35
C VAL L 428 -125.35 -23.63 -29.52
N GLU L 429 -124.78 -22.54 -30.04
CA GLU L 429 -125.35 -21.83 -31.17
C GLU L 429 -125.42 -22.77 -32.36
N ASP L 430 -126.23 -22.42 -33.35
CA ASP L 430 -126.38 -23.23 -34.53
C ASP L 430 -125.07 -23.33 -35.30
N PHE L 431 -124.70 -24.56 -35.64
CA PHE L 431 -123.46 -24.83 -36.37
C PHE L 431 -123.23 -23.88 -37.55
N ASP L 432 -124.18 -23.87 -38.47
CA ASP L 432 -124.07 -23.01 -39.66
C ASP L 432 -123.68 -21.59 -39.27
N ASP L 433 -124.36 -21.04 -38.27
CA ASP L 433 -124.07 -19.69 -37.81
C ASP L 433 -122.62 -19.59 -37.33
N LEU L 434 -122.20 -20.60 -36.57
CA LEU L 434 -120.85 -20.64 -36.03
C LEU L 434 -119.82 -20.81 -37.14
N LYS L 435 -120.00 -21.85 -37.94
CA LYS L 435 -119.09 -22.14 -39.05
C LYS L 435 -118.86 -20.91 -39.92
N ALA L 436 -119.95 -20.31 -40.37
CA ALA L 436 -119.89 -19.13 -41.22
C ALA L 436 -119.08 -18.03 -40.54
N ASP L 437 -119.25 -17.88 -39.24
CA ASP L 437 -118.53 -16.84 -38.51
C ASP L 437 -117.04 -17.11 -38.57
N ILE L 438 -116.63 -18.29 -38.11
CA ILE L 438 -115.23 -18.67 -38.10
C ILE L 438 -114.60 -18.49 -39.49
N LEU L 439 -115.28 -18.98 -40.52
CA LEU L 439 -114.77 -18.86 -41.88
C LEU L 439 -114.64 -17.40 -42.29
N GLN L 440 -115.72 -16.65 -42.12
CA GLN L 440 -115.73 -15.23 -42.47
C GLN L 440 -114.54 -14.52 -41.81
N ALA L 441 -114.33 -14.83 -40.54
CA ALA L 441 -113.22 -14.23 -39.79
C ALA L 441 -111.90 -14.58 -40.47
N LEU L 442 -111.70 -15.86 -40.73
CA LEU L 442 -110.48 -16.33 -41.38
C LEU L 442 -110.15 -15.60 -42.67
N ASP L 443 -111.17 -15.17 -43.40
CA ASP L 443 -110.96 -14.46 -44.66
C ASP L 443 -110.21 -13.15 -44.46
N SER L 444 -110.55 -12.41 -43.42
CA SER L 444 -109.91 -11.13 -43.14
C SER L 444 -108.38 -11.24 -43.08
N ILE L 445 -107.88 -12.37 -42.61
CA ILE L 445 -106.45 -12.60 -42.51
C ILE L 445 -105.80 -12.49 -43.89
#